data_9EA0
#
_entry.id   9EA0
#
_cell.length_a   1.00
_cell.length_b   1.00
_cell.length_c   1.00
_cell.angle_alpha   90.00
_cell.angle_beta   90.00
_cell.angle_gamma   90.00
#
_symmetry.space_group_name_H-M   'P 1'
#
loop_
_entity.id
_entity.type
_entity.pdbx_description
1 polymer 'Spike glycoprotein'
2 branched alpha-D-mannopyranose-(1-2)-alpha-D-mannopyranose-(1-3)-[alpha-D-mannopyranose-(1-6)]alpha-D-mannopyranose-(1-6)-[2-acetamido-2-deoxy-beta-D-glucopyranose-(1-2)-alpha-D-mannopyranose-(1-3)]beta-D-mannopyranose-(1-4)-2-acetamido-2-deoxy-beta-D-glucopyranose-(1-4)-2-acetamido-2-deoxy-beta-D-glucopyranose
3 branched 2-acetamido-2-deoxy-beta-D-glucopyranose-(1-4)-2-acetamido-2-deoxy-beta-D-glucopyranose
4 branched alpha-D-mannopyranose-(1-3)-[alpha-D-mannopyranose-(1-6)]beta-D-mannopyranose-(1-4)-2-acetamido-2-deoxy-beta-D-glucopyranose-(1-4)-2-acetamido-2-deoxy-beta-D-glucopyranose
5 branched beta-D-mannopyranose-(1-4)-2-acetamido-2-deoxy-beta-D-glucopyranose-(1-4)-2-acetamido-2-deoxy-beta-D-glucopyranose
6 branched beta-D-mannopyranose-(1-4)-2-acetamido-2-deoxy-beta-D-glucopyranose-(1-4)-[alpha-L-fucopyranose-(1-6)]2-acetamido-2-deoxy-beta-D-glucopyranose
7 non-polymer 2-acetamido-2-deoxy-beta-D-glucopyranose
8 non-polymer 'ZINC ION'
9 non-polymer 'FOLIC ACID'
10 non-polymer 'LINOLEIC ACID'
11 water water
#
_entity_poly.entity_id   1
_entity_poly.type   'polypeptide(L)'
_entity_poly.pdbx_seq_one_letter_code
;MGILPSPGMPALLSLVSLLSVLLMGCVAETGTQSVDMGTTGSGNCIESQVQPDFFETARNTWPLSIDTSKAEGVIYPNGK
SYSNITLTYTGLYPKANDLGKQYVFSDGHSSPGTLSRLFVSNYSRQVEPFDSGFVVRIGAAANKTGTTIISQSTNRPIKK
IYPAFMLGHSVGNYTPTNITGRYLNHTLVILPDGCGTLVHAFYCILQPRTQAYCAGASTFTSVTVWDTPASDCANSQSYN
RLANLNAFKLYFDLINCTFRYNYTITEDENAEWFGITQDTQGVHLYSSRKENVFRNNMFHFATLPVYQKILYYTVIPRSI
RSPFNDRKAWAAFYIYKLHPLTYLLNFDVEGYITKAVDCGYDDLAQLQCSYQSFDVETGVYSVSSFEASPRGEFIEQATT
QECDFTPMLTGTPPPIYNFKRLVFTNCNYNLTKLLSLFQVSEFSCHQVSPSSLATGCYSSLTVDYFAYSTDMSSYLQPGS
AGEIVQFNYKQDFSNPTCRVLATVPQNLTTITKPSNYAYLTECYKTSAYGKNYLYNAPGGYTPCLSLASRGFSTKYQSHS
DGELTTTGYIYPVTGNLQMAFIISVQYGTDTNSVCPMQALRNDTSIEDKLDVCVEYSLHGITGRGVFHNCTSVGLRNQRF
VYDTFDNLVGYHSYNGNYYCVRPCVSVPVSVIYDKVSNSHATLFGSVACSHVTTMMSQFSRMTKTNLLARTTPGPLQTVV
GCAMGFINTSMVVDECQLPLGQSLCAIPPNPSARLARASSGVTDVFQIATLNFTSPLTLAPINSTGFVVAVPTNFTFGVT
QEYIETTIQKITVDCKQYVCNGFKKCEELLTEYGQFCSKINQALHGANLRQDESIANLFSSIKTQNTQPLQAGLNGDFNL
TMLQIPQVTTGERKYRSAIEDLLFNKVTIADPGYMQGYDECMQQGPQSARDLICAQYVAGYKVLPPLYDPYMEAAYTSSL
LGSIAGASWTAGLSSFAAIPFAQSIFYRLNGVGITQQVLSENQKIIANKFNQALGAMQTGFTTTNLAFNKVQDAVNANAM
ALSKLAAELSNTFGAISSSISDILARLDPPEQEAQIDRLINGRLTSLNAFVAQQLVRTEAAARSAQLAQDKVNECVKSQS
KRNGFCGTGTHIVSFAINAPNGLYFFHVGYQPTSHVNATAAYGLCNTENPPKCIAPIGGYFVLNQTTSTVANSEQQWYYT
GSSFFHPEPITEVNSKYVSMDVKFENLTNKLPPPLLSNTTDLDFKEELEEFFKNVSSQGPNFQEISKINTTLLNLNTELM
VLSEVVKQLNESYIDLKELGNYTFYQKGSGYIPEAPRDGQAYVRKDGEWVLLSTFLGGSGLNDIFEAQKIEWHEGGSHHH
HHHHH
;
_entity_poly.pdbx_strand_id   A,B,C
#
loop_
_chem_comp.id
_chem_comp.type
_chem_comp.name
_chem_comp.formula
BMA D-saccharide, beta linking beta-D-mannopyranose 'C6 H12 O6'
EIC non-polymer 'LINOLEIC ACID' 'C18 H32 O2'
FOL non-polymer 'FOLIC ACID' 'C19 H19 N7 O6'
FUC L-saccharide, alpha linking alpha-L-fucopyranose 'C6 H12 O5'
MAN D-saccharide, alpha linking alpha-D-mannopyranose 'C6 H12 O6'
NAG D-saccharide, beta linking 2-acetamido-2-deoxy-beta-D-glucopyranose 'C8 H15 N O6'
ZN non-polymer 'ZINC ION' 'Zn 2'
#
# COMPACT_ATOMS: atom_id res chain seq x y z
N SER A 34 28.11 -44.22 -33.08
CA SER A 34 27.99 -45.65 -32.82
C SER A 34 28.99 -46.12 -31.77
N VAL A 35 28.59 -46.09 -30.50
CA VAL A 35 29.48 -46.56 -29.44
C VAL A 35 29.56 -48.08 -29.47
N ASP A 36 30.65 -48.61 -28.90
CA ASP A 36 30.87 -50.05 -28.86
C ASP A 36 29.93 -50.68 -27.85
N MET A 37 29.06 -51.58 -28.33
CA MET A 37 28.11 -52.27 -27.49
C MET A 37 28.50 -53.72 -27.20
N GLY A 38 29.74 -54.10 -27.49
CA GLY A 38 30.23 -55.42 -27.19
C GLY A 38 30.10 -56.39 -28.35
N THR A 39 30.43 -57.65 -28.04
CA THR A 39 30.41 -58.70 -29.05
C THR A 39 28.99 -58.98 -29.52
N THR A 40 28.83 -59.16 -30.83
CA THR A 40 27.52 -59.48 -31.39
C THR A 40 27.07 -60.86 -30.94
N GLY A 41 25.78 -61.01 -30.67
CA GLY A 41 25.24 -62.27 -30.21
C GLY A 41 25.14 -63.28 -31.34
N SER A 42 25.44 -64.54 -31.02
CA SER A 42 25.37 -65.63 -31.97
C SER A 42 24.74 -66.85 -31.29
N GLY A 43 23.83 -67.51 -32.01
CA GLY A 43 23.15 -68.67 -31.48
C GLY A 43 21.64 -68.59 -31.62
N ASN A 44 20.92 -69.28 -30.74
CA ASN A 44 19.46 -69.30 -30.77
C ASN A 44 18.91 -68.76 -29.46
N CYS A 45 17.74 -68.14 -29.53
CA CYS A 45 17.08 -67.61 -28.35
C CYS A 45 16.33 -68.74 -27.64
N ILE A 46 16.32 -68.67 -26.31
CA ILE A 46 15.64 -69.69 -25.51
C ILE A 46 14.13 -69.48 -25.60
N GLU A 47 13.40 -70.60 -25.74
CA GLU A 47 11.94 -70.51 -25.79
C GLU A 47 11.36 -70.10 -24.45
N SER A 48 10.25 -69.38 -24.50
CA SER A 48 9.54 -68.91 -23.33
C SER A 48 8.06 -69.28 -23.45
N GLN A 49 7.45 -69.61 -22.33
CA GLN A 49 6.02 -69.93 -22.29
C GLN A 49 5.26 -68.75 -21.68
N VAL A 50 4.24 -68.29 -22.39
CA VAL A 50 3.42 -67.16 -21.97
C VAL A 50 2.12 -67.71 -21.39
N GLN A 51 1.98 -67.63 -20.07
CA GLN A 51 0.78 -68.10 -19.36
C GLN A 51 0.31 -66.99 -18.43
N PRO A 52 -0.40 -65.99 -18.94
CA PRO A 52 -0.84 -64.87 -18.08
C PRO A 52 -1.81 -65.28 -16.99
N ASP A 53 -2.48 -66.43 -17.11
CA ASP A 53 -3.43 -66.86 -16.09
C ASP A 53 -2.73 -67.15 -14.77
N PHE A 54 -1.52 -67.71 -14.83
CA PHE A 54 -0.78 -68.04 -13.61
C PHE A 54 -0.26 -66.80 -12.89
N PHE A 55 -0.22 -65.64 -13.55
CA PHE A 55 0.34 -64.44 -12.96
C PHE A 55 -0.68 -63.42 -12.52
N GLU A 56 -1.81 -63.29 -13.22
CA GLU A 56 -2.83 -62.31 -12.91
C GLU A 56 -4.09 -62.97 -12.30
N THR A 57 -3.86 -63.95 -11.43
CA THR A 57 -4.96 -64.61 -10.74
C THR A 57 -5.29 -63.89 -9.43
N ALA A 58 -6.40 -64.29 -8.82
CA ALA A 58 -6.82 -63.68 -7.57
C ALA A 58 -5.90 -64.05 -6.41
N ARG A 59 -5.32 -65.26 -6.44
CA ARG A 59 -4.48 -65.69 -5.34
C ARG A 59 -3.18 -64.88 -5.26
N ASN A 60 -2.69 -64.37 -6.40
CA ASN A 60 -1.45 -63.61 -6.44
C ASN A 60 -1.69 -62.10 -6.42
N THR A 61 -2.77 -61.65 -5.78
CA THR A 61 -3.09 -60.23 -5.68
C THR A 61 -2.67 -59.74 -4.30
N TRP A 62 -1.70 -58.84 -4.25
CA TRP A 62 -1.19 -58.26 -3.02
C TRP A 62 -1.17 -56.75 -3.17
N PRO A 63 -2.30 -56.09 -2.99
CA PRO A 63 -2.37 -54.64 -3.23
C PRO A 63 -1.53 -53.85 -2.25
N LEU A 64 -0.96 -52.75 -2.74
CA LEU A 64 -0.19 -51.82 -1.92
C LEU A 64 -0.42 -50.42 -2.48
N SER A 65 -1.15 -49.60 -1.73
CA SER A 65 -1.48 -48.25 -2.18
C SER A 65 -0.42 -47.26 -1.71
N ILE A 66 -0.47 -46.06 -2.29
CA ILE A 66 0.44 -44.99 -1.92
C ILE A 66 0.00 -44.37 -0.61
N ASP A 67 0.91 -44.31 0.36
CA ASP A 67 0.63 -43.76 1.68
C ASP A 67 1.32 -42.40 1.77
N THR A 68 0.51 -41.33 1.76
CA THR A 68 1.05 -39.98 1.84
C THR A 68 1.57 -39.65 3.23
N SER A 69 1.13 -40.38 4.27
CA SER A 69 1.65 -40.14 5.61
C SER A 69 3.13 -40.49 5.70
N LYS A 70 3.58 -41.47 4.93
CA LYS A 70 5.00 -41.84 4.88
C LYS A 70 5.72 -41.20 3.70
N ALA A 71 5.05 -40.33 2.94
CA ALA A 71 5.65 -39.66 1.78
C ALA A 71 6.19 -40.66 0.77
N GLU A 72 5.44 -41.72 0.53
CA GLU A 72 5.85 -42.73 -0.43
C GLU A 72 5.76 -42.22 -1.85
N GLY A 73 6.78 -42.51 -2.65
CA GLY A 73 6.80 -42.10 -4.04
C GLY A 73 7.03 -40.64 -4.27
N VAL A 74 7.62 -39.92 -3.31
CA VAL A 74 7.86 -38.49 -3.41
C VAL A 74 9.31 -38.27 -3.81
N ILE A 75 9.52 -37.50 -4.88
CA ILE A 75 10.86 -37.17 -5.36
C ILE A 75 11.34 -35.91 -4.66
N TYR A 76 12.54 -35.97 -4.07
CA TYR A 76 13.09 -34.83 -3.37
C TYR A 76 13.38 -33.69 -4.35
N PRO A 77 13.03 -32.45 -4.00
CA PRO A 77 13.34 -31.32 -4.88
C PRO A 77 14.84 -31.19 -5.12
N ASN A 78 15.20 -30.81 -6.34
CA ASN A 78 16.60 -30.73 -6.71
C ASN A 78 17.28 -29.53 -6.09
N GLY A 79 18.60 -29.63 -5.94
CA GLY A 79 19.45 -28.54 -5.52
C GLY A 79 19.66 -28.39 -4.03
N LYS A 80 18.66 -27.88 -3.31
CA LYS A 80 18.84 -27.48 -1.92
C LYS A 80 17.96 -28.31 -1.00
N SER A 81 18.44 -28.50 0.23
CA SER A 81 17.73 -29.24 1.26
C SER A 81 17.05 -28.27 2.22
N TYR A 82 16.03 -28.78 2.92
CA TYR A 82 15.29 -28.01 3.91
C TYR A 82 15.13 -28.84 5.17
N SER A 83 15.11 -28.16 6.32
CA SER A 83 14.98 -28.83 7.61
C SER A 83 13.99 -28.05 8.47
N ASN A 84 13.07 -28.77 9.10
CA ASN A 84 12.10 -28.20 10.04
C ASN A 84 11.31 -27.05 9.40
N ILE A 85 10.58 -27.38 8.34
CA ILE A 85 9.76 -26.41 7.64
C ILE A 85 8.72 -27.15 6.82
N THR A 86 7.61 -26.48 6.52
CA THR A 86 6.56 -27.02 5.69
C THR A 86 6.40 -26.14 4.47
N LEU A 87 6.45 -26.74 3.28
CA LEU A 87 6.42 -25.99 2.02
C LEU A 87 5.39 -26.59 1.08
N THR A 88 4.92 -25.76 0.16
CA THR A 88 3.97 -26.16 -0.88
C THR A 88 4.71 -26.23 -2.20
N TYR A 89 4.57 -27.36 -2.90
CA TYR A 89 5.26 -27.60 -4.16
C TYR A 89 4.26 -28.03 -5.22
N THR A 90 4.50 -27.58 -6.46
CA THR A 90 3.72 -27.98 -7.62
C THR A 90 4.65 -28.69 -8.58
N GLY A 91 4.52 -30.00 -8.67
CA GLY A 91 5.38 -30.80 -9.52
C GLY A 91 4.72 -32.10 -9.91
N LEU A 92 5.55 -33.13 -10.10
CA LEU A 92 5.08 -34.46 -10.50
C LEU A 92 5.07 -35.36 -9.27
N TYR A 93 3.87 -35.76 -8.85
CA TYR A 93 3.71 -36.60 -7.67
C TYR A 93 2.60 -37.61 -7.93
N PRO A 94 2.65 -38.76 -7.27
CA PRO A 94 1.55 -39.74 -7.39
C PRO A 94 0.34 -39.31 -6.58
N LYS A 95 -0.80 -39.89 -6.95
CA LYS A 95 -2.05 -39.59 -6.27
C LYS A 95 -2.15 -40.39 -4.97
N ALA A 96 -2.84 -39.81 -3.99
CA ALA A 96 -2.98 -40.44 -2.68
C ALA A 96 -3.85 -41.69 -2.77
N ASN A 97 -3.38 -42.77 -2.13
CA ASN A 97 -4.12 -44.06 -2.10
C ASN A 97 -4.21 -44.69 -3.50
N ASP A 98 -3.30 -44.36 -4.41
CA ASP A 98 -3.26 -45.02 -5.75
C ASP A 98 -2.74 -46.45 -5.60
N LEU A 99 -3.44 -47.42 -6.19
CA LEU A 99 -3.01 -48.85 -6.11
C LEU A 99 -1.87 -49.15 -7.10
N GLY A 100 -1.86 -48.48 -8.27
CA GLY A 100 -0.81 -48.71 -9.29
C GLY A 100 -1.00 -50.01 -10.05
N LYS A 101 0.08 -50.66 -10.49
CA LYS A 101 0.00 -51.92 -11.28
C LYS A 101 1.03 -52.92 -10.74
N GLN A 102 0.67 -54.20 -10.63
CA GLN A 102 1.54 -55.21 -10.04
C GLN A 102 2.13 -56.10 -11.12
N TYR A 103 3.45 -56.28 -11.08
CA TYR A 103 4.16 -57.17 -11.99
C TYR A 103 4.93 -58.19 -11.15
N VAL A 104 4.81 -59.46 -11.52
CA VAL A 104 5.43 -60.56 -10.79
C VAL A 104 6.25 -61.40 -11.75
N PHE A 105 7.48 -61.72 -11.36
CA PHE A 105 8.36 -62.58 -12.14
C PHE A 105 8.45 -63.96 -11.48
N SER A 106 8.71 -64.97 -12.30
CA SER A 106 8.74 -66.34 -11.84
C SER A 106 10.00 -67.05 -12.34
N ASP A 107 10.32 -68.16 -11.69
CA ASP A 107 11.41 -69.02 -12.16
C ASP A 107 10.96 -69.79 -13.41
N GLY A 108 11.95 -70.18 -14.21
CA GLY A 108 11.69 -71.00 -15.37
C GLY A 108 11.49 -72.46 -15.00
N HIS A 109 11.08 -73.23 -16.00
CA HIS A 109 10.87 -74.66 -15.79
C HIS A 109 12.20 -75.34 -15.47
N SER A 110 12.21 -76.12 -14.39
CA SER A 110 13.42 -76.78 -13.94
C SER A 110 13.11 -78.22 -13.56
N SER A 111 14.10 -79.08 -13.76
CA SER A 111 14.05 -80.49 -13.39
C SER A 111 15.36 -80.83 -12.71
N PRO A 112 15.38 -81.89 -11.89
CA PRO A 112 16.65 -82.29 -11.26
C PRO A 112 17.72 -82.60 -12.30
N GLY A 113 18.76 -81.77 -12.33
CA GLY A 113 19.82 -81.92 -13.31
C GLY A 113 19.50 -81.42 -14.69
N THR A 114 18.41 -80.67 -14.87
CA THR A 114 18.00 -80.18 -16.18
C THR A 114 17.38 -78.80 -16.07
N LEU A 115 17.60 -77.98 -17.09
CA LEU A 115 16.98 -76.67 -17.20
C LEU A 115 16.10 -76.64 -18.45
N SER A 116 14.91 -76.05 -18.32
CA SER A 116 13.92 -76.09 -19.40
C SER A 116 13.46 -74.70 -19.79
N ARG A 117 12.39 -74.63 -20.59
CA ARG A 117 11.90 -73.38 -21.15
C ARG A 117 11.50 -72.40 -20.04
N LEU A 118 11.48 -71.13 -20.41
CA LEU A 118 11.17 -70.06 -19.48
C LEU A 118 9.66 -69.92 -19.27
N PHE A 119 9.30 -69.24 -18.19
CA PHE A 119 7.90 -69.07 -17.80
C PHE A 119 7.67 -67.61 -17.43
N VAL A 120 6.93 -66.89 -18.28
CA VAL A 120 6.66 -65.46 -18.09
C VAL A 120 5.22 -65.18 -18.47
N SER A 121 4.79 -63.95 -18.18
CA SER A 121 3.48 -63.47 -18.58
C SER A 121 3.59 -62.70 -19.89
N ASN A 122 2.48 -62.11 -20.33
CA ASN A 122 2.45 -61.38 -21.59
C ASN A 122 2.74 -59.89 -21.38
N TYR A 123 3.83 -59.60 -20.68
CA TYR A 123 4.22 -58.21 -20.44
C TYR A 123 4.89 -57.58 -21.66
N SER A 124 5.50 -58.38 -22.54
CA SER A 124 6.21 -57.82 -23.68
C SER A 124 5.26 -57.17 -24.67
N ARG A 125 4.05 -57.71 -24.84
CA ARG A 125 3.11 -57.22 -25.84
C ARG A 125 2.19 -56.12 -25.32
N GLN A 126 2.38 -55.67 -24.08
CA GLN A 126 1.60 -54.59 -23.51
C GLN A 126 2.37 -53.28 -23.64
N VAL A 127 1.70 -52.25 -24.15
CA VAL A 127 2.30 -50.93 -24.34
C VAL A 127 1.56 -49.94 -23.45
N GLU A 128 2.31 -49.26 -22.57
CA GLU A 128 1.73 -48.30 -21.65
C GLU A 128 2.14 -46.88 -22.04
N PRO A 129 1.24 -45.90 -21.90
CA PRO A 129 1.57 -44.53 -22.26
C PRO A 129 2.48 -43.87 -21.23
N PHE A 130 3.54 -43.23 -21.70
CA PHE A 130 4.43 -42.46 -20.84
C PHE A 130 3.99 -41.00 -20.84
N ASP A 131 3.30 -40.60 -19.78
CA ASP A 131 2.67 -39.28 -19.72
C ASP A 131 3.57 -38.25 -19.05
N SER A 132 3.94 -38.51 -17.79
CA SER A 132 4.85 -37.64 -17.06
C SER A 132 5.89 -38.42 -16.27
N GLY A 133 6.03 -39.71 -16.55
CA GLY A 133 6.92 -40.58 -15.79
C GLY A 133 6.17 -41.44 -14.80
N PHE A 134 6.94 -42.24 -14.07
CA PHE A 134 6.37 -43.16 -13.09
C PHE A 134 7.41 -43.46 -12.02
N VAL A 135 6.94 -43.99 -10.90
CA VAL A 135 7.80 -44.43 -9.81
C VAL A 135 7.54 -45.90 -9.56
N VAL A 136 8.58 -46.61 -9.13
CA VAL A 136 8.53 -48.07 -8.97
C VAL A 136 8.89 -48.40 -7.54
N ARG A 137 8.06 -49.22 -6.89
CA ARG A 137 8.33 -49.78 -5.58
C ARG A 137 8.97 -51.15 -5.77
N ILE A 138 10.16 -51.35 -5.21
CA ILE A 138 10.96 -52.54 -5.46
C ILE A 138 11.24 -53.24 -4.14
N GLY A 139 11.01 -54.55 -4.11
CA GLY A 139 11.37 -55.38 -2.97
C GLY A 139 10.63 -55.06 -1.69
N ALA A 140 9.31 -54.88 -1.76
CA ALA A 140 8.52 -54.58 -0.57
C ALA A 140 8.27 -55.82 0.29
N ALA A 141 8.15 -57.00 -0.33
CA ALA A 141 7.78 -58.23 0.37
C ALA A 141 8.99 -59.09 0.70
N ALA A 142 10.17 -58.48 0.88
CA ALA A 142 11.37 -59.24 1.17
C ALA A 142 11.31 -59.85 2.56
N ASN A 143 12.12 -60.90 2.77
CA ASN A 143 12.25 -61.59 4.05
C ASN A 143 10.95 -62.26 4.48
N LYS A 144 10.10 -62.65 3.53
CA LYS A 144 8.81 -63.23 3.83
C LYS A 144 8.61 -64.50 2.99
N THR A 145 7.77 -65.40 3.48
CA THR A 145 7.46 -66.61 2.74
C THR A 145 6.51 -66.29 1.59
N GLY A 146 6.88 -66.72 0.38
CA GLY A 146 6.11 -66.41 -0.80
C GLY A 146 5.96 -67.63 -1.68
N THR A 147 4.97 -67.56 -2.57
CA THR A 147 4.69 -68.66 -3.49
C THR A 147 5.54 -68.53 -4.75
N THR A 148 6.07 -69.67 -5.22
CA THR A 148 6.65 -69.72 -6.55
C THR A 148 5.53 -69.80 -7.57
N ILE A 149 5.56 -68.92 -8.57
CA ILE A 149 4.44 -68.83 -9.49
C ILE A 149 4.34 -70.09 -10.35
N ILE A 150 5.47 -70.70 -10.68
CA ILE A 150 5.45 -71.88 -11.55
C ILE A 150 4.82 -73.08 -10.86
N SER A 151 4.94 -73.17 -9.52
CA SER A 151 4.39 -74.30 -8.76
C SER A 151 3.60 -73.73 -7.59
N GLN A 152 2.28 -73.89 -7.62
CA GLN A 152 1.40 -73.28 -6.64
C GLN A 152 1.52 -73.90 -5.25
N SER A 153 2.22 -75.02 -5.11
CA SER A 153 2.30 -75.71 -3.82
C SER A 153 3.49 -75.24 -2.99
N THR A 154 4.69 -75.27 -3.57
CA THR A 154 5.90 -74.96 -2.82
C THR A 154 5.95 -73.49 -2.44
N ASN A 155 6.53 -73.23 -1.27
CA ASN A 155 6.69 -71.87 -0.74
C ASN A 155 8.15 -71.67 -0.34
N ARG A 156 8.72 -70.54 -0.75
CA ARG A 156 10.11 -70.20 -0.48
C ARG A 156 10.20 -68.76 0.00
N PRO A 157 11.25 -68.40 0.74
CA PRO A 157 11.43 -67.01 1.14
C PRO A 157 11.57 -66.10 -0.08
N ILE A 158 11.05 -64.88 0.06
CA ILE A 158 10.98 -63.93 -1.04
C ILE A 158 12.29 -63.18 -1.16
N LYS A 159 12.76 -63.03 -2.39
CA LYS A 159 13.97 -62.27 -2.71
C LYS A 159 13.62 -61.09 -3.60
N LYS A 160 14.43 -60.05 -3.52
CA LYS A 160 14.21 -58.84 -4.31
C LYS A 160 14.76 -59.00 -5.72
N ILE A 161 14.01 -58.51 -6.69
CA ILE A 161 14.42 -58.57 -8.10
C ILE A 161 14.15 -57.21 -8.73
N TYR A 162 15.05 -56.81 -9.67
CA TYR A 162 14.95 -55.52 -10.35
C TYR A 162 14.23 -55.66 -11.69
N PRO A 163 13.49 -54.63 -12.10
CA PRO A 163 12.78 -54.67 -13.37
C PRO A 163 13.63 -54.14 -14.52
N ALA A 164 13.09 -54.31 -15.73
CA ALA A 164 13.70 -53.78 -16.94
C ALA A 164 12.63 -53.14 -17.81
N PHE A 165 13.03 -52.10 -18.55
CA PHE A 165 12.08 -51.33 -19.35
C PHE A 165 12.66 -51.01 -20.71
N MET A 166 11.78 -50.82 -21.68
CA MET A 166 12.12 -50.25 -22.98
C MET A 166 11.22 -49.04 -23.23
N LEU A 167 11.84 -47.90 -23.52
CA LEU A 167 11.11 -46.66 -23.76
C LEU A 167 11.44 -46.15 -25.15
N GLY A 168 10.41 -45.76 -25.89
CA GLY A 168 10.59 -45.28 -27.25
C GLY A 168 9.60 -44.22 -27.67
N HIS A 169 9.63 -43.82 -28.94
CA HIS A 169 8.76 -42.78 -29.45
C HIS A 169 7.67 -43.30 -30.38
N SER A 170 7.86 -44.45 -31.00
CA SER A 170 6.85 -45.05 -31.87
C SER A 170 6.89 -46.56 -31.70
N VAL A 171 5.72 -47.18 -31.84
CA VAL A 171 5.58 -48.62 -31.64
C VAL A 171 4.88 -49.23 -32.85
N GLY A 172 5.11 -50.52 -33.04
CA GLY A 172 4.51 -51.25 -34.14
C GLY A 172 4.38 -52.74 -33.85
N ASN A 173 4.21 -53.54 -34.90
CA ASN A 173 4.07 -54.97 -34.78
C ASN A 173 5.40 -55.67 -35.08
N TYR A 174 5.61 -56.81 -34.41
CA TYR A 174 6.63 -57.76 -34.85
C TYR A 174 6.15 -58.43 -36.12
N THR A 175 6.83 -58.16 -37.23
CA THR A 175 6.29 -58.50 -38.54
C THR A 175 5.97 -59.98 -38.73
N PRO A 176 6.83 -60.95 -38.35
CA PRO A 176 6.48 -62.35 -38.59
C PRO A 176 5.25 -62.82 -37.84
N THR A 177 5.21 -62.59 -36.53
CA THR A 177 4.14 -63.12 -35.68
C THR A 177 2.99 -62.14 -35.49
N ASN A 178 3.08 -60.92 -36.02
CA ASN A 178 2.03 -59.91 -35.87
C ASN A 178 1.73 -59.61 -34.40
N ILE A 179 2.75 -59.69 -33.55
CA ILE A 179 2.59 -59.42 -32.13
C ILE A 179 2.98 -57.98 -31.85
N THR A 180 2.13 -57.28 -31.12
CA THR A 180 2.39 -55.88 -30.79
C THR A 180 3.51 -55.75 -29.77
N GLY A 181 4.09 -54.56 -29.70
CA GLY A 181 5.12 -54.28 -28.72
C GLY A 181 6.53 -54.16 -29.27
N ARG A 182 6.63 -53.73 -30.53
CA ARG A 182 7.96 -53.54 -31.16
C ARG A 182 8.29 -52.03 -31.17
N TYR A 183 9.44 -51.65 -30.63
CA TYR A 183 9.85 -50.22 -30.58
C TYR A 183 10.62 -49.88 -31.85
N LEU A 184 10.27 -48.77 -32.51
CA LEU A 184 10.90 -48.40 -33.80
C LEU A 184 11.89 -47.24 -33.63
N ASN A 185 12.89 -47.14 -34.51
CA ASN A 185 13.91 -46.05 -34.45
C ASN A 185 14.76 -46.19 -33.19
N HIS A 186 15.27 -45.08 -32.66
CA HIS A 186 16.15 -45.14 -31.46
C HIS A 186 15.31 -45.47 -30.23
N THR A 187 15.76 -46.47 -29.46
CA THR A 187 15.00 -46.92 -28.28
C THR A 187 15.88 -46.87 -27.05
N LEU A 188 15.34 -46.37 -25.93
CA LEU A 188 16.04 -46.36 -24.66
C LEU A 188 15.75 -47.65 -23.90
N VAL A 189 16.80 -48.34 -23.48
CA VAL A 189 16.71 -49.61 -22.79
C VAL A 189 17.44 -49.51 -21.47
N ILE A 190 16.77 -49.91 -20.39
CA ILE A 190 17.37 -49.97 -19.06
C ILE A 190 17.35 -51.43 -18.61
N LEU A 191 18.53 -51.97 -18.33
CA LEU A 191 18.66 -53.39 -18.01
C LEU A 191 19.54 -53.57 -16.78
N PRO A 192 19.04 -54.21 -15.72
CA PRO A 192 19.91 -54.59 -14.61
C PRO A 192 20.76 -55.80 -14.97
N ASP A 193 21.92 -55.89 -14.31
CA ASP A 193 22.85 -56.98 -14.58
C ASP A 193 23.75 -57.16 -13.37
N GLY A 194 24.70 -58.08 -13.48
CA GLY A 194 25.64 -58.33 -12.42
C GLY A 194 25.03 -58.89 -11.15
N CYS A 195 24.01 -59.74 -11.28
CA CYS A 195 23.34 -60.35 -10.13
C CYS A 195 22.84 -59.28 -9.15
N GLY A 196 22.27 -58.21 -9.70
CA GLY A 196 21.76 -57.13 -8.88
C GLY A 196 22.78 -56.10 -8.44
N THR A 197 23.90 -56.00 -9.14
CA THR A 197 24.95 -55.05 -8.79
C THR A 197 25.27 -54.05 -9.89
N LEU A 198 24.57 -54.11 -11.02
CA LEU A 198 24.84 -53.19 -12.13
C LEU A 198 23.56 -53.00 -12.93
N VAL A 199 23.42 -51.81 -13.52
CA VAL A 199 22.27 -51.47 -14.36
C VAL A 199 22.79 -50.80 -15.62
N HIS A 200 22.30 -51.23 -16.77
CA HIS A 200 22.70 -50.68 -18.06
C HIS A 200 21.69 -49.64 -18.56
N ALA A 201 22.15 -48.80 -19.46
CA ALA A 201 21.30 -47.79 -20.08
C ALA A 201 21.92 -47.38 -21.41
N PHE A 202 21.24 -47.68 -22.51
CA PHE A 202 21.72 -47.36 -23.84
C PHE A 202 20.55 -46.98 -24.73
N TYR A 203 20.86 -46.26 -25.81
CA TYR A 203 19.86 -45.67 -26.69
C TYR A 203 20.24 -46.03 -28.13
N CYS A 204 19.73 -47.15 -28.63
CA CYS A 204 20.06 -47.62 -29.96
C CYS A 204 18.85 -48.23 -30.65
N ILE A 205 18.99 -48.42 -31.95
CA ILE A 205 17.96 -49.09 -32.75
C ILE A 205 18.04 -50.59 -32.53
N LEU A 206 16.88 -51.21 -32.34
CA LEU A 206 16.79 -52.66 -32.14
C LEU A 206 16.48 -53.32 -33.48
N GLN A 207 17.41 -54.12 -33.97
CA GLN A 207 17.23 -54.83 -35.24
C GLN A 207 16.96 -56.30 -34.95
N PRO A 208 15.76 -56.81 -35.22
CA PRO A 208 15.44 -58.19 -34.86
C PRO A 208 16.30 -59.21 -35.60
N ARG A 209 16.58 -60.32 -34.92
CA ARG A 209 17.34 -61.42 -35.49
C ARG A 209 16.38 -62.56 -35.85
N THR A 210 16.68 -63.23 -36.95
CA THR A 210 15.79 -64.25 -37.52
C THR A 210 16.04 -65.64 -36.98
N GLN A 211 16.93 -65.81 -36.00
CA GLN A 211 17.16 -67.11 -35.42
C GLN A 211 15.95 -67.58 -34.62
N ALA A 212 15.96 -68.85 -34.25
CA ALA A 212 14.80 -69.46 -33.61
C ALA A 212 14.47 -68.79 -32.28
N TYR A 213 13.17 -68.61 -32.03
CA TYR A 213 12.64 -68.03 -30.80
C TYR A 213 13.11 -66.60 -30.58
N CYS A 214 13.61 -65.94 -31.61
CA CYS A 214 14.04 -64.55 -31.52
C CYS A 214 13.00 -63.64 -32.17
N ALA A 215 13.26 -62.33 -32.08
CA ALA A 215 12.25 -61.34 -32.47
C ALA A 215 11.87 -61.44 -33.94
N GLY A 216 12.82 -61.79 -34.81
CA GLY A 216 12.57 -61.84 -36.23
C GLY A 216 12.06 -63.17 -36.75
N ALA A 217 11.79 -64.14 -35.90
CA ALA A 217 11.34 -65.46 -36.32
C ALA A 217 9.83 -65.62 -36.13
N SER A 218 9.31 -66.72 -36.68
CA SER A 218 7.90 -67.06 -36.56
C SER A 218 7.57 -67.78 -35.26
N THR A 219 8.58 -68.20 -34.49
CA THR A 219 8.38 -68.86 -33.21
C THR A 219 8.59 -67.89 -32.03
N PHE A 220 8.46 -66.59 -32.27
CA PHE A 220 8.65 -65.60 -31.23
C PHE A 220 7.41 -65.45 -30.39
N THR A 221 7.58 -65.43 -29.06
CA THR A 221 6.50 -65.22 -28.13
C THR A 221 6.68 -63.97 -27.29
N SER A 222 7.85 -63.77 -26.69
CA SER A 222 8.11 -62.59 -25.88
C SER A 222 9.62 -62.37 -25.77
N VAL A 223 9.98 -61.14 -25.40
CA VAL A 223 11.37 -60.77 -25.17
C VAL A 223 11.65 -61.00 -23.68
N THR A 224 12.31 -62.11 -23.37
CA THR A 224 12.61 -62.47 -21.99
C THR A 224 14.12 -62.58 -21.80
N VAL A 225 14.63 -61.89 -20.79
CA VAL A 225 16.03 -61.95 -20.42
C VAL A 225 16.20 -62.89 -19.25
N TRP A 226 17.27 -63.70 -19.26
CA TRP A 226 17.49 -64.73 -18.27
C TRP A 226 18.92 -64.65 -17.75
N ASP A 227 19.17 -65.37 -16.66
CA ASP A 227 20.51 -65.50 -16.10
C ASP A 227 20.61 -66.84 -15.40
N THR A 228 21.85 -67.31 -15.25
CA THR A 228 22.11 -68.59 -14.59
C THR A 228 22.78 -68.35 -13.24
N PRO A 229 22.06 -68.49 -12.13
CA PRO A 229 22.69 -68.25 -10.81
C PRO A 229 23.86 -69.18 -10.52
N ALA A 230 23.84 -70.40 -11.06
CA ALA A 230 24.93 -71.34 -10.78
C ALA A 230 26.25 -70.84 -11.32
N SER A 231 26.25 -70.27 -12.52
CA SER A 231 27.47 -69.77 -13.17
C SER A 231 27.66 -68.28 -12.98
N ASP A 232 26.64 -67.47 -13.24
CA ASP A 232 26.80 -66.03 -13.19
C ASP A 232 26.93 -65.53 -11.75
N CYS A 233 26.08 -66.02 -10.85
CA CYS A 233 26.04 -65.57 -9.46
C CYS A 233 26.63 -66.59 -8.50
N ALA A 234 27.72 -67.26 -8.90
CA ALA A 234 28.35 -68.25 -8.03
C ALA A 234 28.88 -67.60 -6.75
N ASN A 235 29.51 -66.45 -6.88
CA ASN A 235 30.05 -65.75 -5.71
C ASN A 235 30.16 -64.26 -6.04
N SER A 236 30.29 -63.45 -4.99
CA SER A 236 30.37 -62.00 -5.15
C SER A 236 31.65 -61.56 -5.84
N GLN A 237 32.66 -62.43 -5.95
CA GLN A 237 33.91 -62.05 -6.60
C GLN A 237 33.91 -62.31 -8.10
N SER A 238 33.12 -63.27 -8.56
CA SER A 238 33.08 -63.65 -9.97
C SER A 238 31.69 -63.42 -10.57
N TYR A 239 31.06 -62.30 -10.21
CA TYR A 239 29.76 -61.96 -10.78
C TYR A 239 29.89 -61.66 -12.27
N ASN A 240 28.97 -62.20 -13.05
CA ASN A 240 28.92 -61.97 -14.49
C ASN A 240 28.11 -60.70 -14.75
N ARG A 241 28.79 -59.65 -15.19
CA ARG A 241 28.18 -58.33 -15.36
C ARG A 241 27.50 -58.16 -16.71
N LEU A 242 27.60 -59.15 -17.61
CA LEU A 242 27.06 -59.02 -18.95
C LEU A 242 26.08 -60.14 -19.30
N ALA A 243 25.56 -60.85 -18.30
CA ALA A 243 24.68 -61.97 -18.57
C ALA A 243 23.37 -61.52 -19.21
N ASN A 244 22.70 -60.54 -18.59
CA ASN A 244 21.44 -60.04 -19.15
C ASN A 244 21.67 -59.33 -20.47
N LEU A 245 22.77 -58.57 -20.58
CA LEU A 245 23.07 -57.89 -21.84
C LEU A 245 23.31 -58.90 -22.97
N ASN A 246 24.04 -59.98 -22.68
CA ASN A 246 24.25 -61.01 -23.68
C ASN A 246 22.94 -61.69 -24.06
N ALA A 247 22.06 -61.93 -23.07
CA ALA A 247 20.76 -62.50 -23.37
C ALA A 247 19.93 -61.57 -24.24
N PHE A 248 20.00 -60.26 -23.96
CA PHE A 248 19.24 -59.29 -24.75
C PHE A 248 19.77 -59.17 -26.17
N LYS A 249 21.09 -59.30 -26.37
CA LYS A 249 21.65 -59.20 -27.71
C LYS A 249 21.23 -60.35 -28.62
N LEU A 250 20.73 -61.45 -28.07
CA LEU A 250 20.25 -62.53 -28.92
C LEU A 250 18.94 -62.18 -29.62
N TYR A 251 18.10 -61.37 -28.99
CA TYR A 251 16.84 -60.98 -29.63
C TYR A 251 17.05 -59.93 -30.72
N PHE A 252 17.92 -58.95 -30.49
CA PHE A 252 18.08 -57.83 -31.39
C PHE A 252 19.56 -57.57 -31.68
N ASP A 253 19.82 -57.04 -32.87
CA ASP A 253 21.12 -56.45 -33.17
C ASP A 253 21.08 -54.96 -32.84
N LEU A 254 22.12 -54.49 -32.15
CA LEU A 254 22.17 -53.12 -31.67
C LEU A 254 22.90 -52.27 -32.70
N ILE A 255 22.21 -51.25 -33.23
CA ILE A 255 22.70 -50.45 -34.34
C ILE A 255 22.72 -48.99 -33.93
N ASN A 256 23.84 -48.32 -34.20
CA ASN A 256 23.97 -46.87 -34.07
C ASN A 256 23.54 -46.37 -32.68
N CYS A 257 24.22 -46.87 -31.65
CA CYS A 257 23.89 -46.46 -30.30
C CYS A 257 24.55 -45.14 -29.95
N THR A 258 23.75 -44.20 -29.43
CA THR A 258 24.26 -42.87 -29.11
C THR A 258 25.18 -42.91 -27.89
N PHE A 259 24.82 -43.67 -26.87
CA PHE A 259 25.60 -43.70 -25.63
C PHE A 259 25.40 -45.04 -24.94
N ARG A 260 26.21 -45.27 -23.92
CA ARG A 260 26.16 -46.50 -23.13
C ARG A 260 26.67 -46.19 -21.73
N TYR A 261 25.78 -46.31 -20.74
CA TYR A 261 26.10 -45.99 -19.35
C TYR A 261 25.84 -47.19 -18.46
N ASN A 262 26.50 -47.21 -17.30
CA ASN A 262 26.26 -48.21 -16.28
C ASN A 262 26.51 -47.59 -14.91
N TYR A 263 25.84 -48.15 -13.90
CA TYR A 263 25.93 -47.65 -12.54
C TYR A 263 26.07 -48.83 -11.57
N THR A 264 26.87 -48.64 -10.53
CA THR A 264 27.17 -49.70 -9.57
C THR A 264 26.15 -49.65 -8.44
N ILE A 265 25.58 -50.81 -8.11
CA ILE A 265 24.58 -50.94 -7.06
C ILE A 265 25.14 -51.87 -5.98
N THR A 266 25.07 -51.43 -4.73
CA THR A 266 25.51 -52.25 -3.62
C THR A 266 24.45 -53.31 -3.31
N GLU A 267 24.89 -54.56 -3.21
CA GLU A 267 23.98 -55.66 -2.92
C GLU A 267 23.39 -55.52 -1.52
N ASP A 268 22.08 -55.71 -1.43
CA ASP A 268 21.36 -55.60 -0.16
C ASP A 268 19.99 -56.23 -0.33
N GLU A 269 19.19 -56.18 0.73
CA GLU A 269 17.83 -56.70 0.71
C GLU A 269 16.81 -55.67 1.12
N ASN A 270 17.21 -54.40 1.27
CA ASN A 270 16.29 -53.36 1.67
C ASN A 270 15.39 -52.95 0.51
N ALA A 271 14.20 -52.46 0.86
CA ALA A 271 13.29 -51.93 -0.15
C ALA A 271 13.80 -50.58 -0.66
N GLU A 272 13.41 -50.24 -1.88
CA GLU A 272 13.90 -49.02 -2.52
C GLU A 272 12.87 -48.56 -3.54
N TRP A 273 13.06 -47.33 -4.01
CA TRP A 273 12.18 -46.71 -5.00
C TRP A 273 13.00 -46.24 -6.19
N PHE A 274 12.37 -46.26 -7.36
CA PHE A 274 12.99 -45.82 -8.60
C PHE A 274 12.01 -45.00 -9.41
N GLY A 275 12.48 -43.85 -9.92
CA GLY A 275 11.64 -42.98 -10.70
C GLY A 275 12.35 -42.51 -11.96
N ILE A 276 11.54 -42.05 -12.92
CA ILE A 276 12.05 -41.55 -14.20
C ILE A 276 11.11 -40.47 -14.71
N THR A 277 11.66 -39.33 -15.12
CA THR A 277 10.92 -38.25 -15.75
C THR A 277 11.69 -37.78 -16.98
N GLN A 278 11.13 -36.78 -17.67
CA GLN A 278 11.76 -36.20 -18.85
C GLN A 278 11.34 -34.74 -18.99
N ASP A 279 12.31 -33.89 -19.32
CA ASP A 279 12.02 -32.51 -19.71
C ASP A 279 12.96 -32.13 -20.84
N THR A 280 13.16 -30.83 -21.05
CA THR A 280 14.00 -30.39 -22.16
C THR A 280 15.44 -30.87 -22.00
N GLN A 281 15.98 -30.81 -20.77
CA GLN A 281 17.37 -31.20 -20.55
C GLN A 281 17.61 -32.65 -20.91
N GLY A 282 16.64 -33.51 -20.65
CA GLY A 282 16.73 -34.89 -21.05
C GLY A 282 15.92 -35.78 -20.10
N VAL A 283 16.27 -37.05 -20.09
CA VAL A 283 15.61 -38.04 -19.26
C VAL A 283 16.34 -38.12 -17.92
N HIS A 284 15.57 -38.04 -16.83
CA HIS A 284 16.12 -37.98 -15.48
C HIS A 284 15.78 -39.24 -14.72
N LEU A 285 16.76 -39.80 -14.02
CA LEU A 285 16.58 -40.99 -13.21
C LEU A 285 16.71 -40.64 -11.74
N TYR A 286 15.86 -41.26 -10.92
CA TYR A 286 15.85 -41.01 -9.48
C TYR A 286 15.90 -42.34 -8.74
N SER A 287 16.53 -42.34 -7.56
CA SER A 287 16.65 -43.54 -6.75
C SER A 287 16.72 -43.15 -5.29
N SER A 288 16.33 -44.10 -4.43
CA SER A 288 16.40 -43.93 -2.99
C SER A 288 17.71 -44.43 -2.40
N ARG A 289 18.56 -45.06 -3.21
CA ARG A 289 19.86 -45.57 -2.77
C ARG A 289 20.97 -44.52 -2.87
N LYS A 290 20.64 -43.30 -3.32
CA LYS A 290 21.66 -42.28 -3.53
C LYS A 290 22.26 -41.80 -2.21
N GLU A 291 21.41 -41.27 -1.32
CA GLU A 291 21.86 -40.68 -0.07
C GLU A 291 21.75 -41.65 1.10
N ASN A 292 20.56 -42.21 1.32
CA ASN A 292 20.34 -43.13 2.44
C ASN A 292 19.28 -44.13 2.01
N VAL A 293 19.65 -45.40 1.94
CA VAL A 293 18.72 -46.43 1.48
C VAL A 293 17.63 -46.75 2.50
N PHE A 294 17.78 -46.30 3.74
CA PHE A 294 16.79 -46.55 4.79
C PHE A 294 15.73 -45.48 4.86
N ARG A 295 15.79 -44.45 4.00
CA ARG A 295 14.72 -43.50 3.82
C ARG A 295 14.11 -43.72 2.45
N ASN A 296 12.81 -43.39 2.32
CA ASN A 296 12.08 -43.66 1.09
C ASN A 296 12.16 -42.51 0.09
N ASN A 297 12.88 -41.44 0.41
CA ASN A 297 13.01 -40.32 -0.52
C ASN A 297 13.90 -40.70 -1.70
N MET A 298 13.48 -40.28 -2.89
CA MET A 298 14.25 -40.51 -4.12
C MET A 298 15.06 -39.28 -4.47
N PHE A 299 16.28 -39.50 -4.94
CA PHE A 299 17.21 -38.41 -5.27
C PHE A 299 17.75 -38.61 -6.68
N HIS A 300 17.94 -37.49 -7.38
CA HIS A 300 18.47 -37.51 -8.74
C HIS A 300 19.90 -38.03 -8.75
N PHE A 301 20.20 -38.93 -9.69
CA PHE A 301 21.55 -39.45 -9.82
C PHE A 301 22.06 -39.52 -11.26
N ALA A 302 21.23 -39.29 -12.28
CA ALA A 302 21.67 -39.40 -13.65
C ALA A 302 20.79 -38.57 -14.56
N THR A 303 21.35 -38.17 -15.70
CA THR A 303 20.63 -37.46 -16.74
C THR A 303 21.03 -38.06 -18.09
N LEU A 304 20.03 -38.50 -18.86
CA LEU A 304 20.34 -39.12 -20.14
C LEU A 304 20.05 -38.18 -21.29
N PRO A 305 20.89 -38.17 -22.33
CA PRO A 305 20.70 -37.26 -23.48
C PRO A 305 19.69 -37.79 -24.48
N VAL A 306 18.44 -37.91 -24.04
CA VAL A 306 17.32 -38.28 -24.90
C VAL A 306 16.38 -37.08 -24.94
N TYR A 307 16.23 -36.47 -26.12
CA TYR A 307 15.49 -35.23 -26.25
C TYR A 307 14.18 -35.37 -26.99
N GLN A 308 14.02 -36.40 -27.83
CA GLN A 308 12.72 -36.67 -28.43
C GLN A 308 11.74 -37.10 -27.35
N LYS A 309 10.49 -36.66 -27.50
CA LYS A 309 9.47 -36.91 -26.48
C LYS A 309 9.14 -38.39 -26.41
N ILE A 310 9.21 -38.95 -25.20
CA ILE A 310 8.94 -40.38 -24.99
C ILE A 310 7.45 -40.56 -24.77
N LEU A 311 6.84 -41.47 -25.54
CA LEU A 311 5.40 -41.68 -25.49
C LEU A 311 4.99 -43.05 -24.97
N TYR A 312 5.85 -44.06 -25.04
CA TYR A 312 5.49 -45.41 -24.65
C TYR A 312 6.61 -46.05 -23.86
N TYR A 313 6.24 -47.00 -23.00
CA TYR A 313 7.21 -47.81 -22.28
C TYR A 313 6.64 -49.21 -22.09
N THR A 314 7.54 -50.20 -22.02
CA THR A 314 7.15 -51.60 -21.90
C THR A 314 8.08 -52.30 -20.94
N VAL A 315 7.51 -53.09 -20.03
CA VAL A 315 8.28 -53.85 -19.05
C VAL A 315 8.84 -55.10 -19.73
N ILE A 316 10.14 -55.32 -19.56
CA ILE A 316 10.80 -56.52 -20.08
C ILE A 316 10.68 -57.62 -19.02
N PRO A 317 9.96 -58.71 -19.30
CA PRO A 317 9.87 -59.78 -18.30
C PRO A 317 11.21 -60.49 -18.11
N ARG A 318 11.41 -60.96 -16.89
CA ARG A 318 12.62 -61.70 -16.54
C ARG A 318 12.24 -63.09 -16.05
N SER A 319 13.13 -64.05 -16.30
CA SER A 319 12.94 -65.43 -15.85
C SER A 319 14.29 -65.96 -15.39
N ILE A 320 14.34 -66.43 -14.15
CA ILE A 320 15.60 -66.89 -13.56
C ILE A 320 15.70 -68.40 -13.75
N ARG A 321 16.80 -68.85 -14.35
CA ARG A 321 17.03 -70.27 -14.58
C ARG A 321 17.76 -70.90 -13.38
N SER A 322 17.10 -70.84 -12.23
CA SER A 322 17.67 -71.40 -11.02
C SER A 322 17.59 -72.93 -11.05
N PRO A 323 18.51 -73.60 -10.36
CA PRO A 323 18.45 -75.07 -10.30
C PRO A 323 17.23 -75.54 -9.52
N PHE A 324 16.91 -76.83 -9.68
CA PHE A 324 15.75 -77.41 -9.03
C PHE A 324 15.85 -77.37 -7.51
N ASN A 325 17.06 -77.25 -6.97
CA ASN A 325 17.22 -77.23 -5.52
C ASN A 325 16.66 -75.95 -4.92
N ASP A 326 17.21 -74.80 -5.34
CA ASP A 326 16.80 -73.52 -4.79
C ASP A 326 15.33 -73.19 -5.08
N ARG A 327 15.01 -73.00 -6.36
CA ARG A 327 13.66 -72.64 -6.81
C ARG A 327 13.07 -71.53 -5.94
N LYS A 328 13.78 -70.40 -5.92
CA LYS A 328 13.43 -69.29 -5.04
C LYS A 328 12.18 -68.56 -5.53
N ALA A 329 11.68 -67.66 -4.70
CA ALA A 329 10.55 -66.80 -5.02
C ALA A 329 11.03 -65.36 -5.09
N TRP A 330 10.43 -64.59 -6.01
CA TRP A 330 10.87 -63.23 -6.31
C TRP A 330 9.80 -62.23 -5.93
N ALA A 331 10.24 -61.09 -5.39
CA ALA A 331 9.32 -60.05 -4.97
C ALA A 331 8.71 -59.34 -6.17
N ALA A 332 7.42 -59.03 -6.07
CA ALA A 332 6.76 -58.25 -7.09
C ALA A 332 7.06 -56.76 -6.93
N PHE A 333 6.96 -56.02 -8.03
CA PHE A 333 7.17 -54.58 -8.01
C PHE A 333 5.94 -53.88 -8.58
N TYR A 334 5.72 -52.65 -8.13
CA TYR A 334 4.54 -51.88 -8.46
C TYR A 334 4.95 -50.57 -9.13
N ILE A 335 4.14 -50.15 -10.11
CA ILE A 335 4.41 -48.93 -10.88
C ILE A 335 3.26 -47.96 -10.67
N TYR A 336 3.58 -46.75 -10.25
CA TYR A 336 2.60 -45.69 -10.03
C TYR A 336 2.91 -44.52 -10.95
N LYS A 337 1.89 -44.02 -11.65
CA LYS A 337 2.08 -42.93 -12.58
C LYS A 337 2.10 -41.59 -11.88
N LEU A 338 2.95 -40.69 -12.36
CA LEU A 338 3.08 -39.34 -11.83
C LEU A 338 2.09 -38.40 -12.52
N HIS A 339 1.65 -37.39 -11.77
CA HIS A 339 0.69 -36.42 -12.26
C HIS A 339 1.11 -35.02 -11.82
N PRO A 340 0.75 -33.98 -12.58
CA PRO A 340 0.99 -32.61 -12.11
C PRO A 340 0.04 -32.25 -11.00
N LEU A 341 0.55 -32.17 -9.77
CA LEU A 341 -0.28 -31.95 -8.60
C LEU A 341 0.38 -30.96 -7.65
N THR A 342 -0.45 -30.34 -6.81
CA THR A 342 0.03 -29.47 -5.75
C THR A 342 0.18 -30.29 -4.47
N TYR A 343 1.36 -30.24 -3.87
CA TYR A 343 1.67 -31.08 -2.72
C TYR A 343 2.17 -30.22 -1.56
N LEU A 344 1.88 -30.68 -0.35
CA LEU A 344 2.36 -30.06 0.88
C LEU A 344 3.38 -31.01 1.50
N LEU A 345 4.61 -30.54 1.67
CA LEU A 345 5.72 -31.38 2.12
C LEU A 345 6.22 -30.88 3.47
N ASN A 346 6.54 -31.83 4.35
CA ASN A 346 7.10 -31.55 5.66
C ASN A 346 8.50 -32.11 5.75
N PHE A 347 9.47 -31.27 6.10
CA PHE A 347 10.86 -31.67 6.23
C PHE A 347 11.20 -31.83 7.70
N ASP A 348 11.86 -32.94 8.04
CA ASP A 348 12.21 -33.22 9.43
C ASP A 348 13.48 -32.45 9.82
N VAL A 349 14.03 -32.77 10.99
CA VAL A 349 15.23 -32.09 11.46
C VAL A 349 16.47 -32.56 10.72
N GLU A 350 16.43 -33.74 10.10
CA GLU A 350 17.57 -34.27 9.37
C GLU A 350 17.56 -33.93 7.88
N GLY A 351 16.52 -33.22 7.41
CA GLY A 351 16.45 -32.82 6.02
C GLY A 351 15.67 -33.74 5.11
N TYR A 352 14.98 -34.73 5.65
CA TYR A 352 14.20 -35.67 4.86
C TYR A 352 12.71 -35.35 4.93
N ILE A 353 11.98 -35.81 3.93
CA ILE A 353 10.53 -35.64 3.87
C ILE A 353 9.88 -36.81 4.61
N THR A 354 9.18 -36.52 5.70
CA THR A 354 8.55 -37.54 6.52
C THR A 354 7.09 -37.77 6.17
N LYS A 355 6.35 -36.71 5.83
CA LYS A 355 4.94 -36.84 5.49
C LYS A 355 4.61 -35.86 4.38
N ALA A 356 3.55 -36.16 3.64
CA ALA A 356 3.10 -35.33 2.53
C ALA A 356 1.58 -35.34 2.48
N VAL A 357 1.03 -34.32 1.81
CA VAL A 357 -0.41 -34.15 1.67
C VAL A 357 -0.75 -33.91 0.21
N ASP A 358 -1.66 -34.71 -0.34
CA ASP A 358 -2.20 -34.47 -1.67
C ASP A 358 -3.35 -33.50 -1.55
N CYS A 359 -3.15 -32.27 -2.01
CA CYS A 359 -4.11 -31.19 -1.73
C CYS A 359 -5.48 -31.49 -2.32
N GLY A 360 -5.53 -32.09 -3.50
CA GLY A 360 -6.78 -32.34 -4.17
C GLY A 360 -7.47 -33.64 -3.81
N TYR A 361 -7.01 -34.34 -2.77
CA TYR A 361 -7.58 -35.65 -2.45
C TYR A 361 -8.95 -35.51 -1.79
N ASP A 362 -9.01 -34.86 -0.63
CA ASP A 362 -10.26 -34.68 0.09
C ASP A 362 -10.30 -33.29 0.71
N ASP A 363 -11.36 -33.02 1.47
CA ASP A 363 -11.55 -31.68 2.03
C ASP A 363 -10.57 -31.38 3.14
N LEU A 364 -10.21 -32.38 3.95
CA LEU A 364 -9.22 -32.16 5.01
C LEU A 364 -7.88 -31.74 4.40
N ALA A 365 -7.47 -32.41 3.33
CA ALA A 365 -6.26 -32.02 2.63
C ALA A 365 -6.38 -30.62 2.06
N GLN A 366 -7.56 -30.25 1.55
CA GLN A 366 -7.77 -28.90 1.05
C GLN A 366 -7.63 -27.87 2.16
N LEU A 367 -8.15 -28.18 3.36
CA LEU A 367 -7.98 -27.29 4.50
C LEU A 367 -6.51 -27.13 4.86
N GLN A 368 -5.78 -28.24 4.89
CA GLN A 368 -4.36 -28.19 5.26
C GLN A 368 -3.56 -27.38 4.25
N CYS A 369 -3.83 -27.55 2.96
CA CYS A 369 -3.10 -26.78 1.95
C CYS A 369 -3.56 -25.33 1.90
N SER A 370 -4.83 -25.07 2.23
CA SER A 370 -5.32 -23.70 2.25
C SER A 370 -4.66 -22.90 3.37
N TYR A 371 -4.44 -23.50 4.53
CA TYR A 371 -3.80 -22.82 5.65
C TYR A 371 -2.34 -23.19 5.82
N GLN A 372 -1.80 -24.05 4.95
CA GLN A 372 -0.37 -24.38 4.93
C GLN A 372 0.13 -24.86 6.30
N SER A 373 -0.59 -25.81 6.88
CA SER A 373 -0.21 -26.38 8.17
C SER A 373 -0.72 -27.80 8.26
N PHE A 374 0.15 -28.70 8.72
CA PHE A 374 -0.26 -30.08 8.98
C PHE A 374 -1.14 -30.17 10.22
N ASP A 375 -0.85 -29.33 11.22
CA ASP A 375 -1.59 -29.33 12.48
C ASP A 375 -2.55 -28.14 12.47
N VAL A 376 -3.84 -28.44 12.52
CA VAL A 376 -4.90 -27.43 12.48
C VAL A 376 -5.78 -27.60 13.71
N GLU A 377 -6.09 -26.49 14.38
CA GLU A 377 -6.91 -26.54 15.57
C GLU A 377 -8.37 -26.81 15.20
N THR A 378 -9.14 -27.19 16.22
CA THR A 378 -10.56 -27.46 16.02
C THR A 378 -11.30 -26.18 15.67
N GLY A 379 -12.14 -26.24 14.64
CA GLY A 379 -12.91 -25.08 14.23
C GLY A 379 -13.57 -25.31 12.89
N VAL A 380 -14.17 -24.25 12.39
CA VAL A 380 -14.84 -24.25 11.08
C VAL A 380 -14.06 -23.30 10.18
N TYR A 381 -13.61 -23.80 9.04
CA TYR A 381 -12.75 -23.04 8.15
C TYR A 381 -13.31 -23.05 6.73
N SER A 382 -13.12 -21.93 6.03
CA SER A 382 -13.41 -21.85 4.62
C SER A 382 -12.16 -22.23 3.82
N VAL A 383 -12.34 -23.07 2.81
CA VAL A 383 -11.22 -23.64 2.08
C VAL A 383 -11.35 -23.30 0.60
N SER A 384 -10.22 -23.39 -0.10
CA SER A 384 -10.16 -23.17 -1.53
C SER A 384 -10.24 -24.50 -2.27
N SER A 385 -10.14 -24.44 -3.59
CA SER A 385 -10.21 -25.62 -4.45
C SER A 385 -8.84 -25.90 -5.04
N PHE A 386 -8.40 -27.16 -4.94
CA PHE A 386 -7.12 -27.58 -5.48
C PHE A 386 -7.22 -28.73 -6.47
N GLU A 387 -8.44 -29.15 -6.83
CA GLU A 387 -8.64 -30.25 -7.75
C GLU A 387 -8.91 -29.69 -9.15
N ALA A 388 -8.09 -30.10 -10.11
CA ALA A 388 -8.21 -29.67 -11.50
C ALA A 388 -8.87 -30.77 -12.32
N SER A 389 -9.72 -30.36 -13.26
CA SER A 389 -10.44 -31.27 -14.13
C SER A 389 -10.27 -30.87 -15.58
N PRO A 390 -10.34 -31.82 -16.51
CA PRO A 390 -10.26 -31.47 -17.94
C PRO A 390 -11.36 -30.51 -18.34
N ARG A 391 -11.02 -29.59 -19.25
CA ARG A 391 -11.93 -28.55 -19.69
C ARG A 391 -12.31 -28.77 -21.15
N GLY A 392 -13.57 -28.48 -21.47
CA GLY A 392 -14.09 -28.62 -22.81
C GLY A 392 -13.93 -27.35 -23.63
N GLU A 393 -14.73 -27.27 -24.69
CA GLU A 393 -14.68 -26.14 -25.60
C GLU A 393 -16.10 -25.73 -25.97
N PHE A 394 -16.28 -24.43 -26.26
CA PHE A 394 -17.57 -23.89 -26.66
C PHE A 394 -17.30 -22.66 -27.52
N ILE A 395 -17.55 -22.76 -28.82
CA ILE A 395 -17.26 -21.70 -29.77
C ILE A 395 -18.51 -21.42 -30.59
N GLU A 396 -18.91 -20.15 -30.67
CA GLU A 396 -20.02 -19.71 -31.50
C GLU A 396 -19.59 -18.50 -32.31
N GLN A 397 -19.77 -18.59 -33.64
CA GLN A 397 -19.34 -17.53 -34.55
C GLN A 397 -20.37 -17.38 -35.66
N ALA A 398 -20.65 -16.15 -36.05
CA ALA A 398 -21.56 -15.87 -37.16
C ALA A 398 -20.82 -16.01 -38.49
N THR A 399 -21.58 -16.21 -39.56
CA THR A 399 -21.05 -16.33 -40.90
C THR A 399 -21.12 -14.97 -41.60
N THR A 400 -19.99 -14.53 -42.13
CA THR A 400 -19.88 -13.27 -42.84
C THR A 400 -19.17 -13.49 -44.17
N GLN A 401 -19.06 -12.42 -44.95
CA GLN A 401 -18.40 -12.47 -46.25
C GLN A 401 -16.89 -12.27 -46.08
N GLU A 402 -16.17 -12.31 -47.18
CA GLU A 402 -14.72 -12.15 -47.17
C GLU A 402 -14.35 -10.68 -47.28
N CYS A 403 -13.35 -10.27 -46.51
CA CYS A 403 -12.83 -8.90 -46.59
C CYS A 403 -12.14 -8.70 -47.93
N ASP A 404 -12.32 -7.51 -48.49
CA ASP A 404 -11.79 -7.19 -49.82
C ASP A 404 -10.41 -6.56 -49.68
N PHE A 405 -9.37 -7.34 -49.96
CA PHE A 405 -8.00 -6.85 -49.99
C PHE A 405 -7.48 -6.63 -51.41
N THR A 406 -8.36 -6.71 -52.41
CA THR A 406 -7.92 -6.53 -53.80
C THR A 406 -7.29 -5.18 -54.10
N PRO A 407 -7.76 -4.04 -53.57
CA PRO A 407 -7.06 -2.77 -53.86
C PRO A 407 -5.61 -2.76 -53.43
N MET A 408 -5.27 -3.44 -52.33
CA MET A 408 -3.88 -3.45 -51.88
C MET A 408 -3.03 -4.39 -52.71
N LEU A 409 -3.61 -5.42 -53.32
CA LEU A 409 -2.88 -6.41 -54.08
C LEU A 409 -2.86 -6.13 -55.58
N THR A 410 -3.47 -5.04 -56.03
CA THR A 410 -3.48 -4.68 -57.44
C THR A 410 -3.13 -3.20 -57.59
N GLY A 411 -2.46 -2.87 -58.69
CA GLY A 411 -2.08 -1.50 -58.95
C GLY A 411 -0.75 -1.13 -58.33
N THR A 412 -0.47 0.17 -58.38
CA THR A 412 0.78 0.73 -57.87
C THR A 412 0.55 1.34 -56.50
N PRO A 413 1.31 0.93 -55.48
CA PRO A 413 1.14 1.52 -54.16
C PRO A 413 1.47 2.99 -54.18
N PRO A 414 0.75 3.80 -53.41
CA PRO A 414 0.95 5.26 -53.45
C PRO A 414 2.17 5.67 -52.66
N PRO A 415 2.62 6.91 -52.79
CA PRO A 415 3.70 7.42 -51.95
C PRO A 415 3.28 7.49 -50.48
N ILE A 416 4.28 7.73 -49.63
CA ILE A 416 4.04 7.75 -48.19
C ILE A 416 3.13 8.92 -47.80
N TYR A 417 3.34 10.09 -48.41
CA TYR A 417 2.52 11.25 -48.07
C TYR A 417 1.10 11.14 -48.61
N ASN A 418 0.84 10.20 -49.52
CA ASN A 418 -0.50 9.99 -50.05
C ASN A 418 -0.94 8.55 -49.78
N PHE A 419 -0.74 8.08 -48.55
CA PHE A 419 -0.98 6.69 -48.23
C PHE A 419 -2.46 6.31 -48.36
N LYS A 420 -2.71 5.04 -48.64
CA LYS A 420 -4.06 4.51 -48.79
C LYS A 420 -4.49 3.82 -47.51
N ARG A 421 -5.75 4.03 -47.14
CA ARG A 421 -6.32 3.50 -45.91
C ARG A 421 -7.48 2.58 -46.22
N LEU A 422 -7.52 1.42 -45.56
CA LEU A 422 -8.61 0.47 -45.70
C LEU A 422 -9.16 0.12 -44.31
N VAL A 423 -10.48 0.09 -44.21
CA VAL A 423 -11.17 -0.23 -42.96
C VAL A 423 -12.11 -1.40 -43.22
N PHE A 424 -12.03 -2.43 -42.39
CA PHE A 424 -12.82 -3.64 -42.54
C PHE A 424 -13.70 -3.86 -41.32
N THR A 425 -14.99 -4.06 -41.56
CA THR A 425 -15.94 -4.39 -40.51
C THR A 425 -16.87 -5.49 -41.01
N ASN A 426 -17.15 -6.46 -40.14
CA ASN A 426 -18.11 -7.53 -40.41
C ASN A 426 -17.71 -8.34 -41.65
N CYS A 427 -16.52 -8.94 -41.58
CA CYS A 427 -16.01 -9.79 -42.64
C CYS A 427 -14.92 -10.69 -42.07
N ASN A 428 -14.52 -11.68 -42.86
CA ASN A 428 -13.48 -12.61 -42.49
C ASN A 428 -12.34 -12.57 -43.50
N TYR A 429 -11.13 -12.90 -43.05
CA TYR A 429 -9.94 -12.81 -43.88
C TYR A 429 -9.09 -14.05 -43.70
N ASN A 430 -8.36 -14.39 -44.76
CA ASN A 430 -7.40 -15.51 -44.78
C ASN A 430 -6.01 -14.91 -44.65
N LEU A 431 -5.53 -14.78 -43.41
CA LEU A 431 -4.27 -14.09 -43.17
C LEU A 431 -3.08 -14.87 -43.72
N THR A 432 -3.15 -16.20 -43.69
CA THR A 432 -2.06 -17.01 -44.23
C THR A 432 -1.81 -16.68 -45.70
N LYS A 433 -2.88 -16.57 -46.48
CA LYS A 433 -2.73 -16.25 -47.90
C LYS A 433 -2.08 -14.87 -48.09
N LEU A 434 -2.50 -13.89 -47.28
CA LEU A 434 -1.97 -12.54 -47.44
C LEU A 434 -0.48 -12.49 -47.10
N LEU A 435 -0.10 -13.08 -45.96
CA LEU A 435 1.29 -12.99 -45.52
C LEU A 435 2.24 -13.77 -46.43
N SER A 436 1.76 -14.87 -47.03
CA SER A 436 2.61 -15.66 -47.92
C SER A 436 3.06 -14.84 -49.13
N LEU A 437 2.26 -13.87 -49.56
CA LEU A 437 2.57 -13.09 -50.75
C LEU A 437 3.74 -12.16 -50.55
N PHE A 438 4.17 -11.92 -49.30
CA PHE A 438 5.18 -10.92 -49.01
C PHE A 438 6.33 -11.54 -48.23
N GLN A 439 7.52 -10.94 -48.38
CA GLN A 439 8.70 -11.31 -47.63
C GLN A 439 8.91 -10.26 -46.54
N VAL A 440 8.59 -10.62 -45.30
CA VAL A 440 8.65 -9.70 -44.17
C VAL A 440 10.10 -9.54 -43.73
N SER A 441 10.56 -8.30 -43.59
CA SER A 441 11.89 -8.01 -43.09
C SER A 441 11.89 -7.65 -41.61
N GLU A 442 10.84 -7.03 -41.11
CA GLU A 442 10.77 -6.61 -39.72
C GLU A 442 9.32 -6.35 -39.35
N PHE A 443 9.00 -6.54 -38.08
CA PHE A 443 7.70 -6.18 -37.55
C PHE A 443 7.86 -5.66 -36.12
N SER A 444 7.03 -4.70 -35.74
CA SER A 444 7.02 -4.18 -34.38
C SER A 444 5.58 -3.89 -33.98
N CYS A 445 5.11 -4.58 -32.96
CA CYS A 445 3.72 -4.46 -32.51
C CYS A 445 3.66 -3.84 -31.12
N HIS A 446 2.54 -3.18 -30.83
CA HIS A 446 2.29 -2.51 -29.57
C HIS A 446 1.00 -3.06 -28.96
N GLN A 447 1.09 -3.60 -27.75
CA GLN A 447 -0.04 -4.14 -27.00
C GLN A 447 -0.76 -5.28 -27.73
N VAL A 448 -0.06 -5.96 -28.64
CA VAL A 448 -0.64 -7.07 -29.39
C VAL A 448 0.52 -7.83 -30.03
N SER A 449 0.26 -9.08 -30.45
CA SER A 449 1.26 -9.87 -31.13
C SER A 449 0.74 -10.32 -32.50
N PRO A 450 1.64 -10.46 -33.49
CA PRO A 450 1.19 -10.91 -34.81
C PRO A 450 0.47 -12.26 -34.79
N SER A 451 0.93 -13.19 -33.95
CA SER A 451 0.27 -14.48 -33.84
C SER A 451 -1.16 -14.32 -33.33
N SER A 452 -1.40 -13.40 -32.39
CA SER A 452 -2.74 -13.20 -31.89
C SER A 452 -3.66 -12.58 -32.95
N LEU A 453 -3.09 -11.78 -33.87
CA LEU A 453 -3.87 -11.18 -34.94
C LEU A 453 -4.36 -12.20 -35.95
N ALA A 454 -3.88 -13.44 -35.89
CA ALA A 454 -4.30 -14.50 -36.79
C ALA A 454 -5.29 -15.46 -36.15
N THR A 455 -5.65 -15.22 -34.87
CA THR A 455 -6.55 -16.13 -34.18
C THR A 455 -7.59 -15.43 -33.30
N GLY A 456 -7.77 -14.11 -33.45
CA GLY A 456 -8.69 -13.38 -32.61
C GLY A 456 -9.61 -12.50 -33.41
N CYS A 457 -10.74 -12.16 -32.79
CA CYS A 457 -11.75 -11.32 -33.41
C CYS A 457 -11.63 -9.89 -32.88
N TYR A 458 -11.99 -8.93 -33.73
CA TYR A 458 -11.96 -7.53 -33.36
C TYR A 458 -13.18 -6.83 -33.95
N SER A 459 -13.46 -5.65 -33.40
CA SER A 459 -14.58 -4.84 -33.90
C SER A 459 -14.25 -4.16 -35.22
N SER A 460 -12.98 -3.77 -35.43
CA SER A 460 -12.58 -3.07 -36.64
C SER A 460 -11.13 -3.38 -36.94
N LEU A 461 -10.77 -3.33 -38.23
CA LEU A 461 -9.40 -3.55 -38.68
C LEU A 461 -9.04 -2.45 -39.67
N THR A 462 -8.01 -1.66 -39.33
CA THR A 462 -7.55 -0.58 -40.19
C THR A 462 -6.12 -0.85 -40.64
N VAL A 463 -5.87 -0.66 -41.94
CA VAL A 463 -4.55 -0.88 -42.54
C VAL A 463 -4.19 0.34 -43.37
N ASP A 464 -3.03 0.93 -43.10
CA ASP A 464 -2.44 1.95 -43.97
C ASP A 464 -1.20 1.39 -44.64
N TYR A 465 -1.11 1.54 -45.97
CA TYR A 465 0.01 1.00 -46.73
C TYR A 465 0.49 2.02 -47.76
N PHE A 466 1.77 1.95 -48.07
CA PHE A 466 2.42 2.84 -49.03
C PHE A 466 3.77 2.24 -49.42
N ALA A 467 4.34 2.76 -50.50
CA ALA A 467 5.67 2.33 -50.94
C ALA A 467 6.73 2.98 -50.07
N TYR A 468 7.70 2.18 -49.63
CA TYR A 468 8.72 2.67 -48.71
C TYR A 468 9.95 1.78 -48.81
N SER A 469 11.13 2.40 -48.89
CA SER A 469 12.38 1.65 -48.94
C SER A 469 12.75 1.16 -47.55
N THR A 470 13.23 -0.09 -47.48
CA THR A 470 13.53 -0.69 -46.18
C THR A 470 14.71 -0.01 -45.49
N ASP A 471 15.67 0.50 -46.25
CA ASP A 471 16.85 1.11 -45.63
C ASP A 471 16.53 2.38 -44.85
N MET A 472 15.35 2.97 -45.04
CA MET A 472 14.90 4.11 -44.26
C MET A 472 14.00 3.69 -43.10
N SER A 473 14.19 2.48 -42.57
CA SER A 473 13.32 1.98 -41.51
C SER A 473 13.42 2.83 -40.25
N SER A 474 14.62 3.30 -39.92
CA SER A 474 14.82 4.04 -38.68
C SER A 474 13.98 5.32 -38.64
N TYR A 475 13.69 5.91 -39.80
CA TYR A 475 12.92 7.15 -39.84
C TYR A 475 11.44 6.95 -39.56
N LEU A 476 10.95 5.72 -39.54
CA LEU A 476 9.57 5.41 -39.20
C LEU A 476 9.40 5.00 -37.74
N GLN A 477 10.49 4.93 -36.98
CA GLN A 477 10.43 4.48 -35.60
C GLN A 477 9.81 5.54 -34.70
N PRO A 478 9.12 5.13 -33.63
CA PRO A 478 8.54 6.11 -32.70
C PRO A 478 9.60 7.03 -32.13
N GLY A 479 9.32 8.33 -32.16
CA GLY A 479 10.22 9.32 -31.63
C GLY A 479 11.28 9.82 -32.59
N SER A 480 11.23 9.43 -33.86
CA SER A 480 12.24 9.85 -34.81
C SER A 480 12.18 11.37 -35.02
N ALA A 481 13.33 11.95 -35.34
CA ALA A 481 13.44 13.38 -35.56
C ALA A 481 13.59 13.74 -37.03
N GLY A 482 13.35 12.78 -37.93
CA GLY A 482 13.50 13.01 -39.35
C GLY A 482 12.29 13.69 -39.96
N GLU A 483 12.39 13.90 -41.27
CA GLU A 483 11.30 14.54 -42.03
C GLU A 483 10.13 13.61 -42.27
N ILE A 484 10.35 12.29 -42.19
CA ILE A 484 9.27 11.33 -42.45
C ILE A 484 8.15 11.49 -41.44
N VAL A 485 8.51 11.53 -40.15
CA VAL A 485 7.50 11.69 -39.11
C VAL A 485 6.90 13.10 -39.15
N GLN A 486 7.71 14.11 -39.42
CA GLN A 486 7.24 15.49 -39.36
C GLN A 486 6.23 15.79 -40.47
N PHE A 487 6.49 15.32 -41.69
CA PHE A 487 5.71 15.78 -42.84
C PHE A 487 5.03 14.68 -43.65
N ASN A 488 5.34 13.39 -43.41
CA ASN A 488 4.81 12.32 -44.24
C ASN A 488 3.83 11.42 -43.50
N TYR A 489 4.24 10.83 -42.37
CA TYR A 489 3.39 9.88 -41.66
C TYR A 489 3.85 9.78 -40.22
N LYS A 490 2.92 9.98 -39.28
CA LYS A 490 3.18 9.77 -37.85
C LYS A 490 2.25 8.67 -37.35
N GLN A 491 2.83 7.57 -36.87
CA GLN A 491 2.05 6.45 -36.36
C GLN A 491 1.32 6.82 -35.08
N ASP A 492 0.06 6.41 -34.97
CA ASP A 492 -0.76 6.65 -33.78
C ASP A 492 -0.72 5.42 -32.88
N PHE A 493 -0.64 5.66 -31.56
CA PHE A 493 -0.54 4.58 -30.58
C PHE A 493 -1.71 4.58 -29.60
N SER A 494 -2.85 5.17 -29.97
CA SER A 494 -4.01 5.15 -29.10
C SER A 494 -4.70 3.79 -29.09
N ASN A 495 -4.41 2.94 -30.06
CA ASN A 495 -4.97 1.60 -30.18
C ASN A 495 -3.83 0.61 -30.44
N PRO A 496 -4.04 -0.66 -30.12
CA PRO A 496 -3.03 -1.68 -30.46
C PRO A 496 -2.72 -1.65 -31.96
N THR A 497 -1.44 -1.69 -32.29
CA THR A 497 -1.01 -1.51 -33.66
C THR A 497 0.28 -2.28 -33.92
N CYS A 498 0.53 -2.55 -35.20
CA CYS A 498 1.74 -3.21 -35.65
C CYS A 498 2.33 -2.44 -36.82
N ARG A 499 3.66 -2.45 -36.92
CA ARG A 499 4.36 -1.85 -38.05
C ARG A 499 5.13 -2.95 -38.78
N VAL A 500 4.83 -3.15 -40.06
CA VAL A 500 5.40 -4.22 -40.86
C VAL A 500 6.07 -3.63 -42.10
N LEU A 501 7.30 -4.08 -42.38
CA LEU A 501 7.99 -3.76 -43.62
C LEU A 501 8.23 -5.05 -44.38
N ALA A 502 7.97 -5.04 -45.69
CA ALA A 502 8.06 -6.26 -46.48
C ALA A 502 8.50 -5.93 -47.89
N THR A 503 9.01 -6.95 -48.58
CA THR A 503 9.48 -6.85 -49.95
C THR A 503 8.56 -7.65 -50.87
N VAL A 504 8.17 -7.05 -51.99
CA VAL A 504 7.30 -7.70 -52.96
C VAL A 504 8.12 -8.62 -53.85
N PRO A 505 7.78 -9.91 -53.93
CA PRO A 505 8.53 -10.82 -54.80
C PRO A 505 8.28 -10.53 -56.27
N GLN A 506 9.17 -11.06 -57.10
CA GLN A 506 9.07 -10.87 -58.55
C GLN A 506 7.84 -11.56 -59.12
N ASN A 507 7.50 -12.75 -58.62
CA ASN A 507 6.38 -13.50 -59.16
C ASN A 507 5.04 -12.82 -58.93
N LEU A 508 4.97 -11.87 -57.99
CA LEU A 508 3.74 -11.13 -57.69
C LEU A 508 3.62 -10.00 -58.71
N THR A 509 3.10 -10.34 -59.89
CA THR A 509 3.03 -9.42 -61.00
C THR A 509 1.81 -8.49 -60.95
N THR A 510 0.85 -8.76 -60.06
CA THR A 510 -0.32 -7.90 -59.98
C THR A 510 0.01 -6.52 -59.42
N ILE A 511 1.07 -6.42 -58.61
CA ILE A 511 1.52 -5.15 -58.06
C ILE A 511 2.53 -4.53 -59.03
N THR A 512 2.27 -3.30 -59.45
CA THR A 512 3.11 -2.61 -60.42
C THR A 512 4.09 -1.69 -59.72
N LYS A 513 5.36 -1.74 -60.15
CA LYS A 513 6.38 -0.89 -59.56
C LYS A 513 6.17 0.57 -59.96
N PRO A 514 6.34 1.50 -59.03
CA PRO A 514 6.41 2.92 -59.41
C PRO A 514 7.80 3.26 -59.95
N SER A 515 7.89 4.46 -60.52
CA SER A 515 9.17 4.89 -61.09
C SER A 515 10.17 5.23 -59.99
N ASN A 516 9.73 5.97 -58.96
CA ASN A 516 10.63 6.47 -57.93
C ASN A 516 9.95 6.39 -56.57
N TYR A 517 10.77 6.32 -55.53
CA TYR A 517 10.28 6.56 -54.17
C TYR A 517 10.25 8.07 -53.93
N ALA A 518 9.24 8.52 -53.18
CA ALA A 518 9.09 9.95 -52.95
C ALA A 518 8.63 10.20 -51.52
N TYR A 519 9.09 11.32 -50.96
CA TYR A 519 8.63 11.80 -49.67
C TYR A 519 8.87 13.30 -49.60
N LEU A 520 8.09 13.96 -48.75
CA LEU A 520 8.18 15.41 -48.60
C LEU A 520 9.28 15.77 -47.60
N THR A 521 9.99 16.85 -47.89
CA THR A 521 11.05 17.33 -47.01
C THR A 521 10.62 18.48 -46.11
N GLU A 522 9.64 19.28 -46.53
CA GLU A 522 9.17 20.40 -45.72
C GLU A 522 7.78 20.81 -46.18
N CYS A 523 7.05 21.43 -45.26
CA CYS A 523 5.71 21.96 -45.54
C CYS A 523 5.46 23.07 -44.55
N TYR A 524 5.38 24.32 -45.03
CA TYR A 524 5.34 25.47 -44.15
C TYR A 524 4.50 26.58 -44.76
N LYS A 525 4.15 27.55 -43.92
CA LYS A 525 3.49 28.77 -44.36
C LYS A 525 4.42 29.96 -44.15
N THR A 526 4.45 30.86 -45.13
CA THR A 526 5.29 32.04 -45.04
C THR A 526 4.77 32.97 -43.94
N SER A 527 5.68 33.43 -43.09
CA SER A 527 5.34 34.33 -42.01
C SER A 527 6.39 35.44 -41.94
N ALA A 528 6.07 36.49 -41.17
CA ALA A 528 7.00 37.60 -41.02
C ALA A 528 8.28 37.15 -40.32
N TYR A 529 8.16 36.32 -39.29
CA TYR A 529 9.35 35.83 -38.59
C TYR A 529 10.16 34.89 -39.46
N GLY A 530 9.50 34.07 -40.28
CA GLY A 530 10.19 33.12 -41.13
C GLY A 530 9.30 32.00 -41.62
N LYS A 531 9.79 30.77 -41.55
CA LYS A 531 9.03 29.61 -41.98
C LYS A 531 8.19 29.09 -40.81
N ASN A 532 6.89 28.96 -41.03
CA ASN A 532 5.97 28.41 -40.03
C ASN A 532 5.64 26.98 -40.44
N TYR A 533 6.40 26.03 -39.92
CA TYR A 533 6.25 24.65 -40.32
C TYR A 533 4.94 24.07 -39.82
N LEU A 534 4.34 23.20 -40.62
CA LEU A 534 3.13 22.47 -40.26
C LEU A 534 3.46 20.99 -40.15
N TYR A 535 3.12 20.39 -39.01
CA TYR A 535 3.48 19.01 -38.72
C TYR A 535 2.25 18.11 -38.78
N ASN A 536 2.48 16.85 -39.13
CA ASN A 536 1.40 15.88 -39.27
C ASN A 536 0.88 15.46 -37.89
N ALA A 537 -0.44 15.41 -37.75
CA ALA A 537 -1.04 14.78 -36.58
C ALA A 537 -0.91 13.26 -36.69
N PRO A 538 -0.91 12.55 -35.57
CA PRO A 538 -0.84 11.09 -35.63
C PRO A 538 -2.00 10.50 -36.43
N GLY A 539 -1.65 9.73 -37.47
CA GLY A 539 -2.63 9.10 -38.34
C GLY A 539 -3.27 10.01 -39.36
N GLY A 540 -2.99 11.32 -39.33
CA GLY A 540 -3.57 12.24 -40.28
C GLY A 540 -2.72 12.44 -41.52
N TYR A 541 -3.24 13.25 -42.44
CA TYR A 541 -2.54 13.61 -43.67
C TYR A 541 -1.86 14.96 -43.52
N THR A 542 -0.85 15.18 -44.35
CA THR A 542 -0.14 16.44 -44.34
C THR A 542 -1.01 17.54 -44.94
N PRO A 543 -0.94 18.77 -44.41
CA PRO A 543 -1.69 19.88 -45.02
C PRO A 543 -1.28 20.20 -46.44
N CYS A 544 -0.05 19.87 -46.84
CA CYS A 544 0.45 20.14 -48.18
C CYS A 544 0.08 19.04 -49.18
N LEU A 545 -0.96 18.26 -48.89
CA LEU A 545 -1.32 17.13 -49.76
C LEU A 545 -1.77 17.61 -51.14
N SER A 546 -2.55 18.68 -51.19
CA SER A 546 -3.02 19.18 -52.48
C SER A 546 -1.87 19.70 -53.33
N LEU A 547 -0.92 20.40 -52.72
CA LEU A 547 0.25 20.87 -53.47
C LEU A 547 1.11 19.69 -53.94
N ALA A 548 1.26 18.66 -53.11
CA ALA A 548 2.07 17.51 -53.47
C ALA A 548 1.47 16.72 -54.62
N SER A 549 0.16 16.87 -54.89
CA SER A 549 -0.48 16.14 -55.97
C SER A 549 -0.02 16.59 -57.35
N ARG A 550 0.62 17.76 -57.45
CA ARG A 550 1.10 18.22 -58.75
C ARG A 550 2.24 17.36 -59.28
N GLY A 551 2.91 16.61 -58.43
CA GLY A 551 3.96 15.70 -58.85
C GLY A 551 5.33 16.32 -58.76
N PHE A 552 6.34 15.47 -58.55
CA PHE A 552 7.72 15.89 -58.47
C PHE A 552 8.52 15.18 -59.56
N SER A 553 9.25 15.95 -60.36
CA SER A 553 10.06 15.40 -61.44
C SER A 553 11.56 15.46 -61.19
N THR A 554 12.01 16.30 -60.27
CA THR A 554 13.42 16.42 -59.94
C THR A 554 13.59 16.54 -58.44
N LYS A 555 14.81 16.29 -57.97
CA LYS A 555 15.10 16.38 -56.55
C LYS A 555 14.95 17.81 -56.05
N TYR A 556 14.40 17.95 -54.85
CA TYR A 556 14.22 19.25 -54.19
C TYR A 556 13.42 20.22 -55.05
N GLN A 557 12.37 19.70 -55.70
CA GLN A 557 11.44 20.54 -56.43
C GLN A 557 10.37 21.06 -55.49
N SER A 558 10.06 22.36 -55.62
CA SER A 558 9.13 23.03 -54.73
C SER A 558 7.87 23.44 -55.47
N HIS A 559 6.73 23.35 -54.80
CA HIS A 559 5.45 23.81 -55.32
C HIS A 559 4.83 24.76 -54.30
N SER A 560 4.28 25.86 -54.79
CA SER A 560 3.65 26.86 -53.93
C SER A 560 2.36 27.36 -54.58
N ASP A 561 1.38 27.68 -53.74
CA ASP A 561 0.12 28.24 -54.18
C ASP A 561 -0.20 29.53 -53.43
N GLY A 562 0.83 30.21 -52.94
CA GLY A 562 0.63 31.38 -52.12
C GLY A 562 1.17 31.20 -50.71
N GLU A 563 0.27 31.08 -49.73
CA GLU A 563 0.69 30.94 -48.34
C GLU A 563 1.37 29.60 -48.06
N LEU A 564 1.05 28.56 -48.82
CA LEU A 564 1.59 27.23 -48.57
C LEU A 564 2.70 26.90 -49.56
N THR A 565 3.74 26.24 -49.06
CA THR A 565 4.88 25.82 -49.87
C THR A 565 5.35 24.45 -49.39
N THR A 566 5.67 23.57 -50.32
CA THR A 566 6.16 22.24 -50.00
C THR A 566 7.31 21.88 -50.93
N THR A 567 8.13 20.94 -50.49
CA THR A 567 9.28 20.47 -51.25
C THR A 567 9.32 18.95 -51.21
N GLY A 568 9.72 18.34 -52.32
CA GLY A 568 9.77 16.89 -52.41
C GLY A 568 11.12 16.33 -52.79
N TYR A 569 11.34 15.05 -52.50
CA TYR A 569 12.59 14.36 -52.80
C TYR A 569 12.27 13.01 -53.43
N ILE A 570 12.96 12.68 -54.52
CA ILE A 570 12.71 11.43 -55.24
C ILE A 570 14.03 10.74 -55.52
N TYR A 571 13.97 9.42 -55.67
CA TYR A 571 15.12 8.61 -56.06
C TYR A 571 14.62 7.32 -56.68
N PRO A 572 15.36 6.75 -57.64
CA PRO A 572 14.83 5.61 -58.40
C PRO A 572 14.65 4.37 -57.54
N VAL A 573 13.75 3.50 -58.00
CA VAL A 573 13.50 2.21 -57.38
C VAL A 573 14.41 1.17 -58.03
N THR A 574 15.22 0.50 -57.21
CA THR A 574 16.15 -0.51 -57.69
C THR A 574 15.78 -1.86 -57.09
N GLY A 575 15.72 -2.89 -57.93
CA GLY A 575 15.39 -4.21 -57.44
C GLY A 575 13.90 -4.37 -57.17
N ASN A 576 13.58 -5.31 -56.28
CA ASN A 576 12.20 -5.58 -55.94
C ASN A 576 11.59 -4.43 -55.16
N LEU A 577 10.28 -4.24 -55.34
CA LEU A 577 9.56 -3.18 -54.64
C LEU A 577 9.42 -3.52 -53.16
N GLN A 578 9.53 -2.49 -52.32
CA GLN A 578 9.38 -2.64 -50.88
C GLN A 578 8.25 -1.73 -50.39
N MET A 579 7.47 -2.22 -49.44
CA MET A 579 6.27 -1.53 -48.98
C MET A 579 6.24 -1.52 -47.46
N ALA A 580 5.30 -0.74 -46.92
CA ALA A 580 5.08 -0.62 -45.49
C ALA A 580 3.61 -0.83 -45.19
N PHE A 581 3.32 -1.33 -43.98
CA PHE A 581 1.94 -1.61 -43.57
C PHE A 581 1.77 -1.25 -42.11
N ILE A 582 0.86 -0.33 -41.83
CA ILE A 582 0.53 0.09 -40.47
C ILE A 582 -0.86 -0.45 -40.15
N ILE A 583 -0.92 -1.45 -39.27
CA ILE A 583 -2.16 -2.14 -38.95
C ILE A 583 -2.59 -1.76 -37.55
N SER A 584 -3.88 -1.46 -37.38
CA SER A 584 -4.45 -1.16 -36.08
C SER A 584 -5.77 -1.90 -35.90
N VAL A 585 -6.05 -2.32 -34.67
CA VAL A 585 -7.26 -3.06 -34.35
C VAL A 585 -7.90 -2.45 -33.09
N GLN A 586 -9.22 -2.70 -32.99
CA GLN A 586 -10.00 -2.26 -31.82
C GLN A 586 -10.80 -3.46 -31.27
N TYR A 587 -10.89 -3.58 -29.95
CA TYR A 587 -11.67 -4.63 -29.32
C TYR A 587 -12.92 -4.01 -28.70
N GLY A 588 -14.08 -4.56 -29.03
CA GLY A 588 -15.34 -4.08 -28.50
C GLY A 588 -15.93 -5.04 -27.48
N THR A 589 -16.57 -4.47 -26.45
CA THR A 589 -17.24 -5.28 -25.45
C THR A 589 -18.40 -6.06 -26.05
N ASP A 590 -18.98 -5.60 -27.15
CA ASP A 590 -20.03 -6.32 -27.84
C ASP A 590 -19.41 -7.36 -28.77
N THR A 591 -20.21 -7.92 -29.67
CA THR A 591 -19.70 -8.89 -30.63
C THR A 591 -18.63 -8.27 -31.51
N ASN A 592 -17.60 -9.06 -31.80
CA ASN A 592 -16.51 -8.67 -32.69
C ASN A 592 -16.69 -9.42 -34.00
N SER A 593 -17.05 -8.70 -35.05
CA SER A 593 -17.46 -9.31 -36.31
C SER A 593 -16.32 -9.48 -37.30
N VAL A 594 -15.08 -9.12 -36.94
CA VAL A 594 -13.93 -9.28 -37.81
C VAL A 594 -13.07 -10.40 -37.26
N CYS A 595 -13.14 -11.58 -37.89
CA CYS A 595 -12.43 -12.75 -37.42
C CYS A 595 -11.67 -13.41 -38.57
N PRO A 596 -10.53 -14.04 -38.29
CA PRO A 596 -9.85 -14.83 -39.33
C PRO A 596 -10.62 -16.09 -39.65
N MET A 597 -10.33 -16.63 -40.84
CA MET A 597 -11.00 -17.85 -41.28
C MET A 597 -10.59 -19.06 -40.45
N GLN A 598 -9.36 -19.07 -39.91
CA GLN A 598 -8.91 -20.16 -39.06
C GLN A 598 -9.71 -20.25 -37.77
N ALA A 599 -10.28 -19.14 -37.31
CA ALA A 599 -11.10 -19.12 -36.10
C ALA A 599 -12.58 -19.29 -36.38
N LEU A 600 -12.98 -19.51 -37.63
CA LEU A 600 -14.39 -19.70 -37.97
C LEU A 600 -14.77 -21.14 -37.69
N ARG A 601 -15.54 -21.35 -36.63
CA ARG A 601 -15.99 -22.68 -36.25
C ARG A 601 -17.30 -22.55 -35.49
N ASN A 602 -18.07 -23.62 -35.46
CA ASN A 602 -19.35 -23.63 -34.76
C ASN A 602 -19.44 -24.78 -33.77
N ASP A 603 -18.39 -24.98 -32.97
CA ASP A 603 -18.37 -26.06 -31.98
C ASP A 603 -19.25 -25.69 -30.78
N THR A 604 -20.53 -25.52 -31.06
CA THR A 604 -21.53 -25.14 -30.06
C THR A 604 -22.19 -26.37 -29.44
N SER A 605 -21.37 -27.27 -28.92
CA SER A 605 -21.87 -28.46 -28.22
C SER A 605 -22.03 -28.19 -26.73
N ILE A 606 -22.73 -27.10 -26.40
CA ILE A 606 -22.89 -26.70 -25.01
C ILE A 606 -23.88 -27.60 -24.28
N GLU A 607 -24.82 -28.20 -25.00
CA GLU A 607 -25.82 -29.06 -24.36
C GLU A 607 -25.16 -30.25 -23.68
N ASP A 608 -24.17 -30.86 -24.32
CA ASP A 608 -23.45 -31.98 -23.74
C ASP A 608 -22.37 -31.56 -22.77
N LYS A 609 -21.97 -30.29 -22.77
CA LYS A 609 -20.93 -29.79 -21.88
C LYS A 609 -21.49 -28.84 -20.82
N LEU A 610 -22.70 -29.12 -20.33
CA LEU A 610 -23.32 -28.22 -19.35
C LEU A 610 -22.60 -28.31 -18.00
N ASP A 611 -22.36 -29.52 -17.51
CA ASP A 611 -21.79 -29.72 -16.18
C ASP A 611 -20.28 -29.92 -16.25
N VAL A 612 -19.58 -28.91 -16.79
CA VAL A 612 -18.13 -28.97 -16.90
C VAL A 612 -17.60 -27.56 -17.11
N CYS A 613 -16.47 -27.26 -16.45
CA CYS A 613 -15.75 -26.02 -16.69
C CYS A 613 -15.12 -26.04 -18.08
N VAL A 614 -15.47 -25.06 -18.90
CA VAL A 614 -15.03 -25.03 -20.29
C VAL A 614 -14.50 -23.64 -20.64
N GLU A 615 -13.66 -23.60 -21.68
CA GLU A 615 -13.22 -22.36 -22.28
C GLU A 615 -14.17 -21.99 -23.41
N TYR A 616 -14.75 -20.79 -23.32
CA TYR A 616 -15.72 -20.33 -24.30
C TYR A 616 -15.16 -19.17 -25.10
N SER A 617 -15.50 -19.11 -26.38
CA SER A 617 -15.15 -18.01 -27.27
C SER A 617 -16.40 -17.67 -28.07
N LEU A 618 -17.17 -16.70 -27.57
CA LEU A 618 -18.47 -16.35 -28.11
C LEU A 618 -18.39 -14.96 -28.71
N HIS A 619 -18.37 -14.88 -30.04
CA HIS A 619 -18.38 -13.62 -30.78
C HIS A 619 -17.27 -12.68 -30.30
N GLY A 620 -16.07 -13.25 -30.11
CA GLY A 620 -14.93 -12.47 -29.68
C GLY A 620 -14.78 -12.32 -28.18
N ILE A 621 -15.69 -12.87 -27.39
CA ILE A 621 -15.61 -12.82 -25.93
C ILE A 621 -15.07 -14.15 -25.44
N THR A 622 -13.96 -14.12 -24.71
CA THR A 622 -13.28 -15.33 -24.25
C THR A 622 -13.27 -15.37 -22.73
N GLY A 623 -13.13 -16.59 -22.21
CA GLY A 623 -13.05 -16.79 -20.77
C GLY A 623 -13.29 -18.23 -20.41
N ARG A 624 -13.37 -18.47 -19.10
CA ARG A 624 -13.65 -19.79 -18.55
C ARG A 624 -14.85 -19.69 -17.62
N GLY A 625 -15.68 -20.72 -17.61
CA GLY A 625 -16.84 -20.71 -16.73
C GLY A 625 -17.66 -21.97 -16.92
N VAL A 626 -18.75 -22.02 -16.15
CA VAL A 626 -19.68 -23.15 -16.17
C VAL A 626 -21.05 -22.61 -16.56
N PHE A 627 -21.71 -23.27 -17.51
CA PHE A 627 -23.00 -22.84 -18.03
C PHE A 627 -24.11 -23.64 -17.36
N HIS A 628 -25.09 -22.93 -16.81
CA HIS A 628 -26.24 -23.53 -16.15
C HIS A 628 -27.50 -23.16 -16.91
N ASN A 629 -28.39 -24.13 -17.10
CA ASN A 629 -29.65 -23.87 -17.80
C ASN A 629 -30.49 -22.87 -17.00
N CYS A 630 -30.87 -21.78 -17.66
CA CYS A 630 -31.60 -20.70 -16.99
C CYS A 630 -32.67 -20.16 -17.91
N THR A 631 -33.68 -19.52 -17.32
CA THR A 631 -34.80 -18.95 -18.06
C THR A 631 -34.75 -17.44 -17.93
N SER A 632 -34.74 -16.75 -19.07
CA SER A 632 -34.71 -15.30 -19.10
C SER A 632 -35.06 -14.77 -20.49
N LEU A 635 -33.18 -7.84 -21.90
CA LEU A 635 -33.23 -6.38 -21.85
C LEU A 635 -33.39 -5.79 -23.25
N ARG A 636 -32.52 -6.19 -24.17
CA ARG A 636 -32.54 -5.69 -25.53
C ARG A 636 -32.03 -6.79 -26.46
N ASN A 637 -31.74 -6.41 -27.71
CA ASN A 637 -31.24 -7.36 -28.71
C ASN A 637 -29.74 -7.57 -28.48
N GLN A 638 -29.43 -8.17 -27.33
CA GLN A 638 -28.06 -8.48 -26.94
C GLN A 638 -27.99 -9.90 -26.42
N ARG A 639 -26.94 -10.61 -26.80
CA ARG A 639 -26.75 -11.99 -26.39
C ARG A 639 -25.99 -12.15 -25.07
N PHE A 640 -25.46 -11.06 -24.52
CA PHE A 640 -24.66 -11.10 -23.31
C PHE A 640 -25.31 -10.28 -22.21
N VAL A 641 -25.31 -10.83 -20.99
CA VAL A 641 -25.86 -10.15 -19.80
C VAL A 641 -24.70 -9.91 -18.83
N TYR A 642 -24.59 -8.68 -18.35
CA TYR A 642 -23.53 -8.30 -17.43
C TYR A 642 -24.13 -7.72 -16.16
N ASP A 643 -23.49 -7.99 -15.03
CA ASP A 643 -23.88 -7.39 -13.77
C ASP A 643 -23.30 -5.98 -13.65
N THR A 644 -23.65 -5.30 -12.55
CA THR A 644 -23.16 -3.94 -12.32
C THR A 644 -21.64 -3.85 -12.36
N PHE A 645 -20.94 -4.90 -11.94
CA PHE A 645 -19.48 -4.92 -11.90
C PHE A 645 -18.86 -5.48 -13.17
N ASP A 646 -19.61 -5.50 -14.27
CA ASP A 646 -19.13 -5.93 -15.60
C ASP A 646 -18.68 -7.39 -15.63
N ASN A 647 -19.32 -8.24 -14.84
CA ASN A 647 -19.12 -9.68 -14.91
C ASN A 647 -20.16 -10.30 -15.81
N LEU A 648 -19.71 -11.15 -16.73
CA LEU A 648 -20.60 -11.86 -17.64
C LEU A 648 -21.37 -12.92 -16.86
N VAL A 649 -22.70 -12.74 -16.76
CA VAL A 649 -23.52 -13.63 -15.96
C VAL A 649 -24.53 -14.41 -16.80
N GLY A 650 -24.88 -13.93 -17.99
CA GLY A 650 -25.88 -14.61 -18.80
C GLY A 650 -25.58 -14.55 -20.28
N TYR A 651 -25.93 -15.61 -21.01
CA TYR A 651 -25.67 -15.68 -22.43
C TYR A 651 -26.89 -16.25 -23.16
N HIS A 652 -27.17 -15.70 -24.34
CA HIS A 652 -28.18 -16.24 -25.24
C HIS A 652 -27.47 -16.92 -26.40
N SER A 653 -27.77 -18.20 -26.60
CA SER A 653 -27.05 -19.04 -27.56
C SER A 653 -27.85 -19.20 -28.85
N TYR A 654 -27.20 -19.82 -29.83
CA TYR A 654 -27.83 -20.08 -31.12
C TYR A 654 -28.94 -21.11 -31.02
N ASN A 655 -28.81 -22.07 -30.11
CA ASN A 655 -29.81 -23.13 -29.99
C ASN A 655 -31.16 -22.57 -29.56
N GLY A 656 -31.15 -21.47 -28.80
CA GLY A 656 -32.36 -20.87 -28.28
C GLY A 656 -32.48 -20.90 -26.77
N ASN A 657 -31.58 -21.59 -26.07
CA ASN A 657 -31.59 -21.64 -24.62
C ASN A 657 -30.90 -20.41 -24.04
N TYR A 658 -31.17 -20.15 -22.76
CA TYR A 658 -30.49 -19.13 -21.99
C TYR A 658 -29.69 -19.82 -20.91
N TYR A 659 -28.45 -19.38 -20.72
CA TYR A 659 -27.55 -20.03 -19.79
C TYR A 659 -27.01 -19.04 -18.78
N CYS A 660 -26.99 -19.45 -17.52
CA CYS A 660 -26.30 -18.71 -16.48
C CYS A 660 -24.81 -19.01 -16.53
N VAL A 661 -24.00 -17.97 -16.40
CA VAL A 661 -22.55 -18.09 -16.51
C VAL A 661 -21.96 -17.81 -15.13
N ARG A 662 -21.20 -18.78 -14.62
CA ARG A 662 -20.53 -18.68 -13.34
C ARG A 662 -19.08 -19.14 -13.49
N PRO A 663 -18.17 -18.64 -12.66
CA PRO A 663 -16.79 -19.11 -12.72
C PRO A 663 -16.69 -20.57 -12.30
N CYS A 664 -15.57 -21.19 -12.72
CA CYS A 664 -15.40 -22.62 -12.49
C CYS A 664 -15.27 -22.98 -11.02
N VAL A 665 -14.99 -22.00 -10.15
CA VAL A 665 -15.05 -22.19 -8.71
C VAL A 665 -16.00 -21.13 -8.18
N SER A 666 -17.24 -21.54 -7.88
CA SER A 666 -18.26 -20.59 -7.45
C SER A 666 -18.93 -21.03 -6.15
N VAL A 667 -19.11 -22.33 -5.96
CA VAL A 667 -19.83 -22.84 -4.80
C VAL A 667 -18.95 -22.68 -3.56
N PRO A 668 -19.41 -22.00 -2.51
CA PRO A 668 -18.62 -21.90 -1.28
C PRO A 668 -18.50 -23.25 -0.59
N VAL A 669 -17.34 -23.50 0.01
CA VAL A 669 -17.06 -24.74 0.70
C VAL A 669 -16.42 -24.42 2.04
N SER A 670 -16.94 -25.03 3.11
CA SER A 670 -16.39 -24.89 4.44
C SER A 670 -16.22 -26.26 5.07
N VAL A 671 -15.19 -26.42 5.88
CA VAL A 671 -14.84 -27.70 6.49
C VAL A 671 -14.92 -27.56 8.00
N ILE A 672 -15.64 -28.48 8.64
CA ILE A 672 -15.71 -28.58 10.09
C ILE A 672 -14.75 -29.69 10.52
N TYR A 673 -13.73 -29.35 11.29
CA TYR A 673 -12.69 -30.28 11.69
C TYR A 673 -12.63 -30.38 13.21
N ASP A 674 -12.51 -31.62 13.71
CA ASP A 674 -12.32 -31.89 15.13
C ASP A 674 -10.95 -32.51 15.33
N LYS A 675 -10.13 -31.89 16.20
CA LYS A 675 -8.77 -32.34 16.40
C LYS A 675 -8.70 -33.62 17.24
N VAL A 676 -9.60 -33.78 18.21
CA VAL A 676 -9.51 -34.92 19.13
C VAL A 676 -9.74 -36.22 18.39
N SER A 677 -10.79 -36.30 17.58
CA SER A 677 -11.13 -37.52 16.85
C SER A 677 -10.54 -37.55 15.44
N ASN A 678 -9.91 -36.45 15.00
CA ASN A 678 -9.33 -36.36 13.65
C ASN A 678 -10.37 -36.66 12.58
N SER A 679 -11.59 -36.14 12.78
CA SER A 679 -12.67 -36.29 11.82
C SER A 679 -13.05 -34.93 11.25
N HIS A 680 -13.66 -34.96 10.07
CA HIS A 680 -14.02 -33.73 9.38
C HIS A 680 -15.34 -33.94 8.63
N ALA A 681 -16.01 -32.83 8.37
CA ALA A 681 -17.25 -32.81 7.61
C ALA A 681 -17.26 -31.60 6.68
N THR A 682 -18.21 -31.59 5.76
CA THR A 682 -18.28 -30.56 4.74
C THR A 682 -19.65 -29.90 4.76
N LEU A 683 -19.65 -28.57 4.65
CA LEU A 683 -20.87 -27.78 4.56
C LEU A 683 -20.80 -26.90 3.33
N PHE A 684 -21.82 -26.97 2.49
CA PHE A 684 -21.94 -26.11 1.30
C PHE A 684 -22.90 -24.98 1.64
N GLY A 685 -22.35 -23.81 1.94
CA GLY A 685 -23.17 -22.70 2.41
C GLY A 685 -24.03 -22.14 1.30
N SER A 686 -25.33 -21.97 1.60
CA SER A 686 -26.30 -21.30 0.74
C SER A 686 -26.56 -22.03 -0.57
N VAL A 687 -26.33 -23.34 -0.63
CA VAL A 687 -26.57 -24.13 -1.83
C VAL A 687 -27.59 -25.22 -1.52
N ALA A 688 -28.60 -25.34 -2.37
CA ALA A 688 -29.55 -26.44 -2.25
C ALA A 688 -28.86 -27.77 -2.52
N CYS A 689 -29.26 -28.80 -1.78
CA CYS A 689 -28.63 -30.10 -1.90
C CYS A 689 -28.76 -30.64 -3.33
N SER A 690 -29.90 -30.40 -3.96
CA SER A 690 -30.16 -30.93 -5.29
C SER A 690 -29.17 -30.38 -6.33
N HIS A 691 -28.83 -29.09 -6.22
CA HIS A 691 -27.87 -28.50 -7.17
C HIS A 691 -26.46 -29.06 -6.95
N VAL A 692 -26.08 -29.31 -5.70
CA VAL A 692 -24.75 -29.86 -5.40
C VAL A 692 -24.51 -31.17 -6.14
N THR A 693 -25.55 -31.99 -6.28
CA THR A 693 -25.39 -33.25 -7.01
C THR A 693 -24.98 -33.02 -8.46
N THR A 694 -25.59 -32.01 -9.11
CA THR A 694 -25.26 -31.75 -10.51
C THR A 694 -23.87 -31.14 -10.65
N MET A 695 -23.53 -30.17 -9.82
CA MET A 695 -22.24 -29.48 -9.91
C MET A 695 -21.25 -30.20 -9.01
N MET A 696 -20.43 -31.06 -9.60
CA MET A 696 -19.40 -31.80 -8.87
C MET A 696 -17.99 -31.50 -9.34
N SER A 697 -17.80 -30.88 -10.51
CA SER A 697 -16.47 -30.71 -11.06
C SER A 697 -15.59 -29.81 -10.19
N GLN A 698 -16.21 -28.90 -9.42
CA GLN A 698 -15.44 -28.03 -8.55
C GLN A 698 -14.88 -28.77 -7.35
N PHE A 699 -15.58 -29.80 -6.88
CA PHE A 699 -15.24 -30.43 -5.61
C PHE A 699 -14.04 -31.37 -5.79
N SER A 700 -13.55 -31.87 -4.65
CA SER A 700 -12.41 -32.77 -4.63
C SER A 700 -12.81 -34.16 -5.10
N ARG A 701 -11.82 -35.05 -5.21
CA ARG A 701 -12.07 -36.40 -5.72
C ARG A 701 -12.97 -37.18 -4.77
N MET A 702 -12.65 -37.18 -3.48
CA MET A 702 -13.46 -37.93 -2.53
C MET A 702 -14.87 -37.38 -2.41
N THR A 703 -15.03 -36.06 -2.49
CA THR A 703 -16.36 -35.48 -2.50
C THR A 703 -17.15 -35.92 -3.73
N LYS A 704 -16.48 -35.96 -4.89
CA LYS A 704 -17.13 -36.46 -6.11
C LYS A 704 -17.56 -37.90 -5.95
N THR A 705 -16.68 -38.74 -5.40
CA THR A 705 -17.00 -40.15 -5.23
C THR A 705 -18.16 -40.34 -4.27
N ASN A 706 -18.17 -39.60 -3.15
CA ASN A 706 -19.25 -39.73 -2.19
C ASN A 706 -20.57 -39.24 -2.76
N LEU A 707 -20.54 -38.15 -3.52
CA LEU A 707 -21.77 -37.66 -4.15
C LEU A 707 -22.31 -38.66 -5.17
N LEU A 708 -21.42 -39.30 -5.94
CA LEU A 708 -21.86 -40.28 -6.92
C LEU A 708 -22.31 -41.58 -6.27
N ALA A 709 -21.77 -41.92 -5.10
CA ALA A 709 -22.05 -43.21 -4.48
C ALA A 709 -23.43 -43.28 -3.85
N ARG A 710 -24.10 -42.15 -3.65
CA ARG A 710 -25.43 -42.08 -3.03
C ARG A 710 -25.44 -42.82 -1.70
N THR A 711 -24.55 -42.39 -0.80
CA THR A 711 -24.38 -43.04 0.48
C THR A 711 -25.52 -42.68 1.44
N THR A 712 -25.69 -43.53 2.45
CA THR A 712 -26.67 -43.27 3.49
C THR A 712 -26.44 -41.97 4.25
N PRO A 713 -25.20 -41.57 4.62
CA PRO A 713 -25.03 -40.30 5.36
C PRO A 713 -25.05 -39.09 4.44
N GLY A 714 -25.59 -39.26 3.24
CA GLY A 714 -25.55 -38.26 2.19
C GLY A 714 -26.17 -36.92 2.54
N PRO A 715 -26.27 -36.04 1.55
CA PRO A 715 -26.51 -34.62 1.82
C PRO A 715 -27.78 -34.36 2.62
N LEU A 716 -27.69 -33.40 3.53
CA LEU A 716 -28.81 -33.00 4.38
C LEU A 716 -28.99 -31.49 4.29
N GLN A 717 -30.21 -31.05 3.98
CA GLN A 717 -30.49 -29.62 3.84
C GLN A 717 -30.72 -28.99 5.20
N THR A 718 -29.93 -27.96 5.51
CA THR A 718 -30.07 -27.18 6.73
C THR A 718 -30.44 -25.74 6.38
N VAL A 719 -30.57 -24.90 7.42
CA VAL A 719 -30.90 -23.49 7.20
C VAL A 719 -29.69 -22.66 6.81
N VAL A 720 -28.48 -23.25 6.85
CA VAL A 720 -27.27 -22.55 6.45
C VAL A 720 -26.64 -23.15 5.20
N GLY A 721 -27.35 -24.05 4.52
CA GLY A 721 -26.90 -24.67 3.29
C GLY A 721 -26.94 -26.17 3.39
N CYS A 722 -26.45 -26.83 2.36
CA CYS A 722 -26.41 -28.29 2.32
C CYS A 722 -25.15 -28.80 3.00
N ALA A 723 -25.30 -29.84 3.81
CA ALA A 723 -24.23 -30.39 4.61
C ALA A 723 -24.05 -31.87 4.31
N MET A 724 -22.80 -32.32 4.35
CA MET A 724 -22.44 -33.73 4.16
C MET A 724 -21.70 -34.22 5.40
N GLY A 725 -21.99 -35.47 5.79
CA GLY A 725 -21.37 -36.05 6.96
C GLY A 725 -22.09 -35.76 8.26
N PHE A 726 -23.35 -35.34 8.21
CA PHE A 726 -24.12 -35.02 9.40
C PHE A 726 -25.37 -35.89 9.47
N ILE A 727 -25.85 -36.09 10.70
CA ILE A 727 -27.11 -36.76 10.95
C ILE A 727 -27.99 -35.81 11.77
N ASN A 728 -29.25 -35.71 11.38
CA ASN A 728 -30.17 -34.79 12.03
C ASN A 728 -30.61 -35.37 13.38
N THR A 729 -30.37 -34.62 14.45
CA THR A 729 -30.75 -35.02 15.80
C THR A 729 -31.54 -33.89 16.44
N SER A 730 -32.34 -34.26 17.44
CA SER A 730 -33.15 -33.30 18.19
C SER A 730 -32.46 -32.85 19.48
N MET A 731 -31.14 -33.01 19.56
CA MET A 731 -30.42 -32.66 20.77
C MET A 731 -30.39 -31.15 20.97
N VAL A 732 -30.37 -30.75 22.25
CA VAL A 732 -30.30 -29.34 22.63
C VAL A 732 -29.11 -29.17 23.58
N VAL A 733 -28.24 -28.21 23.28
CA VAL A 733 -27.06 -27.94 24.07
C VAL A 733 -27.03 -26.45 24.43
N ASP A 734 -26.28 -26.14 25.49
CA ASP A 734 -26.11 -24.76 25.93
C ASP A 734 -24.70 -24.22 25.66
N GLU A 735 -23.76 -25.08 25.28
CA GLU A 735 -22.41 -24.65 24.95
C GLU A 735 -21.98 -25.37 23.69
N CYS A 736 -21.33 -24.65 22.78
CA CYS A 736 -20.92 -25.18 21.49
C CYS A 736 -19.45 -24.85 21.23
N GLN A 737 -18.74 -25.79 20.63
CA GLN A 737 -17.37 -25.57 20.20
C GLN A 737 -17.20 -25.53 18.69
N LEU A 738 -18.20 -25.98 17.93
CA LEU A 738 -18.17 -25.93 16.46
C LEU A 738 -19.46 -25.29 15.97
N PRO A 739 -19.61 -23.98 16.13
CA PRO A 739 -20.84 -23.32 15.68
C PRO A 739 -20.93 -23.27 14.17
N LEU A 740 -22.16 -23.32 13.67
CA LEU A 740 -22.44 -23.27 12.25
C LEU A 740 -23.27 -22.06 11.85
N GLY A 741 -23.66 -21.21 12.80
CA GLY A 741 -24.51 -20.08 12.51
C GLY A 741 -25.99 -20.41 12.65
N GLN A 742 -26.79 -19.36 12.87
CA GLN A 742 -28.23 -19.48 13.06
C GLN A 742 -28.56 -20.45 14.19
N SER A 743 -27.82 -20.34 15.29
CA SER A 743 -28.03 -21.17 16.48
C SER A 743 -27.94 -22.66 16.17
N LEU A 744 -27.00 -23.02 15.31
CA LEU A 744 -26.71 -24.40 14.99
C LEU A 744 -25.35 -24.80 15.54
N CYS A 745 -25.23 -26.06 15.96
CA CYS A 745 -24.00 -26.58 16.52
C CYS A 745 -23.71 -27.96 15.95
N ALA A 746 -22.42 -28.30 15.93
CA ALA A 746 -21.96 -29.60 15.44
C ALA A 746 -21.32 -30.36 16.59
N ILE A 747 -21.77 -31.60 16.79
CA ILE A 747 -21.27 -32.45 17.86
C ILE A 747 -20.26 -33.43 17.25
N PRO A 748 -18.98 -33.38 17.62
CA PRO A 748 -18.01 -34.31 17.05
C PRO A 748 -18.29 -35.73 17.53
N PRO A 749 -17.98 -36.73 16.72
CA PRO A 749 -18.15 -38.11 17.16
C PRO A 749 -17.18 -38.48 18.26
N ASN A 750 -17.56 -39.45 19.07
CA ASN A 750 -16.68 -39.91 20.14
C ASN A 750 -15.50 -40.66 19.55
N PRO A 751 -14.26 -40.35 19.97
CA PRO A 751 -13.03 -40.99 19.51
C PRO A 751 -13.00 -42.48 19.82
N VAL A 765 -19.52 -39.99 12.38
CA VAL A 765 -20.22 -38.87 11.76
C VAL A 765 -20.49 -37.79 12.80
N PHE A 766 -20.87 -36.60 12.32
CA PHE A 766 -21.18 -35.48 13.18
C PHE A 766 -22.68 -35.36 13.40
N GLN A 767 -23.06 -34.77 14.53
CA GLN A 767 -24.46 -34.58 14.89
C GLN A 767 -24.78 -33.09 14.94
N ILE A 768 -25.94 -32.73 14.36
CA ILE A 768 -26.38 -31.34 14.32
C ILE A 768 -27.23 -31.08 15.57
N ALA A 769 -26.74 -30.20 16.43
CA ALA A 769 -27.43 -29.81 17.65
C ALA A 769 -27.89 -28.37 17.54
N THR A 770 -28.59 -27.91 18.58
CA THR A 770 -29.16 -26.56 18.60
C THR A 770 -28.85 -25.90 19.94
N LEU A 771 -28.58 -24.60 19.90
CA LEU A 771 -28.26 -23.83 21.10
C LEU A 771 -29.53 -23.20 21.64
N ASN A 772 -29.96 -23.64 22.81
CA ASN A 772 -31.11 -23.07 23.50
C ASN A 772 -30.75 -22.82 24.96
N PHE A 773 -31.00 -21.60 25.42
CA PHE A 773 -30.66 -21.20 26.78
C PHE A 773 -31.89 -21.21 27.67
N THR A 774 -31.67 -21.49 28.95
CA THR A 774 -32.73 -21.58 29.95
C THR A 774 -32.43 -20.63 31.09
N SER A 775 -33.45 -19.88 31.50
CA SER A 775 -33.31 -19.00 32.65
C SER A 775 -33.15 -19.83 33.93
N PRO A 776 -32.45 -19.31 34.93
CA PRO A 776 -32.26 -20.09 36.17
C PRO A 776 -33.56 -20.43 36.88
N LEU A 777 -34.39 -19.42 37.17
CA LEU A 777 -35.67 -19.66 37.82
C LEU A 777 -36.57 -18.46 37.56
N THR A 778 -37.88 -18.69 37.71
CA THR A 778 -38.89 -17.66 37.57
C THR A 778 -39.67 -17.55 38.88
N LEU A 779 -39.73 -16.35 39.43
CA LEU A 779 -40.40 -16.08 40.69
C LEU A 779 -41.61 -15.19 40.43
N ALA A 780 -42.78 -15.67 40.83
CA ALA A 780 -43.99 -14.89 40.56
C ALA A 780 -44.41 -14.10 41.80
N PRO A 781 -44.91 -12.88 41.62
CA PRO A 781 -45.39 -12.10 42.76
C PRO A 781 -46.56 -12.79 43.46
N ILE A 782 -46.61 -12.63 44.78
CA ILE A 782 -47.66 -13.25 45.58
C ILE A 782 -48.89 -12.37 45.58
N ASN A 783 -50.03 -12.96 45.93
CA ASN A 783 -51.30 -12.24 45.94
C ASN A 783 -51.61 -11.60 47.28
N SER A 784 -50.87 -11.93 48.34
CA SER A 784 -51.07 -11.31 49.65
C SER A 784 -50.36 -9.97 49.73
N THR A 785 -50.31 -9.40 50.92
CA THR A 785 -49.61 -8.14 51.17
C THR A 785 -48.13 -8.41 51.41
N GLY A 786 -47.32 -7.44 51.05
CA GLY A 786 -45.90 -7.66 51.03
C GLY A 786 -45.46 -8.29 49.71
N PHE A 787 -44.28 -8.90 49.75
CA PHE A 787 -43.68 -9.45 48.54
C PHE A 787 -42.85 -10.67 48.92
N VAL A 788 -42.59 -11.52 47.93
CA VAL A 788 -41.76 -12.69 48.11
C VAL A 788 -40.35 -12.37 47.63
N VAL A 789 -39.35 -12.79 48.40
CA VAL A 789 -37.95 -12.53 48.08
C VAL A 789 -37.15 -13.82 48.32
N ALA A 790 -36.26 -14.12 47.38
CA ALA A 790 -35.38 -15.29 47.49
C ALA A 790 -34.10 -14.89 48.20
N VAL A 791 -33.89 -15.44 49.39
CA VAL A 791 -32.73 -15.14 50.22
C VAL A 791 -31.84 -16.37 50.26
N PRO A 792 -30.54 -16.26 49.95
CA PRO A 792 -29.69 -17.46 49.94
C PRO A 792 -29.53 -18.07 51.32
N THR A 793 -29.39 -19.40 51.35
CA THR A 793 -29.12 -20.14 52.57
C THR A 793 -27.76 -20.81 52.59
N ASN A 794 -27.14 -20.99 51.43
CA ASN A 794 -25.81 -21.57 51.31
C ASN A 794 -25.03 -20.78 50.27
N PHE A 795 -23.71 -20.79 50.38
CA PHE A 795 -22.89 -19.96 49.51
C PHE A 795 -21.53 -20.60 49.30
N THR A 796 -20.83 -20.10 48.29
CA THR A 796 -19.46 -20.50 48.00
C THR A 796 -18.75 -19.31 47.37
N PHE A 797 -17.42 -19.38 47.34
CA PHE A 797 -16.60 -18.32 46.78
C PHE A 797 -16.20 -18.70 45.35
N GLY A 798 -16.60 -17.87 44.39
CA GLY A 798 -16.24 -18.06 43.00
C GLY A 798 -15.10 -17.15 42.60
N VAL A 799 -14.26 -17.63 41.68
CA VAL A 799 -13.08 -16.91 41.22
C VAL A 799 -13.22 -16.66 39.72
N THR A 800 -13.07 -15.39 39.33
CA THR A 800 -13.10 -14.98 37.94
C THR A 800 -11.72 -14.49 37.52
N GLN A 801 -11.17 -15.07 36.46
CA GLN A 801 -9.83 -14.74 35.99
C GLN A 801 -9.91 -13.82 34.78
N GLU A 802 -9.05 -12.80 34.77
CA GLU A 802 -9.01 -11.84 33.69
C GLU A 802 -7.57 -11.43 33.43
N TYR A 803 -7.20 -11.34 32.16
CA TYR A 803 -5.87 -10.91 31.75
C TYR A 803 -5.97 -9.58 31.02
N ILE A 804 -5.13 -8.62 31.43
CA ILE A 804 -5.08 -7.30 30.84
C ILE A 804 -3.65 -7.03 30.37
N GLU A 805 -3.49 -6.76 29.08
CA GLU A 805 -2.18 -6.45 28.53
C GLU A 805 -1.77 -5.03 28.90
N THR A 806 -0.47 -4.81 29.07
CA THR A 806 0.04 -3.49 29.40
C THR A 806 1.09 -2.97 28.43
N THR A 807 1.94 -3.83 27.88
CA THR A 807 3.00 -3.41 26.98
C THR A 807 3.15 -4.40 25.84
N ILE A 808 3.75 -3.94 24.74
CA ILE A 808 4.10 -4.78 23.62
C ILE A 808 5.61 -4.78 23.47
N GLN A 809 6.10 -5.62 22.56
CA GLN A 809 7.53 -5.73 22.33
C GLN A 809 8.01 -4.58 21.48
N LYS A 810 9.03 -3.87 21.97
CA LYS A 810 9.54 -2.69 21.27
C LYS A 810 10.55 -3.12 20.20
N ILE A 811 10.35 -2.63 18.98
CA ILE A 811 11.15 -3.02 17.83
C ILE A 811 11.70 -1.78 17.15
N THR A 812 12.98 -1.81 16.81
CA THR A 812 13.62 -0.77 16.01
C THR A 812 14.18 -1.41 14.74
N VAL A 813 14.06 -0.71 13.62
CA VAL A 813 14.43 -1.25 12.31
C VAL A 813 15.47 -0.34 11.69
N ASP A 814 16.57 -0.94 11.21
CA ASP A 814 17.58 -0.23 10.44
C ASP A 814 17.10 -0.19 9.00
N CYS A 815 16.45 0.92 8.63
CA CYS A 815 15.78 1.01 7.34
C CYS A 815 16.76 0.92 6.18
N LYS A 816 17.91 1.60 6.29
CA LYS A 816 18.89 1.58 5.20
C LYS A 816 19.41 0.18 4.94
N GLN A 817 19.82 -0.52 5.99
CA GLN A 817 20.30 -1.89 5.84
C GLN A 817 19.20 -2.83 5.37
N TYR A 818 17.98 -2.64 5.90
CA TYR A 818 16.87 -3.53 5.54
C TYR A 818 16.52 -3.39 4.06
N VAL A 819 16.59 -2.17 3.52
CA VAL A 819 16.15 -1.95 2.14
C VAL A 819 17.26 -2.25 1.15
N CYS A 820 18.46 -1.70 1.37
CA CYS A 820 19.51 -1.75 0.36
C CYS A 820 20.64 -2.71 0.66
N ASN A 821 20.81 -3.14 1.92
CA ASN A 821 21.82 -4.12 2.30
C ASN A 821 23.24 -3.66 1.96
N GLY A 822 23.47 -2.35 2.03
CA GLY A 822 24.82 -1.81 1.86
C GLY A 822 25.26 -1.56 0.44
N PHE A 823 24.43 -1.82 -0.56
CA PHE A 823 24.80 -1.59 -1.95
C PHE A 823 24.53 -0.13 -2.32
N LYS A 824 25.55 0.55 -2.84
CA LYS A 824 25.44 1.97 -3.14
C LYS A 824 24.46 2.25 -4.27
N LYS A 825 24.36 1.34 -5.23
CA LYS A 825 23.44 1.53 -6.36
C LYS A 825 22.00 1.60 -5.87
N CYS A 826 21.62 0.71 -4.96
CA CYS A 826 20.28 0.74 -4.39
C CYS A 826 20.04 2.06 -3.63
N GLU A 827 21.02 2.47 -2.83
CA GLU A 827 20.88 3.68 -2.04
C GLU A 827 20.70 4.91 -2.93
N GLU A 828 21.40 4.94 -4.07
CA GLU A 828 21.20 6.03 -5.01
C GLU A 828 19.77 6.05 -5.55
N LEU A 829 19.21 4.87 -5.84
CA LEU A 829 17.85 4.80 -6.34
C LEU A 829 16.81 5.06 -5.26
N LEU A 830 17.14 4.84 -3.99
CA LEU A 830 16.19 5.03 -2.91
C LEU A 830 15.86 6.51 -2.68
N THR A 831 16.75 7.41 -3.08
CA THR A 831 16.55 8.84 -2.83
C THR A 831 15.32 9.37 -3.57
N GLU A 832 14.90 8.70 -4.65
CA GLU A 832 13.77 9.16 -5.44
C GLU A 832 12.43 8.95 -4.74
N TYR A 833 12.41 8.23 -3.62
CA TYR A 833 11.19 8.03 -2.83
C TYR A 833 11.15 8.93 -1.60
N GLY A 834 12.02 9.92 -1.53
CA GLY A 834 12.02 10.84 -0.41
C GLY A 834 12.84 10.34 0.77
N GLN A 835 12.66 11.03 1.89
CA GLN A 835 13.35 10.70 3.14
C GLN A 835 12.56 9.62 3.88
N PHE A 836 12.56 8.43 3.29
CA PHE A 836 11.77 7.32 3.83
C PHE A 836 12.33 6.81 5.14
N CYS A 837 13.65 6.57 5.19
CA CYS A 837 14.25 5.92 6.36
C CYS A 837 14.18 6.82 7.59
N SER A 838 14.40 8.12 7.42
CA SER A 838 14.33 9.03 8.56
C SER A 838 12.92 9.06 9.17
N LYS A 839 11.90 9.08 8.32
CA LYS A 839 10.52 9.06 8.82
C LYS A 839 10.22 7.75 9.53
N ILE A 840 10.69 6.63 9.00
CA ILE A 840 10.47 5.34 9.66
C ILE A 840 11.11 5.33 11.04
N ASN A 841 12.35 5.80 11.13
CA ASN A 841 13.05 5.81 12.42
C ASN A 841 12.36 6.72 13.42
N GLN A 842 11.93 7.91 13.00
CA GLN A 842 11.25 8.83 13.90
C GLN A 842 9.93 8.25 14.40
N ALA A 843 9.17 7.60 13.51
CA ALA A 843 7.89 7.03 13.93
C ALA A 843 8.10 5.92 14.96
N LEU A 844 9.06 5.02 14.70
CA LEU A 844 9.31 3.94 15.65
C LEU A 844 9.83 4.47 16.98
N HIS A 845 10.70 5.49 16.94
CA HIS A 845 11.23 6.06 18.17
C HIS A 845 10.12 6.71 18.99
N GLY A 846 9.20 7.42 18.33
CA GLY A 846 8.10 8.04 19.04
C GLY A 846 7.19 7.00 19.69
N ALA A 847 6.92 5.92 18.97
CA ALA A 847 6.08 4.85 19.52
C ALA A 847 6.73 4.23 20.76
N ASN A 848 8.03 3.95 20.69
CA ASN A 848 8.72 3.37 21.85
C ASN A 848 8.73 4.34 23.02
N LEU A 849 8.91 5.64 22.75
CA LEU A 849 8.91 6.63 23.82
C LEU A 849 7.54 6.70 24.49
N ARG A 850 6.47 6.66 23.70
CA ARG A 850 5.13 6.67 24.29
C ARG A 850 4.89 5.45 25.16
N GLN A 851 5.33 4.27 24.70
CA GLN A 851 5.15 3.07 25.51
C GLN A 851 5.94 3.16 26.81
N ASP A 852 7.16 3.71 26.76
CA ASP A 852 7.94 3.87 27.98
C ASP A 852 7.24 4.81 28.95
N GLU A 853 6.68 5.91 28.46
CA GLU A 853 5.94 6.81 29.33
C GLU A 853 4.72 6.12 29.94
N SER A 854 3.99 5.33 29.13
CA SER A 854 2.80 4.66 29.63
C SER A 854 3.14 3.66 30.72
N ILE A 855 4.19 2.86 30.53
CA ILE A 855 4.54 1.88 31.54
C ILE A 855 5.13 2.56 32.78
N ALA A 856 5.81 3.69 32.61
CA ALA A 856 6.33 4.42 33.75
C ALA A 856 5.21 4.98 34.62
N ASN A 857 4.12 5.44 33.99
CA ASN A 857 3.01 6.01 34.74
C ASN A 857 2.34 4.95 35.62
N LEU A 858 2.18 3.73 35.11
CA LEU A 858 1.49 2.68 35.85
C LEU A 858 2.26 2.30 37.13
N PHE A 859 3.59 2.22 37.04
CA PHE A 859 4.41 1.77 38.16
C PHE A 859 4.72 2.87 39.16
N SER A 860 4.30 4.11 38.91
CA SER A 860 4.60 5.20 39.84
C SER A 860 3.85 5.09 41.16
N SER A 861 2.83 4.23 41.25
CA SER A 861 2.05 4.14 42.47
C SER A 861 2.86 3.58 43.63
N ILE A 862 3.96 2.87 43.34
CA ILE A 862 4.78 2.29 44.40
C ILE A 862 5.30 3.36 45.34
N LYS A 863 5.64 4.53 44.79
CA LYS A 863 6.27 5.58 45.59
C LYS A 863 5.34 6.12 46.68
N THR A 864 4.04 6.17 46.41
CA THR A 864 3.09 6.79 47.33
C THR A 864 1.93 5.85 47.66
N GLN A 865 2.23 4.58 47.91
CA GLN A 865 1.22 3.62 48.34
C GLN A 865 1.65 3.17 49.73
N ASN A 866 0.80 3.43 50.72
CA ASN A 866 1.06 2.95 52.08
C ASN A 866 0.77 1.46 52.14
N THR A 867 1.62 0.71 52.83
CA THR A 867 1.51 -0.74 52.87
C THR A 867 1.74 -1.18 54.31
N GLN A 868 1.33 -2.42 54.60
CA GLN A 868 1.59 -3.05 55.89
C GLN A 868 2.16 -4.44 55.67
N PRO A 869 3.03 -4.92 56.56
CA PRO A 869 3.60 -6.26 56.39
C PRO A 869 2.56 -7.34 56.68
N LEU A 870 2.48 -8.32 55.79
CA LEU A 870 1.61 -9.48 55.98
C LEU A 870 2.37 -10.61 56.66
N GLN A 871 1.63 -11.53 57.24
CA GLN A 871 2.24 -12.71 57.86
C GLN A 871 2.57 -13.75 56.81
N ALA A 872 3.48 -14.66 57.18
CA ALA A 872 3.96 -15.69 56.27
C ALA A 872 3.03 -16.90 56.36
N GLY A 873 2.45 -17.28 55.22
CA GLY A 873 1.60 -18.45 55.15
C GLY A 873 0.17 -18.20 55.59
N LEU A 874 -0.06 -18.11 56.89
CA LEU A 874 -1.39 -17.95 57.45
C LEU A 874 -1.53 -16.56 58.05
N ASN A 875 -2.62 -15.87 57.68
CA ASN A 875 -3.01 -14.60 58.27
C ASN A 875 -4.35 -14.84 58.95
N GLY A 876 -4.30 -15.29 60.19
CA GLY A 876 -5.50 -15.72 60.88
C GLY A 876 -5.85 -17.15 60.52
N ASP A 877 -6.82 -17.32 59.64
CA ASP A 877 -7.17 -18.63 59.10
C ASP A 877 -7.09 -18.72 57.59
N PHE A 878 -6.89 -17.60 56.90
CA PHE A 878 -6.77 -17.60 55.45
C PHE A 878 -5.34 -17.92 55.03
N ASN A 879 -5.21 -18.76 54.00
CA ASN A 879 -3.91 -19.22 53.52
C ASN A 879 -3.55 -18.43 52.27
N LEU A 880 -2.52 -17.59 52.38
CA LEU A 880 -2.03 -16.77 51.28
C LEU A 880 -0.61 -17.15 50.87
N THR A 881 -0.27 -18.42 50.99
CA THR A 881 1.11 -18.86 50.73
C THR A 881 1.49 -18.70 49.27
N MET A 882 0.61 -19.11 48.35
CA MET A 882 0.95 -19.10 46.93
C MET A 882 1.06 -17.70 46.36
N LEU A 883 0.39 -16.71 46.96
CA LEU A 883 0.44 -15.35 46.47
C LEU A 883 1.67 -14.57 46.94
N GLN A 884 2.44 -15.13 47.86
CA GLN A 884 3.62 -14.47 48.41
C GLN A 884 4.89 -15.01 47.77
N ILE A 885 5.93 -14.17 47.76
CA ILE A 885 7.23 -14.55 47.23
C ILE A 885 7.99 -15.28 48.33
N PRO A 886 8.37 -16.54 48.11
CA PRO A 886 9.09 -17.30 49.15
C PRO A 886 10.40 -16.66 49.58
N GLN A 887 10.54 -16.44 50.89
CA GLN A 887 11.78 -15.89 51.44
C GLN A 887 12.86 -16.96 51.51
N VAL A 888 14.10 -16.57 51.20
CA VAL A 888 15.24 -17.47 51.20
C VAL A 888 16.25 -16.97 52.22
N THR A 889 16.77 -17.88 53.04
CA THR A 889 17.72 -17.50 54.07
C THR A 889 19.05 -17.06 53.46
N THR A 890 19.58 -17.83 52.52
CA THR A 890 20.85 -17.51 51.88
C THR A 890 20.74 -17.72 50.38
N GLY A 891 21.39 -16.84 49.62
CA GLY A 891 21.40 -16.92 48.18
C GLY A 891 20.82 -15.66 47.54
N GLU A 892 20.22 -15.85 46.37
CA GLU A 892 19.61 -14.76 45.62
C GLU A 892 18.10 -14.74 45.87
N ARG A 893 17.58 -13.54 46.10
CA ARG A 893 16.15 -13.37 46.34
C ARG A 893 15.36 -13.74 45.10
N LYS A 894 14.20 -14.35 45.31
CA LYS A 894 13.32 -14.73 44.22
C LYS A 894 12.38 -13.58 43.86
N TYR A 895 11.96 -13.56 42.59
CA TYR A 895 11.09 -12.51 42.09
C TYR A 895 9.77 -13.04 41.55
N ARG A 896 9.45 -14.31 41.81
CA ARG A 896 8.23 -14.93 41.34
C ARG A 896 7.55 -15.69 42.47
N SER A 897 6.23 -15.56 42.55
CA SER A 897 5.46 -16.34 43.52
C SER A 897 5.18 -17.73 42.96
N ALA A 898 4.57 -18.58 43.80
CA ALA A 898 4.24 -19.93 43.37
C ALA A 898 3.25 -19.92 42.22
N ILE A 899 2.20 -19.09 42.33
CA ILE A 899 1.19 -19.03 41.28
C ILE A 899 1.77 -18.40 40.02
N GLU A 900 2.65 -17.39 40.17
CA GLU A 900 3.30 -16.81 39.01
C GLU A 900 4.23 -17.81 38.34
N ASP A 901 4.94 -18.62 39.14
CA ASP A 901 5.78 -19.66 38.56
C ASP A 901 4.95 -20.68 37.79
N LEU A 902 3.78 -21.04 38.32
CA LEU A 902 2.89 -21.95 37.59
C LEU A 902 2.41 -21.32 36.30
N LEU A 903 2.08 -20.02 36.32
CA LEU A 903 1.58 -19.36 35.13
C LEU A 903 2.66 -19.23 34.06
N PHE A 904 3.88 -18.86 34.45
CA PHE A 904 4.94 -18.62 33.47
C PHE A 904 5.43 -19.93 32.85
N ASN A 905 5.40 -21.03 33.60
CA ASN A 905 5.88 -22.29 33.06
C ASN A 905 4.95 -22.87 32.01
N LYS A 906 3.71 -22.39 31.94
CA LYS A 906 2.74 -22.88 30.95
C LYS A 906 2.80 -22.12 29.64
N VAL A 907 3.65 -21.09 29.54
CA VAL A 907 3.75 -20.25 28.34
C VAL A 907 5.16 -20.35 27.81
N THR A 908 5.29 -20.63 26.51
CA THR A 908 6.58 -20.78 25.85
C THR A 908 6.96 -19.45 25.20
N ILE A 909 8.01 -18.82 25.72
CA ILE A 909 8.52 -17.56 25.20
C ILE A 909 10.00 -17.71 24.93
N ALA A 910 10.43 -17.27 23.74
CA ALA A 910 11.84 -17.34 23.39
C ALA A 910 12.63 -16.26 24.13
N ASP A 911 13.87 -16.59 24.46
CA ASP A 911 14.75 -15.64 25.15
C ASP A 911 15.36 -14.69 24.14
N PRO A 912 15.05 -13.38 24.19
CA PRO A 912 15.53 -12.47 23.15
C PRO A 912 16.94 -11.94 23.41
N GLY A 913 17.85 -12.80 23.83
CA GLY A 913 19.28 -12.51 23.92
C GLY A 913 19.67 -11.10 24.33
N TYR A 914 19.20 -10.63 25.49
CA TYR A 914 19.42 -9.25 25.86
C TYR A 914 20.90 -8.96 26.10
N MET A 915 21.62 -9.90 26.71
CA MET A 915 23.01 -9.66 27.10
C MET A 915 24.01 -10.14 26.05
N GLN A 916 23.87 -11.39 25.60
CA GLN A 916 24.83 -12.00 24.68
C GLN A 916 24.13 -12.75 23.56
N GLY A 917 23.01 -12.22 23.06
CA GLY A 917 22.29 -12.91 21.99
C GLY A 917 23.09 -13.03 20.71
N TYR A 918 23.88 -12.00 20.39
CA TYR A 918 24.66 -12.02 19.15
C TYR A 918 25.66 -13.17 19.13
N ASP A 919 26.34 -13.40 20.25
CA ASP A 919 27.29 -14.50 20.31
C ASP A 919 26.58 -15.85 20.38
N GLU A 920 25.48 -15.92 21.14
CA GLU A 920 24.78 -17.19 21.31
C GLU A 920 24.21 -17.70 20.00
N CYS A 921 23.70 -16.80 19.15
CA CYS A 921 23.17 -17.22 17.86
C CYS A 921 24.25 -17.82 16.96
N MET A 922 25.53 -17.51 17.20
CA MET A 922 26.61 -18.14 16.46
C MET A 922 27.08 -19.43 17.10
N GLN A 923 27.15 -19.48 18.43
CA GLN A 923 27.61 -20.68 19.11
C GLN A 923 26.60 -21.81 19.04
N GLN A 924 25.30 -21.49 18.93
CA GLN A 924 24.26 -22.51 18.99
C GLN A 924 23.89 -23.08 17.62
N GLY A 925 24.05 -22.29 16.55
CA GLY A 925 23.71 -22.75 15.23
C GLY A 925 22.26 -22.49 14.88
N PRO A 926 21.86 -22.85 13.66
CA PRO A 926 20.48 -22.59 13.21
C PRO A 926 19.49 -23.50 13.94
N GLN A 927 18.51 -22.87 14.59
CA GLN A 927 17.42 -23.58 15.25
C GLN A 927 16.09 -22.97 14.85
N SER A 928 15.12 -23.82 14.56
CA SER A 928 13.82 -23.34 14.07
C SER A 928 13.12 -22.48 15.11
N ALA A 929 13.17 -22.89 16.38
CA ALA A 929 12.49 -22.13 17.43
C ALA A 929 13.22 -20.84 17.77
N ARG A 930 14.47 -20.69 17.35
CA ARG A 930 15.27 -19.52 17.68
C ARG A 930 15.63 -18.68 16.45
N ASP A 931 15.14 -19.05 15.27
CA ASP A 931 15.49 -18.30 14.06
C ASP A 931 14.90 -16.90 14.08
N LEU A 932 13.76 -16.70 14.76
CA LEU A 932 13.16 -15.38 14.83
C LEU A 932 14.06 -14.42 15.60
N ILE A 933 14.66 -14.88 16.70
CA ILE A 933 15.57 -14.03 17.47
C ILE A 933 16.86 -13.79 16.70
N CYS A 934 17.41 -14.83 16.09
CA CYS A 934 18.69 -14.70 15.38
C CYS A 934 18.53 -13.97 14.05
N ALA A 935 17.31 -13.77 13.58
CA ALA A 935 17.08 -12.97 12.38
C ALA A 935 17.32 -11.48 12.62
N GLN A 936 17.53 -11.08 13.88
CA GLN A 936 17.80 -9.67 14.18
C GLN A 936 19.09 -9.20 13.50
N TYR A 937 20.11 -10.05 13.51
CA TYR A 937 21.44 -9.68 13.03
C TYR A 937 21.63 -9.98 11.54
N VAL A 938 20.58 -10.43 10.86
CA VAL A 938 20.61 -10.67 9.42
C VAL A 938 19.64 -9.74 8.70
N ALA A 939 18.39 -9.68 9.16
CA ALA A 939 17.41 -8.81 8.53
C ALA A 939 17.66 -7.34 8.84
N GLY A 940 18.16 -7.04 10.03
CA GLY A 940 18.46 -5.67 10.40
C GLY A 940 17.41 -5.00 11.26
N TYR A 941 16.93 -5.71 12.29
CA TYR A 941 16.03 -5.13 13.28
C TYR A 941 16.49 -5.55 14.67
N LYS A 942 16.08 -4.77 15.67
CA LYS A 942 16.51 -4.98 17.04
C LYS A 942 15.31 -5.02 17.97
N VAL A 943 15.34 -5.94 18.94
CA VAL A 943 14.31 -6.06 19.96
C VAL A 943 14.84 -5.36 21.21
N LEU A 944 14.19 -4.28 21.60
CA LEU A 944 14.63 -3.52 22.75
C LEU A 944 14.22 -4.20 24.05
N PRO A 945 15.05 -4.15 25.09
CA PRO A 945 14.67 -4.71 26.38
C PRO A 945 13.59 -3.88 27.05
N PRO A 946 12.81 -4.47 27.95
CA PRO A 946 11.77 -3.69 28.64
C PRO A 946 12.38 -2.68 29.60
N LEU A 947 11.56 -1.69 29.97
CA LEU A 947 12.03 -0.60 30.82
C LEU A 947 12.47 -1.11 32.19
N TYR A 948 11.69 -2.01 32.79
CA TYR A 948 11.97 -2.49 34.13
C TYR A 948 12.28 -3.98 34.11
N ASP A 949 13.24 -4.38 34.95
CA ASP A 949 13.56 -5.79 35.13
C ASP A 949 12.46 -6.46 35.96
N PRO A 950 12.38 -7.79 35.93
CA PRO A 950 11.30 -8.48 36.66
C PRO A 950 11.29 -8.21 38.16
N TYR A 951 12.42 -7.81 38.75
CA TYR A 951 12.43 -7.49 40.18
C TYR A 951 11.54 -6.30 40.50
N MET A 952 11.53 -5.28 39.61
CA MET A 952 10.64 -4.15 39.80
C MET A 952 9.17 -4.58 39.73
N GLU A 953 8.85 -5.46 38.78
CA GLU A 953 7.48 -5.97 38.68
C GLU A 953 7.08 -6.75 39.92
N ALA A 954 8.02 -7.54 40.47
CA ALA A 954 7.75 -8.26 41.70
C ALA A 954 7.50 -7.30 42.85
N ALA A 955 8.26 -6.21 42.92
CA ALA A 955 8.02 -5.20 43.94
C ALA A 955 6.64 -4.57 43.78
N TYR A 956 6.22 -4.33 42.55
CA TYR A 956 4.90 -3.76 42.30
C TYR A 956 3.79 -4.70 42.77
N THR A 957 3.89 -5.98 42.41
CA THR A 957 2.87 -6.94 42.82
C THR A 957 2.85 -7.13 44.33
N SER A 958 4.03 -7.14 44.97
CA SER A 958 4.06 -7.21 46.43
C SER A 958 3.48 -5.96 47.05
N SER A 959 3.66 -4.80 46.42
CA SER A 959 3.05 -3.57 46.92
C SER A 959 1.53 -3.65 46.87
N LEU A 960 0.98 -4.23 45.79
CA LEU A 960 -0.47 -4.37 45.70
C LEU A 960 -1.00 -5.29 46.80
N LEU A 961 -0.30 -6.38 47.09
CA LEU A 961 -0.78 -7.34 48.07
C LEU A 961 -0.82 -6.74 49.47
N GLY A 962 0.12 -5.84 49.78
CA GLY A 962 0.20 -5.23 51.10
C GLY A 962 -0.72 -4.05 51.35
N SER A 963 -1.51 -3.65 50.36
CA SER A 963 -2.41 -2.52 50.50
C SER A 963 -3.88 -2.90 50.46
N ILE A 964 -4.20 -4.20 50.40
CA ILE A 964 -5.58 -4.64 50.32
C ILE A 964 -6.31 -4.32 51.63
N ALA A 965 -5.68 -4.63 52.76
CA ALA A 965 -6.32 -4.42 54.05
C ALA A 965 -6.40 -2.94 54.38
N GLY A 966 -7.49 -2.54 55.02
CA GLY A 966 -7.68 -1.16 55.40
C GLY A 966 -9.08 -0.93 55.94
N ALA A 967 -9.35 0.34 56.23
CA ALA A 967 -10.65 0.72 56.74
C ALA A 967 -11.70 0.68 55.64
N SER A 968 -12.97 0.64 56.05
CA SER A 968 -14.09 0.56 55.13
C SER A 968 -15.20 1.57 55.39
N TRP A 969 -15.33 2.10 56.61
CA TRP A 969 -16.40 3.03 56.94
C TRP A 969 -15.99 4.49 56.80
N THR A 970 -14.76 4.76 56.39
CA THR A 970 -14.31 6.14 56.22
C THR A 970 -14.72 6.68 54.86
N ALA A 971 -14.77 8.01 54.77
CA ALA A 971 -15.16 8.72 53.56
C ALA A 971 -14.02 9.55 52.99
N GLY A 972 -12.80 9.01 53.04
CA GLY A 972 -11.64 9.70 52.52
C GLY A 972 -10.57 8.72 52.10
N LEU A 973 -9.46 9.27 51.61
CA LEU A 973 -8.32 8.46 51.17
C LEU A 973 -7.01 8.98 51.76
N SER A 974 -7.07 9.73 52.84
CA SER A 974 -5.89 10.36 53.43
C SER A 974 -5.40 9.64 54.69
N SER A 975 -6.11 8.63 55.17
CA SER A 975 -5.73 7.90 56.37
C SER A 975 -5.51 6.43 56.03
N PHE A 976 -4.53 5.83 56.71
CA PHE A 976 -4.21 4.41 56.54
C PHE A 976 -4.29 3.71 57.88
N ALA A 977 -5.08 2.64 57.93
CA ALA A 977 -5.28 1.88 59.16
C ALA A 977 -4.68 0.49 58.99
N ALA A 978 -3.86 0.08 59.97
CA ALA A 978 -3.20 -1.22 59.93
C ALA A 978 -4.12 -2.29 60.50
N ILE A 979 -5.16 -2.62 59.73
CA ILE A 979 -6.12 -3.64 60.10
C ILE A 979 -5.67 -4.97 59.50
N PRO A 980 -5.71 -6.06 60.27
CA PRO A 980 -5.28 -7.36 59.73
C PRO A 980 -6.16 -7.81 58.57
N PHE A 981 -5.62 -8.74 57.78
CA PHE A 981 -6.30 -9.22 56.58
C PHE A 981 -7.63 -9.89 56.92
N ALA A 982 -7.65 -10.71 57.97
CA ALA A 982 -8.87 -11.42 58.33
C ALA A 982 -9.99 -10.45 58.73
N GLN A 983 -9.65 -9.44 59.53
CA GLN A 983 -10.66 -8.45 59.93
C GLN A 983 -11.17 -7.66 58.74
N SER A 984 -10.28 -7.35 57.80
CA SER A 984 -10.70 -6.63 56.58
C SER A 984 -11.66 -7.49 55.76
N ILE A 985 -11.36 -8.79 55.62
CA ILE A 985 -12.26 -9.67 54.88
C ILE A 985 -13.62 -9.75 55.56
N PHE A 986 -13.63 -9.86 56.88
CA PHE A 986 -14.89 -9.94 57.60
C PHE A 986 -15.68 -8.62 57.53
N TYR A 987 -14.99 -7.48 57.52
CA TYR A 987 -15.68 -6.21 57.31
C TYR A 987 -16.26 -6.12 55.91
N ARG A 988 -15.53 -6.61 54.91
CA ARG A 988 -16.06 -6.61 53.55
C ARG A 988 -17.30 -7.51 53.43
N LEU A 989 -17.29 -8.66 54.11
CA LEU A 989 -18.44 -9.54 54.09
C LEU A 989 -19.64 -8.93 54.82
N ASN A 990 -19.40 -8.17 55.88
CA ASN A 990 -20.51 -7.58 56.64
C ASN A 990 -21.20 -6.48 55.86
N GLY A 991 -20.49 -5.84 54.92
CA GLY A 991 -21.06 -4.75 54.16
C GLY A 991 -21.91 -5.14 52.98
N VAL A 992 -21.97 -6.43 52.64
CA VAL A 992 -22.76 -6.89 51.50
C VAL A 992 -24.07 -7.53 51.89
N GLY A 993 -24.40 -7.56 53.19
CA GLY A 993 -25.68 -8.08 53.62
C GLY A 993 -25.60 -9.31 54.50
N ILE A 994 -24.48 -9.47 55.21
CA ILE A 994 -24.27 -10.58 56.13
C ILE A 994 -24.12 -10.02 57.53
N THR A 995 -24.97 -10.46 58.46
CA THR A 995 -24.97 -9.92 59.80
C THR A 995 -23.76 -10.43 60.60
N GLN A 996 -23.49 -9.74 61.70
CA GLN A 996 -22.35 -10.11 62.55
C GLN A 996 -22.54 -11.47 63.21
N GLN A 997 -23.78 -11.81 63.57
CA GLN A 997 -24.03 -13.10 64.21
C GLN A 997 -23.71 -14.26 63.28
N VAL A 998 -24.08 -14.15 62.00
CA VAL A 998 -23.77 -15.19 61.03
C VAL A 998 -22.27 -15.32 60.85
N LEU A 999 -21.56 -14.20 60.77
CA LEU A 999 -20.11 -14.24 60.62
C LEU A 999 -19.44 -14.89 61.82
N SER A 1000 -19.93 -14.57 63.03
CA SER A 1000 -19.36 -15.18 64.23
C SER A 1000 -19.60 -16.69 64.26
N GLU A 1001 -20.78 -17.13 63.86
CA GLU A 1001 -21.09 -18.56 63.92
C GLU A 1001 -20.33 -19.34 62.85
N ASN A 1002 -20.20 -18.78 61.65
CA ASN A 1002 -19.64 -19.49 60.50
C ASN A 1002 -18.24 -19.01 60.16
N GLN A 1003 -17.43 -18.68 61.17
CA GLN A 1003 -16.10 -18.14 60.91
C GLN A 1003 -15.21 -19.19 60.25
N LYS A 1004 -15.13 -20.39 60.84
CA LYS A 1004 -14.26 -21.43 60.32
C LYS A 1004 -14.72 -21.91 58.95
N ILE A 1005 -16.03 -22.02 58.75
CA ILE A 1005 -16.56 -22.46 57.46
C ILE A 1005 -16.20 -21.46 56.37
N ILE A 1006 -16.34 -20.17 56.66
CA ILE A 1006 -15.99 -19.14 55.69
C ILE A 1006 -14.50 -19.21 55.35
N ALA A 1007 -13.66 -19.39 56.37
CA ALA A 1007 -12.22 -19.48 56.13
C ALA A 1007 -11.89 -20.69 55.25
N ASN A 1008 -12.50 -21.84 55.55
CA ASN A 1008 -12.22 -23.05 54.76
C ASN A 1008 -12.69 -22.88 53.32
N LYS A 1009 -13.86 -22.27 53.11
CA LYS A 1009 -14.34 -22.04 51.75
C LYS A 1009 -13.41 -21.11 50.99
N PHE A 1010 -12.91 -20.05 51.65
CA PHE A 1010 -11.98 -19.15 50.99
C PHE A 1010 -10.69 -19.88 50.61
N ASN A 1011 -10.18 -20.72 51.51
CA ASN A 1011 -8.96 -21.47 51.21
C ASN A 1011 -9.17 -22.45 50.06
N GLN A 1012 -10.33 -23.11 50.02
CA GLN A 1012 -10.63 -24.01 48.92
C GLN A 1012 -10.73 -23.26 47.60
N ALA A 1013 -11.34 -22.07 47.63
CA ALA A 1013 -11.46 -21.27 46.41
C ALA A 1013 -10.09 -20.82 45.91
N LEU A 1014 -9.20 -20.39 46.81
CA LEU A 1014 -7.88 -19.93 46.39
C LEU A 1014 -7.03 -21.08 45.87
N GLY A 1015 -7.12 -22.25 46.49
CA GLY A 1015 -6.31 -23.39 46.08
C GLY A 1015 -6.77 -24.04 44.80
N ALA A 1016 -8.03 -23.85 44.41
CA ALA A 1016 -8.55 -24.50 43.21
C ALA A 1016 -8.03 -23.86 41.94
N MET A 1017 -7.55 -22.62 41.99
CA MET A 1017 -7.12 -21.92 40.79
C MET A 1017 -5.65 -22.17 40.46
N GLN A 1018 -4.94 -22.98 41.25
CA GLN A 1018 -3.57 -23.34 40.90
C GLN A 1018 -3.53 -24.23 39.66
N THR A 1019 -4.54 -25.09 39.49
CA THR A 1019 -4.61 -26.00 38.34
C THR A 1019 -5.60 -25.51 37.29
N GLY A 1020 -5.91 -24.21 37.27
CA GLY A 1020 -6.80 -23.64 36.30
C GLY A 1020 -6.14 -23.07 35.07
N PHE A 1021 -4.86 -23.36 34.85
CA PHE A 1021 -4.13 -22.86 33.67
C PHE A 1021 -4.14 -23.96 32.61
N THR A 1022 -5.28 -24.09 31.94
CA THR A 1022 -5.47 -25.08 30.89
C THR A 1022 -5.91 -24.39 29.61
N THR A 1023 -5.98 -25.16 28.53
CA THR A 1023 -6.41 -24.61 27.25
C THR A 1023 -7.88 -24.22 27.25
N THR A 1024 -8.69 -24.80 28.14
CA THR A 1024 -10.10 -24.45 28.21
C THR A 1024 -10.33 -23.08 28.83
N ASN A 1025 -9.34 -22.54 29.55
CA ASN A 1025 -9.47 -21.24 30.19
C ASN A 1025 -9.24 -20.15 29.15
N LEU A 1026 -10.29 -19.37 28.86
CA LEU A 1026 -10.18 -18.33 27.84
C LEU A 1026 -9.20 -17.23 28.25
N ALA A 1027 -9.25 -16.82 29.53
CA ALA A 1027 -8.33 -15.79 30.00
C ALA A 1027 -6.88 -16.23 29.88
N PHE A 1028 -6.59 -17.49 30.19
CA PHE A 1028 -5.25 -18.02 30.00
C PHE A 1028 -4.89 -18.10 28.52
N ASN A 1029 -5.88 -18.35 27.65
CA ASN A 1029 -5.61 -18.42 26.22
C ASN A 1029 -5.22 -17.07 25.65
N LYS A 1030 -5.77 -15.97 26.18
CA LYS A 1030 -5.42 -14.65 25.66
C LYS A 1030 -3.97 -14.28 25.89
N VAL A 1031 -3.33 -14.83 26.93
CA VAL A 1031 -1.91 -14.56 27.15
C VAL A 1031 -1.08 -15.18 26.03
N GLN A 1032 -1.38 -16.43 25.67
CA GLN A 1032 -0.71 -17.07 24.54
C GLN A 1032 -1.02 -16.34 23.23
N ASP A 1033 -2.24 -15.81 23.10
CA ASP A 1033 -2.57 -15.04 21.90
C ASP A 1033 -1.70 -13.79 21.79
N ALA A 1034 -1.49 -13.09 22.91
CA ALA A 1034 -0.62 -11.92 22.90
C ALA A 1034 0.82 -12.30 22.53
N VAL A 1035 1.32 -13.40 23.10
CA VAL A 1035 2.67 -13.85 22.77
C VAL A 1035 2.76 -14.20 21.28
N ASN A 1036 1.76 -14.88 20.75
CA ASN A 1036 1.77 -15.25 19.34
C ASN A 1036 1.73 -14.04 18.43
N ALA A 1037 0.98 -13.00 18.83
CA ALA A 1037 0.96 -11.77 18.05
C ALA A 1037 2.34 -11.11 18.01
N ASN A 1038 3.01 -11.07 19.17
CA ASN A 1038 4.37 -10.51 19.20
C ASN A 1038 5.31 -11.29 18.30
N ALA A 1039 5.19 -12.62 18.29
CA ALA A 1039 6.02 -13.43 17.41
C ALA A 1039 5.66 -13.19 15.94
N MET A 1040 4.36 -13.05 15.65
CA MET A 1040 3.92 -12.93 14.26
C MET A 1040 4.43 -11.65 13.60
N ALA A 1041 4.53 -10.55 14.35
CA ALA A 1041 5.02 -9.31 13.74
C ALA A 1041 6.46 -9.47 13.24
N LEU A 1042 7.32 -10.09 14.04
CA LEU A 1042 8.70 -10.31 13.61
C LEU A 1042 8.79 -11.36 12.51
N SER A 1043 7.90 -12.35 12.54
CA SER A 1043 7.88 -13.34 11.46
C SER A 1043 7.50 -12.69 10.14
N LYS A 1044 6.52 -11.77 10.15
CA LYS A 1044 6.16 -11.06 8.94
C LYS A 1044 7.31 -10.17 8.47
N LEU A 1045 7.99 -9.49 9.39
CA LEU A 1045 9.07 -8.60 9.01
C LEU A 1045 10.24 -9.38 8.41
N ALA A 1046 10.56 -10.55 8.98
CA ALA A 1046 11.72 -11.30 8.51
C ALA A 1046 11.47 -11.99 7.18
N ALA A 1047 10.24 -12.47 6.95
CA ALA A 1047 9.96 -13.28 5.76
C ALA A 1047 9.89 -12.46 4.48
N GLU A 1048 9.68 -11.15 4.58
CA GLU A 1048 9.50 -10.34 3.38
C GLU A 1048 10.80 -10.14 2.60
N LEU A 1049 11.96 -10.37 3.22
CA LEU A 1049 13.22 -10.17 2.53
C LEU A 1049 13.56 -11.28 1.55
N SER A 1050 12.85 -12.41 1.60
CA SER A 1050 13.13 -13.54 0.71
C SER A 1050 12.25 -13.52 -0.54
N ASN A 1051 11.40 -12.51 -0.70
CA ASN A 1051 10.51 -12.43 -1.86
C ASN A 1051 11.20 -11.68 -2.99
N THR A 1052 10.98 -12.14 -4.22
CA THR A 1052 11.52 -11.48 -5.40
C THR A 1052 10.65 -10.35 -5.90
N PHE A 1053 9.36 -10.36 -5.58
CA PHE A 1053 8.41 -9.34 -6.02
C PHE A 1053 8.40 -9.18 -7.54
N GLY A 1054 8.52 -10.31 -8.24
CA GLY A 1054 8.52 -10.31 -9.69
C GLY A 1054 9.88 -10.13 -10.34
N ALA A 1055 10.92 -9.83 -9.56
CA ALA A 1055 12.25 -9.67 -10.11
C ALA A 1055 12.88 -11.03 -10.39
N ILE A 1056 14.01 -11.00 -11.11
CA ILE A 1056 14.71 -12.24 -11.44
C ILE A 1056 15.29 -12.90 -10.20
N SER A 1057 15.53 -12.15 -9.14
CA SER A 1057 16.10 -12.70 -7.93
C SER A 1057 15.75 -11.80 -6.76
N SER A 1058 15.84 -12.37 -5.55
CA SER A 1058 15.64 -11.62 -4.32
C SER A 1058 16.92 -11.04 -3.76
N SER A 1059 18.04 -11.22 -4.44
CA SER A 1059 19.34 -10.73 -4.00
C SER A 1059 19.82 -9.65 -4.96
N ILE A 1060 20.28 -8.53 -4.39
CA ILE A 1060 20.82 -7.45 -5.21
C ILE A 1060 22.10 -7.90 -5.90
N SER A 1061 22.92 -8.70 -5.21
CA SER A 1061 24.17 -9.18 -5.79
C SER A 1061 23.92 -10.03 -7.03
N ASP A 1062 22.90 -10.89 -6.99
CA ASP A 1062 22.58 -11.69 -8.17
C ASP A 1062 22.13 -10.81 -9.33
N ILE A 1063 21.34 -9.78 -9.04
CA ILE A 1063 20.90 -8.87 -10.10
C ILE A 1063 22.09 -8.17 -10.73
N LEU A 1064 23.03 -7.70 -9.90
CA LEU A 1064 24.21 -7.03 -10.43
C LEU A 1064 25.10 -7.98 -11.22
N ALA A 1065 25.16 -9.24 -10.81
CA ALA A 1065 26.02 -10.20 -11.49
C ALA A 1065 25.43 -10.69 -12.81
N ARG A 1066 24.10 -10.78 -12.91
CA ARG A 1066 23.46 -11.36 -14.08
C ARG A 1066 23.03 -10.32 -15.11
N LEU A 1067 22.95 -9.05 -14.74
CA LEU A 1067 22.43 -8.02 -15.63
C LEU A 1067 23.41 -6.85 -15.71
N ASP A 1068 23.20 -6.02 -16.72
CA ASP A 1068 24.00 -4.86 -17.04
C ASP A 1068 23.27 -3.58 -16.60
N PRO A 1069 24.01 -2.48 -16.42
CA PRO A 1069 23.44 -1.28 -15.78
C PRO A 1069 22.16 -0.78 -16.44
N PRO A 1070 22.03 -0.82 -17.78
CA PRO A 1070 20.76 -0.37 -18.37
C PRO A 1070 19.54 -1.15 -17.90
N GLU A 1071 19.70 -2.44 -17.56
CA GLU A 1071 18.58 -3.26 -17.13
C GLU A 1071 18.57 -3.56 -15.64
N GLN A 1072 19.63 -3.20 -14.91
CA GLN A 1072 19.66 -3.48 -13.46
C GLN A 1072 18.69 -2.60 -12.70
N GLU A 1073 18.48 -1.36 -13.16
CA GLU A 1073 17.70 -0.39 -12.39
C GLU A 1073 16.27 -0.85 -12.17
N ALA A 1074 15.65 -1.44 -13.19
CA ALA A 1074 14.26 -1.86 -13.08
C ALA A 1074 14.09 -2.94 -12.02
N GLN A 1075 14.97 -3.95 -12.04
CA GLN A 1075 14.88 -5.04 -11.07
C GLN A 1075 15.15 -4.53 -9.65
N ILE A 1076 16.17 -3.68 -9.49
CA ILE A 1076 16.46 -3.12 -8.18
C ILE A 1076 15.27 -2.29 -7.69
N ASP A 1077 14.62 -1.57 -8.60
CA ASP A 1077 13.46 -0.77 -8.22
C ASP A 1077 12.31 -1.64 -7.75
N ARG A 1078 12.09 -2.78 -8.41
CA ARG A 1078 11.03 -3.69 -7.98
C ARG A 1078 11.28 -4.19 -6.56
N LEU A 1079 12.52 -4.58 -6.26
CA LEU A 1079 12.86 -4.99 -4.90
C LEU A 1079 12.67 -3.86 -3.91
N ILE A 1080 13.06 -2.63 -4.29
CA ILE A 1080 12.92 -1.48 -3.40
C ILE A 1080 11.45 -1.25 -3.08
N ASN A 1081 10.59 -1.28 -4.10
CA ASN A 1081 9.17 -1.05 -3.87
C ASN A 1081 8.56 -2.09 -2.94
N GLY A 1082 8.90 -3.36 -3.15
CA GLY A 1082 8.37 -4.40 -2.28
C GLY A 1082 8.78 -4.21 -0.84
N ARG A 1083 10.05 -3.91 -0.60
CA ARG A 1083 10.53 -3.75 0.77
C ARG A 1083 9.97 -2.49 1.42
N LEU A 1084 9.78 -1.42 0.66
CA LEU A 1084 9.15 -0.22 1.22
C LEU A 1084 7.71 -0.51 1.64
N THR A 1085 6.97 -1.26 0.83
CA THR A 1085 5.61 -1.64 1.22
C THR A 1085 5.61 -2.45 2.50
N SER A 1086 6.55 -3.40 2.63
CA SER A 1086 6.63 -4.20 3.84
C SER A 1086 6.90 -3.34 5.07
N LEU A 1087 7.85 -2.39 4.95
CA LEU A 1087 8.17 -1.55 6.10
C LEU A 1087 7.00 -0.66 6.50
N ASN A 1088 6.28 -0.10 5.53
CA ASN A 1088 5.13 0.73 5.84
C ASN A 1088 4.05 -0.06 6.58
N ALA A 1089 3.78 -1.28 6.13
CA ALA A 1089 2.77 -2.11 6.81
C ALA A 1089 3.20 -2.41 8.25
N PHE A 1090 4.48 -2.74 8.44
CA PHE A 1090 4.97 -3.05 9.79
C PHE A 1090 4.84 -1.84 10.71
N VAL A 1091 5.19 -0.65 10.21
CA VAL A 1091 5.11 0.55 11.04
C VAL A 1091 3.67 0.84 11.43
N ALA A 1092 2.74 0.72 10.49
CA ALA A 1092 1.34 1.02 10.78
C ALA A 1092 0.78 0.09 11.86
N GLN A 1093 1.02 -1.22 11.72
CA GLN A 1093 0.50 -2.16 12.71
C GLN A 1093 1.19 -1.98 14.06
N GLN A 1094 2.48 -1.63 14.06
CA GLN A 1094 3.18 -1.39 15.32
C GLN A 1094 2.56 -0.21 16.08
N LEU A 1095 2.22 0.86 15.36
CA LEU A 1095 1.55 2.00 16.02
C LEU A 1095 0.18 1.61 16.55
N VAL A 1096 -0.57 0.81 15.80
CA VAL A 1096 -1.89 0.36 16.25
C VAL A 1096 -1.77 -0.39 17.58
N ARG A 1097 -0.84 -1.35 17.65
CA ARG A 1097 -0.69 -2.14 18.87
C ARG A 1097 -0.17 -1.29 20.03
N THR A 1098 0.64 -0.27 19.75
CA THR A 1098 1.09 0.61 20.82
C THR A 1098 -0.09 1.36 21.44
N GLU A 1099 -0.99 1.90 20.60
CA GLU A 1099 -2.13 2.63 21.12
C GLU A 1099 -3.07 1.73 21.91
N ALA A 1100 -3.31 0.53 21.40
CA ALA A 1100 -4.15 -0.42 22.12
C ALA A 1100 -3.54 -0.79 23.46
N ALA A 1101 -2.22 -0.98 23.49
CA ALA A 1101 -1.55 -1.29 24.76
C ALA A 1101 -1.66 -0.14 25.75
N ALA A 1102 -1.58 1.11 25.27
CA ALA A 1102 -1.72 2.25 26.18
C ALA A 1102 -3.11 2.30 26.79
N ARG A 1103 -4.15 2.12 25.98
CA ARG A 1103 -5.52 2.12 26.52
C ARG A 1103 -5.73 0.97 27.49
N SER A 1104 -5.22 -0.22 27.16
CA SER A 1104 -5.35 -1.36 28.06
C SER A 1104 -4.61 -1.11 29.37
N ALA A 1105 -3.48 -0.42 29.31
CA ALA A 1105 -2.75 -0.08 30.54
C ALA A 1105 -3.57 0.84 31.43
N GLN A 1106 -4.24 1.83 30.84
CA GLN A 1106 -5.13 2.68 31.61
C GLN A 1106 -6.25 1.87 32.25
N LEU A 1107 -6.82 0.93 31.50
CA LEU A 1107 -7.84 0.05 32.05
C LEU A 1107 -7.30 -0.73 33.25
N ALA A 1108 -6.06 -1.23 33.14
CA ALA A 1108 -5.46 -1.95 34.25
C ALA A 1108 -5.35 -1.08 35.50
N GLN A 1109 -4.94 0.18 35.32
CA GLN A 1109 -4.85 1.08 36.47
C GLN A 1109 -6.22 1.26 37.12
N ASP A 1110 -7.27 1.44 36.31
CA ASP A 1110 -8.61 1.58 36.87
C ASP A 1110 -9.05 0.30 37.59
N LYS A 1111 -8.76 -0.86 37.01
CA LYS A 1111 -9.12 -2.12 37.64
C LYS A 1111 -8.41 -2.28 38.98
N VAL A 1112 -7.13 -1.92 39.05
CA VAL A 1112 -6.38 -2.01 40.30
C VAL A 1112 -7.01 -1.11 41.35
N ASN A 1113 -7.26 0.16 40.99
CA ASN A 1113 -7.78 1.11 41.97
C ASN A 1113 -9.18 0.72 42.44
N GLU A 1114 -10.00 0.14 41.57
CA GLU A 1114 -11.37 -0.19 41.97
C GLU A 1114 -11.49 -1.56 42.64
N CYS A 1115 -10.88 -2.60 42.07
CA CYS A 1115 -11.07 -3.95 42.56
C CYS A 1115 -10.02 -4.39 43.55
N VAL A 1116 -8.78 -3.94 43.43
CA VAL A 1116 -7.69 -4.47 44.25
C VAL A 1116 -7.55 -3.70 45.55
N LYS A 1117 -7.47 -2.38 45.48
CA LYS A 1117 -7.24 -1.56 46.66
C LYS A 1117 -8.53 -1.14 47.37
N SER A 1118 -9.68 -1.59 46.89
CA SER A 1118 -10.95 -1.26 47.51
C SER A 1118 -11.98 -2.32 47.08
N GLN A 1119 -13.20 -2.17 47.59
CA GLN A 1119 -14.30 -3.06 47.25
C GLN A 1119 -15.26 -2.33 46.32
N SER A 1120 -15.69 -3.02 45.27
CA SER A 1120 -16.49 -2.43 44.21
C SER A 1120 -17.96 -2.70 44.45
N LYS A 1121 -18.78 -1.64 44.34
CA LYS A 1121 -20.22 -1.77 44.41
C LYS A 1121 -20.86 -1.98 43.05
N ARG A 1122 -20.08 -1.93 41.96
CA ARG A 1122 -20.62 -2.11 40.63
C ARG A 1122 -20.87 -3.60 40.35
N ASN A 1123 -21.60 -3.85 39.27
CA ASN A 1123 -21.96 -5.20 38.84
C ASN A 1123 -21.26 -5.49 37.51
N GLY A 1124 -20.49 -6.57 37.48
CA GLY A 1124 -19.82 -7.00 36.27
C GLY A 1124 -18.46 -6.40 36.02
N PHE A 1125 -18.04 -5.43 36.83
CA PHE A 1125 -16.75 -4.73 36.56
C PHE A 1125 -15.58 -5.54 37.19
N CYS A 1126 -15.77 -6.05 38.41
CA CYS A 1126 -14.73 -6.86 39.08
C CYS A 1126 -15.21 -8.31 39.20
N GLY A 1127 -15.49 -8.98 38.07
CA GLY A 1127 -15.96 -10.38 38.09
C GLY A 1127 -17.47 -10.46 38.21
N THR A 1128 -18.01 -11.65 38.49
CA THR A 1128 -19.47 -11.86 38.60
C THR A 1128 -19.86 -12.01 40.06
N GLY A 1129 -21.15 -11.82 40.37
CA GLY A 1129 -21.65 -11.94 41.75
C GLY A 1129 -21.37 -10.68 42.55
N THR A 1130 -21.46 -10.76 43.88
CA THR A 1130 -21.12 -9.61 44.73
C THR A 1130 -19.63 -9.65 44.98
N HIS A 1131 -18.90 -8.60 44.60
CA HIS A 1131 -17.41 -8.58 44.70
C HIS A 1131 -16.97 -8.50 46.18
N ILE A 1132 -15.90 -9.23 46.51
CA ILE A 1132 -15.35 -9.18 47.90
C ILE A 1132 -13.90 -8.67 47.84
N VAL A 1133 -12.99 -9.36 47.13
CA VAL A 1133 -11.58 -8.99 47.09
C VAL A 1133 -11.00 -9.51 45.80
N SER A 1134 -9.98 -8.82 45.30
CA SER A 1134 -9.29 -9.20 44.07
C SER A 1134 -7.79 -9.18 44.27
N PHE A 1135 -7.09 -10.03 43.52
CA PHE A 1135 -5.65 -10.12 43.56
C PHE A 1135 -5.09 -9.95 42.16
N ALA A 1136 -3.88 -9.39 42.07
CA ALA A 1136 -3.21 -9.15 40.80
C ALA A 1136 -1.80 -9.72 40.86
N ILE A 1137 -1.41 -10.44 39.81
CA ILE A 1137 -0.08 -11.03 39.70
C ILE A 1137 0.51 -10.66 38.35
N ASN A 1138 1.83 -10.81 38.24
CA ASN A 1138 2.51 -10.51 36.99
C ASN A 1138 2.21 -11.57 35.94
N ALA A 1139 2.05 -11.11 34.70
CA ALA A 1139 1.79 -11.98 33.56
C ALA A 1139 2.66 -11.51 32.41
N PRO A 1140 2.94 -12.38 31.43
CA PRO A 1140 3.69 -11.94 30.25
C PRO A 1140 2.97 -10.80 29.54
N ASN A 1141 3.66 -9.66 29.45
CA ASN A 1141 3.17 -8.48 28.74
C ASN A 1141 1.88 -7.93 29.33
N GLY A 1142 1.67 -8.13 30.63
CA GLY A 1142 0.48 -7.59 31.25
C GLY A 1142 0.32 -8.06 32.68
N LEU A 1143 -0.91 -7.99 33.18
CA LEU A 1143 -1.26 -8.38 34.53
C LEU A 1143 -2.38 -9.39 34.50
N TYR A 1144 -2.41 -10.26 35.51
CA TYR A 1144 -3.43 -11.28 35.65
C TYR A 1144 -4.22 -11.03 36.93
N PHE A 1145 -5.55 -11.03 36.83
CA PHE A 1145 -6.42 -10.69 37.94
C PHE A 1145 -7.23 -11.90 38.38
N PHE A 1146 -7.40 -12.03 39.70
CA PHE A 1146 -8.25 -13.07 40.29
C PHE A 1146 -9.33 -12.38 41.11
N HIS A 1147 -10.56 -12.38 40.61
CA HIS A 1147 -11.67 -11.72 41.29
C HIS A 1147 -12.44 -12.75 42.12
N VAL A 1148 -12.50 -12.53 43.43
CA VAL A 1148 -13.22 -13.41 44.35
C VAL A 1148 -14.56 -12.78 44.64
N GLY A 1149 -15.63 -13.55 44.41
CA GLY A 1149 -16.98 -13.04 44.60
C GLY A 1149 -17.81 -13.97 45.47
N TYR A 1150 -18.87 -13.41 46.02
CA TYR A 1150 -19.82 -14.14 46.86
C TYR A 1150 -20.87 -14.78 45.95
N GLN A 1151 -20.86 -16.11 45.88
CA GLN A 1151 -21.75 -16.84 44.97
C GLN A 1151 -22.70 -17.72 45.76
N PRO A 1152 -23.98 -17.35 45.87
CA PRO A 1152 -24.95 -18.23 46.54
C PRO A 1152 -25.19 -19.51 45.75
N THR A 1153 -25.56 -20.56 46.48
CA THR A 1153 -25.82 -21.86 45.87
C THR A 1153 -27.26 -22.35 46.08
N SER A 1154 -27.91 -21.99 47.19
CA SER A 1154 -29.28 -22.38 47.44
C SER A 1154 -30.06 -21.18 47.94
N HIS A 1155 -31.36 -21.19 47.68
CA HIS A 1155 -32.24 -20.09 48.07
C HIS A 1155 -33.48 -20.62 48.78
N VAL A 1156 -34.17 -19.72 49.46
CA VAL A 1156 -35.42 -20.02 50.13
C VAL A 1156 -36.42 -18.91 49.81
N ASN A 1157 -37.68 -19.30 49.57
CA ASN A 1157 -38.73 -18.33 49.31
C ASN A 1157 -39.25 -17.81 50.65
N ALA A 1158 -39.01 -16.53 50.92
CA ALA A 1158 -39.39 -15.93 52.18
C ALA A 1158 -40.46 -14.86 51.95
N THR A 1159 -41.45 -14.82 52.83
CA THR A 1159 -42.47 -13.78 52.81
C THR A 1159 -41.93 -12.53 53.51
N ALA A 1160 -42.04 -11.39 52.83
CA ALA A 1160 -41.48 -10.15 53.33
C ALA A 1160 -42.54 -9.06 53.33
N ALA A 1161 -42.27 -7.99 54.07
CA ALA A 1161 -43.16 -6.84 54.20
C ALA A 1161 -42.41 -5.56 53.84
N TYR A 1162 -43.17 -4.58 53.34
CA TYR A 1162 -42.56 -3.30 53.00
C TYR A 1162 -42.22 -2.48 54.25
N GLY A 1163 -43.07 -2.56 55.27
CA GLY A 1163 -42.84 -1.82 56.50
C GLY A 1163 -43.86 -2.25 57.54
N LEU A 1164 -43.64 -1.79 58.76
CA LEU A 1164 -44.50 -2.15 59.89
C LEU A 1164 -44.79 -0.92 60.73
N CYS A 1165 -45.99 -0.88 61.28
CA CYS A 1165 -46.40 0.20 62.17
C CYS A 1165 -47.57 -0.29 63.01
N ASN A 1166 -47.82 0.42 64.12
CA ASN A 1166 -48.91 0.10 65.02
C ASN A 1166 -50.17 0.87 64.59
N THR A 1167 -51.20 0.86 65.43
CA THR A 1167 -52.45 1.55 65.16
C THR A 1167 -52.67 2.63 66.22
N GLU A 1168 -52.24 3.85 65.91
CA GLU A 1168 -52.43 5.00 66.77
C GLU A 1168 -52.93 6.17 65.92
N ASN A 1169 -53.40 7.22 66.58
CA ASN A 1169 -53.81 8.42 65.85
C ASN A 1169 -52.65 9.01 65.06
N PRO A 1170 -51.47 9.27 65.63
CA PRO A 1170 -50.29 9.46 64.80
C PRO A 1170 -49.55 8.14 64.63
N PRO A 1171 -49.29 7.72 63.40
CA PRO A 1171 -48.53 6.49 63.19
C PRO A 1171 -47.03 6.71 63.12
N LYS A 1172 -46.28 5.67 63.49
CA LYS A 1172 -44.83 5.67 63.40
C LYS A 1172 -44.43 4.39 62.66
N CYS A 1173 -44.06 4.51 61.39
CA CYS A 1173 -43.71 3.38 60.56
C CYS A 1173 -42.20 3.24 60.45
N ILE A 1174 -41.74 1.99 60.39
CA ILE A 1174 -40.33 1.68 60.33
C ILE A 1174 -40.04 0.88 59.07
N ALA A 1175 -38.80 0.94 58.62
CA ALA A 1175 -38.32 0.23 57.44
C ALA A 1175 -36.99 -0.44 57.76
N PRO A 1176 -36.70 -1.58 57.13
CA PRO A 1176 -35.42 -2.25 57.40
C PRO A 1176 -34.25 -1.49 56.82
N ILE A 1177 -33.07 -1.73 57.40
CA ILE A 1177 -31.83 -1.14 56.94
C ILE A 1177 -30.94 -2.28 56.45
N GLY A 1178 -30.70 -2.30 55.14
CA GLY A 1178 -29.83 -3.31 54.55
C GLY A 1178 -30.33 -4.73 54.71
N GLY A 1179 -31.64 -4.92 54.75
CA GLY A 1179 -32.20 -6.24 54.91
C GLY A 1179 -33.67 -6.26 54.59
N TYR A 1180 -34.36 -7.26 55.14
CA TYR A 1180 -35.78 -7.44 54.92
C TYR A 1180 -36.47 -7.75 56.24
N PHE A 1181 -37.75 -7.42 56.30
CA PHE A 1181 -38.63 -7.86 57.39
C PHE A 1181 -39.37 -9.11 56.93
N VAL A 1182 -38.99 -10.26 57.47
CA VAL A 1182 -39.49 -11.54 56.98
C VAL A 1182 -40.08 -12.35 58.13
N LEU A 1183 -40.94 -13.30 57.77
CA LEU A 1183 -41.45 -14.28 58.72
C LEU A 1183 -40.50 -15.46 58.80
N ASN A 1184 -40.43 -16.07 59.98
CA ASN A 1184 -39.52 -17.20 60.22
C ASN A 1184 -40.21 -18.49 59.78
N GLN A 1185 -40.18 -18.71 58.47
CA GLN A 1185 -40.72 -19.94 57.89
C GLN A 1185 -40.17 -20.10 56.48
N THR A 1186 -39.95 -21.36 56.09
CA THR A 1186 -39.42 -21.68 54.78
C THR A 1186 -40.50 -21.96 53.75
N THR A 1187 -41.77 -21.86 54.13
CA THR A 1187 -42.87 -22.12 53.20
C THR A 1187 -44.03 -21.16 53.45
N SER A 1193 -52.60 -11.90 61.69
CA SER A 1193 -52.94 -11.28 62.97
C SER A 1193 -51.99 -11.72 64.06
N GLU A 1194 -51.56 -12.99 64.00
CA GLU A 1194 -50.63 -13.56 64.97
C GLU A 1194 -49.23 -13.74 64.39
N GLN A 1195 -48.94 -13.15 63.24
CA GLN A 1195 -47.64 -13.31 62.61
C GLN A 1195 -46.57 -12.53 63.37
N GLN A 1196 -45.41 -13.17 63.55
CA GLN A 1196 -44.25 -12.55 64.19
C GLN A 1196 -43.23 -12.21 63.12
N TRP A 1197 -42.82 -10.94 63.08
CA TRP A 1197 -41.88 -10.45 62.08
C TRP A 1197 -40.47 -10.38 62.65
N TYR A 1198 -39.49 -10.71 61.81
CA TYR A 1198 -38.09 -10.70 62.18
C TYR A 1198 -37.30 -9.89 61.15
N TYR A 1199 -35.99 -9.80 61.38
CA TYR A 1199 -35.06 -9.16 60.46
C TYR A 1199 -34.03 -10.17 60.00
N THR A 1200 -33.61 -10.05 58.75
CA THR A 1200 -32.58 -10.91 58.19
C THR A 1200 -31.70 -10.10 57.25
N GLY A 1201 -30.46 -10.54 57.08
CA GLY A 1201 -29.57 -9.92 56.13
C GLY A 1201 -29.98 -10.23 54.70
N SER A 1202 -29.62 -9.33 53.79
CA SER A 1202 -29.99 -9.49 52.38
C SER A 1202 -29.19 -10.59 51.69
N SER A 1203 -28.03 -10.95 52.22
CA SER A 1203 -27.17 -11.94 51.59
C SER A 1203 -27.15 -13.29 52.32
N PHE A 1204 -27.92 -13.43 53.40
CA PHE A 1204 -27.99 -14.69 54.12
C PHE A 1204 -29.25 -14.70 54.97
N PHE A 1205 -29.98 -15.81 54.94
CA PHE A 1205 -31.24 -15.94 55.66
C PHE A 1205 -30.96 -16.40 57.09
N HIS A 1206 -31.18 -15.51 58.05
CA HIS A 1206 -31.02 -15.81 59.46
C HIS A 1206 -31.89 -14.85 60.27
N PRO A 1207 -33.13 -15.21 60.57
CA PRO A 1207 -34.02 -14.29 61.28
C PRO A 1207 -33.48 -13.93 62.66
N GLU A 1208 -33.64 -12.66 63.04
CA GLU A 1208 -33.22 -12.16 64.33
C GLU A 1208 -34.18 -11.04 64.73
N PRO A 1209 -34.34 -10.79 66.03
CA PRO A 1209 -35.35 -9.82 66.48
C PRO A 1209 -35.08 -8.41 65.95
N ILE A 1210 -36.16 -7.68 65.71
CA ILE A 1210 -36.08 -6.33 65.17
C ILE A 1210 -35.80 -5.35 66.29
N THR A 1211 -34.74 -4.57 66.15
CA THR A 1211 -34.36 -3.54 67.11
C THR A 1211 -34.15 -2.23 66.36
N GLU A 1212 -33.72 -1.19 67.09
CA GLU A 1212 -33.41 0.08 66.45
C GLU A 1212 -32.11 0.04 65.67
N VAL A 1213 -31.27 -0.96 65.88
CA VAL A 1213 -30.03 -1.09 65.13
C VAL A 1213 -30.31 -1.35 63.65
N ASN A 1214 -31.27 -2.24 63.36
CA ASN A 1214 -31.54 -2.66 61.99
C ASN A 1214 -32.85 -2.09 61.45
N SER A 1215 -33.31 -0.96 61.98
CA SER A 1215 -34.54 -0.34 61.50
C SER A 1215 -34.43 1.17 61.63
N LYS A 1216 -35.22 1.88 60.82
CA LYS A 1216 -35.29 3.33 60.86
C LYS A 1216 -36.72 3.77 60.65
N TYR A 1217 -37.04 4.94 61.19
CA TYR A 1217 -38.39 5.48 61.05
C TYR A 1217 -38.57 6.10 59.68
N VAL A 1218 -39.74 5.86 59.07
CA VAL A 1218 -40.08 6.36 57.77
C VAL A 1218 -41.49 6.93 57.81
N SER A 1219 -41.90 7.54 56.70
CA SER A 1219 -43.25 8.09 56.60
C SER A 1219 -44.28 6.97 56.46
N MET A 1220 -45.54 7.34 56.64
CA MET A 1220 -46.63 6.38 56.53
C MET A 1220 -46.85 5.99 55.08
N ASP A 1221 -46.97 4.69 54.83
CA ASP A 1221 -47.21 4.14 53.50
C ASP A 1221 -48.42 3.22 53.55
N VAL A 1222 -49.18 3.20 52.45
CA VAL A 1222 -50.43 2.43 52.41
C VAL A 1222 -50.16 0.93 52.40
N LYS A 1223 -49.01 0.50 51.86
CA LYS A 1223 -48.72 -0.91 51.72
C LYS A 1223 -48.01 -1.51 52.93
N PHE A 1224 -47.85 -0.73 54.00
CA PHE A 1224 -47.21 -1.23 55.21
C PHE A 1224 -48.19 -2.08 56.02
N GLU A 1225 -47.65 -3.11 56.66
CA GLU A 1225 -48.48 -3.97 57.51
C GLU A 1225 -48.89 -3.25 58.78
N ASN A 1226 -50.12 -3.47 59.20
CA ASN A 1226 -50.63 -2.95 60.47
C ASN A 1226 -50.51 -4.04 61.53
N LEU A 1227 -49.64 -3.83 62.50
CA LEU A 1227 -49.43 -4.78 63.59
C LEU A 1227 -50.40 -4.46 64.72
N THR A 1228 -51.35 -5.36 64.96
CA THR A 1228 -52.38 -5.13 65.97
C THR A 1228 -51.90 -5.45 67.38
N ASN A 1229 -51.30 -6.62 67.56
CA ASN A 1229 -50.91 -7.09 68.88
C ASN A 1229 -49.41 -7.18 69.07
N LYS A 1230 -48.70 -7.89 68.19
CA LYS A 1230 -47.26 -8.08 68.35
C LYS A 1230 -46.51 -6.87 67.80
N LEU A 1231 -45.75 -6.22 68.67
CA LEU A 1231 -45.03 -5.00 68.32
C LEU A 1231 -43.55 -5.13 68.68
N PRO A 1232 -42.64 -4.84 67.77
CA PRO A 1232 -41.23 -4.75 68.14
C PRO A 1232 -40.97 -3.55 69.02
N PRO A 1233 -39.85 -3.53 69.74
CA PRO A 1233 -39.57 -2.41 70.67
C PRO A 1233 -39.60 -1.06 69.99
N PRO A 1234 -39.11 -0.91 68.74
CA PRO A 1234 -39.24 0.40 68.10
C PRO A 1234 -40.67 0.87 67.92
N LEU A 1235 -41.63 -0.03 67.83
CA LEU A 1235 -43.03 0.33 67.62
C LEU A 1235 -43.83 0.43 68.92
N LEU A 1236 -43.18 0.23 70.07
CA LEU A 1236 -43.88 0.31 71.36
C LEU A 1236 -43.90 1.75 71.86
N SER A 1237 -45.08 2.23 72.22
CA SER A 1237 -45.25 3.58 72.77
C SER A 1237 -45.13 3.51 74.30
N ASN A 1238 -43.90 3.24 74.74
CA ASN A 1238 -43.61 3.14 76.17
C ASN A 1238 -43.60 4.52 76.83
N SER B 34 -15.20 4.96 -59.88
CA SER B 34 -16.35 5.70 -60.37
C SER B 34 -17.61 4.84 -60.36
N VAL B 35 -18.36 4.87 -59.25
CA VAL B 35 -19.60 4.12 -59.18
C VAL B 35 -20.67 4.79 -60.04
N ASP B 36 -21.67 3.98 -60.43
CA ASP B 36 -22.75 4.50 -61.26
C ASP B 36 -23.68 5.36 -60.43
N MET B 37 -23.80 6.64 -60.81
CA MET B 37 -24.64 7.60 -60.11
C MET B 37 -25.94 7.89 -60.85
N GLY B 38 -26.29 7.09 -61.85
CA GLY B 38 -27.54 7.24 -62.56
C GLY B 38 -27.41 8.08 -63.82
N THR B 39 -28.57 8.34 -64.42
CA THR B 39 -28.63 9.09 -65.67
C THR B 39 -28.20 10.54 -65.46
N THR B 40 -27.41 11.05 -66.39
CA THR B 40 -26.96 12.44 -66.33
C THR B 40 -28.15 13.38 -66.51
N GLY B 41 -28.14 14.49 -65.77
CA GLY B 41 -29.23 15.45 -65.84
C GLY B 41 -29.15 16.28 -67.11
N SER B 42 -30.33 16.55 -67.68
CA SER B 42 -30.44 17.36 -68.88
C SER B 42 -31.60 18.33 -68.73
N GLY B 43 -31.40 19.57 -69.15
CA GLY B 43 -32.42 20.59 -69.05
C GLY B 43 -31.93 21.86 -68.38
N ASN B 44 -32.84 22.61 -67.77
CA ASN B 44 -32.51 23.85 -67.09
C ASN B 44 -32.90 23.77 -65.63
N CYS B 45 -32.15 24.49 -64.78
CA CYS B 45 -32.42 24.52 -63.36
C CYS B 45 -33.53 25.53 -63.08
N ILE B 46 -34.38 25.22 -62.10
CA ILE B 46 -35.48 26.10 -61.75
C ILE B 46 -34.95 27.29 -60.98
N GLU B 47 -35.46 28.48 -61.29
CA GLU B 47 -35.05 29.69 -60.58
C GLU B 47 -35.53 29.68 -59.14
N SER B 48 -34.74 30.28 -58.26
CA SER B 48 -35.04 30.39 -56.85
C SER B 48 -34.89 31.84 -56.42
N GLN B 49 -35.75 32.28 -55.50
CA GLN B 49 -35.67 33.63 -54.95
C GLN B 49 -35.08 33.57 -53.54
N VAL B 50 -34.06 34.38 -53.31
CA VAL B 50 -33.36 34.43 -52.03
C VAL B 50 -33.85 35.66 -51.28
N GLN B 51 -34.64 35.45 -50.23
CA GLN B 51 -35.18 36.52 -49.40
C GLN B 51 -34.94 36.18 -47.94
N PRO B 52 -33.72 36.42 -47.43
CA PRO B 52 -33.42 36.06 -46.04
C PRO B 52 -34.22 36.83 -45.01
N ASP B 53 -34.80 37.98 -45.37
CA ASP B 53 -35.57 38.76 -44.41
C ASP B 53 -36.83 38.00 -43.98
N PHE B 54 -37.45 37.26 -44.90
CA PHE B 54 -38.67 36.53 -44.57
C PHE B 54 -38.40 35.32 -43.67
N PHE B 55 -37.14 34.89 -43.54
CA PHE B 55 -36.81 33.69 -42.78
C PHE B 55 -36.16 33.97 -41.44
N GLU B 56 -35.36 35.03 -41.33
CA GLU B 56 -34.64 35.35 -40.10
C GLU B 56 -35.23 36.58 -39.41
N THR B 57 -36.56 36.67 -39.41
CA THR B 57 -37.25 37.76 -38.73
C THR B 57 -37.54 37.40 -37.28
N ALA B 58 -37.99 38.40 -36.53
CA ALA B 58 -38.31 38.18 -35.12
C ALA B 58 -39.56 37.32 -34.95
N ARG B 59 -40.52 37.42 -35.88
CA ARG B 59 -41.76 36.66 -35.73
C ARG B 59 -41.53 35.16 -35.88
N ASN B 60 -40.51 34.75 -36.65
CA ASN B 60 -40.22 33.35 -36.89
C ASN B 60 -39.12 32.81 -35.97
N THR B 61 -38.99 33.37 -34.77
CA THR B 61 -37.99 32.93 -33.80
C THR B 61 -38.66 32.03 -32.78
N TRP B 62 -38.26 30.76 -32.74
CA TRP B 62 -38.81 29.77 -31.82
C TRP B 62 -37.64 29.05 -31.15
N PRO B 63 -37.03 29.66 -30.13
CA PRO B 63 -35.84 29.07 -29.52
C PRO B 63 -36.13 27.75 -28.82
N LEU B 64 -35.16 26.86 -28.88
CA LEU B 64 -35.22 25.57 -28.18
C LEU B 64 -33.82 25.22 -27.74
N SER B 65 -33.57 25.28 -26.44
CA SER B 65 -32.25 25.00 -25.89
C SER B 65 -32.09 23.53 -25.56
N ILE B 66 -30.85 23.12 -25.32
CA ILE B 66 -30.54 21.74 -24.95
C ILE B 66 -30.90 21.53 -23.48
N ASP B 67 -31.71 20.51 -23.21
CA ASP B 67 -32.14 20.18 -21.86
C ASP B 67 -31.39 18.92 -21.42
N THR B 68 -30.45 19.09 -20.48
CA THR B 68 -29.68 17.97 -19.98
C THR B 68 -30.49 17.06 -19.08
N SER B 69 -31.61 17.55 -18.52
CA SER B 69 -32.45 16.69 -17.70
C SER B 69 -33.10 15.58 -18.53
N LYS B 70 -33.38 15.85 -19.81
CA LYS B 70 -33.91 14.84 -20.72
C LYS B 70 -32.83 14.17 -21.56
N ALA B 71 -31.56 14.50 -21.32
CA ALA B 71 -30.43 13.92 -22.07
C ALA B 71 -30.57 14.18 -23.57
N GLU B 72 -31.00 15.39 -23.93
CA GLU B 72 -31.17 15.74 -25.34
C GLU B 72 -29.82 15.89 -26.02
N GLY B 73 -29.72 15.35 -27.23
CA GLY B 73 -28.50 15.45 -28.01
C GLY B 73 -27.35 14.59 -27.52
N VAL B 74 -27.64 13.54 -26.76
CA VAL B 74 -26.62 12.67 -26.20
C VAL B 74 -26.51 11.42 -27.07
N ILE B 75 -25.29 11.11 -27.52
CA ILE B 75 -25.03 9.93 -28.33
C ILE B 75 -24.72 8.75 -27.42
N TYR B 76 -25.43 7.65 -27.62
CA TYR B 76 -25.22 6.47 -26.80
C TYR B 76 -23.82 5.89 -27.04
N PRO B 77 -23.10 5.51 -25.98
CA PRO B 77 -21.79 4.91 -26.16
C PRO B 77 -21.87 3.63 -26.98
N ASN B 78 -20.85 3.41 -27.82
CA ASN B 78 -20.85 2.27 -28.72
C ASN B 78 -20.58 0.97 -27.98
N GLY B 79 -21.05 -0.13 -28.58
CA GLY B 79 -20.75 -1.47 -28.11
C GLY B 79 -21.69 -2.05 -27.09
N LYS B 80 -21.60 -1.62 -25.83
CA LYS B 80 -22.29 -2.28 -24.73
C LYS B 80 -23.30 -1.34 -24.10
N SER B 81 -24.37 -1.93 -23.57
CA SER B 81 -25.41 -1.20 -22.87
C SER B 81 -25.23 -1.31 -21.37
N TYR B 82 -25.84 -0.37 -20.65
CA TYR B 82 -25.80 -0.33 -19.19
C TYR B 82 -27.20 -0.07 -18.66
N SER B 83 -27.48 -0.64 -17.48
CA SER B 83 -28.79 -0.50 -16.85
C SER B 83 -28.59 -0.24 -15.37
N ASN B 84 -29.33 0.75 -14.86
CA ASN B 84 -29.34 1.09 -13.42
C ASN B 84 -27.93 1.34 -12.90
N ILE B 85 -27.28 2.36 -13.46
CA ILE B 85 -25.94 2.74 -13.05
C ILE B 85 -25.70 4.16 -13.52
N THR B 86 -24.76 4.85 -12.84
CA THR B 86 -24.35 6.19 -13.20
C THR B 86 -22.87 6.18 -13.52
N LEU B 87 -22.50 6.70 -14.69
CA LEU B 87 -21.14 6.64 -15.18
C LEU B 87 -20.69 8.01 -15.66
N THR B 88 -19.37 8.22 -15.65
CA THR B 88 -18.75 9.44 -16.13
C THR B 88 -18.07 9.16 -17.46
N TYR B 89 -18.37 9.98 -18.47
CA TYR B 89 -17.84 9.79 -19.81
C TYR B 89 -17.22 11.08 -20.31
N THR B 90 -16.12 10.94 -21.06
CA THR B 90 -15.43 12.06 -21.70
C THR B 90 -15.50 11.83 -23.20
N GLY B 91 -16.34 12.59 -23.89
CA GLY B 91 -16.52 12.44 -25.31
C GLY B 91 -17.03 13.71 -25.95
N LEU B 92 -17.82 13.56 -27.01
CA LEU B 92 -18.37 14.68 -27.76
C LEU B 92 -19.84 14.84 -27.36
N TYR B 93 -20.14 15.95 -26.69
CA TYR B 93 -21.49 16.24 -26.22
C TYR B 93 -21.78 17.72 -26.39
N PRO B 94 -23.05 18.08 -26.55
CA PRO B 94 -23.41 19.50 -26.60
C PRO B 94 -23.38 20.14 -25.23
N LYS B 95 -23.29 21.47 -25.24
CA LYS B 95 -23.26 22.23 -24.00
C LYS B 95 -24.67 22.41 -23.45
N ALA B 96 -24.77 22.49 -22.12
CA ALA B 96 -26.06 22.62 -21.46
C ALA B 96 -26.69 23.97 -21.75
N ASN B 97 -27.99 23.95 -22.09
CA ASN B 97 -28.75 25.20 -22.38
C ASN B 97 -28.24 25.90 -23.66
N ASP B 98 -27.59 25.17 -24.56
CA ASP B 98 -27.16 25.75 -25.86
C ASP B 98 -28.38 25.97 -26.76
N LEU B 99 -28.52 27.16 -27.34
CA LEU B 99 -29.68 27.48 -28.23
C LEU B 99 -29.47 26.88 -29.63
N GLY B 100 -28.23 26.81 -30.11
CA GLY B 100 -27.93 26.26 -31.46
C GLY B 100 -28.29 27.22 -32.58
N LYS B 101 -28.69 26.71 -33.75
CA LYS B 101 -29.03 27.56 -34.92
C LYS B 101 -30.34 27.06 -35.56
N GLN B 102 -31.23 27.96 -35.98
CA GLN B 102 -32.54 27.57 -36.50
C GLN B 102 -32.56 27.75 -38.01
N TYR B 103 -33.01 26.71 -38.71
CA TYR B 103 -33.19 26.73 -40.16
C TYR B 103 -34.64 26.39 -40.47
N VAL B 104 -35.27 27.19 -41.33
CA VAL B 104 -36.67 27.02 -41.68
C VAL B 104 -36.80 26.96 -43.20
N PHE B 105 -37.56 25.97 -43.68
CA PHE B 105 -37.85 25.82 -45.11
C PHE B 105 -39.28 26.25 -45.40
N SER B 106 -39.50 26.71 -46.63
CA SER B 106 -40.79 27.25 -47.04
C SER B 106 -41.22 26.64 -48.36
N ASP B 107 -42.51 26.75 -48.64
CA ASP B 107 -43.04 26.35 -49.94
C ASP B 107 -42.66 27.38 -51.01
N GLY B 108 -42.61 26.90 -52.26
CA GLY B 108 -42.35 27.79 -53.36
C GLY B 108 -43.57 28.57 -53.77
N HIS B 109 -43.37 29.52 -54.68
CA HIS B 109 -44.47 30.33 -55.17
C HIS B 109 -45.45 29.47 -55.94
N SER B 110 -46.73 29.59 -55.59
CA SER B 110 -47.78 28.79 -56.21
C SER B 110 -48.98 29.66 -56.53
N SER B 111 -49.67 29.28 -57.60
CA SER B 111 -50.90 29.92 -58.04
C SER B 111 -51.89 28.82 -58.37
N PRO B 112 -53.20 29.13 -58.36
CA PRO B 112 -54.19 28.11 -58.74
C PRO B 112 -53.94 27.58 -60.14
N GLY B 113 -53.57 26.31 -60.24
CA GLY B 113 -53.25 25.70 -61.52
C GLY B 113 -51.89 26.05 -62.07
N THR B 114 -51.00 26.65 -61.29
CA THR B 114 -49.69 27.05 -61.76
C THR B 114 -48.65 26.89 -60.66
N LEU B 115 -47.43 26.54 -61.06
CA LEU B 115 -46.30 26.46 -60.16
C LEU B 115 -45.24 27.46 -60.61
N SER B 116 -44.64 28.16 -59.63
CA SER B 116 -43.73 29.25 -59.93
C SER B 116 -42.37 29.08 -59.26
N ARG B 117 -41.56 30.12 -59.27
CA ARG B 117 -40.19 30.06 -58.78
C ARG B 117 -40.15 29.69 -57.29
N LEU B 118 -39.00 29.16 -56.88
CA LEU B 118 -38.80 28.69 -55.52
C LEU B 118 -38.52 29.86 -54.58
N PHE B 119 -38.68 29.61 -53.29
CA PHE B 119 -38.51 30.61 -52.25
C PHE B 119 -37.67 30.02 -51.12
N VAL B 120 -36.43 30.48 -50.98
CA VAL B 120 -35.50 29.99 -49.98
C VAL B 120 -34.71 31.16 -49.40
N SER B 121 -33.95 30.87 -48.35
CA SER B 121 -33.05 31.84 -47.75
C SER B 121 -31.65 31.66 -48.32
N ASN B 122 -30.69 32.42 -47.79
CA ASN B 122 -29.31 32.38 -48.28
C ASN B 122 -28.47 31.37 -47.51
N TYR B 123 -28.98 30.14 -47.38
CA TYR B 123 -28.25 29.09 -46.69
C TYR B 123 -27.13 28.49 -47.53
N SER B 124 -27.24 28.56 -48.87
CA SER B 124 -26.24 27.95 -49.73
C SER B 124 -24.90 28.66 -49.63
N ARG B 125 -24.90 29.98 -49.44
CA ARG B 125 -23.68 30.77 -49.44
C ARG B 125 -23.04 30.90 -48.06
N GLN B 126 -23.60 30.24 -47.04
CA GLN B 126 -23.04 30.26 -45.70
C GLN B 126 -22.21 29.00 -45.49
N VAL B 127 -20.99 29.18 -44.98
CA VAL B 127 -20.06 28.07 -44.73
C VAL B 127 -19.80 28.03 -43.22
N GLU B 128 -20.08 26.87 -42.61
CA GLU B 128 -19.89 26.69 -41.18
C GLU B 128 -18.72 25.75 -40.92
N PRO B 129 -17.92 26.01 -39.88
CA PRO B 129 -16.78 25.15 -39.58
C PRO B 129 -17.22 23.84 -38.95
N PHE B 130 -16.68 22.73 -39.46
CA PHE B 130 -16.92 21.41 -38.89
C PHE B 130 -15.79 21.09 -37.91
N ASP B 131 -16.07 21.23 -36.63
CA ASP B 131 -15.04 21.12 -35.59
C ASP B 131 -14.97 19.70 -35.02
N SER B 132 -16.08 19.23 -34.45
CA SER B 132 -16.16 17.87 -33.92
C SER B 132 -17.47 17.20 -34.27
N GLY B 133 -18.23 17.77 -35.21
CA GLY B 133 -19.54 17.25 -35.55
C GLY B 133 -20.65 18.09 -34.94
N PHE B 134 -21.88 17.66 -35.22
CA PHE B 134 -23.06 18.36 -34.72
C PHE B 134 -24.22 17.38 -34.63
N VAL B 135 -25.24 17.78 -33.89
CA VAL B 135 -26.48 17.01 -33.77
C VAL B 135 -27.63 17.90 -34.23
N VAL B 136 -28.65 17.26 -34.79
CA VAL B 136 -29.77 17.96 -35.42
C VAL B 136 -31.06 17.50 -34.76
N ARG B 137 -31.88 18.46 -34.32
CA ARG B 137 -33.22 18.20 -33.82
C ARG B 137 -34.20 18.37 -34.98
N ILE B 138 -34.97 17.32 -35.26
CA ILE B 138 -35.83 17.27 -36.44
C ILE B 138 -37.28 17.08 -36.01
N GLY B 139 -38.17 17.90 -36.56
CA GLY B 139 -39.60 17.74 -36.36
C GLY B 139 -40.08 17.92 -34.93
N ALA B 140 -39.61 18.97 -34.26
CA ALA B 140 -40.02 19.22 -32.88
C ALA B 140 -41.42 19.83 -32.80
N ALA B 141 -41.80 20.66 -33.79
CA ALA B 141 -43.06 21.39 -33.75
C ALA B 141 -44.16 20.71 -34.56
N ALA B 142 -44.11 19.39 -34.69
CA ALA B 142 -45.11 18.67 -35.46
C ALA B 142 -46.47 18.69 -34.76
N ASN B 143 -47.52 18.47 -35.55
CA ASN B 143 -48.91 18.41 -35.07
C ASN B 143 -49.38 19.73 -34.49
N LYS B 144 -48.82 20.85 -34.95
CA LYS B 144 -49.15 22.16 -34.42
C LYS B 144 -49.43 23.13 -35.56
N THR B 145 -50.20 24.16 -35.28
CA THR B 145 -50.50 25.18 -36.28
C THR B 145 -49.28 26.09 -36.47
N GLY B 146 -48.86 26.24 -37.72
CA GLY B 146 -47.67 27.02 -38.02
C GLY B 146 -47.91 27.93 -39.20
N THR B 147 -47.04 28.93 -39.32
CA THR B 147 -47.14 29.90 -40.40
C THR B 147 -46.39 29.41 -41.63
N THR B 148 -46.98 29.62 -42.80
CA THR B 148 -46.27 29.45 -44.06
C THR B 148 -45.39 30.67 -44.27
N ILE B 149 -44.10 30.44 -44.53
CA ILE B 149 -43.16 31.56 -44.60
C ILE B 149 -43.45 32.44 -45.80
N ILE B 150 -43.92 31.86 -46.91
CA ILE B 150 -44.15 32.63 -48.11
C ILE B 150 -45.33 33.59 -47.95
N SER B 151 -46.31 33.23 -47.12
CA SER B 151 -47.49 34.07 -46.89
C SER B 151 -47.71 34.20 -45.39
N GLN B 152 -47.51 35.41 -44.87
CA GLN B 152 -47.54 35.64 -43.42
C GLN B 152 -48.93 35.52 -42.83
N SER B 153 -49.98 35.44 -43.66
CA SER B 153 -51.35 35.41 -43.14
C SER B 153 -51.84 33.99 -42.89
N THR B 154 -51.73 33.12 -43.89
CA THR B 154 -52.30 31.78 -43.79
C THR B 154 -51.53 30.93 -42.78
N ASN B 155 -52.26 30.05 -42.09
CA ASN B 155 -51.69 29.14 -41.10
C ASN B 155 -52.15 27.72 -41.42
N ARG B 156 -51.21 26.78 -41.39
CA ARG B 156 -51.45 25.39 -41.70
C ARG B 156 -50.78 24.51 -40.65
N PRO B 157 -51.26 23.29 -40.46
CA PRO B 157 -50.58 22.37 -39.54
C PRO B 157 -49.16 22.08 -39.99
N ILE B 158 -48.27 21.91 -39.01
CA ILE B 158 -46.84 21.76 -39.25
C ILE B 158 -46.53 20.31 -39.58
N LYS B 159 -45.69 20.12 -40.60
CA LYS B 159 -45.23 18.80 -41.02
C LYS B 159 -43.71 18.73 -40.86
N LYS B 160 -43.21 17.51 -40.65
CA LYS B 160 -41.78 17.30 -40.47
C LYS B 160 -41.07 17.23 -41.82
N ILE B 161 -39.89 17.85 -41.89
CA ILE B 161 -39.08 17.85 -43.10
C ILE B 161 -37.63 17.56 -42.71
N TYR B 162 -36.92 16.82 -43.60
CA TYR B 162 -35.53 16.43 -43.36
C TYR B 162 -34.56 17.41 -44.03
N PRO B 163 -33.41 17.64 -43.43
CA PRO B 163 -32.42 18.55 -44.00
C PRO B 163 -31.46 17.83 -44.95
N ALA B 164 -30.63 18.64 -45.62
CA ALA B 164 -29.59 18.14 -46.50
C ALA B 164 -28.32 18.93 -46.26
N PHE B 165 -27.17 18.27 -46.44
CA PHE B 165 -25.89 18.87 -46.14
C PHE B 165 -24.87 18.54 -47.22
N MET B 166 -23.88 19.40 -47.37
CA MET B 166 -22.68 19.15 -48.16
C MET B 166 -21.47 19.37 -47.27
N LEU B 167 -20.61 18.36 -47.18
CA LEU B 167 -19.40 18.44 -46.36
C LEU B 167 -18.18 18.22 -47.23
N GLY B 168 -17.18 19.08 -47.05
CA GLY B 168 -15.97 19.00 -47.85
C GLY B 168 -14.71 19.42 -47.10
N HIS B 169 -13.59 19.49 -47.81
CA HIS B 169 -12.31 19.84 -47.21
C HIS B 169 -11.81 21.22 -47.60
N SER B 170 -12.25 21.76 -48.74
CA SER B 170 -11.86 23.09 -49.17
C SER B 170 -13.04 23.75 -49.86
N VAL B 171 -13.14 25.07 -49.72
CA VAL B 171 -14.24 25.84 -50.25
C VAL B 171 -13.71 26.99 -51.09
N GLY B 172 -14.55 27.47 -52.00
CA GLY B 172 -14.19 28.58 -52.86
C GLY B 172 -15.40 29.34 -53.37
N ASN B 173 -15.22 30.10 -54.44
CA ASN B 173 -16.29 30.89 -55.04
C ASN B 173 -16.87 30.17 -56.25
N TYR B 174 -18.17 30.39 -56.47
CA TYR B 174 -18.78 30.08 -57.77
C TYR B 174 -18.28 31.10 -58.78
N THR B 175 -17.50 30.63 -59.76
CA THR B 175 -16.74 31.56 -60.59
C THR B 175 -17.58 32.59 -61.34
N PRO B 176 -18.71 32.24 -61.99
CA PRO B 176 -19.46 33.27 -62.73
C PRO B 176 -20.03 34.36 -61.83
N THR B 177 -20.74 33.99 -60.78
CA THR B 177 -21.44 34.96 -59.94
C THR B 177 -20.63 35.42 -58.74
N ASN B 178 -19.43 34.88 -58.52
CA ASN B 178 -18.58 35.23 -57.39
C ASN B 178 -19.30 35.02 -56.05
N ILE B 179 -20.15 34.00 -55.98
CA ILE B 179 -20.89 33.68 -54.77
C ILE B 179 -20.14 32.60 -54.01
N THR B 180 -19.94 32.81 -52.71
CA THR B 180 -19.23 31.85 -51.89
C THR B 180 -20.08 30.60 -51.64
N GLY B 181 -19.41 29.52 -51.25
CA GLY B 181 -20.10 28.30 -50.91
C GLY B 181 -19.96 27.18 -51.92
N ARG B 182 -18.84 27.17 -52.63
CA ARG B 182 -18.58 26.09 -53.62
C ARG B 182 -17.58 25.09 -53.01
N TYR B 183 -17.93 23.81 -52.98
CA TYR B 183 -17.04 22.76 -52.40
C TYR B 183 -16.12 22.23 -53.49
N LEU B 184 -14.82 22.15 -53.21
CA LEU B 184 -13.83 21.72 -54.24
C LEU B 184 -13.34 20.28 -53.98
N ASN B 185 -12.91 19.59 -55.04
CA ASN B 185 -12.40 18.19 -54.93
C ASN B 185 -13.55 17.24 -54.53
N HIS B 186 -13.22 16.16 -53.81
CA HIS B 186 -14.27 15.17 -53.42
C HIS B 186 -15.15 15.77 -52.33
N THR B 187 -16.47 15.70 -52.52
CA THR B 187 -17.41 16.29 -51.56
C THR B 187 -18.40 15.24 -51.09
N LEU B 188 -18.68 15.21 -49.78
CA LEU B 188 -19.68 14.32 -49.21
C LEU B 188 -21.04 15.02 -49.21
N VAL B 189 -22.04 14.36 -49.78
CA VAL B 189 -23.39 14.91 -49.91
C VAL B 189 -24.37 13.93 -49.28
N ILE B 190 -25.23 14.45 -48.41
CA ILE B 190 -26.30 13.67 -47.79
C ILE B 190 -27.62 14.29 -48.22
N LEU B 191 -28.45 13.50 -48.87
CA LEU B 191 -29.70 13.99 -49.45
C LEU B 191 -30.86 13.06 -49.10
N PRO B 192 -31.90 13.56 -48.44
CA PRO B 192 -33.11 12.75 -48.28
C PRO B 192 -33.92 12.69 -49.57
N ASP B 193 -34.68 11.62 -49.72
CA ASP B 193 -35.48 11.41 -50.92
C ASP B 193 -36.62 10.46 -50.60
N GLY B 194 -37.39 10.12 -51.61
CA GLY B 194 -38.51 9.20 -51.45
C GLY B 194 -39.62 9.70 -50.55
N CYS B 195 -39.90 11.00 -50.59
CA CYS B 195 -40.95 11.61 -49.77
C CYS B 195 -40.75 11.30 -48.29
N GLY B 196 -39.50 11.39 -47.84
CA GLY B 196 -39.17 11.11 -46.46
C GLY B 196 -38.97 9.66 -46.11
N THR B 197 -38.68 8.81 -47.09
CA THR B 197 -38.47 7.39 -46.85
C THR B 197 -37.10 6.88 -47.27
N LEU B 198 -36.23 7.76 -47.75
CA LEU B 198 -34.90 7.34 -48.18
C LEU B 198 -33.93 8.51 -48.03
N VAL B 199 -32.67 8.19 -47.76
CA VAL B 199 -31.62 9.19 -47.63
C VAL B 199 -30.41 8.71 -48.42
N HIS B 200 -29.81 9.60 -49.21
CA HIS B 200 -28.66 9.28 -50.02
C HIS B 200 -27.37 9.75 -49.35
N ALA B 201 -26.26 9.15 -49.77
CA ALA B 201 -24.94 9.53 -49.26
C ALA B 201 -23.90 9.10 -50.30
N PHE B 202 -23.22 10.08 -50.90
CA PHE B 202 -22.20 9.81 -51.90
C PHE B 202 -21.08 10.82 -51.76
N TYR B 203 -19.91 10.45 -52.30
CA TYR B 203 -18.68 11.21 -52.13
C TYR B 203 -18.04 11.39 -53.51
N CYS B 204 -18.40 12.48 -54.21
CA CYS B 204 -17.91 12.72 -55.55
C CYS B 204 -17.60 14.19 -55.76
N ILE B 205 -16.88 14.47 -56.85
CA ILE B 205 -16.59 15.82 -57.26
C ILE B 205 -17.81 16.44 -57.92
N LEU B 206 -18.13 17.67 -57.56
CA LEU B 206 -19.25 18.41 -58.12
C LEU B 206 -18.76 19.29 -59.26
N GLN B 207 -19.20 19.00 -60.48
CA GLN B 207 -18.81 19.78 -61.65
C GLN B 207 -19.97 20.65 -62.08
N PRO B 208 -19.88 21.98 -61.95
CA PRO B 208 -21.03 22.83 -62.26
C PRO B 208 -21.45 22.76 -63.72
N ARG B 209 -22.74 22.90 -63.96
CA ARG B 209 -23.31 22.92 -65.30
C ARG B 209 -23.66 24.37 -65.68
N THR B 210 -23.45 24.69 -66.95
CA THR B 210 -23.59 26.05 -67.45
C THR B 210 -25.00 26.39 -67.91
N GLN B 211 -25.96 25.50 -67.73
CA GLN B 211 -27.34 25.80 -68.12
C GLN B 211 -27.93 26.87 -67.21
N ALA B 212 -29.09 27.39 -67.62
CA ALA B 212 -29.68 28.52 -66.93
C ALA B 212 -30.04 28.17 -65.48
N TYR B 213 -29.79 29.13 -64.59
CA TYR B 213 -30.08 29.03 -63.15
C TYR B 213 -29.32 27.89 -62.48
N CYS B 214 -28.27 27.39 -63.11
CA CYS B 214 -27.45 26.33 -62.53
C CYS B 214 -26.15 26.91 -62.02
N ALA B 215 -25.34 26.05 -61.39
CA ALA B 215 -24.16 26.51 -60.67
C ALA B 215 -23.15 27.20 -61.58
N GLY B 216 -23.02 26.77 -62.83
CA GLY B 216 -22.05 27.34 -63.74
C GLY B 216 -22.51 28.52 -64.55
N ALA B 217 -23.71 29.03 -64.31
CA ALA B 217 -24.26 30.13 -65.08
C ALA B 217 -24.17 31.45 -64.31
N SER B 218 -24.46 32.54 -65.01
CA SER B 218 -24.47 33.88 -64.42
C SER B 218 -25.78 34.20 -63.72
N THR B 219 -26.82 33.38 -63.88
CA THR B 219 -28.10 33.57 -63.22
C THR B 219 -28.26 32.67 -62.00
N PHE B 220 -27.15 32.21 -61.43
CA PHE B 220 -27.19 31.33 -60.27
C PHE B 220 -27.38 32.13 -59.00
N THR B 221 -28.29 31.66 -58.14
CA THR B 221 -28.53 32.27 -56.85
C THR B 221 -28.25 31.32 -55.69
N SER B 222 -28.77 30.10 -55.74
CA SER B 222 -28.55 29.13 -54.67
C SER B 222 -28.79 27.73 -55.21
N VAL B 223 -28.26 26.75 -54.49
CA VAL B 223 -28.47 25.34 -54.81
C VAL B 223 -29.69 24.88 -54.01
N THR B 224 -30.83 24.78 -54.68
CA THR B 224 -32.08 24.40 -54.05
C THR B 224 -32.62 23.13 -54.70
N VAL B 225 -32.93 22.14 -53.88
CA VAL B 225 -33.54 20.88 -54.33
C VAL B 225 -35.03 20.94 -54.07
N TRP B 226 -35.81 20.42 -55.01
CA TRP B 226 -37.26 20.50 -54.96
C TRP B 226 -37.88 19.15 -55.24
N ASP B 227 -39.17 19.04 -54.97
CA ASP B 227 -39.94 17.84 -55.29
C ASP B 227 -41.38 18.24 -55.54
N THR B 228 -42.09 17.38 -56.28
CA THR B 228 -43.49 17.63 -56.60
C THR B 228 -44.38 16.65 -55.85
N PRO B 229 -45.07 17.07 -54.79
CA PRO B 229 -45.92 16.13 -54.05
C PRO B 229 -47.03 15.51 -54.88
N ALA B 230 -47.53 16.24 -55.89
CA ALA B 230 -48.63 15.71 -56.71
C ALA B 230 -48.20 14.46 -57.47
N SER B 231 -46.99 14.46 -58.02
CA SER B 231 -46.48 13.34 -58.80
C SER B 231 -45.60 12.40 -57.99
N ASP B 232 -44.62 12.96 -57.26
CA ASP B 232 -43.67 12.10 -56.55
C ASP B 232 -44.32 11.44 -55.34
N CYS B 233 -45.09 12.19 -54.56
CA CYS B 233 -45.69 11.69 -53.32
C CYS B 233 -47.19 11.46 -53.46
N ALA B 234 -47.63 10.95 -54.61
CA ALA B 234 -49.05 10.71 -54.82
C ALA B 234 -49.58 9.66 -53.84
N ASN B 235 -48.82 8.59 -53.64
CA ASN B 235 -49.23 7.53 -52.71
C ASN B 235 -47.99 6.79 -52.22
N SER B 236 -48.16 6.07 -51.12
CA SER B 236 -47.04 5.33 -50.52
C SER B 236 -46.54 4.18 -51.39
N GLN B 237 -47.30 3.78 -52.41
CA GLN B 237 -46.88 2.69 -53.28
C GLN B 237 -46.05 3.16 -54.47
N SER B 238 -46.25 4.38 -54.91
CA SER B 238 -45.56 4.92 -56.09
C SER B 238 -44.69 6.12 -55.71
N TYR B 239 -44.00 6.03 -54.58
CA TYR B 239 -43.08 7.09 -54.17
C TYR B 239 -41.89 7.18 -55.13
N ASN B 240 -41.55 8.40 -55.51
CA ASN B 240 -40.40 8.65 -56.39
C ASN B 240 -39.16 8.78 -55.51
N ARG B 241 -38.27 7.79 -55.60
CA ARG B 241 -37.09 7.72 -54.75
C ARG B 241 -35.90 8.52 -55.28
N LEU B 242 -36.02 9.11 -56.47
CA LEU B 242 -34.90 9.81 -57.09
C LEU B 242 -35.24 11.26 -57.44
N ALA B 243 -36.30 11.81 -56.86
CA ALA B 243 -36.72 13.16 -57.21
C ALA B 243 -35.68 14.19 -56.79
N ASN B 244 -35.25 14.15 -55.52
CA ASN B 244 -34.25 15.09 -55.05
C ASN B 244 -32.90 14.86 -55.72
N LEU B 245 -32.55 13.60 -55.94
CA LEU B 245 -31.29 13.30 -56.62
C LEU B 245 -31.28 13.82 -58.05
N ASN B 246 -32.40 13.67 -58.76
CA ASN B 246 -32.51 14.21 -60.11
C ASN B 246 -32.43 15.73 -60.09
N ALA B 247 -33.08 16.37 -59.09
CA ALA B 247 -32.99 17.81 -58.97
C ALA B 247 -31.56 18.26 -58.70
N PHE B 248 -30.84 17.50 -57.86
CA PHE B 248 -29.46 17.86 -57.54
C PHE B 248 -28.54 17.68 -58.74
N LYS B 249 -28.78 16.67 -59.58
CA LYS B 249 -27.94 16.44 -60.74
C LYS B 249 -28.04 17.56 -61.78
N LEU B 250 -29.08 18.40 -61.72
CA LEU B 250 -29.17 19.51 -62.66
C LEU B 250 -28.15 20.60 -62.34
N TYR B 251 -27.81 20.79 -61.06
CA TYR B 251 -26.83 21.80 -60.70
C TYR B 251 -25.41 21.38 -61.02
N PHE B 252 -25.07 20.11 -60.78
CA PHE B 252 -23.70 19.64 -60.91
C PHE B 252 -23.65 18.34 -61.68
N ASP B 253 -22.53 18.12 -62.37
CA ASP B 253 -22.20 16.81 -62.91
C ASP B 253 -21.37 16.04 -61.89
N LEU B 254 -21.73 14.79 -61.66
CA LEU B 254 -21.10 13.97 -60.63
C LEU B 254 -19.97 13.17 -61.26
N ILE B 255 -18.75 13.39 -60.78
CA ILE B 255 -17.54 12.84 -61.38
C ILE B 255 -16.78 12.03 -60.34
N ASN B 256 -16.38 10.81 -60.72
CA ASN B 256 -15.46 9.97 -59.94
C ASN B 256 -15.96 9.77 -58.50
N CYS B 257 -17.17 9.22 -58.36
CA CYS B 257 -17.72 8.99 -57.04
C CYS B 257 -17.16 7.72 -56.42
N THR B 258 -16.66 7.83 -55.18
CA THR B 258 -16.06 6.68 -54.51
C THR B 258 -17.11 5.65 -54.12
N PHE B 259 -18.26 6.09 -53.62
CA PHE B 259 -19.28 5.16 -53.13
C PHE B 259 -20.64 5.82 -53.24
N ARG B 260 -21.68 5.02 -53.04
CA ARG B 260 -23.07 5.48 -53.10
C ARG B 260 -23.90 4.59 -52.20
N TYR B 261 -24.45 5.17 -51.13
CA TYR B 261 -25.23 4.43 -50.14
C TYR B 261 -26.62 5.03 -50.01
N ASN B 262 -27.55 4.21 -49.52
CA ASN B 262 -28.89 4.67 -49.21
C ASN B 262 -29.45 3.86 -48.05
N TYR B 263 -30.37 4.47 -47.30
CA TYR B 263 -30.96 3.85 -46.13
C TYR B 263 -32.47 4.07 -46.13
N THR B 264 -33.21 3.06 -45.68
CA THR B 264 -34.67 3.12 -45.69
C THR B 264 -35.17 3.69 -44.38
N ILE B 265 -36.08 4.66 -44.48
CA ILE B 265 -36.66 5.34 -43.32
C ILE B 265 -38.16 5.07 -43.32
N THR B 266 -38.68 4.62 -42.17
CA THR B 266 -40.10 4.41 -42.02
C THR B 266 -40.82 5.73 -41.85
N GLU B 267 -41.88 5.94 -42.64
CA GLU B 267 -42.64 7.19 -42.56
C GLU B 267 -43.35 7.30 -41.22
N ASP B 268 -43.25 8.48 -40.62
CA ASP B 268 -43.87 8.74 -39.33
C ASP B 268 -43.90 10.26 -39.11
N GLU B 269 -44.40 10.67 -37.95
CA GLU B 269 -44.46 12.08 -37.58
C GLU B 269 -43.76 12.35 -36.26
N ASN B 270 -43.07 11.37 -35.69
CA ASN B 270 -42.39 11.55 -34.42
C ASN B 270 -41.12 12.37 -34.59
N ALA B 271 -40.75 13.07 -33.51
CA ALA B 271 -39.50 13.81 -33.52
C ALA B 271 -38.32 12.85 -33.42
N GLU B 272 -37.16 13.29 -33.90
CA GLU B 272 -35.99 12.43 -33.96
C GLU B 272 -34.74 13.30 -33.94
N TRP B 273 -33.59 12.65 -33.72
CA TRP B 273 -32.31 13.33 -33.68
C TRP B 273 -31.35 12.68 -34.67
N PHE B 274 -30.43 13.48 -35.20
CA PHE B 274 -29.44 13.02 -36.15
C PHE B 274 -28.09 13.64 -35.81
N GLY B 275 -27.04 12.82 -35.81
CA GLY B 275 -25.71 13.27 -35.49
C GLY B 275 -24.69 12.73 -36.48
N ILE B 276 -23.54 13.40 -36.52
CA ILE B 276 -22.44 13.03 -37.41
C ILE B 276 -21.13 13.42 -36.76
N THR B 277 -20.17 12.49 -36.73
CA THR B 277 -18.82 12.74 -36.25
C THR B 277 -17.82 12.14 -37.24
N GLN B 278 -16.53 12.29 -36.94
CA GLN B 278 -15.47 11.74 -37.77
C GLN B 278 -14.26 11.42 -36.92
N ASP B 279 -13.64 10.27 -37.17
CA ASP B 279 -12.35 9.93 -36.59
C ASP B 279 -11.53 9.21 -37.65
N THR B 280 -10.51 8.46 -37.21
CA THR B 280 -9.64 7.78 -38.17
C THR B 280 -10.41 6.76 -39.00
N GLN B 281 -11.31 6.00 -38.37
CA GLN B 281 -12.05 4.96 -39.08
C GLN B 281 -12.89 5.54 -40.22
N GLY B 282 -13.45 6.71 -40.01
CA GLY B 282 -14.18 7.40 -41.05
C GLY B 282 -15.25 8.30 -40.45
N VAL B 283 -16.24 8.61 -41.27
CA VAL B 283 -17.36 9.46 -40.89
C VAL B 283 -18.47 8.58 -40.33
N HIS B 284 -18.98 8.94 -39.15
CA HIS B 284 -19.96 8.15 -38.42
C HIS B 284 -21.29 8.88 -38.39
N LEU B 285 -22.38 8.14 -38.66
CA LEU B 285 -23.73 8.69 -38.63
C LEU B 285 -24.49 8.08 -37.46
N TYR B 286 -25.29 8.92 -36.79
CA TYR B 286 -26.08 8.48 -35.65
C TYR B 286 -27.53 8.91 -35.84
N SER B 287 -28.46 8.12 -35.31
CA SER B 287 -29.87 8.41 -35.43
C SER B 287 -30.61 7.84 -34.23
N SER B 288 -31.76 8.44 -33.93
CA SER B 288 -32.63 7.96 -32.85
C SER B 288 -33.68 6.97 -33.34
N ARG B 289 -33.76 6.72 -34.64
CA ARG B 289 -34.70 5.77 -35.22
C ARG B 289 -34.14 4.35 -35.28
N LYS B 290 -32.91 4.14 -34.81
CA LYS B 290 -32.27 2.83 -34.93
C LYS B 290 -32.95 1.80 -34.03
N GLU B 291 -32.99 2.07 -32.72
CA GLU B 291 -33.51 1.12 -31.75
C GLU B 291 -34.97 1.41 -31.38
N ASN B 292 -35.25 2.64 -30.94
CA ASN B 292 -36.61 3.01 -30.52
C ASN B 292 -36.77 4.49 -30.83
N VAL B 293 -37.72 4.81 -31.72
CA VAL B 293 -37.92 6.20 -32.13
C VAL B 293 -38.58 7.04 -31.05
N PHE B 294 -39.14 6.42 -30.01
CA PHE B 294 -39.80 7.14 -28.93
C PHE B 294 -38.85 7.52 -27.81
N ARG B 295 -37.57 7.16 -27.91
CA ARG B 295 -36.53 7.65 -27.02
C ARG B 295 -35.63 8.59 -27.81
N ASN B 296 -35.03 9.55 -27.10
CA ASN B 296 -34.22 10.57 -27.75
C ASN B 296 -32.75 10.18 -27.90
N ASN B 297 -32.38 8.97 -27.47
CA ASN B 297 -31.00 8.54 -27.60
C ASN B 297 -30.66 8.23 -29.05
N MET B 298 -29.47 8.65 -29.48
CA MET B 298 -28.98 8.40 -30.83
C MET B 298 -28.05 7.19 -30.83
N PHE B 299 -28.17 6.36 -31.87
CA PHE B 299 -27.39 5.14 -31.99
C PHE B 299 -26.69 5.08 -33.34
N HIS B 300 -25.48 4.54 -33.35
CA HIS B 300 -24.70 4.41 -34.57
C HIS B 300 -25.37 3.45 -35.54
N PHE B 301 -25.44 3.85 -36.82
CA PHE B 301 -26.02 2.98 -37.84
C PHE B 301 -25.21 2.91 -39.12
N ALA B 302 -24.18 3.73 -39.32
CA ALA B 302 -23.44 3.71 -40.57
C ALA B 302 -22.05 4.27 -40.35
N THR B 303 -21.12 3.85 -41.21
CA THR B 303 -19.75 4.36 -41.23
C THR B 303 -19.35 4.61 -42.68
N LEU B 304 -18.93 5.84 -42.97
CA LEU B 304 -18.58 6.17 -44.35
C LEU B 304 -17.07 6.22 -44.53
N PRO B 305 -16.56 5.74 -45.66
CA PRO B 305 -15.09 5.72 -45.90
C PRO B 305 -14.57 7.06 -46.40
N VAL B 306 -14.68 8.08 -45.55
CA VAL B 306 -14.11 9.40 -45.80
C VAL B 306 -13.03 9.62 -44.75
N TYR B 307 -11.78 9.71 -45.20
CA TYR B 307 -10.63 9.77 -44.28
C TYR B 307 -9.95 11.13 -44.25
N GLN B 308 -10.07 11.94 -45.29
CA GLN B 308 -9.57 13.30 -45.23
C GLN B 308 -10.38 14.11 -44.22
N LYS B 309 -9.69 14.99 -43.49
CA LYS B 309 -10.33 15.74 -42.41
C LYS B 309 -11.34 16.72 -42.97
N ILE B 310 -12.58 16.65 -42.45
CA ILE B 310 -13.66 17.52 -42.91
C ILE B 310 -13.60 18.83 -42.12
N LEU B 311 -13.60 19.95 -42.85
CA LEU B 311 -13.46 21.25 -42.23
C LEU B 311 -14.68 22.14 -42.37
N TYR B 312 -15.54 21.93 -43.37
CA TYR B 312 -16.67 22.81 -43.62
C TYR B 312 -17.91 21.98 -43.93
N TYR B 313 -19.08 22.56 -43.65
CA TYR B 313 -20.35 21.97 -44.03
C TYR B 313 -21.33 23.08 -44.34
N THR B 314 -22.28 22.78 -45.24
CA THR B 314 -23.25 23.76 -45.70
C THR B 314 -24.61 23.09 -45.83
N VAL B 315 -25.64 23.74 -45.32
CA VAL B 315 -27.02 23.24 -45.41
C VAL B 315 -27.56 23.52 -46.80
N ILE B 316 -28.12 22.49 -47.43
CA ILE B 316 -28.76 22.63 -48.74
C ILE B 316 -30.22 23.02 -48.50
N PRO B 317 -30.65 24.21 -48.91
CA PRO B 317 -32.05 24.59 -48.72
C PRO B 317 -32.97 23.75 -49.60
N ARG B 318 -34.18 23.53 -49.09
CA ARG B 318 -35.21 22.79 -49.81
C ARG B 318 -36.44 23.66 -50.00
N SER B 319 -37.14 23.43 -51.10
CA SER B 319 -38.37 24.15 -51.41
C SER B 319 -39.36 23.17 -52.02
N ILE B 320 -40.54 23.05 -51.42
CA ILE B 320 -41.54 22.09 -51.85
C ILE B 320 -42.50 22.78 -52.81
N ARG B 321 -42.66 22.19 -54.00
CA ARG B 321 -43.55 22.74 -55.01
C ARG B 321 -44.96 22.15 -54.84
N SER B 322 -45.55 22.42 -53.69
CA SER B 322 -46.89 21.94 -53.40
C SER B 322 -47.93 22.74 -54.18
N PRO B 323 -49.08 22.14 -54.49
CA PRO B 323 -50.14 22.88 -55.18
C PRO B 323 -50.72 23.96 -54.28
N PHE B 324 -51.45 24.89 -54.91
CA PHE B 324 -52.03 26.01 -54.19
C PHE B 324 -53.06 25.57 -53.16
N ASN B 325 -53.61 24.37 -53.30
CA ASN B 325 -54.61 23.89 -52.34
C ASN B 325 -53.98 23.60 -50.98
N ASP B 326 -53.01 22.70 -50.94
CA ASP B 326 -52.38 22.29 -49.68
C ASP B 326 -51.64 23.44 -49.02
N ARG B 327 -50.56 23.91 -49.66
CA ARG B 327 -49.70 24.98 -49.14
C ARG B 327 -49.37 24.75 -47.66
N LYS B 328 -48.75 23.60 -47.41
CA LYS B 328 -48.49 23.16 -46.05
C LYS B 328 -47.36 23.98 -45.41
N ALA B 329 -47.17 23.78 -44.11
CA ALA B 329 -46.10 24.39 -43.35
C ALA B 329 -45.13 23.32 -42.87
N TRP B 330 -43.84 23.65 -42.83
CA TRP B 330 -42.79 22.69 -42.55
C TRP B 330 -42.08 23.03 -41.24
N ALA B 331 -41.76 21.99 -40.49
CA ALA B 331 -41.09 22.17 -39.20
C ALA B 331 -39.65 22.61 -39.39
N ALA B 332 -39.21 23.54 -38.53
CA ALA B 332 -37.82 23.96 -38.53
C ALA B 332 -36.96 22.94 -37.79
N PHE B 333 -35.67 22.92 -38.13
CA PHE B 333 -34.71 22.05 -37.46
C PHE B 333 -33.57 22.87 -36.91
N TYR B 334 -32.95 22.36 -35.85
CA TYR B 334 -31.91 23.07 -35.11
C TYR B 334 -30.64 22.25 -35.11
N ILE B 335 -29.49 22.94 -35.18
CA ILE B 335 -28.19 22.30 -35.22
C ILE B 335 -27.38 22.77 -34.01
N TYR B 336 -26.88 21.81 -33.24
CA TYR B 336 -26.06 22.08 -32.06
C TYR B 336 -24.69 21.46 -32.26
N LYS B 337 -23.64 22.24 -31.99
CA LYS B 337 -22.29 21.77 -32.18
C LYS B 337 -21.82 20.94 -30.99
N LEU B 338 -21.05 19.90 -31.28
CA LEU B 338 -20.48 19.02 -30.26
C LEU B 338 -19.14 19.56 -29.78
N HIS B 339 -18.83 19.28 -28.52
CA HIS B 339 -17.60 19.73 -27.89
C HIS B 339 -17.01 18.60 -27.06
N PRO B 340 -15.68 18.58 -26.89
CA PRO B 340 -15.08 17.61 -25.96
C PRO B 340 -15.36 17.99 -24.52
N LEU B 341 -16.24 17.24 -23.86
CA LEU B 341 -16.70 17.59 -22.53
C LEU B 341 -16.77 16.33 -21.66
N THR B 342 -16.73 16.54 -20.35
CA THR B 342 -16.93 15.47 -19.38
C THR B 342 -18.40 15.46 -18.97
N TYR B 343 -19.04 14.30 -19.10
CA TYR B 343 -20.47 14.17 -18.87
C TYR B 343 -20.75 13.08 -17.85
N LEU B 344 -21.82 13.28 -17.09
CA LEU B 344 -22.33 12.29 -16.14
C LEU B 344 -23.64 11.75 -16.68
N LEU B 345 -23.70 10.44 -16.92
CA LEU B 345 -24.84 9.80 -17.57
C LEU B 345 -25.51 8.83 -16.61
N ASN B 346 -26.84 8.82 -16.64
CA ASN B 346 -27.64 7.91 -15.83
C ASN B 346 -28.42 6.99 -16.74
N PHE B 347 -28.27 5.68 -16.53
CA PHE B 347 -28.95 4.67 -17.32
C PHE B 347 -30.13 4.12 -16.52
N ASP B 348 -31.29 4.01 -17.18
CA ASP B 348 -32.50 3.55 -16.52
C ASP B 348 -32.50 2.03 -16.46
N VAL B 349 -33.63 1.45 -16.06
CA VAL B 349 -33.74 0.00 -15.96
C VAL B 349 -33.86 -0.67 -17.33
N GLU B 350 -34.25 0.08 -18.35
CA GLU B 350 -34.40 -0.47 -19.69
C GLU B 350 -33.15 -0.28 -20.56
N GLY B 351 -32.10 0.35 -20.02
CA GLY B 351 -30.87 0.53 -20.76
C GLY B 351 -30.73 1.84 -21.50
N TYR B 352 -31.64 2.79 -21.30
CA TYR B 352 -31.59 4.08 -21.98
C TYR B 352 -31.08 5.16 -21.03
N ILE B 353 -30.58 6.24 -21.63
CA ILE B 353 -30.10 7.40 -20.88
C ILE B 353 -31.28 8.34 -20.66
N THR B 354 -31.64 8.54 -19.39
CA THR B 354 -32.78 9.38 -19.04
C THR B 354 -32.37 10.81 -18.70
N LYS B 355 -31.23 11.00 -18.04
CA LYS B 355 -30.78 12.33 -17.66
C LYS B 355 -29.26 12.39 -17.76
N ALA B 356 -28.75 13.61 -17.93
CA ALA B 356 -27.32 13.83 -18.07
C ALA B 356 -26.95 15.14 -17.38
N VAL B 357 -25.66 15.26 -17.06
CA VAL B 357 -25.13 16.44 -16.37
C VAL B 357 -23.90 16.93 -17.11
N ASP B 358 -23.89 18.20 -17.47
CA ASP B 358 -22.70 18.86 -18.03
C ASP B 358 -21.84 19.34 -16.87
N CYS B 359 -20.71 18.67 -16.66
CA CYS B 359 -19.93 18.90 -15.44
C CYS B 359 -19.43 20.34 -15.35
N GLY B 360 -19.05 20.94 -16.47
CA GLY B 360 -18.50 22.28 -16.46
C GLY B 360 -19.50 23.41 -16.55
N TYR B 361 -20.80 23.12 -16.41
CA TYR B 361 -21.81 24.15 -16.59
C TYR B 361 -21.85 25.10 -15.38
N ASP B 362 -22.17 24.57 -14.21
CA ASP B 362 -22.25 25.38 -13.00
C ASP B 362 -21.67 24.60 -11.82
N ASP B 363 -21.76 25.20 -10.63
CA ASP B 363 -21.14 24.61 -9.45
C ASP B 363 -21.90 23.36 -8.99
N LEU B 364 -23.23 23.36 -9.10
CA LEU B 364 -24.00 22.18 -8.72
C LEU B 364 -23.60 20.99 -9.58
N ALA B 365 -23.44 21.20 -10.88
CA ALA B 365 -22.97 20.14 -11.76
C ALA B 365 -21.56 19.69 -11.37
N GLN B 366 -20.70 20.64 -10.97
CA GLN B 366 -19.36 20.27 -10.52
C GLN B 366 -19.42 19.41 -9.27
N LEU B 367 -20.33 19.73 -8.34
CA LEU B 367 -20.51 18.91 -7.15
C LEU B 367 -20.96 17.50 -7.52
N GLN B 368 -21.93 17.40 -8.43
CA GLN B 368 -22.45 16.09 -8.83
C GLN B 368 -21.38 15.25 -9.51
N CYS B 369 -20.57 15.86 -10.38
CA CYS B 369 -19.52 15.10 -11.04
C CYS B 369 -18.35 14.80 -10.10
N SER B 370 -18.11 15.67 -9.12
CA SER B 370 -17.05 15.42 -8.16
C SER B 370 -17.38 14.23 -7.27
N TYR B 371 -18.64 14.07 -6.88
CA TYR B 371 -19.06 12.96 -6.04
C TYR B 371 -19.75 11.84 -6.82
N GLN B 372 -19.90 11.99 -8.13
CA GLN B 372 -20.44 10.95 -9.01
C GLN B 372 -21.81 10.45 -8.54
N SER B 373 -22.71 11.40 -8.27
CA SER B 373 -24.05 11.05 -7.85
C SER B 373 -25.01 12.15 -8.28
N PHE B 374 -26.15 11.74 -8.84
CA PHE B 374 -27.21 12.70 -9.17
C PHE B 374 -27.91 13.20 -7.92
N ASP B 375 -28.06 12.33 -6.92
CA ASP B 375 -28.73 12.67 -5.67
C ASP B 375 -27.68 12.91 -4.61
N VAL B 376 -27.64 14.14 -4.10
CA VAL B 376 -26.66 14.55 -3.09
C VAL B 376 -27.41 15.11 -1.89
N GLU B 377 -27.00 14.69 -0.69
CA GLU B 377 -27.66 15.13 0.52
C GLU B 377 -27.27 16.58 0.83
N THR B 378 -28.06 17.20 1.72
CA THR B 378 -27.80 18.58 2.12
C THR B 378 -26.50 18.66 2.91
N GLY B 379 -25.67 19.62 2.55
CA GLY B 379 -24.40 19.81 3.23
C GLY B 379 -23.52 20.78 2.49
N VAL B 380 -22.28 20.90 2.98
CA VAL B 380 -21.27 21.76 2.38
C VAL B 380 -20.15 20.85 1.87
N TYR B 381 -19.84 20.96 0.58
CA TYR B 381 -18.90 20.07 -0.07
C TYR B 381 -17.83 20.87 -0.80
N SER B 382 -16.61 20.32 -0.80
CA SER B 382 -15.53 20.85 -1.62
C SER B 382 -15.54 20.15 -2.98
N VAL B 383 -15.43 20.93 -4.05
CA VAL B 383 -15.58 20.42 -5.40
C VAL B 383 -14.32 20.70 -6.20
N SER B 384 -14.16 19.95 -7.29
CA SER B 384 -13.05 20.12 -8.21
C SER B 384 -13.48 21.00 -9.38
N SER B 385 -12.57 21.18 -10.33
CA SER B 385 -12.81 21.99 -11.51
C SER B 385 -12.91 21.10 -12.74
N PHE B 386 -13.96 21.32 -13.53
CA PHE B 386 -14.18 20.55 -14.75
C PHE B 386 -14.30 21.42 -16.00
N GLU B 387 -14.09 22.73 -15.87
CA GLU B 387 -14.20 23.65 -17.00
C GLU B 387 -12.81 23.92 -17.57
N ALA B 388 -12.64 23.63 -18.86
CA ALA B 388 -11.36 23.85 -19.55
C ALA B 388 -11.44 25.12 -20.38
N SER B 389 -10.33 25.85 -20.42
CA SER B 389 -10.24 27.10 -21.16
C SER B 389 -9.00 27.08 -22.05
N PRO B 390 -9.04 27.81 -23.17
CA PRO B 390 -7.85 27.89 -24.03
C PRO B 390 -6.65 28.46 -23.28
N ARG B 391 -5.48 27.93 -23.61
CA ARG B 391 -4.23 28.30 -22.94
C ARG B 391 -3.32 29.05 -23.90
N GLY B 392 -2.63 30.05 -23.37
CA GLY B 392 -1.71 30.87 -24.14
C GLY B 392 -0.30 30.30 -24.13
N GLU B 393 0.65 31.18 -24.45
CA GLU B 393 2.06 30.80 -24.52
C GLU B 393 2.91 31.89 -23.88
N PHE B 394 4.06 31.47 -23.33
CA PHE B 394 4.99 32.40 -22.71
C PHE B 394 6.39 31.78 -22.80
N ILE B 395 7.24 32.33 -23.65
CA ILE B 395 8.57 31.78 -23.91
C ILE B 395 9.60 32.89 -23.74
N GLU B 396 10.63 32.63 -22.94
CA GLU B 396 11.75 33.55 -22.77
C GLU B 396 13.05 32.79 -22.92
N GLN B 397 13.92 33.27 -23.81
CA GLN B 397 15.19 32.61 -24.10
C GLN B 397 16.26 33.67 -24.32
N ALA B 398 17.46 33.39 -23.81
CA ALA B 398 18.60 34.27 -24.02
C ALA B 398 19.24 34.01 -25.37
N THR B 399 19.98 35.00 -25.86
CA THR B 399 20.69 34.91 -27.13
C THR B 399 22.13 34.47 -26.89
N THR B 400 22.55 33.42 -27.58
CA THR B 400 23.89 32.88 -27.47
C THR B 400 24.47 32.68 -28.87
N GLN B 401 25.73 32.25 -28.92
CA GLN B 401 26.42 32.00 -30.18
C GLN B 401 26.10 30.59 -30.68
N GLU B 402 26.66 30.25 -31.83
CA GLU B 402 26.44 28.94 -32.43
C GLU B 402 27.48 27.94 -31.93
N CYS B 403 27.02 26.72 -31.65
CA CYS B 403 27.93 25.66 -31.26
C CYS B 403 28.82 25.28 -32.42
N ASP B 404 30.08 24.98 -32.11
CA ASP B 404 31.08 24.67 -33.14
C ASP B 404 31.11 23.16 -33.38
N PHE B 405 30.52 22.73 -34.49
CA PHE B 405 30.58 21.34 -34.92
C PHE B 405 31.57 21.11 -36.06
N THR B 406 32.40 22.12 -36.38
CA THR B 406 33.35 21.97 -37.47
C THR B 406 34.37 20.85 -37.28
N PRO B 407 34.93 20.59 -36.09
CA PRO B 407 35.86 19.45 -35.98
C PRO B 407 35.25 18.12 -36.37
N MET B 408 33.96 17.91 -36.11
CA MET B 408 33.34 16.64 -36.47
C MET B 408 33.04 16.55 -37.96
N LEU B 409 32.86 17.69 -38.64
CA LEU B 409 32.51 17.71 -40.05
C LEU B 409 33.71 17.90 -40.97
N THR B 410 34.92 17.99 -40.42
CA THR B 410 36.13 18.14 -41.22
C THR B 410 37.19 17.17 -40.73
N GLY B 411 38.01 16.69 -41.66
CA GLY B 411 39.07 15.77 -41.31
C GLY B 411 38.62 14.32 -41.32
N THR B 412 39.50 13.47 -40.83
CA THR B 412 39.28 12.02 -40.78
C THR B 412 38.83 11.62 -39.38
N PRO B 413 37.69 10.95 -39.25
CA PRO B 413 37.26 10.51 -37.93
C PRO B 413 38.24 9.52 -37.33
N PRO B 414 38.45 9.56 -36.02
CA PRO B 414 39.46 8.71 -35.39
C PRO B 414 38.94 7.29 -35.21
N PRO B 415 39.82 6.35 -34.87
CA PRO B 415 39.36 5.00 -34.54
C PRO B 415 38.52 4.99 -33.27
N ILE B 416 37.90 3.83 -33.02
CA ILE B 416 37.00 3.69 -31.87
C ILE B 416 37.76 3.82 -30.56
N TYR B 417 38.94 3.21 -30.48
CA TYR B 417 39.72 3.28 -29.24
C TYR B 417 40.33 4.66 -29.00
N ASN B 418 40.33 5.53 -30.00
CA ASN B 418 40.83 6.88 -29.83
C ASN B 418 39.74 7.89 -30.18
N PHE B 419 38.54 7.67 -29.66
CA PHE B 419 37.39 8.48 -30.04
C PHE B 419 37.55 9.93 -29.60
N LYS B 420 36.88 10.82 -30.34
CA LYS B 420 36.91 12.25 -30.08
C LYS B 420 35.67 12.67 -29.32
N ARG B 421 35.84 13.55 -28.34
CA ARG B 421 34.77 14.01 -27.47
C ARG B 421 34.59 15.50 -27.61
N LEU B 422 33.33 15.95 -27.73
CA LEU B 422 33.00 17.36 -27.80
C LEU B 422 31.95 17.68 -26.73
N VAL B 423 32.14 18.80 -26.04
CA VAL B 423 31.23 19.26 -24.99
C VAL B 423 30.79 20.67 -25.33
N PHE B 424 29.49 20.91 -25.32
CA PHE B 424 28.91 22.19 -25.67
C PHE B 424 28.14 22.76 -24.50
N THR B 425 28.44 24.01 -24.15
CA THR B 425 27.70 24.74 -23.13
C THR B 425 27.47 26.17 -23.60
N ASN B 426 26.26 26.68 -23.35
CA ASN B 426 25.91 28.07 -23.64
C ASN B 426 26.08 28.40 -25.12
N CYS B 427 25.35 27.65 -25.96
CA CYS B 427 25.35 27.87 -27.39
C CYS B 427 24.08 27.26 -27.98
N ASN B 428 23.83 27.59 -29.25
CA ASN B 428 22.68 27.06 -29.98
C ASN B 428 23.15 26.32 -31.22
N TYR B 429 22.34 25.35 -31.66
CA TYR B 429 22.69 24.48 -32.77
C TYR B 429 21.51 24.31 -33.70
N ASN B 430 21.82 24.10 -34.98
CA ASN B 430 20.84 23.83 -36.03
C ASN B 430 20.87 22.33 -36.30
N LEU B 431 20.01 21.59 -35.60
CA LEU B 431 20.05 20.13 -35.68
C LEU B 431 19.61 19.62 -37.04
N THR B 432 18.67 20.32 -37.68
CA THR B 432 18.22 19.91 -39.00
C THR B 432 19.38 19.87 -39.99
N LYS B 433 20.22 20.90 -39.97
CA LYS B 433 21.38 20.93 -40.87
C LYS B 433 22.33 19.77 -40.61
N LEU B 434 22.57 19.47 -39.33
CA LEU B 434 23.51 18.40 -38.99
C LEU B 434 22.99 17.04 -39.45
N LEU B 435 21.72 16.74 -39.14
CA LEU B 435 21.17 15.43 -39.45
C LEU B 435 21.03 15.20 -40.96
N SER B 436 20.77 16.27 -41.71
CA SER B 436 20.63 16.13 -43.16
C SER B 436 21.91 15.62 -43.81
N LEU B 437 23.06 15.94 -43.22
CA LEU B 437 24.35 15.57 -43.80
C LEU B 437 24.60 14.08 -43.74
N PHE B 438 23.84 13.33 -42.95
CA PHE B 438 24.11 11.92 -42.71
C PHE B 438 22.90 11.07 -43.05
N GLN B 439 23.17 9.81 -43.41
CA GLN B 439 22.13 8.81 -43.64
C GLN B 439 22.09 7.88 -42.43
N VAL B 440 21.07 8.06 -41.59
CA VAL B 440 20.96 7.30 -40.35
C VAL B 440 20.44 5.90 -40.66
N SER B 441 21.12 4.89 -40.13
CA SER B 441 20.69 3.51 -40.27
C SER B 441 19.95 2.99 -39.04
N GLU B 442 20.29 3.47 -37.86
CA GLU B 442 19.67 3.02 -36.62
C GLU B 442 19.93 4.04 -35.53
N PHE B 443 19.01 4.11 -34.58
CA PHE B 443 19.19 4.92 -33.39
C PHE B 443 18.56 4.21 -32.19
N SER B 444 19.17 4.37 -31.02
CA SER B 444 18.62 3.82 -29.79
C SER B 444 18.87 4.81 -28.67
N CYS B 445 17.81 5.31 -28.07
CA CYS B 445 17.89 6.31 -27.02
C CYS B 445 17.41 5.75 -25.69
N HIS B 446 17.94 6.33 -24.60
CA HIS B 446 17.62 5.93 -23.25
C HIS B 446 17.10 7.15 -22.48
N GLN B 447 15.88 7.07 -21.95
CA GLN B 447 15.25 8.11 -21.16
C GLN B 447 15.11 9.43 -21.91
N VAL B 448 15.08 9.38 -23.25
CA VAL B 448 14.93 10.57 -24.08
C VAL B 448 14.57 10.10 -25.48
N SER B 449 14.03 11.01 -26.29
CA SER B 449 13.70 10.70 -27.67
C SER B 449 14.42 11.66 -28.62
N PRO B 450 14.79 11.20 -29.82
CA PRO B 450 15.46 12.11 -30.77
C PRO B 450 14.66 13.35 -31.11
N SER B 451 13.33 13.21 -31.23
CA SER B 451 12.50 14.37 -31.50
C SER B 451 12.58 15.40 -30.37
N SER B 452 12.64 14.94 -29.11
CA SER B 452 12.76 15.87 -28.00
C SER B 452 14.11 16.57 -27.98
N LEU B 453 15.16 15.92 -28.49
CA LEU B 453 16.48 16.54 -28.56
C LEU B 453 16.55 17.67 -29.57
N ALA B 454 15.53 17.84 -30.40
CA ALA B 454 15.49 18.92 -31.38
C ALA B 454 14.59 20.07 -30.94
N THR B 455 13.98 19.97 -29.75
CA THR B 455 13.08 21.03 -29.30
C THR B 455 13.22 21.36 -27.81
N GLY B 456 14.29 20.92 -27.14
CA GLY B 456 14.43 21.15 -25.73
C GLY B 456 15.81 21.69 -25.39
N CYS B 457 15.88 22.35 -24.23
CA CYS B 457 17.11 22.94 -23.75
C CYS B 457 17.74 22.03 -22.69
N TYR B 458 19.07 22.06 -22.61
CA TYR B 458 19.80 21.27 -21.64
C TYR B 458 20.95 22.10 -21.10
N SER B 459 21.49 21.65 -19.96
CA SER B 459 22.64 22.31 -19.36
C SER B 459 23.94 22.00 -20.09
N SER B 460 24.06 20.79 -20.65
CA SER B 460 25.29 20.38 -21.33
C SER B 460 24.95 19.37 -22.41
N LEU B 461 25.77 19.34 -23.46
CA LEU B 461 25.61 18.39 -24.56
C LEU B 461 26.97 17.77 -24.86
N THR B 462 27.07 16.45 -24.70
CA THR B 462 28.31 15.73 -24.97
C THR B 462 28.10 14.75 -26.12
N VAL B 463 29.06 14.72 -27.06
CA VAL B 463 29.02 13.85 -28.23
C VAL B 463 30.36 13.16 -28.36
N ASP B 464 30.33 11.82 -28.42
CA ASP B 464 31.51 11.03 -28.79
C ASP B 464 31.28 10.40 -30.16
N TYR B 465 32.26 10.55 -31.06
CA TYR B 465 32.14 10.03 -32.41
C TYR B 465 33.46 9.37 -32.84
N PHE B 466 33.33 8.38 -33.72
CA PHE B 466 34.46 7.63 -34.24
C PHE B 466 34.00 6.87 -35.48
N ALA B 467 34.96 6.38 -36.25
CA ALA B 467 34.66 5.56 -37.42
C ALA B 467 34.29 4.15 -36.99
N TYR B 468 33.21 3.61 -37.56
CA TYR B 468 32.72 2.30 -37.15
C TYR B 468 31.88 1.72 -38.28
N SER B 469 32.12 0.44 -38.58
CA SER B 469 31.34 -0.25 -39.61
C SER B 469 29.98 -0.65 -39.06
N THR B 470 28.95 -0.47 -39.89
CA THR B 470 27.57 -0.72 -39.44
C THR B 470 27.32 -2.19 -39.17
N ASP B 471 27.98 -3.10 -39.90
CA ASP B 471 27.74 -4.52 -39.72
C ASP B 471 28.17 -5.04 -38.36
N MET B 472 28.98 -4.28 -37.61
CA MET B 472 29.35 -4.63 -36.26
C MET B 472 28.49 -3.92 -35.22
N SER B 473 27.24 -3.62 -35.56
CA SER B 473 26.36 -2.88 -34.66
C SER B 473 26.09 -3.65 -33.38
N SER B 474 25.93 -4.97 -33.48
CA SER B 474 25.58 -5.77 -32.31
C SER B 474 26.64 -5.69 -31.22
N TYR B 475 27.90 -5.47 -31.59
CA TYR B 475 28.98 -5.41 -30.61
C TYR B 475 28.98 -4.12 -29.79
N LEU B 476 28.20 -3.12 -30.19
CA LEU B 476 28.06 -1.88 -29.44
C LEU B 476 26.83 -1.87 -28.54
N GLN B 477 26.02 -2.93 -28.56
CA GLN B 477 24.79 -2.97 -27.80
C GLN B 477 25.08 -3.16 -26.31
N PRO B 478 24.21 -2.62 -25.44
CA PRO B 478 24.41 -2.81 -24.00
C PRO B 478 24.43 -4.28 -23.63
N GLY B 479 25.45 -4.65 -22.84
CA GLY B 479 25.58 -6.02 -22.38
C GLY B 479 26.34 -6.95 -23.31
N SER B 480 26.94 -6.42 -24.39
CA SER B 480 27.66 -7.26 -25.32
C SER B 480 28.87 -7.90 -24.66
N ALA B 481 29.24 -9.09 -25.13
CA ALA B 481 30.37 -9.82 -24.60
C ALA B 481 31.58 -9.79 -25.53
N GLY B 482 31.56 -8.93 -26.54
CA GLY B 482 32.65 -8.83 -27.49
C GLY B 482 33.82 -8.00 -26.98
N GLU B 483 34.82 -7.89 -27.84
CA GLU B 483 36.02 -7.12 -27.52
C GLU B 483 35.79 -5.61 -27.61
N ILE B 484 34.76 -5.18 -28.34
CA ILE B 484 34.50 -3.75 -28.50
C ILE B 484 34.16 -3.11 -27.17
N VAL B 485 33.26 -3.72 -26.41
CA VAL B 485 32.89 -3.18 -25.10
C VAL B 485 34.05 -3.33 -24.12
N GLN B 486 34.76 -4.46 -24.17
CA GLN B 486 35.80 -4.73 -23.18
C GLN B 486 36.99 -3.77 -23.32
N PHE B 487 37.41 -3.48 -24.55
CA PHE B 487 38.68 -2.79 -24.75
C PHE B 487 38.60 -1.50 -25.56
N ASN B 488 37.47 -1.20 -26.21
CA ASN B 488 37.39 -0.04 -27.10
C ASN B 488 36.47 1.05 -26.57
N TYR B 489 35.20 0.74 -26.28
CA TYR B 489 34.26 1.76 -25.86
C TYR B 489 33.10 1.09 -25.13
N LYS B 490 32.82 1.57 -23.90
CA LYS B 490 31.65 1.13 -23.13
C LYS B 490 30.75 2.34 -22.90
N GLN B 491 29.52 2.26 -23.42
CA GLN B 491 28.56 3.35 -23.26
C GLN B 491 28.12 3.49 -21.82
N ASP B 492 28.04 4.74 -21.34
CA ASP B 492 27.59 5.05 -19.98
C ASP B 492 26.11 5.40 -20.00
N PHE B 493 25.37 4.92 -18.99
CA PHE B 493 23.93 5.13 -18.90
C PHE B 493 23.53 5.91 -17.65
N SER B 494 24.45 6.66 -17.05
CA SER B 494 24.10 7.47 -15.89
C SER B 494 23.29 8.71 -16.26
N ASN B 495 23.29 9.09 -17.52
CA ASN B 495 22.54 10.23 -18.03
C ASN B 495 21.76 9.81 -19.28
N PRO B 496 20.70 10.53 -19.62
CA PRO B 496 20.00 10.24 -20.87
C PRO B 496 20.95 10.30 -22.06
N THR B 497 20.85 9.30 -22.93
CA THR B 497 21.81 9.16 -24.02
C THR B 497 21.15 8.51 -25.23
N CYS B 498 21.77 8.72 -26.38
CA CYS B 498 21.34 8.11 -27.63
C CYS B 498 22.54 7.50 -28.34
N ARG B 499 22.30 6.41 -29.06
CA ARG B 499 23.33 5.78 -29.88
C ARG B 499 22.87 5.82 -31.34
N VAL B 500 23.66 6.45 -32.20
CA VAL B 500 23.30 6.67 -33.60
C VAL B 500 24.41 6.09 -34.48
N LEU B 501 24.02 5.34 -35.50
CA LEU B 501 24.93 4.88 -36.55
C LEU B 501 24.47 5.46 -37.87
N ALA B 502 25.41 5.97 -38.66
CA ALA B 502 25.06 6.66 -39.89
C ALA B 502 26.15 6.44 -40.93
N THR B 503 25.77 6.66 -42.20
CA THR B 503 26.66 6.53 -43.34
C THR B 503 26.92 7.89 -43.95
N VAL B 504 28.18 8.19 -44.24
CA VAL B 504 28.58 9.46 -44.84
C VAL B 504 28.35 9.41 -46.34
N PRO B 505 27.57 10.33 -46.91
CA PRO B 505 27.34 10.33 -48.36
C PRO B 505 28.59 10.74 -49.12
N GLN B 506 28.58 10.43 -50.42
CA GLN B 506 29.71 10.75 -51.28
C GLN B 506 29.89 12.26 -51.45
N ASN B 507 28.78 13.00 -51.55
CA ASN B 507 28.87 14.44 -51.78
C ASN B 507 29.49 15.18 -50.61
N LEU B 508 29.53 14.58 -49.43
CA LEU B 508 30.13 15.20 -48.25
C LEU B 508 31.64 14.98 -48.32
N THR B 509 32.31 15.85 -49.08
CA THR B 509 33.73 15.71 -49.34
C THR B 509 34.61 16.30 -48.24
N THR B 510 34.05 17.02 -47.28
CA THR B 510 34.86 17.59 -46.21
C THR B 510 35.38 16.51 -45.26
N ILE B 511 34.67 15.39 -45.15
CA ILE B 511 35.10 14.28 -44.32
C ILE B 511 35.95 13.34 -45.17
N THR B 512 37.16 13.06 -44.70
CA THR B 512 38.12 12.24 -45.43
C THR B 512 38.08 10.80 -44.93
N LYS B 513 38.06 9.85 -45.88
CA LYS B 513 38.03 8.45 -45.51
C LYS B 513 39.37 8.02 -44.93
N PRO B 514 39.37 7.21 -43.88
CA PRO B 514 40.61 6.55 -43.45
C PRO B 514 40.91 5.34 -44.31
N SER B 515 42.11 4.80 -44.14
CA SER B 515 42.52 3.64 -44.93
C SER B 515 41.79 2.39 -44.47
N ASN B 516 41.72 2.16 -43.15
CA ASN B 516 41.17 0.92 -42.60
C ASN B 516 40.36 1.25 -41.36
N TYR B 517 39.42 0.35 -41.05
CA TYR B 517 38.80 0.34 -39.73
C TYR B 517 39.69 -0.42 -38.76
N ALA B 518 39.74 0.05 -37.51
CA ALA B 518 40.62 -0.56 -36.53
C ALA B 518 39.94 -0.62 -35.17
N TYR B 519 40.26 -1.67 -34.42
CA TYR B 519 39.83 -1.81 -33.03
C TYR B 519 40.79 -2.75 -32.32
N LEU B 520 40.86 -2.60 -31.01
CA LEU B 520 41.75 -3.41 -30.19
C LEU B 520 41.09 -4.73 -29.83
N THR B 521 41.89 -5.80 -29.82
CA THR B 521 41.39 -7.13 -29.46
C THR B 521 41.70 -7.52 -28.02
N GLU B 522 42.77 -6.97 -27.42
CA GLU B 522 43.10 -7.30 -26.05
C GLU B 522 44.02 -6.22 -25.48
N CYS B 523 44.00 -6.11 -24.16
CA CYS B 523 44.86 -5.16 -23.44
C CYS B 523 45.04 -5.71 -22.03
N TYR B 524 46.25 -6.12 -21.69
CA TYR B 524 46.48 -6.86 -20.45
C TYR B 524 47.87 -6.54 -19.90
N LYS B 525 48.07 -6.90 -18.64
CA LYS B 525 49.37 -6.82 -17.99
C LYS B 525 49.86 -8.24 -17.68
N THR B 526 51.15 -8.47 -17.92
CA THR B 526 51.73 -9.77 -17.65
C THR B 526 51.76 -10.03 -16.14
N SER B 527 51.32 -11.22 -15.74
CA SER B 527 51.31 -11.61 -14.33
C SER B 527 51.80 -13.04 -14.22
N ALA B 528 52.09 -13.45 -12.98
CA ALA B 528 52.56 -14.81 -12.75
C ALA B 528 51.50 -15.83 -13.11
N TYR B 529 50.24 -15.57 -12.75
CA TYR B 529 49.16 -16.50 -13.09
C TYR B 529 48.89 -16.53 -14.59
N GLY B 530 49.02 -15.40 -15.27
CA GLY B 530 48.78 -15.33 -16.70
C GLY B 530 48.51 -13.93 -17.19
N LYS B 531 47.49 -13.76 -18.02
CA LYS B 531 47.13 -12.46 -18.56
C LYS B 531 46.16 -11.77 -17.60
N ASN B 532 46.51 -10.55 -17.19
CA ASN B 532 45.66 -9.73 -16.33
C ASN B 532 45.00 -8.67 -17.20
N TYR B 533 43.80 -8.98 -17.70
CA TYR B 533 43.12 -8.09 -18.62
C TYR B 533 42.67 -6.81 -17.94
N LEU B 534 42.73 -5.70 -18.67
CA LEU B 534 42.25 -4.41 -18.21
C LEU B 534 41.05 -4.01 -19.06
N TYR B 535 39.93 -3.68 -18.41
CA TYR B 535 38.69 -3.38 -19.09
C TYR B 535 38.37 -1.90 -19.01
N ASN B 536 37.66 -1.40 -20.02
CA ASN B 536 37.31 0.01 -20.09
C ASN B 536 36.20 0.35 -19.09
N ALA B 537 36.37 1.45 -18.38
CA ALA B 537 35.27 2.00 -17.60
C ALA B 537 34.25 2.64 -18.52
N PRO B 538 32.99 2.73 -18.10
CA PRO B 538 31.98 3.40 -18.93
C PRO B 538 32.37 4.83 -19.25
N GLY B 539 32.45 5.15 -20.54
CA GLY B 539 32.80 6.47 -21.01
C GLY B 539 34.28 6.81 -20.95
N GLY B 540 35.11 5.94 -20.39
CA GLY B 540 36.53 6.19 -20.30
C GLY B 540 37.31 5.65 -21.48
N TYR B 541 38.62 5.92 -21.46
CA TYR B 541 39.54 5.43 -22.47
C TYR B 541 40.25 4.16 -21.99
N THR B 542 40.74 3.39 -22.95
CA THR B 542 41.47 2.18 -22.63
C THR B 542 42.84 2.52 -22.06
N PRO B 543 43.34 1.75 -21.09
CA PRO B 543 44.69 1.99 -20.58
C PRO B 543 45.78 1.81 -21.61
N CYS B 544 45.54 1.01 -22.66
CA CYS B 544 46.52 0.76 -23.71
C CYS B 544 46.50 1.83 -24.80
N LEU B 545 45.99 3.03 -24.50
CA LEU B 545 45.86 4.07 -25.52
C LEU B 545 47.23 4.53 -26.03
N SER B 546 48.19 4.69 -25.13
CA SER B 546 49.53 5.14 -25.55
C SER B 546 50.19 4.11 -26.44
N LEU B 547 50.07 2.82 -26.11
CA LEU B 547 50.64 1.77 -26.96
C LEU B 547 49.94 1.72 -28.31
N ALA B 548 48.63 1.91 -28.33
CA ALA B 548 47.88 1.85 -29.58
C ALA B 548 48.21 3.01 -30.51
N SER B 549 48.80 4.09 -29.99
CA SER B 549 49.15 5.23 -30.82
C SER B 549 50.30 4.94 -31.78
N ARG B 550 51.05 3.87 -31.56
CA ARG B 550 52.14 3.51 -32.46
C ARG B 550 51.64 3.09 -33.84
N GLY B 551 50.38 2.69 -33.94
CA GLY B 551 49.79 2.34 -35.22
C GLY B 551 49.87 0.85 -35.50
N PHE B 552 48.90 0.37 -36.28
CA PHE B 552 48.83 -1.02 -36.68
C PHE B 552 48.89 -1.11 -38.20
N SER B 553 49.81 -1.93 -38.71
CA SER B 553 49.97 -2.09 -40.15
C SER B 553 49.50 -3.45 -40.67
N THR B 554 49.38 -4.46 -39.80
CA THR B 554 48.93 -5.78 -40.19
C THR B 554 47.96 -6.31 -39.15
N LYS B 555 47.20 -7.33 -39.55
CA LYS B 555 46.24 -7.94 -38.64
C LYS B 555 46.95 -8.62 -37.46
N TYR B 556 46.37 -8.49 -36.28
CA TYR B 556 46.88 -9.12 -35.05
C TYR B 556 48.32 -8.70 -34.77
N GLN B 557 48.62 -7.43 -34.99
CA GLN B 557 49.91 -6.87 -34.62
C GLN B 557 49.89 -6.44 -33.16
N SER B 558 50.95 -6.76 -32.44
CA SER B 558 51.04 -6.50 -31.01
C SER B 558 52.11 -5.47 -30.71
N HIS B 559 51.85 -4.60 -29.74
CA HIS B 559 52.81 -3.63 -29.24
C HIS B 559 52.94 -3.79 -27.73
N SER B 560 54.16 -3.74 -27.24
CA SER B 560 54.42 -3.88 -25.81
C SER B 560 55.49 -2.89 -25.38
N ASP B 561 55.38 -2.40 -24.15
CA ASP B 561 56.36 -1.50 -23.56
C ASP B 561 56.83 -2.03 -22.21
N GLY B 562 56.75 -3.34 -22.00
CA GLY B 562 57.07 -3.92 -20.72
C GLY B 562 55.87 -4.60 -20.08
N GLU B 563 55.33 -4.00 -19.02
CA GLU B 563 54.20 -4.61 -18.32
C GLU B 563 52.92 -4.60 -19.14
N LEU B 564 52.76 -3.66 -20.07
CA LEU B 564 51.54 -3.53 -20.84
C LEU B 564 51.72 -4.09 -22.25
N THR B 565 50.69 -4.77 -22.74
CA THR B 565 50.67 -5.34 -24.08
C THR B 565 49.28 -5.19 -24.68
N THR B 566 49.22 -4.82 -25.95
CA THR B 566 47.96 -4.67 -26.65
C THR B 566 48.08 -5.26 -28.05
N THR B 567 46.92 -5.60 -28.63
CA THR B 567 46.86 -6.18 -29.96
C THR B 567 45.75 -5.49 -30.75
N GLY B 568 45.97 -5.29 -32.04
CA GLY B 568 45.00 -4.60 -32.88
C GLY B 568 44.56 -5.40 -34.08
N TYR B 569 43.42 -5.03 -34.66
CA TYR B 569 42.86 -5.68 -35.83
C TYR B 569 42.40 -4.62 -36.82
N ILE B 570 42.74 -4.80 -38.09
CA ILE B 570 42.40 -3.83 -39.13
C ILE B 570 41.80 -4.56 -40.32
N TYR B 571 40.99 -3.82 -41.09
CA TYR B 571 40.43 -4.33 -42.34
C TYR B 571 40.05 -3.14 -43.20
N PRO B 572 40.13 -3.27 -44.53
CA PRO B 572 39.95 -2.11 -45.40
C PRO B 572 38.53 -1.56 -45.36
N VAL B 573 38.44 -0.27 -45.70
CA VAL B 573 37.16 0.43 -45.80
C VAL B 573 36.67 0.31 -47.24
N THR B 574 35.47 -0.24 -47.40
CA THR B 574 34.86 -0.43 -48.72
C THR B 574 33.59 0.40 -48.82
N GLY B 575 33.44 1.12 -49.92
CA GLY B 575 32.25 1.94 -50.11
C GLY B 575 32.29 3.21 -49.27
N ASN B 576 31.11 3.73 -48.98
CA ASN B 576 30.99 4.96 -48.21
C ASN B 576 31.42 4.75 -46.76
N LEU B 577 31.96 5.80 -46.17
CA LEU B 577 32.39 5.75 -44.78
C LEU B 577 31.18 5.69 -43.85
N GLN B 578 31.32 4.93 -42.77
CA GLN B 578 30.29 4.79 -41.76
C GLN B 578 30.85 5.20 -40.40
N MET B 579 30.03 5.89 -39.60
CA MET B 579 30.48 6.46 -38.34
C MET B 579 29.47 6.14 -37.25
N ALA B 580 29.87 6.44 -36.01
CA ALA B 580 29.04 6.25 -34.83
C ALA B 580 29.02 7.52 -34.02
N PHE B 581 27.92 7.74 -33.29
CA PHE B 581 27.74 8.95 -32.48
C PHE B 581 27.05 8.59 -31.19
N ILE B 582 27.72 8.85 -30.06
CA ILE B 582 27.18 8.63 -28.73
C ILE B 582 26.88 9.99 -28.11
N ILE B 583 25.61 10.33 -27.99
CA ILE B 583 25.17 11.64 -27.52
C ILE B 583 24.61 11.51 -26.12
N SER B 584 24.99 12.42 -25.22
CA SER B 584 24.45 12.45 -23.87
C SER B 584 24.10 13.89 -23.49
N VAL B 585 23.04 14.06 -22.71
CA VAL B 585 22.57 15.36 -22.28
C VAL B 585 22.30 15.33 -20.78
N GLN B 586 22.35 16.54 -20.20
CA GLN B 586 22.04 16.72 -18.76
C GLN B 586 21.01 17.85 -18.61
N TYR B 587 20.06 17.70 -17.70
CA TYR B 587 19.06 18.71 -17.42
C TYR B 587 19.35 19.34 -16.06
N GLY B 588 19.44 20.66 -16.02
CA GLY B 588 19.71 21.38 -14.79
C GLY B 588 18.49 22.11 -14.28
N THR B 589 18.34 22.15 -12.95
CA THR B 589 17.24 22.88 -12.34
C THR B 589 17.34 24.38 -12.61
N ASP B 590 18.54 24.88 -12.87
CA ASP B 590 18.74 26.28 -13.22
C ASP B 590 18.49 26.45 -14.71
N THR B 591 18.87 27.61 -15.25
CA THR B 591 18.73 27.87 -16.68
C THR B 591 19.52 26.86 -17.49
N ASN B 592 18.93 26.43 -18.61
CA ASN B 592 19.55 25.51 -19.56
C ASN B 592 19.94 26.32 -20.79
N SER B 593 21.23 26.52 -20.98
CA SER B 593 21.75 27.44 -21.98
C SER B 593 22.05 26.79 -23.32
N VAL B 594 21.78 25.49 -23.48
CA VAL B 594 22.00 24.79 -24.73
C VAL B 594 20.64 24.47 -25.34
N CYS B 595 20.25 25.23 -26.36
CA CYS B 595 18.94 25.10 -26.98
C CYS B 595 19.09 25.03 -28.50
N PRO B 596 18.20 24.31 -29.18
CA PRO B 596 18.20 24.35 -30.65
C PRO B 596 17.70 25.69 -31.17
N MET B 597 18.04 25.97 -32.43
CA MET B 597 17.62 27.22 -33.05
C MET B 597 16.12 27.26 -33.29
N GLN B 598 15.49 26.11 -33.51
CA GLN B 598 14.04 26.06 -33.69
C GLN B 598 13.30 26.49 -32.44
N ALA B 599 13.89 26.34 -31.27
CA ALA B 599 13.28 26.75 -30.00
C ALA B 599 13.67 28.15 -29.57
N LEU B 600 14.46 28.87 -30.38
CA LEU B 600 14.86 30.22 -30.04
C LEU B 600 13.74 31.19 -30.40
N ARG B 601 13.04 31.70 -29.39
CA ARG B 601 11.95 32.64 -29.60
C ARG B 601 11.83 33.51 -28.36
N ASN B 602 11.22 34.68 -28.52
CA ASN B 602 11.03 35.61 -27.42
C ASN B 602 9.57 36.01 -27.28
N ASP B 603 8.66 35.05 -27.32
CA ASP B 603 7.23 35.32 -27.19
C ASP B 603 6.88 35.61 -25.73
N THR B 604 7.47 36.68 -25.22
CA THR B 604 7.29 37.13 -23.84
C THR B 604 6.15 38.13 -23.72
N SER B 605 4.97 37.76 -24.22
CA SER B 605 3.78 38.60 -24.10
C SER B 605 3.00 38.26 -22.83
N ILE B 606 3.71 38.26 -21.70
CA ILE B 606 3.09 37.88 -20.43
C ILE B 606 2.19 39.00 -19.91
N GLU B 607 2.45 40.25 -20.28
CA GLU B 607 1.64 41.35 -19.79
C GLU B 607 0.19 41.22 -20.24
N ASP B 608 -0.02 40.82 -21.49
CA ASP B 608 -1.37 40.62 -22.01
C ASP B 608 -1.97 39.28 -21.63
N LYS B 609 -1.16 38.33 -21.16
CA LYS B 609 -1.63 37.00 -20.78
C LYS B 609 -1.56 36.79 -19.27
N LEU B 610 -1.81 37.84 -18.48
CA LEU B 610 -1.70 37.71 -17.03
C LEU B 610 -2.83 36.84 -16.47
N ASP B 611 -4.07 37.11 -16.87
CA ASP B 611 -5.23 36.41 -16.31
C ASP B 611 -5.66 35.25 -17.20
N VAL B 612 -4.74 34.30 -17.39
CA VAL B 612 -5.03 33.12 -18.20
C VAL B 612 -4.01 32.04 -17.87
N CYS B 613 -4.50 30.80 -17.79
CA CYS B 613 -3.63 29.64 -17.67
C CYS B 613 -2.84 29.44 -18.96
N VAL B 614 -1.51 29.44 -18.86
CA VAL B 614 -0.65 29.36 -20.04
C VAL B 614 0.44 28.33 -19.82
N GLU B 615 0.98 27.83 -20.94
CA GLU B 615 2.16 26.98 -20.93
C GLU B 615 3.39 27.87 -21.07
N TYR B 616 4.31 27.77 -20.11
CA TYR B 616 5.51 28.59 -20.09
C TYR B 616 6.74 27.72 -20.31
N SER B 617 7.72 28.29 -21.03
CA SER B 617 9.01 27.65 -21.26
C SER B 617 10.08 28.73 -21.04
N LEU B 618 10.59 28.79 -19.81
CA LEU B 618 11.49 29.85 -19.38
C LEU B 618 12.87 29.26 -19.11
N HIS B 619 13.80 29.50 -20.02
CA HIS B 619 15.20 29.05 -19.88
C HIS B 619 15.29 27.56 -19.60
N GLY B 620 14.50 26.78 -20.33
CA GLY B 620 14.50 25.33 -20.17
C GLY B 620 13.57 24.80 -19.12
N ILE B 621 12.84 25.66 -18.41
CA ILE B 621 11.87 25.24 -17.39
C ILE B 621 10.49 25.32 -18.00
N THR B 622 9.77 24.20 -18.01
CA THR B 622 8.46 24.10 -18.63
C THR B 622 7.40 23.76 -17.60
N GLY B 623 6.16 24.12 -17.92
CA GLY B 623 5.05 23.82 -17.05
C GLY B 623 3.83 24.64 -17.43
N ARG B 624 2.80 24.53 -16.59
CA ARG B 624 1.56 25.27 -16.75
C ARG B 624 1.27 26.03 -15.47
N GLY B 625 0.73 27.23 -15.60
CA GLY B 625 0.40 28.01 -14.41
C GLY B 625 -0.19 29.35 -14.80
N VAL B 626 -0.50 30.13 -13.76
CA VAL B 626 -1.06 31.47 -13.91
C VAL B 626 -0.11 32.45 -13.24
N PHE B 627 0.19 33.55 -13.94
CA PHE B 627 1.13 34.54 -13.46
C PHE B 627 0.37 35.73 -12.87
N HIS B 628 0.72 36.08 -11.63
CA HIS B 628 0.11 37.19 -10.93
C HIS B 628 1.17 38.26 -10.65
N ASN B 629 0.80 39.52 -10.87
CA ASN B 629 1.73 40.62 -10.61
C ASN B 629 2.09 40.67 -9.13
N CYS B 630 3.39 40.62 -8.84
CA CYS B 630 3.86 40.56 -7.45
C CYS B 630 5.11 41.41 -7.31
N THR B 631 5.37 41.83 -6.08
CA THR B 631 6.52 42.67 -5.75
C THR B 631 7.50 41.87 -4.90
N SER B 632 8.75 41.79 -5.35
CA SER B 632 9.78 41.06 -4.63
C SER B 632 11.17 41.42 -5.17
N LEU B 635 16.59 36.81 -3.46
CA LEU B 635 17.60 36.14 -2.65
C LEU B 635 18.99 36.30 -3.26
N ARG B 636 19.12 35.96 -4.53
CA ARG B 636 20.41 36.04 -5.22
C ARG B 636 20.14 36.36 -6.69
N ASN B 637 21.18 36.21 -7.52
CA ASN B 637 21.08 36.46 -8.96
C ASN B 637 20.44 35.25 -9.63
N GLN B 638 19.17 35.02 -9.28
CA GLN B 638 18.40 33.92 -9.82
C GLN B 638 17.02 34.42 -10.23
N ARG B 639 16.54 33.96 -11.38
CA ARG B 639 15.25 34.37 -11.90
C ARG B 639 14.09 33.51 -11.42
N PHE B 640 14.36 32.42 -10.72
CA PHE B 640 13.33 31.48 -10.28
C PHE B 640 13.32 31.39 -8.75
N VAL B 641 12.13 31.39 -8.18
CA VAL B 641 11.92 31.25 -6.74
C VAL B 641 11.18 29.94 -6.48
N TYR B 642 11.70 29.14 -5.56
CA TYR B 642 11.11 27.85 -5.22
C TYR B 642 10.80 27.79 -3.74
N ASP B 643 9.70 27.12 -3.39
CA ASP B 643 9.37 26.88 -2.00
C ASP B 643 10.16 25.68 -1.46
N THR B 644 9.97 25.40 -0.17
CA THR B 644 10.67 24.29 0.47
C THR B 644 10.42 22.96 -0.25
N PHE B 645 9.24 22.79 -0.84
CA PHE B 645 8.87 21.56 -1.52
C PHE B 645 9.19 21.58 -3.01
N ASP B 646 10.08 22.47 -3.44
CA ASP B 646 10.57 22.56 -4.82
C ASP B 646 9.46 22.90 -5.82
N ASN B 647 8.48 23.68 -5.40
CA ASN B 647 7.46 24.21 -6.30
C ASN B 647 7.86 25.59 -6.75
N LEU B 648 7.77 25.83 -8.06
CA LEU B 648 8.09 27.13 -8.64
C LEU B 648 6.99 28.12 -8.26
N VAL B 649 7.34 29.13 -7.46
CA VAL B 649 6.36 30.08 -6.96
C VAL B 649 6.61 31.51 -7.46
N GLY B 650 7.81 31.84 -7.89
CA GLY B 650 8.11 33.19 -8.33
C GLY B 650 9.08 33.25 -9.49
N TYR B 651 8.89 34.21 -10.38
CA TYR B 651 9.76 34.35 -11.54
C TYR B 651 10.11 35.82 -11.77
N HIS B 652 11.35 36.06 -12.18
CA HIS B 652 11.79 37.37 -12.61
C HIS B 652 11.94 37.36 -14.12
N SER B 653 11.24 38.29 -14.78
CA SER B 653 11.14 38.29 -16.24
C SER B 653 12.06 39.34 -16.85
N TYR B 654 12.14 39.31 -18.18
CA TYR B 654 12.98 40.26 -18.91
C TYR B 654 12.42 41.67 -18.84
N ASN B 655 11.10 41.82 -18.76
CA ASN B 655 10.50 43.15 -18.74
C ASN B 655 10.90 43.92 -17.50
N GLY B 656 11.17 43.21 -16.40
CA GLY B 656 11.50 43.83 -15.13
C GLY B 656 10.49 43.61 -14.03
N ASN B 657 9.35 43.01 -14.33
CA ASN B 657 8.33 42.72 -13.33
C ASN B 657 8.66 41.42 -12.61
N TYR B 658 8.04 41.25 -11.44
CA TYR B 658 8.09 40.00 -10.70
C TYR B 658 6.70 39.40 -10.68
N TYR B 659 6.60 38.10 -10.93
CA TYR B 659 5.31 37.44 -11.04
C TYR B 659 5.22 36.27 -10.07
N CYS B 660 4.06 36.17 -9.41
CA CYS B 660 3.75 35.00 -8.63
C CYS B 660 3.23 33.90 -9.54
N VAL B 661 3.69 32.68 -9.29
CA VAL B 661 3.36 31.53 -10.14
C VAL B 661 2.51 30.59 -9.31
N ARG B 662 1.31 30.30 -9.81
CA ARG B 662 0.36 29.38 -9.18
C ARG B 662 -0.17 28.43 -10.23
N PRO B 663 -0.58 27.22 -9.82
CA PRO B 663 -1.18 26.29 -10.77
C PRO B 663 -2.52 26.81 -11.29
N CYS B 664 -2.92 26.27 -12.44
CA CYS B 664 -4.12 26.76 -13.11
C CYS B 664 -5.40 26.49 -12.32
N VAL B 665 -5.36 25.59 -11.34
CA VAL B 665 -6.45 25.40 -10.39
C VAL B 665 -5.85 25.58 -9.01
N SER B 666 -6.05 26.75 -8.41
CA SER B 666 -5.45 27.06 -7.13
C SER B 666 -6.48 27.55 -6.11
N VAL B 667 -7.49 28.28 -6.57
CA VAL B 667 -8.47 28.87 -5.66
C VAL B 667 -9.39 27.78 -5.13
N PRO B 668 -9.50 27.60 -3.81
CA PRO B 668 -10.44 26.61 -3.28
C PRO B 668 -11.88 27.00 -3.55
N VAL B 669 -12.72 26.01 -3.82
CA VAL B 669 -14.12 26.22 -4.12
C VAL B 669 -14.94 25.22 -3.31
N SER B 670 -15.98 25.71 -2.63
CA SER B 670 -16.90 24.87 -1.89
C SER B 670 -18.33 25.26 -2.23
N VAL B 671 -19.21 24.27 -2.24
CA VAL B 671 -20.60 24.45 -2.64
C VAL B 671 -21.51 24.12 -1.47
N ILE B 672 -22.43 25.02 -1.15
CA ILE B 672 -23.46 24.79 -0.15
C ILE B 672 -24.74 24.43 -0.89
N TYR B 673 -25.25 23.23 -0.66
CA TYR B 673 -26.41 22.71 -1.36
C TYR B 673 -27.51 22.37 -0.38
N ASP B 674 -28.74 22.74 -0.72
CA ASP B 674 -29.93 22.39 0.05
C ASP B 674 -30.82 21.49 -0.80
N LYS B 675 -31.14 20.31 -0.26
CA LYS B 675 -31.91 19.32 -1.01
C LYS B 675 -33.38 19.69 -1.11
N VAL B 676 -33.95 20.30 -0.08
CA VAL B 676 -35.39 20.57 -0.07
C VAL B 676 -35.76 21.56 -1.16
N SER B 677 -35.04 22.67 -1.26
CA SER B 677 -35.33 23.70 -2.24
C SER B 677 -34.53 23.54 -3.54
N ASN B 678 -33.60 22.59 -3.58
CA ASN B 678 -32.76 22.35 -4.76
C ASN B 678 -32.01 23.62 -5.17
N SER B 679 -31.52 24.35 -4.17
CA SER B 679 -30.74 25.56 -4.41
C SER B 679 -29.31 25.35 -3.92
N HIS B 680 -28.39 26.15 -4.47
CA HIS B 680 -26.98 26.02 -4.14
C HIS B 680 -26.34 27.40 -4.14
N ALA B 681 -25.22 27.50 -3.42
CA ALA B 681 -24.43 28.71 -3.35
C ALA B 681 -22.95 28.34 -3.37
N THR B 682 -22.11 29.34 -3.56
CA THR B 682 -20.67 29.14 -3.70
C THR B 682 -19.92 29.97 -2.69
N LEU B 683 -18.90 29.36 -2.07
CA LEU B 683 -18.02 30.03 -1.13
C LEU B 683 -16.57 29.82 -1.58
N PHE B 684 -15.83 30.92 -1.71
CA PHE B 684 -14.42 30.87 -2.05
C PHE B 684 -13.62 31.06 -0.76
N GLY B 685 -13.13 29.96 -0.21
CA GLY B 685 -12.49 30.01 1.10
C GLY B 685 -11.15 30.73 1.03
N SER B 686 -10.94 31.67 1.95
CA SER B 686 -9.67 32.36 2.17
C SER B 686 -9.24 33.24 0.99
N VAL B 687 -10.17 33.68 0.15
CA VAL B 687 -9.87 34.54 -0.99
C VAL B 687 -10.62 35.85 -0.84
N ALA B 688 -9.91 36.97 -1.01
CA ALA B 688 -10.57 38.27 -1.04
C ALA B 688 -11.47 38.38 -2.26
N CYS B 689 -12.61 39.06 -2.07
CA CYS B 689 -13.58 39.19 -3.15
C CYS B 689 -12.98 39.87 -4.37
N SER B 690 -12.12 40.86 -4.13
CA SER B 690 -11.54 41.64 -5.23
C SER B 690 -10.68 40.77 -6.14
N HIS B 691 -9.92 39.83 -5.57
CA HIS B 691 -9.09 38.95 -6.40
C HIS B 691 -9.93 37.98 -7.21
N VAL B 692 -11.05 37.50 -6.65
CA VAL B 692 -11.92 36.56 -7.35
C VAL B 692 -12.41 37.15 -8.67
N THR B 693 -12.66 38.47 -8.70
CA THR B 693 -13.10 39.09 -9.94
C THR B 693 -12.04 38.97 -11.04
N THR B 694 -10.76 39.15 -10.68
CA THR B 694 -9.70 39.05 -11.69
C THR B 694 -9.48 37.62 -12.15
N MET B 695 -9.44 36.67 -11.22
CA MET B 695 -9.18 35.27 -11.55
C MET B 695 -10.52 34.58 -11.77
N MET B 696 -10.91 34.44 -13.04
CA MET B 696 -12.15 33.76 -13.40
C MET B 696 -11.93 32.51 -14.25
N SER B 697 -10.75 32.33 -14.84
CA SER B 697 -10.55 31.24 -15.79
C SER B 697 -10.70 29.87 -15.13
N GLN B 698 -10.44 29.77 -13.82
CA GLN B 698 -10.58 28.51 -13.12
C GLN B 698 -12.03 28.12 -12.94
N PHE B 699 -12.92 29.10 -12.80
CA PHE B 699 -14.30 28.84 -12.41
C PHE B 699 -15.12 28.32 -13.59
N SER B 700 -16.34 27.89 -13.29
CA SER B 700 -17.24 27.34 -14.29
C SER B 700 -17.82 28.47 -15.15
N ARG B 701 -18.59 28.08 -16.16
CA ARG B 701 -19.13 29.05 -17.10
C ARG B 701 -20.13 29.99 -16.42
N MET B 702 -21.06 29.42 -15.65
CA MET B 702 -22.07 30.25 -14.99
C MET B 702 -21.44 31.16 -13.94
N THR B 703 -20.42 30.67 -13.23
CA THR B 703 -19.70 31.52 -12.29
C THR B 703 -19.02 32.67 -13.00
N LYS B 704 -18.41 32.39 -14.16
CA LYS B 704 -17.79 33.45 -14.97
C LYS B 704 -18.83 34.48 -15.40
N THR B 705 -19.99 34.01 -15.88
CA THR B 705 -21.02 34.92 -16.33
C THR B 705 -21.55 35.79 -15.19
N ASN B 706 -21.77 35.18 -14.02
CA ASN B 706 -22.27 35.94 -12.88
C ASN B 706 -21.24 36.95 -12.39
N LEU B 707 -19.97 36.58 -12.38
CA LEU B 707 -18.93 37.52 -11.97
C LEU B 707 -18.83 38.69 -12.95
N LEU B 708 -18.96 38.42 -14.25
CA LEU B 708 -18.90 39.49 -15.24
C LEU B 708 -20.15 40.34 -15.25
N ALA B 709 -21.30 39.79 -14.86
CA ALA B 709 -22.56 40.50 -14.95
C ALA B 709 -22.73 41.57 -13.88
N ARG B 710 -21.92 41.55 -12.82
CA ARG B 710 -21.99 42.50 -11.71
C ARG B 710 -23.41 42.57 -11.15
N THR B 711 -23.90 41.40 -10.72
CA THR B 711 -25.26 41.27 -10.24
C THR B 711 -25.39 41.86 -8.83
N THR B 712 -26.64 42.18 -8.47
CA THR B 712 -26.93 42.65 -7.13
C THR B 712 -26.57 41.66 -6.03
N PRO B 713 -26.83 40.33 -6.16
CA PRO B 713 -26.47 39.42 -5.07
C PRO B 713 -24.98 39.05 -5.08
N GLY B 714 -24.17 39.87 -5.74
CA GLY B 714 -22.77 39.58 -5.99
C GLY B 714 -21.93 39.39 -4.74
N PRO B 715 -20.61 39.27 -4.94
CA PRO B 715 -19.74 38.72 -3.89
C PRO B 715 -19.82 39.50 -2.58
N LEU B 716 -19.78 38.76 -1.48
CA LEU B 716 -19.81 39.31 -0.14
C LEU B 716 -18.65 38.75 0.67
N GLN B 717 -17.86 39.64 1.27
CA GLN B 717 -16.70 39.23 2.05
C GLN B 717 -17.12 38.80 3.45
N THR B 718 -16.76 37.58 3.82
CA THR B 718 -17.01 37.05 5.15
C THR B 718 -15.68 36.74 5.83
N VAL B 719 -15.75 36.22 7.07
CA VAL B 719 -14.54 35.87 7.80
C VAL B 719 -13.97 34.52 7.37
N VAL B 720 -14.67 33.78 6.51
CA VAL B 720 -14.19 32.49 6.01
C VAL B 720 -13.90 32.54 4.51
N GLY B 721 -13.92 33.73 3.91
CA GLY B 721 -13.63 33.93 2.50
C GLY B 721 -14.75 34.66 1.81
N CYS B 722 -14.63 34.80 0.50
CA CYS B 722 -15.63 35.48 -0.30
C CYS B 722 -16.73 34.51 -0.69
N ALA B 723 -17.98 34.95 -0.59
CA ALA B 723 -19.15 34.12 -0.83
C ALA B 723 -20.03 34.76 -1.90
N MET B 724 -20.66 33.90 -2.71
CA MET B 724 -21.60 34.32 -3.74
C MET B 724 -22.95 33.66 -3.50
N GLY B 725 -24.02 34.41 -3.72
CA GLY B 725 -25.35 33.91 -3.50
C GLY B 725 -25.87 34.08 -2.08
N PHE B 726 -25.26 34.95 -1.29
CA PHE B 726 -25.66 35.18 0.08
C PHE B 726 -26.05 36.65 0.28
N ILE B 727 -26.91 36.87 1.27
CA ILE B 727 -27.27 38.21 1.72
C ILE B 727 -26.95 38.30 3.21
N ASN B 728 -26.34 39.41 3.60
CA ASN B 728 -25.92 39.61 4.99
C ASN B 728 -27.14 39.95 5.84
N THR B 729 -27.38 39.14 6.87
CA THR B 729 -28.49 39.35 7.80
C THR B 729 -27.95 39.33 9.22
N SER B 730 -28.70 39.97 10.12
CA SER B 730 -28.35 40.02 11.54
C SER B 730 -29.06 38.94 12.34
N MET B 731 -29.52 37.88 11.68
CA MET B 731 -30.25 36.82 12.37
C MET B 731 -29.32 36.02 13.28
N VAL B 732 -29.89 35.52 14.38
CA VAL B 732 -29.19 34.69 15.34
C VAL B 732 -29.97 33.41 15.53
N VAL B 733 -29.28 32.27 15.40
CA VAL B 733 -29.88 30.96 15.52
C VAL B 733 -29.09 30.14 16.53
N ASP B 734 -29.74 29.11 17.08
CA ASP B 734 -29.11 28.20 18.02
C ASP B 734 -28.86 26.81 17.44
N GLU B 735 -29.42 26.51 16.27
CA GLU B 735 -29.19 25.24 15.60
C GLU B 735 -28.95 25.50 14.13
N CYS B 736 -27.96 24.80 13.56
CA CYS B 736 -27.57 25.00 12.17
C CYS B 736 -27.48 23.67 11.45
N GLN B 737 -27.91 23.66 10.19
CA GLN B 737 -27.76 22.48 9.34
C GLN B 737 -26.76 22.66 8.22
N LEU B 738 -26.34 23.89 7.93
CA LEU B 738 -25.33 24.18 6.91
C LEU B 738 -24.25 25.07 7.52
N PRO B 739 -23.41 24.52 8.38
CA PRO B 739 -22.36 25.35 9.00
C PRO B 739 -21.29 25.74 8.01
N LEU B 740 -20.72 26.93 8.23
CA LEU B 740 -19.67 27.45 7.38
C LEU B 740 -18.35 27.67 8.13
N GLY B 741 -18.31 27.38 9.43
CA GLY B 741 -17.13 27.62 10.22
C GLY B 741 -17.13 29.00 10.87
N GLN B 742 -16.36 29.11 11.95
CA GLN B 742 -16.25 30.35 12.72
C GLN B 742 -17.62 30.85 13.18
N SER B 743 -18.45 29.92 13.65
CA SER B 743 -19.78 30.23 14.16
C SER B 743 -20.64 30.94 13.13
N LEU B 744 -20.53 30.50 11.88
CA LEU B 744 -21.36 31.00 10.79
C LEU B 744 -22.31 29.92 10.31
N CYS B 745 -23.50 30.34 9.90
CA CYS B 745 -24.52 29.41 9.43
C CYS B 745 -25.18 29.96 8.17
N ALA B 746 -25.69 29.04 7.36
CA ALA B 746 -26.39 29.38 6.11
C ALA B 746 -27.84 28.95 6.21
N ILE B 747 -28.75 29.88 5.93
CA ILE B 747 -30.19 29.63 6.00
C ILE B 747 -30.68 29.39 4.58
N PRO B 748 -31.18 28.19 4.25
CA PRO B 748 -31.66 27.95 2.90
C PRO B 748 -32.92 28.77 2.63
N PRO B 749 -33.16 29.15 1.38
CA PRO B 749 -34.39 29.88 1.06
C PRO B 749 -35.61 28.97 1.18
N ASN B 750 -36.75 29.59 1.43
CA ASN B 750 -37.99 28.83 1.51
C ASN B 750 -38.38 28.31 0.14
N PRO B 751 -38.73 27.03 0.00
CA PRO B 751 -39.14 26.40 -1.25
C PRO B 751 -40.41 27.02 -1.83
N VAL B 765 -32.19 33.02 -2.62
CA VAL B 765 -30.83 33.21 -2.13
C VAL B 765 -30.70 32.67 -0.71
N PHE B 766 -29.46 32.55 -0.25
CA PHE B 766 -29.19 32.06 1.09
C PHE B 766 -28.91 33.24 2.03
N GLN B 767 -29.17 33.01 3.32
CA GLN B 767 -28.97 34.03 4.35
C GLN B 767 -27.87 33.57 5.31
N ILE B 768 -26.98 34.50 5.65
CA ILE B 768 -25.88 34.22 6.56
C ILE B 768 -26.34 34.53 7.98
N ALA B 769 -26.40 33.50 8.81
CA ALA B 769 -26.80 33.62 10.20
C ALA B 769 -25.60 33.34 11.10
N THR B 770 -25.82 33.47 12.41
CA THR B 770 -24.77 33.30 13.40
C THR B 770 -25.26 32.42 14.54
N LEU B 771 -24.38 31.57 15.05
CA LEU B 771 -24.72 30.66 16.14
C LEU B 771 -24.35 31.32 17.46
N ASN B 772 -25.36 31.62 18.27
CA ASN B 772 -25.16 32.17 19.60
C ASN B 772 -26.04 31.41 20.59
N PHE B 773 -25.44 30.94 21.67
CA PHE B 773 -26.15 30.14 22.67
C PHE B 773 -26.49 30.99 23.89
N THR B 774 -27.59 30.65 24.54
CA THR B 774 -28.09 31.37 25.71
C THR B 774 -28.25 30.40 26.86
N SER B 775 -27.77 30.80 28.04
CA SER B 775 -27.96 30.01 29.24
C SER B 775 -29.45 29.99 29.62
N PRO B 776 -29.90 28.91 30.27
CA PRO B 776 -31.33 28.85 30.64
C PRO B 776 -31.76 29.95 31.60
N LEU B 777 -31.06 30.10 32.72
CA LEU B 777 -31.37 31.15 33.68
C LEU B 777 -30.16 31.41 34.55
N THR B 778 -30.13 32.59 35.17
CA THR B 778 -29.08 32.98 36.09
C THR B 778 -29.72 33.29 37.44
N LEU B 779 -29.21 32.64 38.49
CA LEU B 779 -29.73 32.80 39.84
C LEU B 779 -28.65 33.45 40.70
N ALA B 780 -29.00 34.58 41.30
CA ALA B 780 -28.01 35.28 42.11
C ALA B 780 -28.19 34.99 43.59
N PRO B 781 -27.09 34.86 44.34
CA PRO B 781 -27.20 34.63 45.79
C PRO B 781 -27.89 35.80 46.48
N ILE B 782 -28.67 35.47 47.51
CA ILE B 782 -29.40 36.47 48.26
C ILE B 782 -28.50 37.09 49.32
N ASN B 783 -28.91 38.27 49.81
CA ASN B 783 -28.13 38.99 50.80
C ASN B 783 -28.51 38.65 52.23
N SER B 784 -29.62 37.93 52.45
CA SER B 784 -30.02 37.51 53.79
C SER B 784 -29.28 36.24 54.20
N THR B 785 -29.69 35.65 55.31
CA THR B 785 -29.13 34.41 55.80
C THR B 785 -29.81 33.23 55.12
N GLY B 786 -29.06 32.15 54.97
CA GLY B 786 -29.53 31.05 54.16
C GLY B 786 -29.18 31.28 52.69
N PHE B 787 -29.90 30.57 51.83
CA PHE B 787 -29.60 30.60 50.40
C PHE B 787 -30.91 30.40 49.64
N VAL B 788 -30.90 30.83 48.37
CA VAL B 788 -32.04 30.64 47.48
C VAL B 788 -31.79 29.40 46.63
N VAL B 789 -32.84 28.57 46.48
CA VAL B 789 -32.75 27.35 45.70
C VAL B 789 -33.99 27.23 44.82
N ALA B 790 -33.78 26.83 43.57
CA ALA B 790 -34.87 26.63 42.62
C ALA B 790 -35.34 25.19 42.71
N VAL B 791 -36.58 25.01 43.15
CA VAL B 791 -37.19 23.68 43.34
C VAL B 791 -38.29 23.52 42.29
N PRO B 792 -38.29 22.45 41.51
CA PRO B 792 -39.31 22.30 40.47
C PRO B 792 -40.70 22.14 41.04
N THR B 793 -41.70 22.66 40.30
CA THR B 793 -43.09 22.52 40.66
C THR B 793 -43.89 21.69 39.66
N ASN B 794 -43.37 21.51 38.45
CA ASN B 794 -43.99 20.69 37.42
C ASN B 794 -42.91 19.89 36.73
N PHE B 795 -43.28 18.74 36.16
CA PHE B 795 -42.30 17.86 35.58
C PHE B 795 -42.91 17.06 34.44
N THR B 796 -42.04 16.45 33.65
CA THR B 796 -42.43 15.54 32.57
C THR B 796 -41.32 14.51 32.41
N PHE B 797 -41.65 13.43 31.70
CA PHE B 797 -40.70 12.35 31.46
C PHE B 797 -40.10 12.51 30.07
N GLY B 798 -38.78 12.67 30.01
CA GLY B 798 -38.06 12.77 28.76
C GLY B 798 -37.40 11.45 28.40
N VAL B 799 -37.31 11.18 27.09
CA VAL B 799 -36.75 9.94 26.58
C VAL B 799 -35.54 10.27 25.72
N THR B 800 -34.42 9.62 26.03
CA THR B 800 -33.19 9.77 25.27
C THR B 800 -32.86 8.45 24.57
N GLN B 801 -32.67 8.51 23.27
CA GLN B 801 -32.43 7.32 22.46
C GLN B 801 -30.94 7.22 22.12
N GLU B 802 -30.41 6.00 22.22
CA GLU B 802 -29.01 5.75 21.94
C GLU B 802 -28.87 4.39 21.28
N TYR B 803 -28.03 4.31 20.24
CA TYR B 803 -27.75 3.08 19.54
C TYR B 803 -26.30 2.68 19.77
N ILE B 804 -26.08 1.42 20.15
CA ILE B 804 -24.77 0.88 20.39
C ILE B 804 -24.58 -0.35 19.51
N GLU B 805 -23.57 -0.34 18.66
CA GLU B 805 -23.27 -1.48 17.80
C GLU B 805 -22.60 -2.59 18.61
N THR B 806 -22.85 -3.82 18.22
CA THR B 806 -22.26 -4.98 18.89
C THR B 806 -21.46 -5.89 17.96
N THR B 807 -21.89 -6.07 16.72
CA THR B 807 -21.22 -6.98 15.79
C THR B 807 -21.19 -6.36 14.40
N ILE B 808 -20.26 -6.85 13.58
CA ILE B 808 -20.17 -6.48 12.18
C ILE B 808 -20.42 -7.73 11.35
N GLN B 809 -20.51 -7.54 10.03
CA GLN B 809 -20.75 -8.64 9.12
C GLN B 809 -19.46 -9.42 8.89
N LYS B 810 -19.51 -10.73 9.11
CA LYS B 810 -18.33 -11.57 8.97
C LYS B 810 -18.14 -11.98 7.52
N ILE B 811 -16.93 -11.77 7.01
CA ILE B 811 -16.61 -12.00 5.60
C ILE B 811 -15.40 -12.91 5.50
N THR B 812 -15.47 -13.91 4.63
CA THR B 812 -14.34 -14.77 4.29
C THR B 812 -14.08 -14.65 2.80
N VAL B 813 -12.79 -14.63 2.43
CA VAL B 813 -12.37 -14.39 1.06
C VAL B 813 -11.55 -15.57 0.58
N ASP B 814 -11.90 -16.10 -0.60
CA ASP B 814 -11.10 -17.13 -1.26
C ASP B 814 -9.99 -16.42 -2.02
N CYS B 815 -8.82 -16.31 -1.39
CA CYS B 815 -7.73 -15.50 -1.93
C CYS B 815 -7.24 -16.03 -3.27
N LYS B 816 -7.10 -17.35 -3.40
CA LYS B 816 -6.58 -17.93 -4.64
C LYS B 816 -7.52 -17.63 -5.81
N GLN B 817 -8.81 -17.88 -5.63
CA GLN B 817 -9.78 -17.59 -6.68
C GLN B 817 -9.88 -16.10 -6.96
N TYR B 818 -9.84 -15.27 -5.90
CA TYR B 818 -9.97 -13.83 -6.08
C TYR B 818 -8.81 -13.27 -6.89
N VAL B 819 -7.59 -13.79 -6.67
CA VAL B 819 -6.41 -13.22 -7.31
C VAL B 819 -6.20 -13.79 -8.70
N CYS B 820 -6.23 -15.12 -8.84
CA CYS B 820 -5.82 -15.75 -10.09
C CYS B 820 -6.96 -16.32 -10.92
N ASN B 821 -8.13 -16.54 -10.33
CA ASN B 821 -9.32 -17.01 -11.07
C ASN B 821 -9.07 -18.35 -11.75
N GLY B 822 -8.26 -19.20 -11.14
CA GLY B 822 -8.05 -20.56 -11.62
C GLY B 822 -7.02 -20.74 -12.71
N PHE B 823 -6.35 -19.67 -13.15
CA PHE B 823 -5.33 -19.79 -14.19
C PHE B 823 -4.00 -20.18 -13.56
N LYS B 824 -3.40 -21.26 -14.06
CA LYS B 824 -2.16 -21.79 -13.48
C LYS B 824 -0.98 -20.84 -13.66
N LYS B 825 -0.96 -20.08 -14.77
CA LYS B 825 0.13 -19.16 -15.01
C LYS B 825 0.18 -18.07 -13.95
N CYS B 826 -0.99 -17.53 -13.57
CA CYS B 826 -1.03 -16.54 -12.50
C CYS B 826 -0.57 -17.13 -11.18
N GLU B 827 -1.04 -18.34 -10.87
CA GLU B 827 -0.67 -18.99 -9.61
C GLU B 827 0.82 -19.23 -9.52
N GLU B 828 1.46 -19.59 -10.64
CA GLU B 828 2.91 -19.73 -10.64
C GLU B 828 3.59 -18.40 -10.32
N LEU B 829 3.08 -17.30 -10.87
CA LEU B 829 3.68 -16.00 -10.60
C LEU B 829 3.37 -15.49 -9.20
N LEU B 830 2.28 -15.95 -8.59
CA LEU B 830 1.91 -15.48 -7.26
C LEU B 830 2.86 -15.96 -6.17
N THR B 831 3.56 -17.07 -6.41
CA THR B 831 4.45 -17.63 -5.41
C THR B 831 5.60 -16.69 -5.05
N GLU B 832 5.94 -15.76 -5.96
CA GLU B 832 7.05 -14.85 -5.73
C GLU B 832 6.74 -13.78 -4.69
N TYR B 833 5.47 -13.66 -4.27
CA TYR B 833 5.08 -12.71 -3.23
C TYR B 833 4.88 -13.38 -1.88
N GLY B 834 5.35 -14.62 -1.73
CA GLY B 834 5.25 -15.32 -0.47
C GLY B 834 3.92 -16.02 -0.29
N GLN B 835 3.69 -16.46 0.95
CA GLN B 835 2.47 -17.17 1.32
C GLN B 835 1.38 -16.14 1.67
N PHE B 836 0.94 -15.44 0.63
CA PHE B 836 -0.03 -14.35 0.81
C PHE B 836 -1.40 -14.89 1.20
N CYS B 837 -1.90 -15.89 0.47
CA CYS B 837 -3.27 -16.35 0.67
C CYS B 837 -3.45 -16.99 2.04
N SER B 838 -2.46 -17.78 2.50
CA SER B 838 -2.58 -18.41 3.80
C SER B 838 -2.66 -17.38 4.92
N LYS B 839 -1.84 -16.33 4.82
CA LYS B 839 -1.89 -15.26 5.83
C LYS B 839 -3.22 -14.54 5.81
N ILE B 840 -3.76 -14.27 4.61
CA ILE B 840 -5.06 -13.62 4.52
C ILE B 840 -6.14 -14.46 5.18
N ASN B 841 -6.15 -15.76 4.89
CA ASN B 841 -7.16 -16.65 5.46
C ASN B 841 -7.05 -16.72 6.97
N GLN B 842 -5.82 -16.84 7.50
CA GLN B 842 -5.63 -16.91 8.94
C GLN B 842 -6.09 -15.63 9.63
N ALA B 843 -5.76 -14.47 9.05
CA ALA B 843 -6.17 -13.21 9.66
C ALA B 843 -7.69 -13.08 9.70
N LEU B 844 -8.37 -13.40 8.59
CA LEU B 844 -9.82 -13.30 8.57
C LEU B 844 -10.46 -14.30 9.54
N HIS B 845 -9.91 -15.52 9.61
CA HIS B 845 -10.45 -16.52 10.53
C HIS B 845 -10.30 -16.08 11.98
N GLY B 846 -9.15 -15.51 12.32
CA GLY B 846 -8.94 -15.02 13.68
C GLY B 846 -9.92 -13.90 14.04
N ALA B 847 -10.13 -12.98 13.09
CA ALA B 847 -11.07 -11.89 13.34
C ALA B 847 -12.48 -12.42 13.57
N ASN B 848 -12.93 -13.37 12.75
CA ASN B 848 -14.26 -13.93 12.94
C ASN B 848 -14.36 -14.67 14.26
N LEU B 849 -13.32 -15.39 14.65
CA LEU B 849 -13.33 -16.11 15.92
C LEU B 849 -13.43 -15.14 17.10
N ARG B 850 -12.69 -14.03 17.04
CA ARG B 850 -12.78 -13.03 18.10
C ARG B 850 -14.17 -12.43 18.20
N GLN B 851 -14.79 -12.14 17.05
CA GLN B 851 -16.15 -11.59 17.08
C GLN B 851 -17.14 -12.59 17.66
N ASP B 852 -16.99 -13.87 17.32
CA ASP B 852 -17.86 -14.89 17.88
C ASP B 852 -17.71 -14.97 19.40
N GLU B 853 -16.47 -14.91 19.90
CA GLU B 853 -16.25 -14.92 21.34
C GLU B 853 -16.88 -13.70 22.00
N SER B 854 -16.72 -12.52 21.37
CA SER B 854 -17.27 -11.29 21.95
C SER B 854 -18.78 -11.34 22.03
N ILE B 855 -19.46 -11.80 20.97
CA ILE B 855 -20.92 -11.86 21.01
C ILE B 855 -21.39 -12.96 21.95
N ALA B 856 -20.63 -14.04 22.09
CA ALA B 856 -21.00 -15.09 23.02
C ALA B 856 -20.94 -14.60 24.47
N ASN B 857 -19.94 -13.77 24.79
CA ASN B 857 -19.81 -13.27 26.15
C ASN B 857 -20.99 -12.39 26.54
N LEU B 858 -21.48 -11.56 25.62
CA LEU B 858 -22.57 -10.64 25.93
C LEU B 858 -23.86 -11.39 26.26
N PHE B 859 -24.15 -12.46 25.52
CA PHE B 859 -25.40 -13.18 25.68
C PHE B 859 -25.38 -14.21 26.81
N SER B 860 -24.24 -14.39 27.47
CA SER B 860 -24.16 -15.38 28.55
C SER B 860 -24.96 -14.98 29.79
N SER B 861 -25.40 -13.72 29.89
CA SER B 861 -26.11 -13.29 31.08
C SER B 861 -27.47 -13.97 31.22
N ILE B 862 -28.02 -14.49 30.12
CA ILE B 862 -29.33 -15.15 30.16
C ILE B 862 -29.32 -16.33 31.13
N LYS B 863 -28.20 -17.06 31.19
CA LYS B 863 -28.14 -18.27 31.99
C LYS B 863 -28.28 -17.99 33.48
N THR B 864 -27.77 -16.85 33.96
CA THR B 864 -27.74 -16.55 35.39
C THR B 864 -28.37 -15.19 35.69
N GLN B 865 -29.50 -14.90 35.06
CA GLN B 865 -30.25 -13.67 35.35
C GLN B 865 -31.59 -14.12 35.90
N ASN B 866 -31.88 -13.74 37.14
CA ASN B 866 -33.19 -14.02 37.73
C ASN B 866 -34.22 -13.08 37.12
N THR B 867 -35.40 -13.60 36.81
CA THR B 867 -36.43 -12.82 36.14
C THR B 867 -37.76 -13.13 36.81
N GLN B 868 -38.74 -12.26 36.57
CA GLN B 868 -40.10 -12.46 37.03
C GLN B 868 -41.07 -12.23 35.87
N PRO B 869 -42.20 -12.93 35.83
CA PRO B 869 -43.16 -12.73 34.74
C PRO B 869 -43.89 -11.39 34.89
N LEU B 870 -43.96 -10.66 33.79
CA LEU B 870 -44.71 -9.41 33.75
C LEU B 870 -46.14 -9.66 33.26
N GLN B 871 -47.02 -8.72 33.55
CA GLN B 871 -48.39 -8.81 33.09
C GLN B 871 -48.50 -8.35 31.64
N ALA B 872 -49.59 -8.76 30.99
CA ALA B 872 -49.82 -8.46 29.59
C ALA B 872 -50.52 -7.12 29.46
N GLY B 873 -49.89 -6.18 28.75
CA GLY B 873 -50.48 -4.88 28.51
C GLY B 873 -50.28 -3.89 29.63
N LEU B 874 -51.05 -4.04 30.70
CA LEU B 874 -51.01 -3.11 31.83
C LEU B 874 -50.40 -3.80 33.04
N ASN B 875 -49.43 -3.13 33.66
CA ASN B 875 -48.84 -3.55 34.92
C ASN B 875 -49.16 -2.45 35.93
N GLY B 876 -50.33 -2.55 36.55
CA GLY B 876 -50.82 -1.47 37.39
C GLY B 876 -51.52 -0.42 36.57
N ASP B 877 -50.83 0.69 36.32
CA ASP B 877 -51.32 1.73 35.43
C ASP B 877 -50.38 2.05 34.28
N PHE B 878 -49.17 1.50 34.28
CA PHE B 878 -48.23 1.73 33.20
C PHE B 878 -48.48 0.77 32.04
N ASN B 879 -48.41 1.29 30.82
CA ASN B 879 -48.70 0.52 29.62
C ASN B 879 -47.38 0.11 28.97
N LEU B 880 -47.09 -1.19 28.99
CA LEU B 880 -45.88 -1.75 28.40
C LEU B 880 -46.19 -2.68 27.23
N THR B 881 -47.25 -2.38 26.48
CA THR B 881 -47.68 -3.28 25.41
C THR B 881 -46.67 -3.35 24.28
N MET B 882 -46.15 -2.19 23.85
CA MET B 882 -45.27 -2.16 22.69
C MET B 882 -43.91 -2.81 22.96
N LEU B 883 -43.48 -2.86 24.22
CA LEU B 883 -42.18 -3.44 24.56
C LEU B 883 -42.23 -4.96 24.70
N GLN B 884 -43.42 -5.56 24.68
CA GLN B 884 -43.58 -7.00 24.84
C GLN B 884 -43.82 -7.67 23.50
N ILE B 885 -43.45 -8.94 23.43
CA ILE B 885 -43.64 -9.75 22.23
C ILE B 885 -45.08 -10.28 22.25
N PRO B 886 -45.90 -9.95 21.26
CA PRO B 886 -47.30 -10.43 21.25
C PRO B 886 -47.43 -11.94 21.26
N GLN B 887 -48.18 -12.47 22.22
CA GLN B 887 -48.44 -13.90 22.30
C GLN B 887 -49.48 -14.32 21.27
N VAL B 888 -49.28 -15.49 20.66
CA VAL B 888 -50.17 -16.02 19.64
C VAL B 888 -50.72 -17.35 20.13
N THR B 889 -52.04 -17.53 19.97
CA THR B 889 -52.69 -18.75 20.44
C THR B 889 -52.25 -19.95 19.60
N THR B 890 -52.27 -19.81 18.28
CA THR B 890 -51.91 -20.90 17.38
C THR B 890 -51.02 -20.36 16.27
N GLY B 891 -50.03 -21.17 15.87
CA GLY B 891 -49.12 -20.81 14.81
C GLY B 891 -47.68 -20.78 15.29
N GLU B 892 -46.89 -19.93 14.66
CA GLU B 892 -45.48 -19.76 14.99
C GLU B 892 -45.29 -18.57 15.92
N ARG B 893 -44.48 -18.75 16.95
CA ARG B 893 -44.21 -17.67 17.90
C ARG B 893 -43.45 -16.54 17.22
N LYS B 894 -43.77 -15.32 17.61
CA LYS B 894 -43.11 -14.14 17.07
C LYS B 894 -41.85 -13.82 17.86
N TYR B 895 -40.89 -13.19 17.19
CA TYR B 895 -39.62 -12.84 17.80
C TYR B 895 -39.34 -11.34 17.78
N ARG B 896 -40.33 -10.53 17.46
CA ARG B 896 -40.18 -9.08 17.39
C ARG B 896 -41.32 -8.41 18.12
N SER B 897 -41.00 -7.37 18.89
CA SER B 897 -42.03 -6.56 19.53
C SER B 897 -42.57 -5.52 18.56
N ALA B 898 -43.59 -4.78 19.00
CA ALA B 898 -44.19 -3.76 18.15
C ALA B 898 -43.18 -2.66 17.84
N ILE B 899 -42.44 -2.20 18.85
CA ILE B 899 -41.47 -1.14 18.63
C ILE B 899 -40.30 -1.65 17.79
N GLU B 900 -39.89 -2.91 17.99
CA GLU B 900 -38.85 -3.49 17.16
C GLU B 900 -39.30 -3.64 15.72
N ASP B 901 -40.57 -4.02 15.52
CA ASP B 901 -41.11 -4.11 14.16
C ASP B 901 -41.11 -2.74 13.49
N LEU B 902 -41.47 -1.69 14.24
CA LEU B 902 -41.42 -0.34 13.69
C LEU B 902 -40.00 0.07 13.34
N LEU B 903 -39.03 -0.29 14.18
CA LEU B 903 -37.65 0.08 13.93
C LEU B 903 -37.08 -0.66 12.72
N PHE B 904 -37.34 -1.95 12.60
CA PHE B 904 -36.76 -2.74 11.52
C PHE B 904 -37.37 -2.40 10.17
N ASN B 905 -38.64 -2.01 10.14
CA ASN B 905 -39.29 -1.68 8.87
C ASN B 905 -38.78 -0.37 8.27
N LYS B 906 -38.11 0.46 9.07
CA LYS B 906 -37.58 1.73 8.59
C LYS B 906 -36.17 1.61 8.05
N VAL B 907 -35.57 0.43 8.09
CA VAL B 907 -34.19 0.21 7.64
C VAL B 907 -34.22 -0.83 6.52
N THR B 908 -33.56 -0.50 5.40
CA THR B 908 -33.52 -1.38 4.24
C THR B 908 -32.22 -2.19 4.29
N ILE B 909 -32.37 -3.51 4.47
CA ILE B 909 -31.23 -4.43 4.52
C ILE B 909 -31.49 -5.55 3.53
N ALA B 910 -30.49 -5.85 2.71
CA ALA B 910 -30.61 -6.94 1.75
C ALA B 910 -30.52 -8.29 2.45
N ASP B 911 -31.26 -9.26 1.91
CA ASP B 911 -31.24 -10.61 2.46
C ASP B 911 -30.02 -11.37 1.96
N PRO B 912 -29.07 -11.73 2.82
CA PRO B 912 -27.84 -12.36 2.32
C PRO B 912 -27.94 -13.86 2.11
N GLY B 913 -29.04 -14.31 1.51
CA GLY B 913 -29.21 -15.68 1.04
C GLY B 913 -28.58 -16.78 1.87
N TYR B 914 -28.93 -16.87 3.15
CA TYR B 914 -28.25 -17.82 4.03
C TYR B 914 -28.54 -19.26 3.63
N MET B 915 -29.77 -19.56 3.22
CA MET B 915 -30.17 -20.93 2.95
C MET B 915 -30.03 -21.30 1.48
N GLN B 916 -30.58 -20.48 0.58
CA GLN B 916 -30.60 -20.79 -0.84
C GLN B 916 -30.22 -19.58 -1.69
N GLY B 917 -29.26 -18.78 -1.23
CA GLY B 917 -28.87 -17.60 -1.98
C GLY B 917 -28.27 -17.93 -3.34
N TYR B 918 -27.50 -19.03 -3.41
CA TYR B 918 -26.85 -19.40 -4.67
C TYR B 918 -27.88 -19.68 -5.76
N ASP B 919 -28.94 -20.41 -5.43
CA ASP B 919 -29.98 -20.69 -6.41
C ASP B 919 -30.81 -19.45 -6.72
N GLU B 920 -31.12 -18.66 -5.69
CA GLU B 920 -31.98 -17.49 -5.89
C GLU B 920 -31.33 -16.47 -6.81
N CYS B 921 -30.01 -16.29 -6.69
CA CYS B 921 -29.32 -15.35 -7.56
C CYS B 921 -29.38 -15.76 -9.03
N MET B 922 -29.61 -17.04 -9.32
CA MET B 922 -29.79 -17.49 -10.69
C MET B 922 -31.24 -17.41 -11.14
N GLN B 923 -32.18 -17.75 -10.25
CA GLN B 923 -33.59 -17.71 -10.62
C GLN B 923 -34.12 -16.30 -10.77
N GLN B 924 -33.53 -15.33 -10.05
CA GLN B 924 -34.05 -13.97 -10.04
C GLN B 924 -33.46 -13.08 -11.12
N GLY B 925 -32.23 -13.35 -11.55
CA GLY B 925 -31.58 -12.54 -12.55
C GLY B 925 -30.84 -11.36 -11.96
N PRO B 926 -30.18 -10.58 -12.81
CA PRO B 926 -29.39 -9.44 -12.33
C PRO B 926 -30.29 -8.32 -11.80
N GLN B 927 -30.07 -7.93 -10.55
CA GLN B 927 -30.77 -6.82 -9.93
C GLN B 927 -29.77 -5.90 -9.25
N SER B 928 -29.97 -4.59 -9.42
CA SER B 928 -29.01 -3.63 -8.89
C SER B 928 -28.94 -3.68 -7.37
N ALA B 929 -30.10 -3.80 -6.71
CA ALA B 929 -30.12 -3.83 -5.26
C ALA B 929 -29.60 -5.15 -4.69
N ARG B 930 -29.49 -6.19 -5.52
CA ARG B 930 -29.07 -7.51 -5.06
C ARG B 930 -27.73 -7.94 -5.66
N ASP B 931 -27.09 -7.08 -6.45
CA ASP B 931 -25.83 -7.46 -7.09
C ASP B 931 -24.71 -7.65 -6.06
N LEU B 932 -24.78 -6.93 -4.93
CA LEU B 932 -23.76 -7.08 -3.90
C LEU B 932 -23.79 -8.47 -3.29
N ILE B 933 -25.00 -9.00 -3.05
CA ILE B 933 -25.12 -10.35 -2.51
C ILE B 933 -24.71 -11.39 -3.54
N CYS B 934 -25.17 -11.22 -4.78
CA CYS B 934 -24.88 -12.20 -5.83
C CYS B 934 -23.43 -12.13 -6.32
N ALA B 935 -22.70 -11.07 -5.95
CA ALA B 935 -21.28 -11.00 -6.27
C ALA B 935 -20.45 -11.98 -5.44
N GLN B 936 -21.05 -12.63 -4.44
CA GLN B 936 -20.32 -13.61 -3.64
C GLN B 936 -19.83 -14.76 -4.50
N TYR B 937 -20.66 -15.24 -5.42
CA TYR B 937 -20.37 -16.42 -6.21
C TYR B 937 -19.62 -16.10 -7.51
N VAL B 938 -19.25 -14.84 -7.72
CA VAL B 938 -18.46 -14.43 -8.87
C VAL B 938 -17.10 -13.89 -8.43
N ALA B 939 -17.08 -12.97 -7.46
CA ALA B 939 -15.83 -12.41 -6.98
C ALA B 939 -15.06 -13.40 -6.13
N GLY B 940 -15.76 -14.25 -5.37
CA GLY B 940 -15.10 -15.24 -4.54
C GLY B 940 -14.98 -14.86 -3.08
N TYR B 941 -16.07 -14.35 -2.49
CA TYR B 941 -16.12 -14.09 -1.06
C TYR B 941 -17.45 -14.59 -0.51
N LYS B 942 -17.49 -14.84 0.80
CA LYS B 942 -18.66 -15.42 1.45
C LYS B 942 -19.04 -14.58 2.65
N VAL B 943 -20.34 -14.40 2.84
CA VAL B 943 -20.89 -13.69 4.00
C VAL B 943 -21.36 -14.76 4.99
N LEU B 944 -20.71 -14.82 6.14
CA LEU B 944 -21.05 -15.83 7.13
C LEU B 944 -22.31 -15.43 7.89
N PRO B 945 -23.16 -16.39 8.25
CA PRO B 945 -24.34 -16.09 9.05
C PRO B 945 -23.96 -15.73 10.48
N PRO B 946 -24.81 -14.99 11.18
CA PRO B 946 -24.50 -14.64 12.57
C PRO B 946 -24.57 -15.86 13.48
N LEU B 947 -23.93 -15.72 14.65
CA LEU B 947 -23.84 -16.83 15.59
C LEU B 947 -25.21 -17.27 16.08
N TYR B 948 -26.09 -16.33 16.41
CA TYR B 948 -27.40 -16.62 16.97
C TYR B 948 -28.50 -16.17 16.03
N ASP B 949 -29.55 -16.97 15.96
CA ASP B 949 -30.74 -16.60 15.20
C ASP B 949 -31.53 -15.54 15.96
N PRO B 950 -32.43 -14.82 15.29
CA PRO B 950 -33.16 -13.73 15.97
C PRO B 950 -33.98 -14.19 17.16
N TYR B 951 -34.35 -15.48 17.24
CA TYR B 951 -35.09 -15.96 18.41
C TYR B 951 -34.26 -15.85 19.69
N MET B 952 -32.95 -16.14 19.59
CA MET B 952 -32.08 -15.98 20.75
C MET B 952 -32.00 -14.51 21.19
N GLU B 953 -31.92 -13.60 20.21
CA GLU B 953 -31.90 -12.17 20.54
C GLU B 953 -33.21 -11.73 21.20
N ALA B 954 -34.33 -12.27 20.72
CA ALA B 954 -35.61 -11.97 21.34
C ALA B 954 -35.65 -12.48 22.78
N ALA B 955 -35.10 -13.67 23.02
CA ALA B 955 -35.02 -14.19 24.38
C ALA B 955 -34.17 -13.29 25.26
N TYR B 956 -33.07 -12.77 24.72
CA TYR B 956 -32.20 -11.87 25.49
C TYR B 956 -32.93 -10.58 25.86
N THR B 957 -33.62 -9.97 24.90
CA THR B 957 -34.35 -8.73 25.18
C THR B 957 -35.50 -8.97 26.15
N SER B 958 -36.19 -10.10 26.04
CA SER B 958 -37.23 -10.42 27.00
C SER B 958 -36.64 -10.68 28.38
N SER B 959 -35.43 -11.25 28.45
CA SER B 959 -34.76 -11.43 29.73
C SER B 959 -34.45 -10.09 30.39
N LEU B 960 -34.01 -9.11 29.60
CA LEU B 960 -33.74 -7.80 30.16
C LEU B 960 -35.00 -7.14 30.71
N LEU B 961 -36.12 -7.28 30.01
CA LEU B 961 -37.35 -6.64 30.43
C LEU B 961 -37.87 -7.22 31.75
N GLY B 962 -37.64 -8.50 31.98
CA GLY B 962 -38.12 -9.15 33.19
C GLY B 962 -37.25 -9.01 34.42
N SER B 963 -36.12 -8.31 34.32
CA SER B 963 -35.22 -8.13 35.45
C SER B 963 -35.14 -6.68 35.92
N ILE B 964 -35.95 -5.78 35.36
CA ILE B 964 -35.89 -4.38 35.75
C ILE B 964 -36.38 -4.20 37.18
N ALA B 965 -37.51 -4.83 37.52
CA ALA B 965 -38.08 -4.69 38.84
C ALA B 965 -37.24 -5.42 39.88
N GLY B 966 -37.15 -4.82 41.07
CA GLY B 966 -36.39 -5.42 42.14
C GLY B 966 -36.28 -4.47 43.32
N ALA B 967 -35.51 -4.91 44.32
CA ALA B 967 -35.30 -4.12 45.51
C ALA B 967 -34.35 -2.95 45.22
N SER B 968 -34.39 -1.96 46.09
CA SER B 968 -33.56 -0.77 45.95
C SER B 968 -32.78 -0.37 47.19
N TRP B 969 -33.20 -0.79 48.39
CA TRP B 969 -32.53 -0.40 49.62
C TRP B 969 -31.49 -1.43 50.08
N THR B 970 -31.29 -2.50 49.34
CA THR B 970 -30.32 -3.51 49.72
C THR B 970 -28.92 -3.12 49.24
N ALA B 971 -27.91 -3.70 49.89
CA ALA B 971 -26.51 -3.42 49.59
C ALA B 971 -25.80 -4.66 49.07
N GLY B 972 -26.48 -5.45 48.24
CA GLY B 972 -25.90 -6.64 47.67
C GLY B 972 -26.55 -6.98 46.35
N LEU B 973 -26.08 -8.08 45.75
CA LEU B 973 -26.61 -8.56 44.47
C LEU B 973 -26.93 -10.05 44.52
N SER B 974 -27.11 -10.61 45.71
CA SER B 974 -27.34 -12.04 45.87
C SER B 974 -28.79 -12.40 46.16
N SER B 975 -29.67 -11.41 46.31
CA SER B 975 -31.08 -11.66 46.59
C SER B 975 -31.94 -11.06 45.49
N PHE B 976 -33.04 -11.75 45.18
CA PHE B 976 -33.99 -11.31 44.17
C PHE B 976 -35.37 -11.20 44.79
N ALA B 977 -35.99 -10.03 44.65
CA ALA B 977 -37.31 -9.75 45.21
C ALA B 977 -38.31 -9.57 44.08
N ALA B 978 -39.43 -10.27 44.16
CA ALA B 978 -40.48 -10.20 43.14
C ALA B 978 -41.41 -9.03 43.43
N ILE B 979 -40.89 -7.83 43.22
CA ILE B 979 -41.64 -6.59 43.41
C ILE B 979 -42.28 -6.21 42.09
N PRO B 980 -43.56 -5.82 42.08
CA PRO B 980 -44.21 -5.44 40.81
C PRO B 980 -43.55 -4.21 40.19
N PHE B 981 -43.80 -4.05 38.89
CA PHE B 981 -43.17 -2.98 38.13
C PHE B 981 -43.58 -1.60 38.66
N ALA B 982 -44.87 -1.42 38.98
CA ALA B 982 -45.33 -0.13 39.46
C ALA B 982 -44.66 0.26 40.78
N GLN B 983 -44.56 -0.68 41.71
CA GLN B 983 -43.92 -0.39 42.99
C GLN B 983 -42.44 -0.08 42.80
N SER B 984 -41.78 -0.78 41.88
CA SER B 984 -40.38 -0.49 41.59
C SER B 984 -40.20 0.91 41.03
N ILE B 985 -41.09 1.32 40.12
CA ILE B 985 -41.02 2.68 39.56
C ILE B 985 -41.22 3.72 40.67
N PHE B 986 -42.19 3.48 41.55
CA PHE B 986 -42.45 4.43 42.63
C PHE B 986 -41.30 4.48 43.63
N TYR B 987 -40.64 3.34 43.89
CA TYR B 987 -39.46 3.35 44.73
C TYR B 987 -38.32 4.13 44.08
N ARG B 988 -38.15 3.98 42.76
CA ARG B 988 -37.13 4.73 42.05
C ARG B 988 -37.40 6.23 42.11
N LEU B 989 -38.67 6.62 41.99
CA LEU B 989 -39.02 8.03 42.07
C LEU B 989 -38.82 8.59 43.48
N ASN B 990 -39.05 7.77 44.51
CA ASN B 990 -38.90 8.26 45.88
C ASN B 990 -37.44 8.49 46.24
N GLY B 991 -36.52 7.79 45.56
CA GLY B 991 -35.11 7.92 45.87
C GLY B 991 -34.40 9.10 45.25
N VAL B 992 -35.07 9.85 44.37
CA VAL B 992 -34.44 10.98 43.70
C VAL B 992 -34.87 12.33 44.28
N GLY B 993 -35.69 12.32 45.34
CA GLY B 993 -36.06 13.56 46.00
C GLY B 993 -37.54 13.87 45.94
N ILE B 994 -38.38 12.85 45.82
CA ILE B 994 -39.83 13.01 45.78
C ILE B 994 -40.41 12.28 46.99
N THR B 995 -41.15 13.02 47.82
CA THR B 995 -41.68 12.45 49.05
C THR B 995 -42.83 11.49 48.77
N GLN B 996 -43.16 10.68 49.77
CA GLN B 996 -44.24 9.70 49.63
C GLN B 996 -45.60 10.38 49.47
N GLN B 997 -45.81 11.50 50.15
CA GLN B 997 -47.10 12.19 50.05
C GLN B 997 -47.37 12.69 48.63
N VAL B 998 -46.34 13.24 47.97
CA VAL B 998 -46.49 13.70 46.60
C VAL B 998 -46.80 12.53 45.68
N LEU B 999 -46.11 11.41 45.87
CA LEU B 999 -46.35 10.24 45.03
C LEU B 999 -47.77 9.71 45.22
N SER B 1000 -48.26 9.70 46.47
CA SER B 1000 -49.62 9.24 46.72
C SER B 1000 -50.65 10.16 46.08
N GLU B 1001 -50.42 11.47 46.14
CA GLU B 1001 -51.40 12.41 45.59
C GLU B 1001 -51.40 12.38 44.07
N ASN B 1002 -50.23 12.28 43.45
CA ASN B 1002 -50.08 12.40 42.00
C ASN B 1002 -49.83 11.05 41.32
N GLN B 1003 -50.45 9.98 41.83
CA GLN B 1003 -50.20 8.66 41.27
C GLN B 1003 -50.70 8.55 39.83
N LYS B 1004 -51.96 8.93 39.59
CA LYS B 1004 -52.53 8.82 38.26
C LYS B 1004 -51.85 9.74 37.27
N ILE B 1005 -51.50 10.95 37.70
CA ILE B 1005 -50.83 11.91 36.81
C ILE B 1005 -49.47 11.37 36.39
N ILE B 1006 -48.72 10.80 37.34
CA ILE B 1006 -47.41 10.22 37.03
C ILE B 1006 -47.57 9.08 36.03
N ALA B 1007 -48.57 8.20 36.25
CA ALA B 1007 -48.79 7.09 35.33
C ALA B 1007 -49.13 7.59 33.92
N ASN B 1008 -50.00 8.60 33.83
CA ASN B 1008 -50.39 9.12 32.52
C ASN B 1008 -49.20 9.76 31.82
N LYS B 1009 -48.37 10.50 32.55
CA LYS B 1009 -47.18 11.11 31.94
C LYS B 1009 -46.21 10.04 31.45
N PHE B 1010 -46.02 8.97 32.21
CA PHE B 1010 -45.16 7.88 31.77
C PHE B 1010 -45.70 7.23 30.50
N ASN B 1011 -47.02 7.00 30.45
CA ASN B 1011 -47.61 6.39 29.25
C ASN B 1011 -47.48 7.31 28.05
N GLN B 1012 -47.67 8.61 28.23
CA GLN B 1012 -47.49 9.55 27.13
C GLN B 1012 -46.05 9.57 26.65
N ALA B 1013 -45.09 9.51 27.57
CA ALA B 1013 -43.68 9.50 27.19
C ALA B 1013 -43.33 8.24 26.41
N LEU B 1014 -43.83 7.08 26.83
CA LEU B 1014 -43.52 5.84 26.14
C LEU B 1014 -44.17 5.79 24.76
N GLY B 1015 -45.40 6.28 24.64
CA GLY B 1015 -46.10 6.23 23.37
C GLY B 1015 -45.60 7.23 22.35
N ALA B 1016 -44.92 8.29 22.78
CA ALA B 1016 -44.46 9.31 21.85
C ALA B 1016 -43.27 8.86 21.03
N MET B 1017 -42.53 7.84 21.48
CA MET B 1017 -41.32 7.40 20.80
C MET B 1017 -41.60 6.36 19.72
N GLN B 1018 -42.87 5.97 19.52
CA GLN B 1018 -43.19 5.07 18.42
C GLN B 1018 -42.99 5.74 17.07
N THR B 1019 -43.27 7.04 16.98
CA THR B 1019 -43.12 7.80 15.74
C THR B 1019 -41.84 8.64 15.72
N GLY B 1020 -40.85 8.27 16.53
CA GLY B 1020 -39.59 8.98 16.59
C GLY B 1020 -38.51 8.42 15.69
N PHE B 1021 -38.84 7.51 14.77
CA PHE B 1021 -37.87 6.93 13.84
C PHE B 1021 -37.92 7.70 12.53
N THR B 1022 -37.32 8.88 12.54
CA THR B 1022 -37.27 9.76 11.38
C THR B 1022 -35.81 10.09 11.05
N THR B 1023 -35.61 10.76 9.92
CA THR B 1023 -34.27 11.15 9.51
C THR B 1023 -33.67 12.20 10.43
N THR B 1024 -34.50 12.97 11.14
CA THR B 1024 -33.98 13.98 12.06
C THR B 1024 -33.38 13.37 13.32
N ASN B 1025 -33.71 12.11 13.62
CA ASN B 1025 -33.19 11.45 14.81
C ASN B 1025 -31.77 10.97 14.54
N LEU B 1026 -30.80 11.55 15.24
CA LEU B 1026 -29.40 11.19 15.01
C LEU B 1026 -29.12 9.73 15.40
N ALA B 1027 -29.68 9.28 16.54
CA ALA B 1027 -29.47 7.90 16.96
C ALA B 1027 -30.02 6.92 15.95
N PHE B 1028 -31.18 7.22 15.38
CA PHE B 1028 -31.73 6.38 14.31
C PHE B 1028 -30.87 6.44 13.06
N ASN B 1029 -30.24 7.60 12.79
CA ASN B 1029 -29.40 7.72 11.61
C ASN B 1029 -28.14 6.86 11.72
N LYS B 1030 -27.60 6.69 12.93
CA LYS B 1030 -26.39 5.88 13.09
C LYS B 1030 -26.61 4.41 12.74
N VAL B 1031 -27.84 3.91 12.88
CA VAL B 1031 -28.11 2.53 12.49
C VAL B 1031 -27.98 2.36 10.98
N GLN B 1032 -28.55 3.30 10.22
CA GLN B 1032 -28.39 3.30 8.77
C GLN B 1032 -26.94 3.51 8.37
N ASP B 1033 -26.19 4.32 9.14
CA ASP B 1033 -24.77 4.49 8.86
C ASP B 1033 -24.01 3.17 9.01
N ALA B 1034 -24.32 2.41 10.06
CA ALA B 1034 -23.68 1.11 10.24
C ALA B 1034 -24.02 0.15 9.09
N VAL B 1035 -25.29 0.14 8.68
CA VAL B 1035 -25.69 -0.71 7.55
C VAL B 1035 -24.96 -0.30 6.28
N ASN B 1036 -24.85 1.01 6.04
CA ASN B 1036 -24.17 1.50 4.85
C ASN B 1036 -22.69 1.15 4.86
N ALA B 1037 -22.06 1.19 6.04
CA ALA B 1037 -20.66 0.79 6.15
C ALA B 1037 -20.48 -0.68 5.79
N ASN B 1038 -21.38 -1.54 6.30
CA ASN B 1038 -21.31 -2.96 5.96
C ASN B 1038 -21.45 -3.17 4.47
N ALA B 1039 -22.37 -2.45 3.83
CA ALA B 1039 -22.53 -2.55 2.38
C ALA B 1039 -21.30 -2.03 1.65
N MET B 1040 -20.71 -0.93 2.14
CA MET B 1040 -19.59 -0.30 1.44
C MET B 1040 -18.37 -1.20 1.39
N ALA B 1041 -18.11 -1.98 2.44
CA ALA B 1041 -16.94 -2.85 2.42
C ALA B 1041 -17.03 -3.88 1.29
N LEU B 1042 -18.20 -4.50 1.11
CA LEU B 1042 -18.37 -5.47 0.03
C LEU B 1042 -18.39 -4.78 -1.33
N SER B 1043 -18.92 -3.56 -1.40
CA SER B 1043 -18.87 -2.82 -2.66
C SER B 1043 -17.44 -2.51 -3.07
N LYS B 1044 -16.60 -2.13 -2.12
CA LYS B 1044 -15.19 -1.90 -2.43
C LYS B 1044 -14.50 -3.18 -2.85
N LEU B 1045 -14.80 -4.30 -2.18
CA LEU B 1045 -14.15 -5.56 -2.51
C LEU B 1045 -14.56 -6.05 -3.89
N ALA B 1046 -15.83 -5.88 -4.26
CA ALA B 1046 -16.31 -6.40 -5.54
C ALA B 1046 -15.85 -5.54 -6.72
N ALA B 1047 -15.76 -4.23 -6.53
CA ALA B 1047 -15.46 -3.33 -7.65
C ALA B 1047 -14.02 -3.38 -8.10
N GLU B 1048 -13.10 -3.84 -7.25
CA GLU B 1048 -11.69 -3.82 -7.58
C GLU B 1048 -11.31 -4.84 -8.65
N LEU B 1049 -12.15 -5.85 -8.90
CA LEU B 1049 -11.82 -6.87 -9.89
C LEU B 1049 -12.02 -6.39 -11.33
N SER B 1050 -12.70 -5.26 -11.53
CA SER B 1050 -12.95 -4.75 -12.87
C SER B 1050 -11.91 -3.74 -13.32
N ASN B 1051 -10.89 -3.45 -12.50
CA ASN B 1051 -9.86 -2.49 -12.85
C ASN B 1051 -8.72 -3.18 -13.58
N THR B 1052 -8.17 -2.49 -14.59
CA THR B 1052 -7.04 -3.01 -15.34
C THR B 1052 -5.70 -2.70 -14.68
N PHE B 1053 -5.64 -1.66 -13.84
CA PHE B 1053 -4.40 -1.27 -13.15
C PHE B 1053 -3.27 -0.99 -14.15
N GLY B 1054 -3.62 -0.39 -15.28
CA GLY B 1054 -2.65 -0.06 -16.31
C GLY B 1054 -2.39 -1.15 -17.32
N ALA B 1055 -2.94 -2.35 -17.12
CA ALA B 1055 -2.74 -3.43 -18.07
C ALA B 1055 -3.65 -3.26 -19.28
N ILE B 1056 -3.40 -4.05 -20.32
CA ILE B 1056 -4.21 -3.97 -21.53
C ILE B 1056 -5.64 -4.42 -21.28
N SER B 1057 -5.87 -5.23 -20.26
CA SER B 1057 -7.21 -5.73 -19.97
C SER B 1057 -7.29 -6.13 -18.51
N SER B 1058 -8.51 -6.21 -17.99
CA SER B 1058 -8.77 -6.66 -16.64
C SER B 1058 -9.02 -8.16 -16.56
N SER B 1059 -8.95 -8.87 -17.69
CA SER B 1059 -9.19 -10.30 -17.75
C SER B 1059 -7.88 -11.02 -18.08
N ILE B 1060 -7.58 -12.08 -17.33
CA ILE B 1060 -6.38 -12.86 -17.60
C ILE B 1060 -6.52 -13.58 -18.94
N SER B 1061 -7.74 -14.03 -19.27
CA SER B 1061 -7.95 -14.73 -20.53
C SER B 1061 -7.67 -13.84 -21.73
N ASP B 1062 -8.08 -12.57 -21.66
CA ASP B 1062 -7.78 -11.63 -22.74
C ASP B 1062 -6.28 -11.42 -22.89
N ILE B 1063 -5.56 -11.31 -21.76
CA ILE B 1063 -4.11 -11.14 -21.82
C ILE B 1063 -3.45 -12.35 -22.48
N LEU B 1064 -3.88 -13.56 -22.10
CA LEU B 1064 -3.32 -14.76 -22.70
C LEU B 1064 -3.67 -14.87 -24.18
N ALA B 1065 -4.85 -14.42 -24.58
CA ALA B 1065 -5.26 -14.52 -25.97
C ALA B 1065 -4.58 -13.50 -26.86
N ARG B 1066 -4.29 -12.31 -26.34
CA ARG B 1066 -3.76 -11.23 -27.16
C ARG B 1066 -2.24 -11.11 -27.14
N LEU B 1067 -1.57 -11.75 -26.18
CA LEU B 1067 -0.13 -11.60 -26.02
C LEU B 1067 0.53 -12.97 -25.95
N ASP B 1068 1.84 -12.97 -26.12
CA ASP B 1068 2.70 -14.14 -26.12
C ASP B 1068 3.46 -14.24 -24.81
N PRO B 1069 3.95 -15.44 -24.46
CA PRO B 1069 4.50 -15.67 -23.11
C PRO B 1069 5.58 -14.68 -22.70
N PRO B 1070 6.48 -14.25 -23.60
CA PRO B 1070 7.48 -13.25 -23.17
C PRO B 1070 6.87 -11.97 -22.66
N GLU B 1071 5.72 -11.55 -23.16
CA GLU B 1071 5.09 -10.30 -22.74
C GLU B 1071 3.88 -10.48 -21.84
N GLN B 1072 3.40 -11.71 -21.66
CA GLN B 1072 2.23 -11.93 -20.79
C GLN B 1072 2.55 -11.71 -19.33
N GLU B 1073 3.78 -12.02 -18.91
CA GLU B 1073 4.12 -12.02 -17.49
C GLU B 1073 3.97 -10.63 -16.88
N ALA B 1074 4.38 -9.59 -17.60
CA ALA B 1074 4.32 -8.23 -17.07
C ALA B 1074 2.87 -7.81 -16.81
N GLN B 1075 1.98 -8.06 -17.77
CA GLN B 1075 0.58 -7.68 -17.61
C GLN B 1075 -0.07 -8.47 -16.48
N ILE B 1076 0.19 -9.77 -16.41
CA ILE B 1076 -0.36 -10.58 -15.34
C ILE B 1076 0.15 -10.10 -13.99
N ASP B 1077 1.43 -9.68 -13.94
CA ASP B 1077 1.99 -9.17 -12.70
C ASP B 1077 1.32 -7.88 -12.26
N ARG B 1078 1.01 -6.99 -13.21
CA ARG B 1078 0.32 -5.76 -12.87
C ARG B 1078 -1.05 -6.06 -12.25
N LEU B 1079 -1.81 -6.99 -12.85
CA LEU B 1079 -3.09 -7.37 -12.26
C LEU B 1079 -2.91 -7.98 -10.88
N ILE B 1080 -1.88 -8.83 -10.71
CA ILE B 1080 -1.64 -9.46 -9.42
C ILE B 1080 -1.36 -8.40 -8.35
N ASN B 1081 -0.50 -7.42 -8.67
CA ASN B 1081 -0.17 -6.39 -7.70
C ASN B 1081 -1.40 -5.57 -7.30
N GLY B 1082 -2.23 -5.21 -8.27
CA GLY B 1082 -3.43 -4.45 -7.94
C GLY B 1082 -4.36 -5.21 -7.03
N ARG B 1083 -4.59 -6.49 -7.31
CA ARG B 1083 -5.51 -7.28 -6.50
C ARG B 1083 -4.93 -7.56 -5.11
N LEU B 1084 -3.62 -7.74 -5.00
CA LEU B 1084 -3.01 -7.91 -3.68
C LEU B 1084 -3.18 -6.66 -2.83
N THR B 1085 -3.00 -5.48 -3.44
CA THR B 1085 -3.22 -4.24 -2.70
C THR B 1085 -4.66 -4.14 -2.22
N SER B 1086 -5.63 -4.50 -3.08
CA SER B 1086 -7.02 -4.46 -2.68
C SER B 1086 -7.30 -5.38 -1.50
N LEU B 1087 -6.76 -6.60 -1.55
CA LEU B 1087 -7.01 -7.55 -0.45
C LEU B 1087 -6.40 -7.07 0.85
N ASN B 1088 -5.19 -6.51 0.80
CA ASN B 1088 -4.56 -6.01 2.02
C ASN B 1088 -5.37 -4.88 2.65
N ALA B 1089 -5.88 -3.96 1.83
CA ALA B 1089 -6.69 -2.87 2.36
C ALA B 1089 -7.96 -3.40 3.01
N PHE B 1090 -8.62 -4.37 2.36
CA PHE B 1090 -9.85 -4.94 2.91
C PHE B 1090 -9.58 -5.62 4.25
N VAL B 1091 -8.49 -6.38 4.35
CA VAL B 1091 -8.17 -7.08 5.60
C VAL B 1091 -7.92 -6.08 6.72
N ALA B 1092 -7.15 -5.03 6.44
CA ALA B 1092 -6.83 -4.05 7.48
C ALA B 1092 -8.09 -3.37 8.02
N GLN B 1093 -8.97 -2.92 7.13
CA GLN B 1093 -10.19 -2.25 7.59
C GLN B 1093 -11.13 -3.22 8.30
N GLN B 1094 -11.16 -4.49 7.87
CA GLN B 1094 -11.99 -5.47 8.54
C GLN B 1094 -11.54 -5.69 9.99
N LEU B 1095 -10.21 -5.76 10.21
CA LEU B 1095 -9.72 -5.89 11.58
C LEU B 1095 -10.04 -4.66 12.41
N VAL B 1096 -9.93 -3.46 11.83
CA VAL B 1096 -10.26 -2.24 12.55
C VAL B 1096 -11.71 -2.28 13.04
N ARG B 1097 -12.63 -2.61 12.14
CA ARG B 1097 -14.04 -2.64 12.52
C ARG B 1097 -14.34 -3.74 13.53
N THR B 1098 -13.63 -4.86 13.46
CA THR B 1098 -13.82 -5.91 14.47
C THR B 1098 -13.44 -5.41 15.86
N GLU B 1099 -12.30 -4.72 15.98
CA GLU B 1099 -11.87 -4.23 17.28
C GLU B 1099 -12.83 -3.17 17.82
N ALA B 1100 -13.29 -2.27 16.95
CA ALA B 1100 -14.26 -1.26 17.37
C ALA B 1100 -15.56 -1.91 17.83
N ALA B 1101 -16.00 -2.95 17.12
CA ALA B 1101 -17.22 -3.64 17.53
C ALA B 1101 -17.05 -4.33 18.87
N ALA B 1102 -15.87 -4.88 19.15
CA ALA B 1102 -15.65 -5.52 20.45
C ALA B 1102 -15.70 -4.51 21.58
N ARG B 1103 -15.06 -3.36 21.42
CA ARG B 1103 -15.12 -2.32 22.45
C ARG B 1103 -16.55 -1.81 22.65
N SER B 1104 -17.27 -1.59 21.54
CA SER B 1104 -18.65 -1.14 21.65
C SER B 1104 -19.52 -2.18 22.34
N ALA B 1105 -19.25 -3.47 22.12
CA ALA B 1105 -20.00 -4.51 22.80
C ALA B 1105 -19.76 -4.47 24.31
N GLN B 1106 -18.52 -4.24 24.73
CA GLN B 1106 -18.24 -4.08 26.15
C GLN B 1106 -18.99 -2.87 26.71
N LEU B 1107 -19.02 -1.77 25.97
CA LEU B 1107 -19.78 -0.61 26.40
C LEU B 1107 -21.26 -0.96 26.57
N ALA B 1108 -21.81 -1.74 25.64
CA ALA B 1108 -23.21 -2.15 25.76
C ALA B 1108 -23.46 -2.95 27.03
N GLN B 1109 -22.54 -3.86 27.37
CA GLN B 1109 -22.69 -4.63 28.61
C GLN B 1109 -22.70 -3.71 29.82
N ASP B 1110 -21.80 -2.73 29.84
CA ASP B 1110 -21.78 -1.78 30.95
C ASP B 1110 -23.06 -0.95 31.02
N LYS B 1111 -23.56 -0.51 29.86
CA LYS B 1111 -24.80 0.26 29.82
C LYS B 1111 -25.97 -0.56 30.34
N VAL B 1112 -26.04 -1.83 29.97
CA VAL B 1112 -27.11 -2.69 30.44
C VAL B 1112 -27.05 -2.85 31.95
N ASN B 1113 -25.86 -3.17 32.47
CA ASN B 1113 -25.72 -3.39 33.91
C ASN B 1113 -26.00 -2.14 34.72
N GLU B 1114 -25.65 -0.96 34.20
CA GLU B 1114 -25.84 0.26 34.97
C GLU B 1114 -27.23 0.86 34.79
N CYS B 1115 -27.71 0.98 33.55
CA CYS B 1115 -28.96 1.69 33.29
C CYS B 1115 -30.18 0.79 33.25
N VAL B 1116 -30.05 -0.46 32.79
CA VAL B 1116 -31.22 -1.30 32.57
C VAL B 1116 -31.58 -2.09 33.82
N LYS B 1117 -30.61 -2.78 34.42
CA LYS B 1117 -30.88 -3.63 35.57
C LYS B 1117 -30.77 -2.90 36.91
N SER B 1118 -30.51 -1.60 36.90
CA SER B 1118 -30.42 -0.81 38.12
C SER B 1118 -30.65 0.65 37.76
N GLN B 1119 -30.62 1.50 38.79
CA GLN B 1119 -30.77 2.94 38.62
C GLN B 1119 -29.42 3.61 38.80
N SER B 1120 -29.10 4.54 37.90
CA SER B 1120 -27.79 5.17 37.86
C SER B 1120 -27.81 6.49 38.60
N LYS B 1121 -26.81 6.69 39.47
CA LYS B 1121 -26.62 7.97 40.15
C LYS B 1121 -25.72 8.92 39.38
N ARG B 1122 -25.13 8.48 38.27
CA ARG B 1122 -24.24 9.33 37.50
C ARG B 1122 -25.04 10.32 36.65
N ASN B 1123 -24.33 11.31 36.11
CA ASN B 1123 -24.92 12.35 35.28
C ASN B 1123 -24.38 12.19 33.86
N GLY B 1124 -25.29 12.07 32.90
CA GLY B 1124 -24.94 11.99 31.49
C GLY B 1124 -24.64 10.60 30.98
N PHE B 1125 -24.59 9.59 31.85
CA PHE B 1125 -24.21 8.22 31.40
C PHE B 1125 -25.46 7.49 30.86
N CYS B 1126 -26.60 7.63 31.54
CA CYS B 1126 -27.85 6.98 31.09
C CYS B 1126 -28.86 8.06 30.65
N GLY B 1127 -28.50 8.86 29.64
CA GLY B 1127 -29.39 9.94 29.16
C GLY B 1127 -29.20 11.23 29.93
N THR B 1128 -30.11 12.19 29.77
CA THR B 1128 -30.00 13.51 30.45
C THR B 1128 -31.00 13.59 31.59
N GLY B 1129 -30.78 14.51 32.53
CA GLY B 1129 -31.69 14.67 33.68
C GLY B 1129 -31.41 13.65 34.76
N THR B 1130 -32.34 13.47 35.70
CA THR B 1130 -32.18 12.44 36.73
C THR B 1130 -32.70 11.13 36.16
N HIS B 1131 -31.86 10.10 36.09
CA HIS B 1131 -32.26 8.81 35.45
C HIS B 1131 -33.29 8.06 36.33
N ILE B 1132 -34.27 7.44 35.66
CA ILE B 1132 -35.29 6.63 36.40
C ILE B 1132 -35.21 5.17 35.92
N VAL B 1133 -35.42 4.90 34.63
CA VAL B 1133 -35.45 3.54 34.11
C VAL B 1133 -35.07 3.58 32.65
N SER B 1134 -34.48 2.49 32.16
CA SER B 1134 -34.07 2.38 30.76
C SER B 1134 -34.54 1.05 30.19
N PHE B 1135 -34.77 1.04 28.88
CA PHE B 1135 -35.19 -0.16 28.17
C PHE B 1135 -34.25 -0.39 27.00
N ALA B 1136 -34.08 -1.67 26.63
CA ALA B 1136 -33.19 -2.06 25.54
C ALA B 1136 -33.95 -3.00 24.61
N ILE B 1137 -33.84 -2.74 23.31
CA ILE B 1137 -34.47 -3.56 22.28
C ILE B 1137 -33.43 -3.93 21.24
N ASN B 1138 -33.76 -4.95 20.45
CA ASN B 1138 -32.86 -5.40 19.39
C ASN B 1138 -32.83 -4.39 18.25
N ALA B 1139 -31.65 -4.20 17.69
CA ALA B 1139 -31.42 -3.31 16.56
C ALA B 1139 -30.52 -4.01 15.57
N PRO B 1140 -30.54 -3.60 14.30
CA PRO B 1140 -29.60 -4.18 13.32
C PRO B 1140 -28.16 -3.97 13.77
N ASN B 1141 -27.45 -5.08 13.96
CA ASN B 1141 -26.02 -5.07 14.31
C ASN B 1141 -25.75 -4.37 15.64
N GLY B 1142 -26.71 -4.39 16.55
CA GLY B 1142 -26.48 -3.78 17.85
C GLY B 1142 -27.75 -3.75 18.69
N LEU B 1143 -27.75 -2.85 19.67
CA LEU B 1143 -28.86 -2.68 20.59
C LEU B 1143 -29.31 -1.22 20.58
N TYR B 1144 -30.60 -1.02 20.86
CA TYR B 1144 -31.19 0.32 20.92
C TYR B 1144 -31.68 0.57 22.33
N PHE B 1145 -31.33 1.72 22.90
CA PHE B 1145 -31.64 2.04 24.28
C PHE B 1145 -32.62 3.21 24.35
N PHE B 1146 -33.55 3.13 25.30
CA PHE B 1146 -34.49 4.21 25.58
C PHE B 1146 -34.32 4.60 27.05
N HIS B 1147 -33.71 5.76 27.29
CA HIS B 1147 -33.46 6.23 28.65
C HIS B 1147 -34.56 7.20 29.07
N VAL B 1148 -35.28 6.83 30.13
CA VAL B 1148 -36.36 7.66 30.67
C VAL B 1148 -35.81 8.44 31.85
N GLY B 1149 -35.96 9.76 31.81
CA GLY B 1149 -35.44 10.61 32.85
C GLY B 1149 -36.49 11.56 33.39
N TYR B 1150 -36.22 12.08 34.58
CA TYR B 1150 -37.10 13.04 35.25
C TYR B 1150 -36.70 14.44 34.78
N GLN B 1151 -37.59 15.09 34.04
CA GLN B 1151 -37.30 16.40 33.45
C GLN B 1151 -38.24 17.46 34.01
N PRO B 1152 -37.77 18.34 34.90
CA PRO B 1152 -38.62 19.43 35.38
C PRO B 1152 -38.94 20.42 34.28
N THR B 1153 -40.09 21.08 34.42
CA THR B 1153 -40.54 22.07 33.44
C THR B 1153 -40.71 23.47 34.03
N SER B 1154 -41.06 23.59 35.31
CA SER B 1154 -41.19 24.89 35.94
C SER B 1154 -40.50 24.86 37.30
N HIS B 1155 -40.05 26.02 37.75
CA HIS B 1155 -39.34 26.16 39.01
C HIS B 1155 -39.92 27.30 39.83
N VAL B 1156 -39.59 27.29 41.12
CA VAL B 1156 -39.97 28.36 42.04
C VAL B 1156 -38.75 28.74 42.87
N ASN B 1157 -38.58 30.03 43.11
CA ASN B 1157 -37.49 30.53 43.94
C ASN B 1157 -37.91 30.41 45.40
N ALA B 1158 -37.24 29.53 46.14
CA ALA B 1158 -37.58 29.27 47.53
C ALA B 1158 -36.43 29.71 48.44
N THR B 1159 -36.78 30.33 49.56
CA THR B 1159 -35.80 30.70 50.57
C THR B 1159 -35.51 29.50 51.45
N ALA B 1160 -34.23 29.18 51.63
CA ALA B 1160 -33.81 28.00 52.35
C ALA B 1160 -32.80 28.38 53.44
N ALA B 1161 -32.61 27.45 54.38
CA ALA B 1161 -31.69 27.63 55.49
C ALA B 1161 -30.71 26.47 55.54
N TYR B 1162 -29.51 26.74 56.06
CA TYR B 1162 -28.51 25.68 56.20
C TYR B 1162 -28.85 24.73 57.34
N GLY B 1163 -29.40 25.25 58.43
CA GLY B 1163 -29.77 24.43 59.57
C GLY B 1163 -30.54 25.26 60.57
N LEU B 1164 -31.09 24.57 61.56
CA LEU B 1164 -31.91 25.22 62.59
C LEU B 1164 -31.54 24.68 63.96
N CYS B 1165 -31.61 25.56 64.96
CA CYS B 1165 -31.36 25.19 66.34
C CYS B 1165 -32.01 26.22 67.24
N ASN B 1166 -32.20 25.84 68.51
CA ASN B 1166 -32.79 26.72 69.50
C ASN B 1166 -31.68 27.50 70.21
N THR B 1167 -32.02 28.19 71.30
CA THR B 1167 -31.07 28.99 72.07
C THR B 1167 -30.98 28.41 73.48
N GLU B 1168 -30.00 27.53 73.69
CA GLU B 1168 -29.73 26.94 74.98
C GLU B 1168 -28.22 26.99 75.23
N ASN B 1169 -27.82 26.73 76.47
CA ASN B 1169 -26.39 26.67 76.77
C ASN B 1169 -25.69 25.58 75.97
N PRO B 1170 -26.16 24.33 75.93
CA PRO B 1170 -25.74 23.42 74.87
C PRO B 1170 -26.72 23.47 73.72
N PRO B 1171 -26.24 23.72 72.51
CA PRO B 1171 -27.15 23.73 71.35
C PRO B 1171 -27.26 22.37 70.69
N LYS B 1172 -28.41 22.15 70.05
CA LYS B 1172 -28.69 20.94 69.28
C LYS B 1172 -29.18 21.39 67.90
N CYS B 1173 -28.31 21.30 66.90
CA CYS B 1173 -28.64 21.73 65.55
C CYS B 1173 -29.00 20.55 64.67
N ILE B 1174 -29.94 20.78 63.76
CA ILE B 1174 -30.44 19.74 62.87
C ILE B 1174 -30.21 20.18 61.43
N ALA B 1175 -30.14 19.19 60.55
CA ALA B 1175 -29.96 19.40 59.11
C ALA B 1175 -30.93 18.52 58.35
N PRO B 1176 -31.39 18.96 57.18
CA PRO B 1176 -32.33 18.15 56.40
C PRO B 1176 -31.66 16.92 55.81
N ILE B 1177 -32.48 15.92 55.53
CA ILE B 1177 -32.03 14.67 54.91
C ILE B 1177 -32.69 14.57 53.55
N GLY B 1178 -31.89 14.68 52.49
CA GLY B 1178 -32.40 14.56 51.13
C GLY B 1178 -33.39 15.64 50.75
N GLY B 1179 -33.27 16.83 51.31
CA GLY B 1179 -34.19 17.90 51.01
C GLY B 1179 -33.66 19.23 51.49
N TYR B 1180 -34.58 20.17 51.69
CA TYR B 1180 -34.23 21.51 52.13
C TYR B 1180 -35.20 21.95 53.22
N PHE B 1181 -34.72 22.86 54.06
CA PHE B 1181 -35.56 23.57 55.02
C PHE B 1181 -35.97 24.90 54.40
N VAL B 1182 -37.24 25.01 54.01
CA VAL B 1182 -37.69 26.17 53.24
C VAL B 1182 -38.91 26.79 53.91
N LEU B 1183 -39.15 28.05 53.58
CA LEU B 1183 -40.36 28.76 53.98
C LEU B 1183 -41.46 28.50 52.97
N ASN B 1184 -42.70 28.47 53.45
CA ASN B 1184 -43.85 28.18 52.60
C ASN B 1184 -44.31 29.49 51.95
N GLN B 1185 -43.60 29.87 50.89
CA GLN B 1185 -43.95 31.05 50.12
C GLN B 1185 -43.25 30.98 48.76
N THR B 1186 -43.92 31.49 47.73
CA THR B 1186 -43.38 31.49 46.38
C THR B 1186 -42.64 32.77 46.04
N THR B 1187 -42.54 33.72 46.97
CA THR B 1187 -41.86 34.97 46.71
C THR B 1187 -41.09 35.44 47.95
N SER B 1193 -38.19 36.37 62.71
CA SER B 1193 -38.54 36.09 64.09
C SER B 1193 -39.81 35.23 64.17
N GLU B 1194 -40.75 35.50 63.26
CA GLU B 1194 -42.01 34.77 63.20
C GLU B 1194 -42.06 33.80 62.02
N GLN B 1195 -40.94 33.53 61.38
CA GLN B 1195 -40.92 32.65 60.23
C GLN B 1195 -41.11 31.19 60.64
N GLN B 1196 -41.94 30.48 59.89
CA GLN B 1196 -42.19 29.06 60.10
C GLN B 1196 -41.46 28.26 59.03
N TRP B 1197 -40.63 27.31 59.45
CA TRP B 1197 -39.82 26.51 58.55
C TRP B 1197 -40.48 25.16 58.30
N TYR B 1198 -40.36 24.67 57.07
CA TYR B 1198 -40.91 23.39 56.66
C TYR B 1198 -39.82 22.57 55.98
N TYR B 1199 -40.20 21.37 55.55
CA TYR B 1199 -39.34 20.48 54.79
C TYR B 1199 -39.98 20.19 53.44
N THR B 1200 -39.13 20.07 52.42
CA THR B 1200 -39.59 19.72 51.08
C THR B 1200 -38.59 18.81 50.41
N GLY B 1201 -39.07 18.01 49.47
CA GLY B 1201 -38.18 17.18 48.69
C GLY B 1201 -37.35 17.99 47.72
N SER B 1202 -36.18 17.45 47.37
CA SER B 1202 -35.27 18.16 46.47
C SER B 1202 -35.76 18.18 45.03
N SER B 1203 -36.63 17.25 44.65
CA SER B 1203 -37.10 17.14 43.27
C SER B 1203 -38.53 17.60 43.09
N PHE B 1204 -39.19 18.08 44.14
CA PHE B 1204 -40.55 18.58 44.03
C PHE B 1204 -40.85 19.46 45.23
N PHE B 1205 -41.45 20.63 44.99
CA PHE B 1205 -41.74 21.60 46.03
C PHE B 1205 -43.09 21.26 46.67
N HIS B 1206 -43.06 20.81 47.91
CA HIS B 1206 -44.26 20.49 48.68
C HIS B 1206 -43.93 20.57 50.16
N PRO B 1207 -44.11 21.75 50.79
CA PRO B 1207 -43.74 21.88 52.19
C PRO B 1207 -44.54 20.94 53.09
N GLU B 1208 -43.86 20.39 54.09
CA GLU B 1208 -44.46 19.49 55.06
C GLU B 1208 -43.74 19.67 56.39
N PRO B 1209 -44.40 19.40 57.52
CA PRO B 1209 -43.78 19.69 58.82
C PRO B 1209 -42.50 18.91 59.04
N ILE B 1210 -41.59 19.52 59.79
CA ILE B 1210 -40.28 18.92 60.06
C ILE B 1210 -40.42 17.96 61.23
N THR B 1211 -40.00 16.71 61.03
CA THR B 1211 -40.00 15.68 62.06
C THR B 1211 -38.62 15.04 62.11
N GLU B 1212 -38.48 14.01 62.94
CA GLU B 1212 -37.22 13.28 63.01
C GLU B 1212 -37.01 12.37 61.81
N VAL B 1213 -38.05 12.10 61.03
CA VAL B 1213 -37.91 11.28 59.84
C VAL B 1213 -37.03 11.98 58.80
N ASN B 1214 -37.25 13.27 58.59
CA ASN B 1214 -36.57 14.03 57.55
C ASN B 1214 -35.51 14.98 58.09
N SER B 1215 -34.96 14.70 59.27
CA SER B 1215 -33.93 15.55 59.85
C SER B 1215 -32.97 14.70 60.67
N LYS B 1216 -31.77 15.21 60.85
CA LYS B 1216 -30.75 14.56 61.67
C LYS B 1216 -29.97 15.60 62.44
N TYR B 1217 -29.44 15.20 63.59
CA TYR B 1217 -28.67 16.11 64.42
C TYR B 1217 -27.26 16.28 63.87
N VAL B 1218 -26.77 17.51 63.87
CA VAL B 1218 -25.45 17.85 63.38
C VAL B 1218 -24.78 18.78 64.39
N SER B 1219 -23.51 19.08 64.12
CA SER B 1219 -22.75 19.97 64.99
C SER B 1219 -23.22 21.41 64.80
N MET B 1220 -22.80 22.27 65.74
CA MET B 1220 -23.16 23.67 65.68
C MET B 1220 -22.40 24.38 64.56
N ASP B 1221 -23.13 25.15 63.77
CA ASP B 1221 -22.56 25.92 62.67
C ASP B 1221 -22.97 27.38 62.81
N VAL B 1222 -22.08 28.29 62.39
CA VAL B 1222 -22.32 29.72 62.57
C VAL B 1222 -23.44 30.21 61.65
N LYS B 1223 -23.63 29.58 60.49
CA LYS B 1223 -24.60 30.04 59.51
C LYS B 1223 -25.99 29.46 59.72
N PHE B 1224 -26.20 28.70 60.80
CA PHE B 1224 -27.50 28.13 61.09
C PHE B 1224 -28.43 29.19 61.69
N GLU B 1225 -29.71 29.08 61.34
CA GLU B 1225 -30.70 30.01 61.89
C GLU B 1225 -30.95 29.71 63.36
N ASN B 1226 -31.13 30.77 64.13
CA ASN B 1226 -31.50 30.66 65.54
C ASN B 1226 -33.01 30.85 65.67
N LEU B 1227 -33.71 29.79 66.04
CA LEU B 1227 -35.16 29.83 66.21
C LEU B 1227 -35.47 30.24 67.64
N THR B 1228 -36.06 31.43 67.80
CA THR B 1228 -36.35 31.96 69.13
C THR B 1228 -37.62 31.39 69.73
N ASN B 1229 -38.71 31.41 68.96
CA ASN B 1229 -40.03 31.01 69.45
C ASN B 1229 -40.55 29.73 68.82
N LYS B 1230 -40.61 29.68 67.48
CA LYS B 1230 -41.18 28.52 66.80
C LYS B 1230 -40.12 27.42 66.68
N LEU B 1231 -40.41 26.26 67.26
CA LEU B 1231 -39.47 25.14 67.31
C LEU B 1231 -40.14 23.88 66.78
N PRO B 1232 -39.51 23.16 65.85
CA PRO B 1232 -40.03 21.85 65.46
C PRO B 1232 -39.83 20.85 66.59
N PRO B 1233 -40.55 19.73 66.57
CA PRO B 1233 -40.45 18.74 67.66
C PRO B 1233 -39.02 18.27 67.90
N PRO B 1234 -38.20 18.06 66.86
CA PRO B 1234 -36.80 17.69 67.15
C PRO B 1234 -36.03 18.71 67.97
N LEU B 1235 -36.40 19.99 67.90
CA LEU B 1235 -35.69 21.04 68.62
C LEU B 1235 -36.31 21.37 69.97
N LEU B 1236 -37.37 20.66 70.37
CA LEU B 1236 -38.03 20.93 71.64
C LEU B 1236 -37.35 20.14 72.76
N SER B 1237 -36.99 20.83 73.83
CA SER B 1237 -36.37 20.20 75.00
C SER B 1237 -37.47 19.78 75.98
N ASN B 1238 -38.23 18.78 75.56
CA ASN B 1238 -39.33 18.25 76.38
C ASN B 1238 -38.80 17.43 77.55
N SER C 34 47.17 23.96 -32.27
CA SER C 34 48.28 24.70 -31.67
C SER C 34 47.94 26.17 -31.51
N VAL C 35 47.40 26.54 -30.34
CA VAL C 35 47.09 27.95 -30.09
C VAL C 35 48.38 28.73 -29.83
N ASP C 36 48.29 30.04 -30.04
CA ASP C 36 49.45 30.90 -29.84
C ASP C 36 49.72 31.08 -28.35
N MET C 37 50.90 30.65 -27.89
CA MET C 37 51.28 30.74 -26.50
C MET C 37 52.29 31.87 -26.24
N GLY C 38 52.48 32.77 -27.19
CA GLY C 38 53.35 33.92 -27.01
C GLY C 38 54.75 33.70 -27.52
N THR C 39 55.59 34.69 -27.25
CA THR C 39 56.97 34.65 -27.71
C THR C 39 57.75 33.54 -27.02
N THR C 40 58.58 32.84 -27.79
CA THR C 40 59.41 31.78 -27.24
C THR C 40 60.46 32.37 -26.30
N GLY C 41 60.74 31.65 -25.21
CA GLY C 41 61.71 32.13 -24.24
C GLY C 41 63.13 31.95 -24.74
N SER C 42 63.97 32.94 -24.43
CA SER C 42 65.37 32.93 -24.81
C SER C 42 66.21 33.42 -23.64
N GLY C 43 67.32 32.72 -23.38
CA GLY C 43 68.20 33.08 -22.28
C GLY C 43 68.54 31.91 -21.39
N ASN C 44 68.86 32.18 -20.13
CA ASN C 44 69.21 31.15 -19.17
C ASN C 44 68.25 31.18 -17.99
N CYS C 45 68.02 30.01 -17.39
CA CYS C 45 67.15 29.91 -16.23
C CYS C 45 67.92 30.30 -14.98
N ILE C 46 67.23 30.94 -14.04
CA ILE C 46 67.86 31.37 -12.80
C ILE C 46 68.06 30.17 -11.90
N GLU C 47 69.22 30.10 -11.25
CA GLU C 47 69.51 29.02 -10.33
C GLU C 47 68.64 29.10 -9.08
N SER C 48 68.29 27.94 -8.54
CA SER C 48 67.50 27.82 -7.33
C SER C 48 68.19 26.90 -6.35
N GLN C 49 68.07 27.21 -5.06
CA GLN C 49 68.63 26.37 -4.01
C GLN C 49 67.52 25.58 -3.33
N VAL C 50 67.70 24.27 -3.24
CA VAL C 50 66.73 23.37 -2.65
C VAL C 50 67.20 23.03 -1.24
N GLN C 51 66.52 23.56 -0.24
CA GLN C 51 66.84 23.31 1.17
C GLN C 51 65.56 22.94 1.90
N PRO C 52 65.12 21.68 1.80
CA PRO C 52 63.85 21.29 2.44
C PRO C 52 63.89 21.37 3.96
N ASP C 53 65.07 21.39 4.58
CA ASP C 53 65.15 21.45 6.03
C ASP C 53 64.60 22.77 6.56
N PHE C 54 64.83 23.86 5.82
CA PHE C 54 64.36 25.17 6.26
C PHE C 54 62.85 25.32 6.14
N PHE C 55 62.18 24.45 5.39
CA PHE C 55 60.75 24.57 5.15
C PHE C 55 59.90 23.58 5.92
N GLU C 56 60.38 22.36 6.16
CA GLU C 56 59.64 21.33 6.85
C GLU C 56 60.17 21.09 8.26
N THR C 57 60.53 22.15 8.95
CA THR C 57 61.00 22.06 10.33
C THR C 57 59.83 22.16 11.31
N ALA C 58 60.12 21.89 12.58
CA ALA C 58 59.09 21.95 13.60
C ALA C 58 58.65 23.38 13.89
N ARG C 59 59.55 24.35 13.74
CA ARG C 59 59.20 25.74 14.05
C ARG C 59 58.19 26.30 13.05
N ASN C 60 58.19 25.81 11.81
CA ASN C 60 57.29 26.29 10.77
C ASN C 60 56.06 25.40 10.61
N THR C 61 55.61 24.77 11.68
CA THR C 61 54.43 23.91 11.65
C THR C 61 53.25 24.67 12.23
N TRP C 62 52.25 24.95 11.40
CA TRP C 62 51.05 25.68 11.80
C TRP C 62 49.84 24.89 11.33
N PRO C 63 49.44 23.86 12.08
CA PRO C 63 48.36 22.99 11.63
C PRO C 63 47.02 23.71 11.58
N LEU C 64 46.20 23.32 10.60
CA LEU C 64 44.85 23.85 10.45
C LEU C 64 43.99 22.72 9.90
N SER C 65 43.09 22.19 10.73
CA SER C 65 42.24 21.09 10.33
C SER C 65 40.93 21.59 9.72
N ILE C 66 40.22 20.68 9.09
CA ILE C 66 38.92 21.01 8.48
C ILE C 66 37.86 21.08 9.57
N ASP C 67 37.15 22.19 9.63
CA ASP C 67 36.10 22.41 10.62
C ASP C 67 34.75 22.28 9.92
N THR C 68 34.04 21.19 10.21
CA THR C 68 32.73 20.97 9.60
C THR C 68 31.66 21.89 10.15
N SER C 69 31.87 22.47 11.34
CA SER C 69 30.91 23.43 11.88
C SER C 69 30.83 24.69 11.03
N LYS C 70 31.94 25.08 10.41
CA LYS C 70 31.96 26.22 9.50
C LYS C 70 31.81 25.82 8.04
N ALA C 71 31.60 24.53 7.76
CA ALA C 71 31.46 24.03 6.39
C ALA C 71 32.67 24.36 5.54
N GLU C 72 33.85 24.22 6.11
CA GLU C 72 35.09 24.51 5.39
C GLU C 72 35.36 23.45 4.33
N GLY C 73 35.76 23.90 3.15
CA GLY C 73 36.09 22.99 2.07
C GLY C 73 34.90 22.33 1.41
N VAL C 74 33.71 22.91 1.54
CA VAL C 74 32.49 22.33 0.98
C VAL C 74 32.18 23.04 -0.33
N ILE C 75 31.98 22.26 -1.40
CA ILE C 75 31.64 22.79 -2.71
C ILE C 75 30.13 22.89 -2.82
N TYR C 76 29.64 24.07 -3.20
CA TYR C 76 28.21 24.27 -3.33
C TYR C 76 27.65 23.42 -4.48
N PRO C 77 26.51 22.76 -4.27
CA PRO C 77 25.91 21.98 -5.36
C PRO C 77 25.58 22.85 -6.56
N ASN C 78 25.77 22.28 -7.75
CA ASN C 78 25.57 23.04 -8.98
C ASN C 78 24.10 23.26 -9.27
N GLY C 79 23.83 24.33 -10.03
CA GLY C 79 22.50 24.61 -10.54
C GLY C 79 21.61 25.46 -9.67
N LYS C 80 21.05 24.88 -8.61
CA LYS C 80 20.00 25.54 -7.84
C LYS C 80 20.46 25.81 -6.41
N SER C 81 19.92 26.87 -5.83
CA SER C 81 20.20 27.26 -4.46
C SER C 81 19.07 26.81 -3.54
N TYR C 82 19.38 26.70 -2.25
CA TYR C 82 18.42 26.32 -1.23
C TYR C 82 18.55 27.26 -0.04
N SER C 83 17.43 27.52 0.63
CA SER C 83 17.40 28.41 1.78
C SER C 83 16.54 27.80 2.87
N ASN C 84 17.06 27.81 4.10
CA ASN C 84 16.33 27.34 5.29
C ASN C 84 15.85 25.91 5.11
N ILE C 85 16.79 25.00 4.93
CA ILE C 85 16.48 23.58 4.76
C ILE C 85 17.75 22.78 5.06
N THR C 86 17.57 21.53 5.44
CA THR C 86 18.67 20.61 5.68
C THR C 86 18.55 19.43 4.73
N LEU C 87 19.62 19.14 4.00
CA LEU C 87 19.60 18.11 2.97
C LEU C 87 20.79 17.18 3.13
N THR C 88 20.64 15.97 2.61
CA THR C 88 21.69 14.95 2.60
C THR C 88 22.23 14.82 1.19
N TYR C 89 23.55 14.90 1.05
CA TYR C 89 24.21 14.84 -0.25
C TYR C 89 25.31 13.80 -0.23
N THR C 90 25.47 13.12 -1.36
CA THR C 90 26.55 12.15 -1.57
C THR C 90 27.41 12.65 -2.71
N GLY C 91 28.58 13.15 -2.40
CA GLY C 91 29.49 13.70 -3.39
C GLY C 91 30.92 13.65 -2.93
N LEU C 92 31.70 14.63 -3.38
CA LEU C 92 33.12 14.73 -3.06
C LEU C 92 33.29 15.81 -1.98
N TYR C 93 33.69 15.38 -0.79
CA TYR C 93 33.87 16.27 0.34
C TYR C 93 35.10 15.84 1.14
N PRO C 94 35.75 16.78 1.83
CA PRO C 94 36.86 16.41 2.70
C PRO C 94 36.40 15.77 3.99
N LYS C 95 37.31 15.05 4.63
CA LYS C 95 37.01 14.39 5.88
C LYS C 95 37.08 15.37 7.05
N ALA C 96 36.26 15.11 8.07
CA ALA C 96 36.20 15.99 9.23
C ALA C 96 37.50 15.94 10.03
N ASN C 97 38.00 17.12 10.41
CA ASN C 97 39.24 17.24 11.22
C ASN C 97 40.47 16.76 10.43
N ASP C 98 40.42 16.76 9.10
CA ASP C 98 41.62 16.40 8.28
C ASP C 98 42.64 17.54 8.36
N LEU C 99 43.91 17.22 8.63
CA LEU C 99 44.98 18.24 8.72
C LEU C 99 45.47 18.68 7.33
N GLY C 100 45.46 17.76 6.36
CA GLY C 100 45.92 18.08 4.97
C GLY C 100 47.43 18.17 4.86
N LYS C 101 47.94 19.02 3.96
CA LYS C 101 49.41 19.16 3.75
C LYS C 101 49.77 20.66 3.66
N GLN C 102 50.89 21.07 4.27
CA GLN C 102 51.26 22.48 4.33
C GLN C 102 52.40 22.76 3.37
N TYR C 103 52.24 23.80 2.55
CA TYR C 103 53.27 24.26 1.63
C TYR C 103 53.56 25.72 1.94
N VAL C 104 54.85 26.07 2.05
CA VAL C 104 55.27 27.41 2.39
C VAL C 104 56.28 27.90 1.35
N PHE C 105 56.07 29.12 0.87
CA PHE C 105 56.99 29.77 -0.08
C PHE C 105 57.82 30.83 0.63
N SER C 106 59.01 31.07 0.11
CA SER C 106 59.95 32.00 0.72
C SER C 106 60.51 32.96 -0.32
N ASP C 107 61.07 34.06 0.17
CA ASP C 107 61.78 35.00 -0.70
C ASP C 107 63.13 34.42 -1.11
N GLY C 108 63.63 34.88 -2.25
CA GLY C 108 64.94 34.49 -2.70
C GLY C 108 66.04 35.24 -1.98
N HIS C 109 67.27 34.81 -2.23
CA HIS C 109 68.43 35.46 -1.62
C HIS C 109 68.55 36.89 -2.14
N SER C 110 68.69 37.83 -1.21
CA SER C 110 68.76 39.24 -1.56
C SER C 110 69.86 39.91 -0.75
N SER C 111 70.47 40.92 -1.36
CA SER C 111 71.50 41.75 -0.75
C SER C 111 71.17 43.20 -1.07
N PRO C 112 71.66 44.14 -0.27
CA PRO C 112 71.42 45.56 -0.60
C PRO C 112 71.93 45.92 -1.98
N GLY C 113 71.02 46.25 -2.89
CA GLY C 113 71.39 46.56 -4.26
C GLY C 113 71.70 45.37 -5.13
N THR C 114 71.39 44.15 -4.69
CA THR C 114 71.71 42.95 -5.45
C THR C 114 70.62 41.90 -5.27
N LEU C 115 70.37 41.13 -6.31
CA LEU C 115 69.45 39.99 -6.27
C LEU C 115 70.22 38.72 -6.57
N SER C 116 69.92 37.66 -5.82
CA SER C 116 70.70 36.42 -5.90
C SER C 116 69.82 35.21 -6.17
N ARG C 117 70.39 34.03 -6.03
CA ARG C 117 69.71 32.78 -6.37
C ARG C 117 68.43 32.59 -5.55
N LEU C 118 67.53 31.77 -6.08
CA LEU C 118 66.25 31.53 -5.46
C LEU C 118 66.37 30.51 -4.33
N PHE C 119 65.35 30.48 -3.47
CA PHE C 119 65.33 29.62 -2.29
C PHE C 119 63.96 28.94 -2.21
N VAL C 120 63.92 27.64 -2.48
CA VAL C 120 62.69 26.86 -2.48
C VAL C 120 62.95 25.51 -1.84
N SER C 121 61.87 24.75 -1.62
CA SER C 121 61.94 23.39 -1.13
C SER C 121 61.90 22.42 -2.30
N ASN C 122 61.87 21.13 -1.99
CA ASN C 122 61.85 20.09 -3.03
C ASN C 122 60.44 19.69 -3.42
N TYR C 123 59.59 20.68 -3.72
CA TYR C 123 58.22 20.42 -4.14
C TYR C 123 58.13 19.94 -5.58
N SER C 124 59.10 20.31 -6.43
CA SER C 124 59.02 19.94 -7.83
C SER C 124 59.16 18.45 -8.04
N ARG C 125 59.96 17.77 -7.23
CA ARG C 125 60.25 16.35 -7.41
C ARG C 125 59.27 15.44 -6.68
N GLN C 126 58.25 16.01 -6.03
CA GLN C 126 57.23 15.22 -5.34
C GLN C 126 56.01 15.07 -6.25
N VAL C 127 55.52 13.84 -6.39
CA VAL C 127 54.37 13.53 -7.23
C VAL C 127 53.27 13.00 -6.32
N GLU C 128 52.10 13.65 -6.36
CA GLU C 128 50.97 13.25 -5.54
C GLU C 128 49.87 12.65 -6.40
N PRO C 129 49.18 11.62 -5.92
CA PRO C 129 48.11 11.00 -6.71
C PRO C 129 46.86 11.87 -6.74
N PHE C 130 46.30 12.06 -7.93
CA PHE C 130 45.04 12.76 -8.10
C PHE C 130 43.90 11.74 -8.13
N ASP C 131 43.20 11.61 -7.01
CA ASP C 131 42.19 10.57 -6.84
C ASP C 131 40.80 11.07 -7.20
N SER C 132 40.33 12.10 -6.51
CA SER C 132 39.03 12.70 -6.80
C SER C 132 39.09 14.23 -6.77
N GLY C 133 40.28 14.80 -6.77
CA GLY C 133 40.45 16.24 -6.64
C GLY C 133 40.86 16.63 -5.24
N PHE C 134 41.03 17.94 -5.07
CA PHE C 134 41.45 18.49 -3.78
C PHE C 134 40.96 19.93 -3.67
N VAL C 135 40.97 20.44 -2.44
CA VAL C 135 40.62 21.82 -2.16
C VAL C 135 41.81 22.48 -1.46
N VAL C 136 41.97 23.78 -1.70
CA VAL C 136 43.13 24.53 -1.23
C VAL C 136 42.65 25.69 -0.39
N ARG C 137 43.22 25.82 0.81
CA ARG C 137 42.99 26.98 1.68
C ARG C 137 44.11 27.98 1.42
N ILE C 138 43.73 29.20 1.06
CA ILE C 138 44.68 30.22 0.61
C ILE C 138 44.57 31.44 1.51
N GLY C 139 45.72 31.93 1.98
CA GLY C 139 45.80 33.17 2.74
C GLY C 139 45.07 33.16 4.06
N ALA C 140 45.25 32.11 4.86
CA ALA C 140 44.59 32.03 6.16
C ALA C 140 45.28 32.90 7.21
N ALA C 141 46.60 33.04 7.12
CA ALA C 141 47.39 33.75 8.14
C ALA C 141 47.69 35.19 7.75
N ALA C 142 46.83 35.82 6.95
CA ALA C 142 47.07 37.18 6.52
C ALA C 142 46.92 38.17 7.68
N ASN C 143 47.53 39.35 7.51
CA ASN C 143 47.47 40.44 8.49
C ASN C 143 48.11 40.07 9.81
N LYS C 144 49.09 39.16 9.80
CA LYS C 144 49.74 38.69 11.02
C LYS C 144 51.24 38.72 10.84
N THR C 145 51.96 38.81 11.96
CA THR C 145 53.42 38.79 11.92
C THR C 145 53.91 37.37 11.68
N GLY C 146 54.77 37.21 10.67
CA GLY C 146 55.26 35.91 10.29
C GLY C 146 56.74 35.93 10.04
N THR C 147 57.35 34.74 10.06
CA THR C 147 58.77 34.59 9.85
C THR C 147 59.09 34.48 8.36
N THR C 148 60.16 35.15 7.94
CA THR C 148 60.72 34.90 6.62
C THR C 148 61.53 33.62 6.67
N ILE C 149 61.26 32.69 5.75
CA ILE C 149 61.88 31.38 5.83
C ILE C 149 63.38 31.47 5.58
N ILE C 150 63.81 32.39 4.73
CA ILE C 150 65.23 32.49 4.39
C ILE C 150 66.05 32.99 5.57
N SER C 151 65.46 33.81 6.45
CA SER C 151 66.16 34.36 7.61
C SER C 151 65.30 34.14 8.84
N GLN C 152 65.74 33.26 9.74
CA GLN C 152 64.94 32.86 10.89
C GLN C 152 64.77 33.96 11.93
N SER C 153 65.51 35.07 11.81
CA SER C 153 65.43 36.13 12.82
C SER C 153 64.38 37.18 12.49
N THR C 154 64.41 37.73 11.28
CA THR C 154 63.52 38.83 10.93
C THR C 154 62.07 38.36 10.83
N ASN C 155 61.16 39.24 11.21
CA ASN C 155 59.72 38.99 11.16
C ASN C 155 59.04 40.13 10.42
N ARG C 156 58.15 39.77 9.50
CA ARG C 156 57.42 40.72 8.68
C ARG C 156 55.95 40.33 8.63
N PRO C 157 55.06 41.29 8.37
CA PRO C 157 53.64 40.95 8.21
C PRO C 157 53.43 39.99 7.05
N ILE C 158 52.45 39.11 7.22
CA ILE C 158 52.19 38.02 6.29
C ILE C 158 51.32 38.52 5.15
N LYS C 159 51.68 38.14 3.93
CA LYS C 159 50.93 38.47 2.73
C LYS C 159 50.43 37.19 2.06
N LYS C 160 49.33 37.30 1.34
CA LYS C 160 48.74 36.15 0.66
C LYS C 160 49.43 35.89 -0.67
N ILE C 161 49.65 34.62 -0.97
CA ILE C 161 50.29 34.20 -2.22
C ILE C 161 49.51 33.02 -2.78
N TYR C 162 49.42 32.97 -4.15
CA TYR C 162 48.68 31.93 -4.84
C TYR C 162 49.60 30.79 -5.28
N PRO C 163 49.10 29.57 -5.29
CA PRO C 163 49.92 28.42 -5.70
C PRO C 163 49.83 28.17 -7.20
N ALA C 164 50.66 27.23 -7.66
CA ALA C 164 50.67 26.79 -9.04
C ALA C 164 50.79 25.27 -9.08
N PHE C 165 50.18 24.66 -10.10
CA PHE C 165 50.13 23.22 -10.19
C PHE C 165 50.38 22.77 -11.62
N MET C 166 50.88 21.53 -11.76
CA MET C 166 50.96 20.83 -13.03
C MET C 166 50.25 19.50 -12.87
N LEU C 167 49.28 19.22 -13.75
CA LEU C 167 48.52 17.99 -13.71
C LEU C 167 48.68 17.24 -15.02
N GLY C 168 48.94 15.95 -14.94
CA GLY C 168 49.15 15.14 -16.12
C GLY C 168 48.67 13.71 -15.99
N HIS C 169 48.95 12.89 -17.00
CA HIS C 169 48.50 11.50 -17.01
C HIS C 169 49.63 10.49 -16.81
N SER C 170 50.88 10.87 -17.12
CA SER C 170 52.01 9.99 -16.92
C SER C 170 53.21 10.83 -16.49
N VAL C 171 54.07 10.23 -15.65
CA VAL C 171 55.22 10.93 -15.10
C VAL C 171 56.47 10.11 -15.34
N GLY C 172 57.61 10.79 -15.34
CA GLY C 172 58.89 10.15 -15.54
C GLY C 172 60.04 10.92 -14.92
N ASN C 173 61.26 10.64 -15.37
CA ASN C 173 62.45 11.30 -14.86
C ASN C 173 62.89 12.42 -15.81
N TYR C 174 63.49 13.46 -15.22
CA TYR C 174 64.26 14.41 -16.00
C TYR C 174 65.56 13.73 -16.42
N THR C 175 65.71 13.51 -17.73
CA THR C 175 66.75 12.61 -18.21
C THR C 175 68.17 13.00 -17.80
N PRO C 176 68.62 14.27 -17.89
CA PRO C 176 70.01 14.57 -17.51
C PRO C 176 70.31 14.32 -16.04
N THR C 177 69.49 14.86 -15.15
CA THR C 177 69.77 14.81 -13.71
C THR C 177 69.10 13.63 -13.02
N ASN C 178 68.31 12.82 -13.72
CA ASN C 178 67.60 11.68 -13.15
C ASN C 178 66.72 12.09 -11.98
N ILE C 179 66.14 13.28 -12.04
CA ILE C 179 65.27 13.79 -10.99
C ILE C 179 63.82 13.50 -11.39
N THR C 180 63.06 12.94 -10.45
CA THR C 180 61.66 12.62 -10.72
C THR C 180 60.81 13.88 -10.78
N GLY C 181 59.64 13.75 -11.39
CA GLY C 181 58.70 14.85 -11.45
C GLY C 181 58.56 15.50 -12.82
N ARG C 182 58.77 14.72 -13.87
CA ARG C 182 58.62 15.23 -15.25
C ARG C 182 57.28 14.73 -15.82
N TYR C 183 56.43 15.64 -16.30
CA TYR C 183 55.11 15.26 -16.86
C TYR C 183 55.26 14.99 -18.35
N LEU C 184 54.72 13.86 -18.83
CA LEU C 184 54.89 13.46 -20.25
C LEU C 184 53.60 13.69 -21.06
N ASN C 185 53.72 13.89 -22.37
CA ASN C 185 52.55 14.11 -23.26
C ASN C 185 51.87 15.43 -22.91
N HIS C 186 50.56 15.53 -23.13
CA HIS C 186 49.83 16.80 -22.86
C HIS C 186 49.70 17.01 -21.36
N THR C 187 50.08 18.21 -20.89
CA THR C 187 50.06 18.50 -19.45
C THR C 187 49.22 19.74 -19.19
N LEU C 188 48.39 19.71 -18.14
CA LEU C 188 47.60 20.85 -17.72
C LEU C 188 48.39 21.66 -16.70
N VAL C 189 48.53 22.96 -16.96
CA VAL C 189 49.31 23.86 -16.12
C VAL C 189 48.42 25.02 -15.71
N ILE C 190 48.38 25.30 -14.41
CA ILE C 190 47.65 26.43 -13.86
C ILE C 190 48.67 27.36 -13.20
N LEU C 191 48.74 28.60 -13.67
CA LEU C 191 49.76 29.55 -13.22
C LEU C 191 49.11 30.89 -12.90
N PRO C 192 49.26 31.40 -11.68
CA PRO C 192 48.85 32.77 -11.39
C PRO C 192 49.85 33.76 -11.95
N ASP C 193 49.37 34.96 -12.24
CA ASP C 193 50.21 36.01 -12.81
C ASP C 193 49.57 37.37 -12.52
N GLY C 194 50.19 38.41 -13.04
CA GLY C 194 49.68 39.77 -12.86
C GLY C 194 49.68 40.25 -11.43
N CYS C 195 50.68 39.88 -10.65
CA CYS C 195 50.80 40.29 -9.24
C CYS C 195 49.53 39.94 -8.46
N GLY C 196 49.02 38.73 -8.70
CA GLY C 196 47.82 38.27 -8.03
C GLY C 196 46.51 38.73 -8.63
N THR C 197 46.51 39.10 -9.91
CA THR C 197 45.30 39.57 -10.58
C THR C 197 44.92 38.75 -11.80
N LEU C 198 45.66 37.69 -12.11
CA LEU C 198 45.37 36.87 -13.27
C LEU C 198 45.88 35.45 -13.02
N VAL C 199 45.18 34.48 -13.62
CA VAL C 199 45.57 33.07 -13.51
C VAL C 199 45.49 32.46 -14.90
N HIS C 200 46.52 31.71 -15.28
CA HIS C 200 46.58 31.07 -16.58
C HIS C 200 46.17 29.60 -16.49
N ALA C 201 45.79 29.03 -17.63
CA ALA C 201 45.42 27.62 -17.71
C ALA C 201 45.58 27.18 -19.16
N PHE C 202 46.52 26.27 -19.41
CA PHE C 202 46.79 25.77 -20.74
C PHE C 202 47.15 24.29 -20.67
N TYR C 203 47.00 23.60 -21.80
CA TYR C 203 47.15 22.15 -21.88
C TYR C 203 48.06 21.85 -23.07
N CYS C 204 49.37 21.78 -22.82
CA CYS C 204 50.33 21.54 -23.88
C CYS C 204 51.45 20.63 -23.41
N ILE C 205 52.21 20.14 -24.38
CA ILE C 205 53.39 19.32 -24.11
C ILE C 205 54.54 20.22 -23.67
N LEU C 206 55.23 19.79 -22.61
CA LEU C 206 56.38 20.53 -22.08
C LEU C 206 57.66 19.94 -22.67
N GLN C 207 58.37 20.73 -23.46
CA GLN C 207 59.62 20.28 -24.07
C GLN C 207 60.79 20.94 -23.36
N PRO C 208 61.62 20.20 -22.62
CA PRO C 208 62.69 20.83 -21.84
C PRO C 208 63.70 21.54 -22.71
N ARG C 209 64.26 22.62 -22.18
CA ARG C 209 65.30 23.40 -22.83
C ARG C 209 66.65 23.09 -22.19
N THR C 210 67.69 23.04 -23.01
CA THR C 210 69.01 22.61 -22.59
C THR C 210 69.88 23.75 -22.06
N GLN C 211 69.34 24.96 -21.93
CA GLN C 211 70.12 26.05 -21.39
C GLN C 211 70.39 25.83 -19.90
N ALA C 212 71.30 26.66 -19.36
CA ALA C 212 71.77 26.47 -17.99
C ALA C 212 70.62 26.60 -16.98
N TYR C 213 70.64 25.72 -15.98
CA TYR C 213 69.67 25.71 -14.88
C TYR C 213 68.25 25.47 -15.36
N CYS C 214 68.08 24.96 -16.58
CA CYS C 214 66.76 24.64 -17.11
C CYS C 214 66.53 23.13 -17.08
N ALA C 215 65.33 22.73 -17.48
CA ALA C 215 64.91 21.35 -17.30
C ALA C 215 65.78 20.36 -18.07
N GLY C 216 66.29 20.74 -19.23
CA GLY C 216 67.08 19.86 -20.05
C GLY C 216 68.56 19.86 -19.78
N ALA C 217 69.03 20.57 -18.78
CA ALA C 217 70.45 20.68 -18.48
C ALA C 217 70.84 19.80 -17.29
N SER C 218 72.15 19.68 -17.08
CA SER C 218 72.69 18.90 -15.97
C SER C 218 72.74 19.70 -14.67
N THR C 219 72.50 21.01 -14.71
CA THR C 219 72.48 21.85 -13.53
C THR C 219 71.05 22.15 -13.05
N PHE C 220 70.10 21.30 -13.43
CA PHE C 220 68.71 21.50 -13.05
C PHE C 220 68.46 20.98 -11.65
N THR C 221 67.75 21.80 -10.84
CA THR C 221 67.37 21.40 -9.50
C THR C 221 65.86 21.37 -9.31
N SER C 222 65.14 22.42 -9.73
CA SER C 222 63.70 22.45 -9.59
C SER C 222 63.13 23.45 -10.58
N VAL C 223 61.82 23.31 -10.84
CA VAL C 223 61.10 24.24 -11.69
C VAL C 223 60.50 25.31 -10.78
N THR C 224 61.13 26.48 -10.75
CA THR C 224 60.72 27.59 -9.91
C THR C 224 60.38 28.79 -10.76
N VAL C 225 59.19 29.35 -10.55
CA VAL C 225 58.75 30.56 -11.23
C VAL C 225 58.95 31.75 -10.29
N TRP C 226 59.39 32.88 -10.84
CA TRP C 226 59.74 34.05 -10.06
C TRP C 226 59.11 35.29 -10.67
N ASP C 227 59.14 36.37 -9.91
CA ASP C 227 58.68 37.67 -10.39
C ASP C 227 59.45 38.77 -9.66
N THR C 228 59.50 39.94 -10.28
CA THR C 228 60.21 41.08 -9.70
C THR C 228 59.20 42.13 -9.25
N PRO C 229 58.94 42.28 -7.96
CA PRO C 229 57.97 43.28 -7.51
C PRO C 229 58.35 44.71 -7.88
N ALA C 230 59.64 45.02 -7.98
CA ALA C 230 60.07 46.37 -8.30
C ALA C 230 59.61 46.79 -9.68
N SER C 231 59.70 45.88 -10.66
CA SER C 231 59.32 46.17 -12.04
C SER C 231 57.92 45.69 -12.38
N ASP C 232 57.60 44.44 -12.06
CA ASP C 232 56.30 43.88 -12.45
C ASP C 232 55.17 44.49 -11.63
N CYS C 233 55.34 44.60 -10.32
CA CYS C 233 54.29 45.07 -9.41
C CYS C 233 54.57 46.47 -8.90
N ALA C 234 55.08 47.35 -9.77
CA ALA C 234 55.36 48.73 -9.36
C ALA C 234 54.07 49.45 -8.96
N ASN C 235 53.01 49.29 -9.74
CA ASN C 235 51.74 49.92 -9.43
C ASN C 235 50.61 49.12 -10.08
N SER C 236 49.39 49.36 -9.60
CA SER C 236 48.23 48.64 -10.09
C SER C 236 47.89 48.97 -11.54
N GLN C 237 48.46 50.03 -12.10
CA GLN C 237 48.18 50.40 -13.49
C GLN C 237 49.12 49.74 -14.49
N SER C 238 50.34 49.42 -14.06
CA SER C 238 51.35 48.83 -14.94
C SER C 238 51.75 47.44 -14.48
N TYR C 239 50.78 46.64 -14.06
CA TYR C 239 51.04 45.27 -13.66
C TYR C 239 51.48 44.43 -14.87
N ASN C 240 52.52 43.63 -14.67
CA ASN C 240 53.03 42.75 -15.72
C ASN C 240 52.26 41.43 -15.63
N ARG C 241 51.43 41.17 -16.64
CA ARG C 241 50.54 40.02 -16.65
C ARG C 241 51.20 38.75 -17.18
N LEU C 242 52.45 38.83 -17.65
CA LEU C 242 53.11 37.69 -18.26
C LEU C 242 54.44 37.36 -17.59
N ALA C 243 54.68 37.85 -16.38
CA ALA C 243 55.97 37.63 -15.73
C ALA C 243 56.17 36.16 -15.40
N ASN C 244 55.19 35.54 -14.74
CA ASN C 244 55.31 34.12 -14.39
C ASN C 244 55.30 33.25 -15.64
N LEU C 245 54.48 33.60 -16.63
CA LEU C 245 54.44 32.83 -17.87
C LEU C 245 55.77 32.90 -18.61
N ASN C 246 56.39 34.09 -18.65
CA ASN C 246 57.71 34.21 -19.26
C ASN C 246 58.76 33.42 -18.49
N ALA C 247 58.67 33.43 -17.15
CA ALA C 247 59.59 32.63 -16.36
C ALA C 247 59.40 31.15 -16.62
N PHE C 248 58.15 30.71 -16.77
CA PHE C 248 57.87 29.30 -17.03
C PHE C 248 58.35 28.86 -18.41
N LYS C 249 58.26 29.75 -19.41
CA LYS C 249 58.69 29.42 -20.76
C LYS C 249 60.19 29.19 -20.86
N LEU C 250 60.98 29.65 -19.88
CA LEU C 250 62.42 29.41 -19.91
C LEU C 250 62.74 27.95 -19.61
N TYR C 251 61.94 27.28 -18.78
CA TYR C 251 62.20 25.89 -18.47
C TYR C 251 61.79 24.96 -19.62
N PHE C 252 60.65 25.23 -20.26
CA PHE C 252 60.12 24.32 -21.26
C PHE C 252 59.70 25.09 -22.51
N ASP C 253 59.76 24.39 -23.65
CA ASP C 253 59.13 24.86 -24.87
C ASP C 253 57.72 24.31 -24.94
N LEU C 254 56.75 25.16 -25.26
CA LEU C 254 55.35 24.80 -25.26
C LEU C 254 54.96 24.36 -26.67
N ILE C 255 54.51 23.11 -26.81
CA ILE C 255 54.26 22.48 -28.10
C ILE C 255 52.82 22.01 -28.16
N ASN C 256 52.13 22.34 -29.26
CA ASN C 256 50.81 21.80 -29.58
C ASN C 256 49.81 21.98 -28.43
N CYS C 257 49.59 23.23 -28.04
CA CYS C 257 48.67 23.51 -26.95
C CYS C 257 47.23 23.51 -27.45
N THR C 258 46.36 22.76 -26.76
CA THR C 258 44.96 22.67 -27.18
C THR C 258 44.21 23.96 -26.93
N PHE C 259 44.43 24.60 -25.79
CA PHE C 259 43.69 25.81 -25.44
C PHE C 259 44.53 26.67 -24.51
N ARG C 260 44.06 27.89 -24.29
CA ARG C 260 44.73 28.85 -23.42
C ARG C 260 43.68 29.78 -22.85
N TYR C 261 43.50 29.74 -21.53
CA TYR C 261 42.48 30.52 -20.84
C TYR C 261 43.12 31.38 -19.76
N ASN C 262 42.43 32.46 -19.39
CA ASN C 262 42.84 33.30 -18.28
C ASN C 262 41.61 33.90 -17.62
N TYR C 263 41.74 34.22 -16.33
CA TYR C 263 40.64 34.75 -15.54
C TYR C 263 41.14 35.92 -14.70
N THR C 264 40.29 36.94 -14.55
CA THR C 264 40.66 38.14 -13.82
C THR C 264 40.30 38.00 -12.35
N ILE C 265 41.25 38.32 -11.48
CA ILE C 265 41.07 38.23 -10.03
C ILE C 265 41.21 39.63 -9.45
N THR C 266 40.25 40.02 -8.62
CA THR C 266 40.31 41.30 -7.94
C THR C 266 41.29 41.23 -6.78
N GLU C 267 42.21 42.20 -6.72
CA GLU C 267 43.20 42.23 -5.65
C GLU C 267 42.53 42.47 -4.31
N ASP C 268 42.94 41.69 -3.31
CA ASP C 268 42.40 41.79 -1.97
C ASP C 268 43.32 41.04 -1.02
N GLU C 269 42.94 41.00 0.26
CA GLU C 269 43.71 40.28 1.28
C GLU C 269 42.85 39.27 2.02
N ASN C 270 41.62 39.03 1.57
CA ASN C 270 40.74 38.07 2.23
C ASN C 270 41.16 36.64 1.93
N ALA C 271 40.85 35.75 2.87
CA ALA C 271 41.09 34.33 2.65
C ALA C 271 40.07 33.78 1.65
N GLU C 272 40.46 32.70 0.97
CA GLU C 272 39.63 32.12 -0.08
C GLU C 272 39.95 30.64 -0.21
N TRP C 273 39.10 29.94 -0.95
CA TRP C 273 39.25 28.52 -1.20
C TRP C 273 39.25 28.24 -2.69
N PHE C 274 39.97 27.20 -3.09
CA PHE C 274 40.06 26.79 -4.48
C PHE C 274 39.97 25.28 -4.57
N GLY C 275 39.15 24.78 -5.51
CA GLY C 275 38.97 23.36 -5.69
C GLY C 275 39.02 22.98 -7.16
N ILE C 276 39.27 21.70 -7.39
CA ILE C 276 39.36 21.15 -8.75
C ILE C 276 38.91 19.70 -8.72
N THR C 277 38.01 19.33 -9.64
CA THR C 277 37.56 17.95 -9.83
C THR C 277 37.58 17.63 -11.32
N GLN C 278 37.21 16.40 -11.65
CA GLN C 278 37.14 15.96 -13.04
C GLN C 278 36.07 14.89 -13.19
N ASP C 279 35.29 14.97 -14.27
CA ASP C 279 34.37 13.91 -14.65
C ASP C 279 34.39 13.80 -16.17
N THR C 280 33.35 13.21 -16.74
CA THR C 280 33.32 13.02 -18.19
C THR C 280 33.33 14.35 -18.94
N GLN C 281 32.56 15.33 -18.45
CA GLN C 281 32.47 16.62 -19.14
C GLN C 281 33.84 17.30 -19.23
N GLY C 282 34.65 17.16 -18.20
CA GLY C 282 36.00 17.68 -18.23
C GLY C 282 36.46 18.03 -16.82
N VAL C 283 37.46 18.89 -16.76
CA VAL C 283 38.05 19.34 -15.50
C VAL C 283 37.31 20.59 -15.03
N HIS C 284 36.88 20.59 -13.76
CA HIS C 284 36.05 21.64 -13.20
C HIS C 284 36.83 22.40 -12.15
N LEU C 285 36.74 23.73 -12.19
CA LEU C 285 37.40 24.59 -11.23
C LEU C 285 36.36 25.28 -10.36
N TYR C 286 36.67 25.41 -9.07
CA TYR C 286 35.77 26.03 -8.11
C TYR C 286 36.53 27.08 -7.31
N SER C 287 35.82 28.13 -6.91
CA SER C 287 36.43 29.22 -6.15
C SER C 287 35.37 29.85 -5.25
N SER C 288 35.84 30.47 -4.18
CA SER C 288 34.98 31.19 -3.25
C SER C 288 34.85 32.67 -3.59
N ARG C 289 35.57 33.15 -4.60
CA ARG C 289 35.49 34.53 -5.05
C ARG C 289 34.41 34.76 -6.10
N LYS C 290 33.67 33.72 -6.47
CA LYS C 290 32.68 33.82 -7.54
C LYS C 290 31.51 34.70 -7.12
N GLU C 291 30.82 34.31 -6.04
CA GLU C 291 29.61 34.99 -5.60
C GLU C 291 29.90 36.00 -4.48
N ASN C 292 30.53 35.54 -3.40
CA ASN C 292 30.81 36.41 -2.25
C ASN C 292 32.10 35.91 -1.61
N VAL C 293 33.13 36.76 -1.62
CA VAL C 293 34.43 36.36 -1.10
C VAL C 293 34.45 36.27 0.43
N PHE C 294 33.44 36.80 1.10
CA PHE C 294 33.36 36.77 2.56
C PHE C 294 32.66 35.53 3.09
N ARG C 295 32.20 34.66 2.21
CA ARG C 295 31.71 33.33 2.59
C ARG C 295 32.70 32.29 2.09
N ASN C 296 32.77 31.17 2.79
CA ASN C 296 33.75 30.14 2.47
C ASN C 296 33.25 29.12 1.46
N ASN C 297 32.02 29.28 0.95
CA ASN C 297 31.50 28.34 -0.03
C ASN C 297 32.19 28.54 -1.38
N MET C 298 32.49 27.42 -2.04
CA MET C 298 33.12 27.44 -3.36
C MET C 298 32.06 27.23 -4.43
N PHE C 299 32.20 27.96 -5.54
CA PHE C 299 31.24 27.92 -6.64
C PHE C 299 31.96 27.65 -7.95
N HIS C 300 31.32 26.90 -8.82
CA HIS C 300 31.87 26.57 -10.13
C HIS C 300 32.00 27.83 -10.99
N PHE C 301 33.15 27.98 -11.65
CA PHE C 301 33.35 29.11 -12.54
C PHE C 301 33.99 28.76 -13.87
N ALA C 302 34.48 27.53 -14.08
CA ALA C 302 35.14 27.20 -15.33
C ALA C 302 35.07 25.69 -15.56
N THR C 303 35.15 25.31 -16.83
CA THR C 303 35.22 23.91 -17.24
C THR C 303 36.28 23.78 -18.32
N LEU C 304 37.25 22.89 -18.09
CA LEU C 304 38.33 22.75 -19.07
C LEU C 304 38.15 21.48 -19.89
N PRO C 305 38.46 21.54 -21.19
CA PRO C 305 38.29 20.37 -22.08
C PRO C 305 39.45 19.38 -21.98
N VAL C 306 39.61 18.80 -20.80
CA VAL C 306 40.59 17.73 -20.57
C VAL C 306 39.80 16.47 -20.24
N TYR C 307 39.89 15.46 -21.11
CA TYR C 307 39.06 14.27 -20.98
C TYR C 307 39.84 13.02 -20.59
N GLN C 308 41.14 12.97 -20.84
CA GLN C 308 41.95 11.88 -20.33
C GLN C 308 42.02 11.95 -18.81
N LYS C 309 42.00 10.77 -18.18
CA LYS C 309 41.93 10.72 -16.72
C LYS C 309 43.24 11.23 -16.11
N ILE C 310 43.11 12.19 -15.18
CA ILE C 310 44.26 12.78 -14.53
C ILE C 310 44.65 11.93 -13.33
N LEU C 311 45.93 11.55 -13.26
CA LEU C 311 46.41 10.66 -12.21
C LEU C 311 47.41 11.30 -11.25
N TYR C 312 48.10 12.36 -11.66
CA TYR C 312 49.14 12.95 -10.83
C TYR C 312 49.05 14.47 -10.88
N TYR C 313 49.53 15.11 -9.82
CA TYR C 313 49.65 16.55 -9.78
C TYR C 313 50.87 16.93 -8.95
N THR C 314 51.47 18.07 -9.28
CA THR C 314 52.69 18.53 -8.62
C THR C 314 52.60 20.04 -8.41
N VAL C 315 52.96 20.48 -7.20
CA VAL C 315 52.96 21.91 -6.87
C VAL C 315 54.22 22.54 -7.43
N ILE C 316 54.04 23.66 -8.15
CA ILE C 316 55.16 24.43 -8.68
C ILE C 316 55.61 25.42 -7.61
N PRO C 317 56.81 25.30 -7.07
CA PRO C 317 57.27 26.27 -6.07
C PRO C 317 57.47 27.65 -6.68
N ARG C 318 57.24 28.66 -5.85
CA ARG C 318 57.43 30.05 -6.24
C ARG C 318 58.46 30.71 -5.33
N SER C 319 59.18 31.68 -5.89
CA SER C 319 60.18 32.43 -5.13
C SER C 319 60.12 33.87 -5.60
N ILE C 320 59.89 34.79 -4.66
CA ILE C 320 59.72 36.20 -4.98
C ILE C 320 61.07 36.90 -4.84
N ARG C 321 61.48 37.58 -5.91
CA ARG C 321 62.76 38.31 -5.90
C ARG C 321 62.54 39.74 -5.41
N SER C 322 62.08 39.86 -4.17
CA SER C 322 61.84 41.16 -3.57
C SER C 322 63.16 41.83 -3.20
N PRO C 323 63.20 43.16 -3.17
CA PRO C 323 64.43 43.85 -2.76
C PRO C 323 64.73 43.63 -1.28
N PHE C 324 65.96 43.94 -0.90
CA PHE C 324 66.40 43.72 0.48
C PHE C 324 65.62 44.57 1.47
N ASN C 325 64.99 45.65 1.02
CA ASN C 325 64.23 46.51 1.92
C ASN C 325 62.97 45.81 2.43
N ASP C 326 62.08 45.42 1.51
CA ASP C 326 60.82 44.80 1.89
C ASP C 326 61.02 43.47 2.59
N ARG C 327 61.54 42.47 1.87
CA ARG C 327 61.76 41.12 2.37
C ARG C 327 60.52 40.60 3.14
N LYS C 328 59.40 40.57 2.41
CA LYS C 328 58.11 40.25 3.02
C LYS C 328 58.02 38.77 3.36
N ALA C 329 56.96 38.41 4.07
CA ALA C 329 56.64 37.04 4.41
C ALA C 329 55.34 36.64 3.72
N TRP C 330 55.27 35.37 3.30
CA TRP C 330 54.17 34.88 2.49
C TRP C 330 53.37 33.83 3.24
N ALA C 331 52.05 33.88 3.08
CA ALA C 331 51.17 32.93 3.76
C ALA C 331 51.29 31.55 3.16
N ALA C 332 51.26 30.54 4.03
CA ALA C 332 51.24 29.16 3.57
C ALA C 332 49.84 28.75 3.15
N PHE C 333 49.76 27.74 2.28
CA PHE C 333 48.49 27.21 1.84
C PHE C 333 48.44 25.71 2.10
N TYR C 334 47.24 25.19 2.28
CA TYR C 334 47.00 23.81 2.67
C TYR C 334 46.14 23.12 1.63
N ILE C 335 46.42 21.85 1.39
CA ILE C 335 45.70 21.05 0.39
C ILE C 335 45.04 19.87 1.10
N TYR C 336 43.73 19.73 0.90
CA TYR C 336 42.95 18.65 1.47
C TYR C 336 42.34 17.82 0.35
N LYS C 337 42.49 16.51 0.44
CA LYS C 337 41.97 15.62 -0.59
C LYS C 337 40.48 15.36 -0.42
N LEU C 338 39.77 15.28 -1.53
CA LEU C 338 38.34 14.99 -1.54
C LEU C 338 38.10 13.48 -1.58
N HIS C 339 36.99 13.07 -0.97
CA HIS C 339 36.61 11.66 -0.90
C HIS C 339 35.13 11.53 -1.18
N PRO C 340 34.69 10.37 -1.72
CA PRO C 340 33.25 10.12 -1.85
C PRO C 340 32.61 9.85 -0.51
N LEU C 341 31.84 10.82 0.00
CA LEU C 341 31.27 10.74 1.33
C LEU C 341 29.83 11.22 1.33
N THR C 342 29.08 10.77 2.34
CA THR C 342 27.73 11.24 2.57
C THR C 342 27.77 12.40 3.55
N TYR C 343 27.18 13.53 3.18
CA TYR C 343 27.25 14.75 3.96
C TYR C 343 25.86 15.28 4.25
N LEU C 344 25.73 15.93 5.40
CA LEU C 344 24.50 16.62 5.80
C LEU C 344 24.78 18.11 5.77
N LEU C 345 24.02 18.84 4.95
CA LEU C 345 24.26 20.26 4.72
C LEU C 345 23.09 21.08 5.21
N ASN C 346 23.40 22.22 5.84
CA ASN C 346 22.39 23.15 6.32
C ASN C 346 22.52 24.47 5.56
N PHE C 347 21.42 24.92 4.97
CA PHE C 347 21.39 26.17 4.21
C PHE C 347 20.73 27.25 5.06
N ASP C 348 21.36 28.43 5.10
CA ASP C 348 20.85 29.53 5.91
C ASP C 348 19.74 30.25 5.16
N VAL C 349 19.31 31.40 5.69
CA VAL C 349 18.24 32.16 5.06
C VAL C 349 18.72 32.88 3.80
N GLU C 350 20.02 33.10 3.66
CA GLU C 350 20.58 33.79 2.50
C GLU C 350 21.01 32.84 1.38
N GLY C 351 20.87 31.53 1.59
CA GLY C 351 21.22 30.56 0.57
C GLY C 351 22.60 29.97 0.66
N TYR C 352 23.35 30.24 1.73
CA TYR C 352 24.70 29.74 1.90
C TYR C 352 24.71 28.57 2.88
N ILE C 353 25.76 27.75 2.78
CA ILE C 353 25.96 26.63 3.67
C ILE C 353 26.75 27.11 4.89
N THR C 354 26.13 27.05 6.06
CA THR C 354 26.73 27.52 7.30
C THR C 354 27.41 26.42 8.09
N LYS C 355 26.85 25.21 8.10
CA LYS C 355 27.44 24.10 8.84
C LYS C 355 27.21 22.81 8.06
N ALA C 356 28.07 21.83 8.33
CA ALA C 356 28.00 20.53 7.66
C ALA C 356 28.37 19.43 8.64
N VAL C 357 27.96 18.21 8.31
CA VAL C 357 28.20 17.05 9.15
C VAL C 357 28.77 15.93 8.29
N ASP C 358 29.91 15.38 8.69
CA ASP C 358 30.48 14.20 8.06
C ASP C 358 29.86 12.97 8.72
N CYS C 359 28.99 12.28 7.97
CA CYS C 359 28.16 11.24 8.57
C CYS C 359 29.00 10.10 9.15
N GLY C 360 30.09 9.75 8.49
CA GLY C 360 30.91 8.63 8.92
C GLY C 360 31.99 8.96 9.93
N TYR C 361 31.98 10.17 10.50
CA TYR C 361 33.05 10.57 11.40
C TYR C 361 32.92 9.87 12.76
N ASP C 362 31.82 10.12 13.47
CA ASP C 362 31.60 9.52 14.78
C ASP C 362 30.13 9.15 14.93
N ASP C 363 29.77 8.67 16.12
CA ASP C 363 28.42 8.17 16.35
C ASP C 363 27.40 9.30 16.39
N LEU C 364 27.78 10.46 16.95
CA LEU C 364 26.86 11.59 16.97
C LEU C 364 26.50 12.03 15.55
N ALA C 365 27.49 12.08 14.68
CA ALA C 365 27.23 12.38 13.27
C ALA C 365 26.34 11.32 12.64
N GLN C 366 26.55 10.06 13.00
CA GLN C 366 25.69 9.00 12.48
C GLN C 366 24.25 9.17 12.94
N LEU C 367 24.06 9.58 14.20
CA LEU C 367 22.71 9.86 14.69
C LEU C 367 22.07 11.01 13.92
N GLN C 368 22.84 12.08 13.70
CA GLN C 368 22.30 13.24 12.99
C GLN C 368 21.92 12.89 11.55
N CYS C 369 22.75 12.11 10.87
CA CYS C 369 22.43 11.73 9.50
C CYS C 369 21.33 10.68 9.44
N SER C 370 21.23 9.83 10.47
CA SER C 370 20.16 8.85 10.50
C SER C 370 18.80 9.49 10.67
N TYR C 371 18.71 10.55 11.47
CA TYR C 371 17.44 11.25 11.68
C TYR C 371 17.34 12.55 10.89
N GLN C 372 18.37 12.90 10.12
CA GLN C 372 18.34 14.06 9.21
C GLN C 372 17.97 15.34 9.95
N SER C 373 18.66 15.60 11.07
CA SER C 373 18.43 16.80 11.84
C SER C 373 19.71 17.19 12.57
N PHE C 374 20.06 18.48 12.51
CA PHE C 374 21.19 18.98 13.28
C PHE C 374 20.85 19.05 14.76
N ASP C 375 19.60 19.38 15.09
CA ASP C 375 19.15 19.51 16.47
C ASP C 375 18.37 18.25 16.84
N VAL C 376 18.89 17.51 17.82
CA VAL C 376 18.29 16.26 18.27
C VAL C 376 18.03 16.35 19.77
N GLU C 377 16.84 15.95 20.19
CA GLU C 377 16.49 16.01 21.60
C GLU C 377 17.20 14.92 22.38
N THR C 378 17.22 15.08 23.71
CA THR C 378 17.87 14.11 24.58
C THR C 378 17.11 12.79 24.55
N GLY C 379 17.84 11.70 24.40
CA GLY C 379 17.23 10.38 24.36
C GLY C 379 18.22 9.34 23.92
N VAL C 380 17.70 8.12 23.73
CA VAL C 380 18.48 6.98 23.26
C VAL C 380 17.94 6.59 21.88
N TYR C 381 18.82 6.57 20.89
CA TYR C 381 18.41 6.34 19.51
C TYR C 381 19.23 5.22 18.89
N SER C 382 18.58 4.45 18.02
CA SER C 382 19.26 3.47 17.20
C SER C 382 19.68 4.12 15.88
N VAL C 383 20.93 3.88 15.48
CA VAL C 383 21.51 4.57 14.34
C VAL C 383 21.96 3.54 13.31
N SER C 384 22.13 4.01 12.07
CA SER C 384 22.62 3.20 10.98
C SER C 384 24.12 3.41 10.81
N SER C 385 24.69 2.76 9.80
CA SER C 385 26.11 2.84 9.51
C SER C 385 26.33 3.64 8.23
N PHE C 386 27.25 4.59 8.29
CA PHE C 386 27.58 5.43 7.14
C PHE C 386 29.05 5.38 6.77
N GLU C 387 29.85 4.54 7.43
CA GLU C 387 31.29 4.45 7.17
C GLU C 387 31.55 3.27 6.24
N ALA C 388 32.18 3.55 5.10
CA ALA C 388 32.51 2.54 4.11
C ALA C 388 33.98 2.17 4.22
N SER C 389 34.28 0.88 4.03
CA SER C 389 35.63 0.36 4.12
C SER C 389 35.95 -0.46 2.88
N PRO C 390 37.22 -0.54 2.49
CA PRO C 390 37.59 -1.38 1.35
C PRO C 390 37.23 -2.84 1.60
N ARG C 391 36.81 -3.50 0.52
CA ARG C 391 36.34 -4.89 0.59
C ARG C 391 37.32 -5.81 -0.14
N GLY C 392 37.51 -7.00 0.42
CA GLY C 392 38.40 -7.99 -0.15
C GLY C 392 37.68 -8.92 -1.11
N GLU C 393 38.30 -10.07 -1.35
CA GLU C 393 37.76 -11.07 -2.28
C GLU C 393 37.91 -12.46 -1.66
N PHE C 394 37.00 -13.35 -2.05
CA PHE C 394 37.03 -14.73 -1.58
C PHE C 394 36.34 -15.58 -2.64
N ILE C 395 37.11 -16.38 -3.37
CA ILE C 395 36.60 -17.19 -4.48
C ILE C 395 37.05 -18.63 -4.27
N GLU C 396 36.09 -19.56 -4.35
CA GLU C 396 36.37 -20.99 -4.29
C GLU C 396 35.65 -21.70 -5.42
N GLN C 397 36.40 -22.47 -6.21
CA GLN C 397 35.85 -23.15 -7.38
C GLN C 397 36.49 -24.52 -7.50
N ALA C 398 35.68 -25.51 -7.87
CA ALA C 398 36.19 -26.86 -8.11
C ALA C 398 36.78 -26.97 -9.51
N THR C 399 37.65 -27.98 -9.69
CA THR C 399 38.28 -28.23 -10.98
C THR C 399 37.49 -29.29 -11.73
N THR C 400 37.11 -28.98 -12.96
CA THR C 400 36.36 -29.88 -13.82
C THR C 400 37.04 -29.97 -15.19
N GLN C 401 36.48 -30.81 -16.06
CA GLN C 401 37.01 -30.99 -17.40
C GLN C 401 36.42 -29.94 -18.34
N GLU C 402 36.83 -29.99 -19.59
CA GLU C 402 36.36 -29.04 -20.60
C GLU C 402 35.08 -29.55 -21.26
N CYS C 403 34.13 -28.63 -21.48
CA CYS C 403 32.92 -28.97 -22.19
C CYS C 403 33.22 -29.28 -23.64
N ASP C 404 32.53 -30.27 -24.19
CA ASP C 404 32.79 -30.74 -25.55
C ASP C 404 31.88 -29.99 -26.52
N PHE C 405 32.46 -29.03 -27.24
CA PHE C 405 31.75 -28.31 -28.30
C PHE C 405 32.13 -28.79 -29.70
N THR C 406 32.87 -29.89 -29.80
CA THR C 406 33.29 -30.38 -31.11
C THR C 406 32.15 -30.75 -32.05
N PRO C 407 31.03 -31.36 -31.61
CA PRO C 407 29.94 -31.63 -32.57
C PRO C 407 29.40 -30.39 -33.25
N MET C 408 29.38 -29.26 -32.56
CA MET C 408 28.86 -28.03 -33.17
C MET C 408 29.86 -27.40 -34.12
N LEU C 409 31.16 -27.64 -33.92
CA LEU C 409 32.21 -27.04 -34.72
C LEU C 409 32.68 -27.94 -35.86
N THR C 410 32.12 -29.13 -36.01
CA THR C 410 32.49 -30.05 -37.08
C THR C 410 31.24 -30.58 -37.75
N GLY C 411 31.34 -30.84 -39.05
CA GLY C 411 30.22 -31.37 -39.80
C GLY C 411 29.31 -30.29 -40.34
N THR C 412 28.18 -30.74 -40.86
CA THR C 412 27.17 -29.87 -41.47
C THR C 412 26.05 -29.61 -40.48
N PRO C 413 25.73 -28.34 -40.18
CA PRO C 413 24.64 -28.07 -39.27
C PRO C 413 23.32 -28.57 -39.84
N PRO C 414 22.42 -29.05 -39.00
CA PRO C 414 21.17 -29.64 -39.48
C PRO C 414 20.16 -28.56 -39.84
N PRO C 415 19.07 -28.92 -40.52
CA PRO C 415 18.00 -27.95 -40.76
C PRO C 415 17.33 -27.52 -39.46
N ILE C 416 16.48 -26.49 -39.59
CA ILE C 416 15.82 -25.93 -38.42
C ILE C 416 14.85 -26.92 -37.80
N TYR C 417 14.10 -27.66 -38.63
CA TYR C 417 13.15 -28.62 -38.10
C TYR C 417 13.82 -29.85 -37.51
N ASN C 418 15.11 -30.05 -37.75
CA ASN C 418 15.84 -31.17 -37.18
C ASN C 418 17.02 -30.66 -36.37
N PHE C 419 16.79 -29.65 -35.53
CA PHE C 419 17.87 -28.97 -34.83
C PHE C 419 18.57 -29.90 -33.85
N LYS C 420 19.84 -29.60 -33.59
CA LYS C 420 20.66 -30.38 -32.67
C LYS C 420 20.72 -29.70 -31.32
N ARG C 421 20.65 -30.49 -30.25
CA ARG C 421 20.63 -30.00 -28.88
C ARG C 421 21.82 -30.54 -28.11
N LEU C 422 22.49 -29.67 -27.36
CA LEU C 422 23.61 -30.05 -26.51
C LEU C 422 23.35 -29.54 -25.09
N VAL C 423 23.63 -30.41 -24.11
CA VAL C 423 23.45 -30.10 -22.70
C VAL C 423 24.77 -30.33 -21.99
N PHE C 424 25.22 -29.34 -21.23
CA PHE C 424 26.50 -29.40 -20.53
C PHE C 424 26.28 -29.28 -19.03
N THR C 425 26.86 -30.21 -18.28
CA THR C 425 26.85 -30.17 -16.83
C THR C 425 28.23 -30.56 -16.31
N ASN C 426 28.68 -29.84 -15.29
CA ASN C 426 29.93 -30.14 -14.60
C ASN C 426 31.13 -30.11 -15.55
N CYS C 427 31.34 -28.95 -16.18
CA CYS C 427 32.45 -28.73 -17.07
C CYS C 427 32.70 -27.24 -17.19
N ASN C 428 33.84 -26.89 -17.79
CA ASN C 428 34.21 -25.49 -18.03
C ASN C 428 34.41 -25.25 -19.51
N TYR C 429 34.21 -24.00 -19.93
CA TYR C 429 34.27 -23.64 -21.34
C TYR C 429 35.04 -22.33 -21.51
N ASN C 430 35.68 -22.21 -22.67
CA ASN C 430 36.42 -21.02 -23.07
C ASN C 430 35.53 -20.26 -24.06
N LEU C 431 34.73 -19.33 -23.53
CA LEU C 431 33.74 -18.64 -24.37
C LEU C 431 34.40 -17.72 -25.38
N THR C 432 35.53 -17.12 -25.01
CA THR C 432 36.24 -16.23 -25.94
C THR C 432 36.61 -16.98 -27.22
N LYS C 433 37.14 -18.19 -27.08
CA LYS C 433 37.52 -18.99 -28.25
C LYS C 433 36.30 -19.29 -29.13
N LEU C 434 35.17 -19.63 -28.51
CA LEU C 434 33.98 -19.99 -29.28
C LEU C 434 33.45 -18.79 -30.05
N LEU C 435 33.30 -17.65 -29.38
CA LEU C 435 32.72 -16.48 -30.01
C LEU C 435 33.61 -15.90 -31.12
N SER C 436 34.93 -16.03 -30.97
CA SER C 436 35.83 -15.51 -32.00
C SER C 436 35.62 -16.21 -33.34
N LEU C 437 35.20 -17.47 -33.31
CA LEU C 437 35.04 -18.25 -34.54
C LEU C 437 33.89 -17.76 -35.40
N PHE C 438 32.99 -16.94 -34.86
CA PHE C 438 31.79 -16.54 -35.55
C PHE C 438 31.68 -15.03 -35.64
N GLN C 439 30.98 -14.57 -36.68
CA GLN C 439 30.65 -13.16 -36.87
C GLN C 439 29.19 -12.95 -36.48
N VAL C 440 28.98 -12.36 -35.30
CA VAL C 440 27.63 -12.18 -34.76
C VAL C 440 26.98 -10.99 -35.46
N SER C 441 25.75 -11.20 -35.94
CA SER C 441 24.96 -10.14 -36.55
C SER C 441 23.94 -9.53 -35.60
N GLU C 442 23.40 -10.33 -34.68
CA GLU C 442 22.39 -9.85 -33.75
C GLU C 442 22.31 -10.82 -32.57
N PHE C 443 21.93 -10.29 -31.42
CA PHE C 443 21.66 -11.11 -30.25
C PHE C 443 20.50 -10.49 -29.47
N SER C 444 19.68 -11.34 -28.86
CA SER C 444 18.59 -10.90 -28.01
C SER C 444 18.48 -11.84 -26.82
N CYS C 445 18.67 -11.31 -25.62
CA CYS C 445 18.66 -12.11 -24.41
C CYS C 445 17.47 -11.73 -23.53
N HIS C 446 17.03 -12.69 -22.72
CA HIS C 446 15.91 -12.54 -21.81
C HIS C 446 16.37 -12.87 -20.39
N GLN C 447 16.22 -11.91 -19.47
CA GLN C 447 16.56 -12.06 -18.06
C GLN C 447 18.03 -12.41 -17.84
N VAL C 448 18.90 -12.05 -18.79
CA VAL C 448 20.33 -12.31 -18.69
C VAL C 448 21.03 -11.47 -19.74
N SER C 449 22.34 -11.27 -19.59
CA SER C 449 23.12 -10.53 -20.56
C SER C 449 24.27 -11.39 -21.08
N PRO C 450 24.67 -11.20 -22.34
CA PRO C 450 25.80 -11.99 -22.87
C PRO C 450 27.09 -11.83 -22.07
N SER C 451 27.37 -10.62 -21.58
CA SER C 451 28.56 -10.42 -20.76
C SER C 451 28.50 -11.24 -19.48
N SER C 452 27.32 -11.35 -18.86
CA SER C 452 27.19 -12.15 -17.65
C SER C 452 27.38 -13.63 -17.93
N LEU C 453 27.03 -14.09 -19.13
CA LEU C 453 27.22 -15.49 -19.49
C LEU C 453 28.68 -15.87 -19.65
N ALA C 454 29.59 -14.90 -19.65
CA ALA C 454 31.02 -15.16 -19.76
C ALA C 454 31.73 -15.06 -18.43
N THR C 455 31.00 -14.76 -17.35
CA THR C 455 31.64 -14.60 -16.04
C THR C 455 30.84 -15.22 -14.89
N GLY C 456 29.84 -16.05 -15.16
CA GLY C 456 29.02 -16.61 -14.12
C GLY C 456 28.87 -18.12 -14.26
N CYS C 457 28.54 -18.75 -13.14
CA CYS C 457 28.35 -20.20 -13.09
C CYS C 457 26.86 -20.53 -13.12
N TYR C 458 26.54 -21.69 -13.68
CA TYR C 458 25.16 -22.15 -13.76
C TYR C 458 25.12 -23.64 -13.51
N SER C 459 23.92 -24.14 -13.20
CA SER C 459 23.73 -25.56 -12.98
C SER C 459 23.71 -26.35 -14.30
N SER C 460 23.20 -25.75 -15.38
CA SER C 460 23.10 -26.43 -16.66
C SER C 460 23.19 -25.41 -17.78
N LEU C 461 23.69 -25.86 -18.94
CA LEU C 461 23.80 -25.02 -20.13
C LEU C 461 23.25 -25.80 -21.32
N THR C 462 22.20 -25.29 -21.95
CA THR C 462 21.60 -25.92 -23.10
C THR C 462 21.72 -25.02 -24.33
N VAL C 463 22.13 -25.60 -25.45
CA VAL C 463 22.31 -24.89 -26.71
C VAL C 463 21.61 -25.66 -27.82
N ASP C 464 20.72 -24.99 -28.54
CA ASP C 464 20.14 -25.51 -29.78
C ASP C 464 20.66 -24.71 -30.97
N TYR C 465 21.17 -25.40 -31.99
CA TYR C 465 21.73 -24.76 -33.16
C TYR C 465 21.26 -25.45 -34.44
N PHE C 466 21.18 -24.66 -35.51
CA PHE C 466 20.75 -25.14 -36.82
C PHE C 466 21.15 -24.10 -37.86
N ALA C 467 21.11 -24.51 -39.12
CA ALA C 467 21.39 -23.59 -40.23
C ALA C 467 20.18 -22.69 -40.48
N TYR C 468 20.43 -21.40 -40.64
CA TYR C 468 19.34 -20.44 -40.79
C TYR C 468 19.87 -19.20 -41.49
N SER C 469 19.12 -18.71 -42.48
CA SER C 469 19.50 -17.48 -43.18
C SER C 469 19.16 -16.27 -42.35
N THR C 470 20.07 -15.29 -42.34
CA THR C 470 19.89 -14.12 -41.49
C THR C 470 18.72 -13.25 -41.95
N ASP C 471 18.43 -13.22 -43.25
CA ASP C 471 17.36 -12.36 -43.74
C ASP C 471 15.98 -12.78 -43.26
N MET C 472 15.84 -14.00 -42.73
CA MET C 472 14.59 -14.45 -42.14
C MET C 472 14.58 -14.30 -40.62
N SER C 473 15.31 -13.30 -40.10
CA SER C 473 15.42 -13.13 -38.66
C SER C 473 14.07 -12.82 -38.02
N SER C 474 13.25 -12.02 -38.71
CA SER C 474 11.97 -11.60 -38.13
C SER C 474 11.06 -12.78 -37.83
N TYR C 475 11.19 -13.87 -38.59
CA TYR C 475 10.33 -15.03 -38.38
C TYR C 475 10.69 -15.84 -37.14
N LEU C 476 11.83 -15.57 -36.52
CA LEU C 476 12.23 -16.22 -35.28
C LEU C 476 11.91 -15.38 -34.05
N GLN C 477 11.36 -14.19 -34.23
CA GLN C 477 11.09 -13.30 -33.11
C GLN C 477 9.89 -13.78 -32.30
N PRO C 478 9.88 -13.51 -30.99
CA PRO C 478 8.74 -13.92 -30.16
C PRO C 478 7.44 -13.31 -30.68
N GLY C 479 6.42 -14.16 -30.81
CA GLY C 479 5.12 -13.72 -31.26
C GLY C 479 4.92 -13.70 -32.77
N SER C 480 5.88 -14.21 -33.54
CA SER C 480 5.76 -14.21 -34.98
C SER C 480 4.59 -15.08 -35.43
N ALA C 481 3.99 -14.72 -36.56
CA ALA C 481 2.85 -15.44 -37.12
C ALA C 481 3.24 -16.27 -38.34
N GLY C 482 4.53 -16.44 -38.59
CA GLY C 482 5.00 -17.19 -39.73
C GLY C 482 4.98 -18.69 -39.51
N GLU C 483 5.42 -19.41 -40.55
CA GLU C 483 5.48 -20.87 -40.49
C GLU C 483 6.65 -21.37 -39.67
N ILE C 484 7.68 -20.55 -39.46
CA ILE C 484 8.86 -20.98 -38.70
C ILE C 484 8.49 -21.32 -37.27
N VAL C 485 7.74 -20.42 -36.62
CA VAL C 485 7.33 -20.67 -35.23
C VAL C 485 6.30 -21.79 -35.18
N GLN C 486 5.38 -21.84 -36.15
CA GLN C 486 4.30 -22.81 -36.09
C GLN C 486 4.80 -24.24 -36.27
N PHE C 487 5.74 -24.47 -37.19
CA PHE C 487 6.07 -25.83 -37.58
C PHE C 487 7.55 -26.21 -37.44
N ASN C 488 8.45 -25.25 -37.20
CA ASN C 488 9.88 -25.53 -37.19
C ASN C 488 10.50 -25.40 -35.80
N TYR C 489 10.36 -24.24 -35.15
CA TYR C 489 11.01 -24.02 -33.86
C TYR C 489 10.31 -22.89 -33.13
N LYS C 490 9.88 -23.16 -31.89
CA LYS C 490 9.31 -22.14 -31.01
C LYS C 490 10.21 -22.00 -29.78
N GLN C 491 10.77 -20.81 -29.59
CA GLN C 491 11.66 -20.56 -28.45
C GLN C 491 10.88 -20.58 -27.15
N ASP C 492 11.46 -21.21 -26.12
CA ASP C 492 10.86 -21.29 -24.79
C ASP C 492 11.46 -20.21 -23.90
N PHE C 493 10.60 -19.58 -23.08
CA PHE C 493 11.01 -18.48 -22.22
C PHE C 493 10.80 -18.79 -20.74
N SER C 494 10.74 -20.07 -20.37
CA SER C 494 10.59 -20.43 -18.97
C SER C 494 11.89 -20.25 -18.19
N ASN C 495 13.02 -20.15 -18.87
CA ASN C 495 14.33 -19.95 -18.28
C ASN C 495 15.04 -18.82 -19.01
N PRO C 496 16.02 -18.18 -18.36
CA PRO C 496 16.82 -17.16 -19.05
C PRO C 496 17.44 -17.73 -20.32
N THR C 497 17.36 -16.96 -21.40
CA THR C 497 17.77 -17.48 -22.70
C THR C 497 18.27 -16.33 -23.58
N CYS C 498 19.05 -16.68 -24.58
CA CYS C 498 19.56 -15.75 -25.57
C CYS C 498 19.35 -16.32 -26.96
N ARG C 499 19.11 -15.43 -27.92
CA ARG C 499 18.99 -15.80 -29.33
C ARG C 499 20.09 -15.10 -30.11
N VAL C 500 20.95 -15.89 -30.77
CA VAL C 500 22.12 -15.38 -31.47
C VAL C 500 22.07 -15.83 -32.93
N LEU C 501 22.30 -14.91 -33.85
CA LEU C 501 22.48 -15.22 -35.27
C LEU C 501 23.89 -14.82 -35.67
N ALA C 502 24.57 -15.69 -36.42
CA ALA C 502 25.96 -15.44 -36.76
C ALA C 502 26.26 -16.02 -38.13
N THR C 503 27.36 -15.53 -38.72
CA THR C 503 27.83 -15.97 -40.03
C THR C 503 29.15 -16.70 -39.88
N VAL C 504 29.27 -17.85 -40.54
CA VAL C 504 30.49 -18.66 -40.49
C VAL C 504 31.52 -18.10 -41.46
N PRO C 505 32.72 -17.76 -41.00
CA PRO C 505 33.74 -17.23 -41.92
C PRO C 505 34.26 -18.32 -42.85
N GLN C 506 34.93 -17.86 -43.92
CA GLN C 506 35.48 -18.79 -44.91
C GLN C 506 36.61 -19.62 -44.33
N ASN C 507 37.44 -19.02 -43.48
CA ASN C 507 38.60 -19.73 -42.94
C ASN C 507 38.20 -20.89 -42.03
N LEU C 508 36.97 -20.90 -41.52
CA LEU C 508 36.48 -21.97 -40.66
C LEU C 508 36.04 -23.12 -41.56
N THR C 509 37.02 -23.94 -41.95
CA THR C 509 36.78 -25.02 -42.90
C THR C 509 36.25 -26.30 -42.25
N THR C 510 36.25 -26.38 -40.92
CA THR C 510 35.75 -27.60 -40.27
C THR C 510 34.23 -27.72 -40.41
N ILE C 511 33.53 -26.61 -40.57
CA ILE C 511 32.08 -26.62 -40.77
C ILE C 511 31.80 -26.70 -42.27
N THR C 512 31.02 -27.69 -42.67
CA THR C 512 30.72 -27.94 -44.08
C THR C 512 29.38 -27.32 -44.45
N LYS C 513 29.35 -26.65 -45.60
CA LYS C 513 28.12 -26.02 -46.05
C LYS C 513 27.13 -27.08 -46.52
N PRO C 514 25.84 -26.93 -46.20
CA PRO C 514 24.81 -27.75 -46.84
C PRO C 514 24.47 -27.22 -48.22
N SER C 515 23.72 -28.03 -48.96
CA SER C 515 23.34 -27.64 -50.31
C SER C 515 22.30 -26.51 -50.29
N ASN C 516 21.27 -26.64 -49.44
CA ASN C 516 20.15 -25.71 -49.43
C ASN C 516 19.72 -25.45 -48.00
N TYR C 517 19.09 -24.30 -47.79
CA TYR C 517 18.34 -24.06 -46.56
C TYR C 517 16.95 -24.67 -46.71
N ALA C 518 16.43 -25.22 -45.61
CA ALA C 518 15.14 -25.90 -45.67
C ALA C 518 14.33 -25.59 -44.41
N TYR C 519 13.02 -25.52 -44.58
CA TYR C 519 12.09 -25.41 -43.46
C TYR C 519 10.74 -25.92 -43.92
N LEU C 520 9.94 -26.35 -42.94
CA LEU C 520 8.61 -26.90 -43.22
C LEU C 520 7.59 -25.79 -43.33
N THR C 521 6.65 -25.96 -44.27
CA THR C 521 5.58 -24.97 -44.46
C THR C 521 4.26 -25.37 -43.81
N GLU C 522 4.01 -26.66 -43.61
CA GLU C 522 2.79 -27.12 -42.98
C GLU C 522 2.96 -28.53 -42.46
N CYS C 523 2.15 -28.87 -41.46
CA CYS C 523 2.14 -30.22 -40.88
C CYS C 523 0.77 -30.42 -40.26
N TYR C 524 -0.02 -31.33 -40.82
CA TYR C 524 -1.42 -31.45 -40.44
C TYR C 524 -1.88 -32.89 -40.56
N LYS C 525 -3.02 -33.17 -39.95
CA LYS C 525 -3.70 -34.45 -40.08
C LYS C 525 -5.01 -34.26 -40.83
N THR C 526 -5.30 -35.19 -41.74
CA THR C 526 -6.54 -35.12 -42.51
C THR C 526 -7.74 -35.36 -41.60
N SER C 527 -8.74 -34.50 -41.72
CA SER C 527 -9.96 -34.61 -40.92
C SER C 527 -11.16 -34.37 -41.83
N ALA C 528 -12.34 -34.70 -41.31
CA ALA C 528 -13.57 -34.50 -42.08
C ALA C 528 -13.82 -33.01 -42.36
N TYR C 529 -13.59 -32.16 -41.36
CA TYR C 529 -13.78 -30.73 -41.56
C TYR C 529 -12.73 -30.14 -42.50
N GLY C 530 -11.50 -30.65 -42.45
CA GLY C 530 -10.44 -30.15 -43.31
C GLY C 530 -9.06 -30.49 -42.79
N LYS C 531 -8.15 -29.51 -42.80
CA LYS C 531 -6.79 -29.71 -42.32
C LYS C 531 -6.73 -29.44 -40.82
N ASN C 532 -6.23 -30.42 -40.07
CA ASN C 532 -6.04 -30.29 -38.62
C ASN C 532 -4.56 -30.04 -38.36
N TYR C 533 -4.18 -28.78 -38.30
CA TYR C 533 -2.78 -28.41 -38.17
C TYR C 533 -2.23 -28.80 -36.80
N LEU C 534 -0.97 -29.22 -36.77
CA LEU C 534 -0.27 -29.54 -35.54
C LEU C 534 0.86 -28.53 -35.35
N TYR C 535 0.90 -27.89 -34.18
CA TYR C 535 1.85 -26.83 -33.91
C TYR C 535 2.91 -27.29 -32.92
N ASN C 536 4.10 -26.70 -33.03
CA ASN C 536 5.22 -27.08 -32.18
C ASN C 536 5.03 -26.52 -30.77
N ALA C 537 5.29 -27.35 -29.77
CA ALA C 537 5.39 -26.86 -28.41
C ALA C 537 6.70 -26.11 -28.23
N PRO C 538 6.76 -25.17 -27.28
CA PRO C 538 8.02 -24.45 -27.03
C PRO C 538 9.16 -25.40 -26.69
N GLY C 539 10.24 -25.32 -27.48
CA GLY C 539 11.41 -26.16 -27.30
C GLY C 539 11.28 -27.58 -27.79
N GLY C 540 10.09 -27.99 -28.25
CA GLY C 540 9.90 -29.34 -28.74
C GLY C 540 10.14 -29.49 -30.23
N TYR C 541 10.01 -30.72 -30.71
CA TYR C 541 10.15 -31.03 -32.13
C TYR C 541 8.77 -31.13 -32.78
N THR C 542 8.78 -30.96 -34.10
CA THR C 542 7.53 -31.07 -34.85
C THR C 542 7.08 -32.52 -34.94
N PRO C 543 5.78 -32.79 -34.89
CA PRO C 543 5.31 -34.16 -35.06
C PRO C 543 5.62 -34.77 -36.42
N CYS C 544 5.83 -33.94 -37.45
CA CYS C 544 6.14 -34.42 -38.79
C CYS C 544 7.63 -34.68 -38.99
N LEU C 545 8.39 -34.88 -37.91
CA LEU C 545 9.84 -35.04 -38.03
C LEU C 545 10.19 -36.30 -38.81
N SER C 546 9.49 -37.41 -38.56
CA SER C 546 9.79 -38.65 -39.27
C SER C 546 9.51 -38.53 -40.75
N LEU C 547 8.41 -37.87 -41.13
CA LEU C 547 8.12 -37.66 -42.54
C LEU C 547 9.15 -36.74 -43.19
N ALA C 548 9.58 -35.71 -42.47
CA ALA C 548 10.55 -34.76 -43.01
C ALA C 548 11.92 -35.40 -43.24
N SER C 549 12.20 -36.53 -42.59
CA SER C 549 13.49 -37.20 -42.75
C SER C 549 13.67 -37.81 -44.14
N ARG C 550 12.60 -37.98 -44.90
CA ARG C 550 12.72 -38.53 -46.25
C ARG C 550 13.46 -37.59 -47.19
N GLY C 551 13.52 -36.31 -46.87
CA GLY C 551 14.27 -35.35 -47.66
C GLY C 551 13.38 -34.63 -48.67
N PHE C 552 13.79 -33.41 -49.00
CA PHE C 552 13.08 -32.59 -49.98
C PHE C 552 14.04 -32.25 -51.12
N SER C 553 13.60 -32.52 -52.35
CA SER C 553 14.41 -32.25 -53.53
C SER C 553 13.90 -31.09 -54.37
N THR C 554 12.65 -30.70 -54.22
CA THR C 554 12.07 -29.59 -54.97
C THR C 554 11.21 -28.75 -54.04
N LYS C 555 10.93 -27.52 -54.48
CA LYS C 555 10.10 -26.62 -53.70
C LYS C 555 8.68 -27.16 -53.57
N TYR C 556 8.11 -26.99 -52.38
CA TYR C 556 6.72 -27.39 -52.09
C TYR C 556 6.50 -28.88 -52.37
N GLN C 557 7.48 -29.70 -52.01
CA GLN C 557 7.33 -31.15 -52.09
C GLN C 557 6.67 -31.67 -50.82
N SER C 558 5.72 -32.57 -50.99
CA SER C 558 4.91 -33.10 -49.90
C SER C 558 5.21 -34.58 -49.66
N HIS C 559 5.22 -34.98 -48.40
CA HIS C 559 5.36 -36.37 -48.01
C HIS C 559 4.20 -36.74 -47.09
N SER C 560 3.63 -37.92 -47.31
CA SER C 560 2.51 -38.40 -46.51
C SER C 560 2.70 -39.88 -46.20
N ASP C 561 2.24 -40.28 -45.02
CA ASP C 561 2.25 -41.68 -44.61
C ASP C 561 0.86 -42.14 -44.17
N GLY C 562 -0.18 -41.49 -44.67
CA GLY C 562 -1.52 -41.76 -44.21
C GLY C 562 -2.17 -40.56 -43.55
N GLU C 563 -2.34 -40.63 -42.23
CA GLU C 563 -2.99 -39.54 -41.50
C GLU C 563 -2.15 -38.27 -41.46
N LEU C 564 -0.82 -38.39 -41.55
CA LEU C 564 0.07 -37.25 -41.43
C LEU C 564 0.58 -36.81 -42.80
N THR C 565 0.66 -35.49 -43.00
CA THR C 565 1.16 -34.91 -44.23
C THR C 565 1.98 -33.67 -43.90
N THR C 566 3.10 -33.50 -44.58
CA THR C 566 3.97 -32.35 -44.38
C THR C 566 4.47 -31.85 -45.73
N THR C 567 4.87 -30.58 -45.76
CA THR C 567 5.38 -29.95 -46.97
C THR C 567 6.63 -29.16 -46.63
N GLY C 568 7.60 -29.16 -47.54
CA GLY C 568 8.86 -28.49 -47.31
C GLY C 568 9.21 -27.45 -48.36
N TYR C 569 10.11 -26.53 -48.02
CA TYR C 569 10.56 -25.48 -48.91
C TYR C 569 12.08 -25.38 -48.83
N ILE C 570 12.73 -25.30 -49.98
CA ILE C 570 14.19 -25.24 -50.05
C ILE C 570 14.61 -24.12 -50.98
N TYR C 571 15.82 -23.61 -50.75
CA TYR C 571 16.43 -22.61 -51.62
C TYR C 571 17.94 -22.67 -51.42
N PRO C 572 18.72 -22.37 -52.47
CA PRO C 572 20.17 -22.58 -52.40
C PRO C 572 20.85 -21.66 -51.39
N VAL C 573 22.00 -22.13 -50.91
CA VAL C 573 22.85 -21.35 -50.01
C VAL C 573 23.84 -20.55 -50.85
N THR C 574 23.84 -19.23 -50.67
CA THR C 574 24.72 -18.34 -51.40
C THR C 574 25.65 -17.63 -50.43
N GLY C 575 26.93 -17.61 -50.75
CA GLY C 575 27.91 -16.96 -49.88
C GLY C 575 28.23 -17.79 -48.65
N ASN C 576 28.67 -17.10 -47.60
CA ASN C 576 29.04 -17.78 -46.37
C ASN C 576 27.82 -18.36 -45.67
N LEU C 577 28.05 -19.45 -44.96
CA LEU C 577 26.97 -20.11 -44.22
C LEU C 577 26.58 -19.28 -43.01
N GLN C 578 25.28 -19.26 -42.72
CA GLN C 578 24.74 -18.55 -41.57
C GLN C 578 23.98 -19.53 -40.68
N MET C 579 24.11 -19.35 -39.36
CA MET C 579 23.57 -20.28 -38.39
C MET C 579 22.83 -19.53 -37.30
N ALA C 580 22.13 -20.28 -36.46
CA ALA C 580 21.38 -19.75 -35.33
C ALA C 580 21.74 -20.54 -34.08
N PHE C 581 21.65 -19.87 -32.93
CA PHE C 581 21.99 -20.49 -31.65
C PHE C 581 21.02 -20.02 -30.59
N ILE C 582 20.30 -20.97 -29.98
CA ILE C 582 19.36 -20.69 -28.90
C ILE C 582 19.98 -21.24 -27.61
N ILE C 583 20.41 -20.36 -26.73
CA ILE C 583 21.13 -20.72 -25.51
C ILE C 583 20.21 -20.49 -24.32
N SER C 584 20.17 -21.46 -23.40
CA SER C 584 19.41 -21.33 -22.16
C SER C 584 20.25 -21.81 -20.98
N VAL C 585 20.07 -21.16 -19.83
CA VAL C 585 20.80 -21.48 -18.63
C VAL C 585 19.83 -21.58 -17.45
N GLN C 586 20.28 -22.34 -16.44
CA GLN C 586 19.52 -22.50 -15.18
C GLN C 586 20.45 -22.20 -13.99
N TYR C 587 19.93 -21.52 -12.97
CA TYR C 587 20.69 -21.23 -11.76
C TYR C 587 20.14 -22.09 -10.62
N GLY C 588 21.03 -22.81 -9.95
CA GLY C 588 20.64 -23.67 -8.84
C GLY C 588 21.09 -23.09 -7.51
N THR C 589 20.26 -23.28 -6.48
CA THR C 589 20.61 -22.84 -5.14
C THR C 589 21.82 -23.59 -4.60
N ASP C 590 22.09 -24.80 -5.10
CA ASP C 590 23.27 -25.56 -4.72
C ASP C 590 24.46 -25.09 -5.55
N THR C 591 25.54 -25.85 -5.52
CA THR C 591 26.71 -25.53 -6.32
C THR C 591 26.38 -25.53 -7.80
N ASN C 592 26.95 -24.56 -8.53
CA ASN C 592 26.81 -24.45 -9.97
C ASN C 592 28.12 -24.89 -10.60
N SER C 593 28.10 -26.05 -11.27
CA SER C 593 29.31 -26.70 -11.74
C SER C 593 29.69 -26.33 -13.17
N VAL C 594 28.93 -25.45 -13.83
CA VAL C 594 29.23 -25.00 -15.18
C VAL C 594 29.72 -23.57 -15.12
N CYS C 595 31.04 -23.38 -15.25
CA CYS C 595 31.64 -22.06 -15.13
C CYS C 595 32.58 -21.81 -16.30
N PRO C 596 32.75 -20.55 -16.73
CA PRO C 596 33.75 -20.24 -17.74
C PRO C 596 35.16 -20.34 -17.17
N MET C 597 36.13 -20.49 -18.08
CA MET C 597 37.51 -20.60 -17.67
C MET C 597 38.04 -19.29 -17.09
N GLN C 598 37.51 -18.15 -17.53
CA GLN C 598 37.93 -16.86 -16.99
C GLN C 598 37.56 -16.72 -15.52
N ALA C 599 36.53 -17.43 -15.06
CA ALA C 599 36.10 -17.38 -13.66
C ALA C 599 36.71 -18.48 -12.82
N LEU C 600 37.59 -19.30 -13.39
CA LEU C 600 38.23 -20.39 -12.64
C LEU C 600 39.41 -19.82 -11.85
N ARG C 601 39.23 -19.70 -10.55
CA ARG C 601 40.28 -19.18 -9.67
C ARG C 601 40.09 -19.78 -8.29
N ASN C 602 41.16 -19.78 -7.50
CA ASN C 602 41.11 -20.32 -6.16
C ASN C 602 41.63 -19.32 -5.14
N ASP C 603 41.17 -18.07 -5.23
CA ASP C 603 41.61 -17.01 -4.30
C ASP C 603 40.91 -17.18 -2.95
N THR C 604 41.18 -18.33 -2.33
CA THR C 604 40.60 -18.69 -1.03
C THR C 604 41.50 -18.24 0.12
N SER C 605 41.83 -16.95 0.15
CA SER C 605 42.60 -16.37 1.24
C SER C 605 41.69 -15.84 2.34
N ILE C 606 40.76 -16.69 2.80
CA ILE C 606 39.78 -16.27 3.79
C ILE C 606 40.41 -16.16 5.18
N GLU C 607 41.49 -16.91 5.44
CA GLU C 607 42.12 -16.86 6.75
C GLU C 607 42.66 -15.47 7.06
N ASP C 608 43.27 -14.81 6.08
CA ASP C 608 43.78 -13.47 6.26
C ASP C 608 42.70 -12.39 6.12
N LYS C 609 41.54 -12.73 5.57
CA LYS C 609 40.45 -11.77 5.37
C LYS C 609 39.26 -12.07 6.29
N LEU C 610 39.53 -12.54 7.51
CA LEU C 610 38.44 -12.89 8.41
C LEU C 610 37.70 -11.65 8.90
N ASP C 611 38.44 -10.64 9.36
CA ASP C 611 37.83 -9.45 9.95
C ASP C 611 37.69 -8.33 8.93
N VAL C 612 36.95 -8.60 7.86
CA VAL C 612 36.73 -7.60 6.82
C VAL C 612 35.52 -8.02 6.00
N CYS C 613 34.70 -7.03 5.64
CA CYS C 613 33.60 -7.24 4.70
C CYS C 613 34.16 -7.52 3.31
N VAL C 614 33.80 -8.66 2.74
CA VAL C 614 34.34 -9.09 1.46
C VAL C 614 33.22 -9.56 0.54
N GLU C 615 33.51 -9.53 -0.77
CA GLU C 615 32.64 -10.13 -1.77
C GLU C 615 33.08 -11.56 -2.01
N TYR C 616 32.16 -12.51 -1.82
CA TYR C 616 32.46 -13.92 -1.96
C TYR C 616 31.73 -14.49 -3.17
N SER C 617 32.39 -15.44 -3.85
CA SER C 617 31.80 -16.17 -4.97
C SER C 617 32.18 -17.63 -4.77
N LEU C 618 31.28 -18.38 -4.11
CA LEU C 618 31.54 -19.75 -3.70
C LEU C 618 30.64 -20.69 -4.49
N HIS C 619 31.21 -21.40 -5.45
CA HIS C 619 30.50 -22.40 -6.25
C HIS C 619 29.23 -21.81 -6.88
N GLY C 620 29.34 -20.60 -7.42
CA GLY C 620 28.22 -19.94 -8.06
C GLY C 620 27.34 -19.13 -7.14
N ILE C 621 27.63 -19.09 -5.85
CA ILE C 621 26.86 -18.30 -4.88
C ILE C 621 27.63 -17.03 -4.60
N THR C 622 27.01 -15.88 -4.84
CA THR C 622 27.66 -14.59 -4.70
C THR C 622 26.96 -13.75 -3.63
N GLY C 623 27.70 -12.81 -3.08
CA GLY C 623 27.16 -11.91 -2.07
C GLY C 623 28.26 -11.20 -1.33
N ARG C 624 27.84 -10.45 -0.30
CA ARG C 624 28.76 -9.73 0.57
C ARG C 624 28.49 -10.14 2.01
N GLY C 625 29.55 -10.23 2.81
CA GLY C 625 29.37 -10.59 4.21
C GLY C 625 30.70 -10.66 4.91
N VAL C 626 30.63 -11.00 6.20
CA VAL C 626 31.79 -11.13 7.06
C VAL C 626 31.82 -12.57 7.59
N PHE C 627 33.00 -13.19 7.52
CA PHE C 627 33.18 -14.58 7.92
C PHE C 627 33.78 -14.65 9.32
N HIS C 628 33.12 -15.38 10.21
CA HIS C 628 33.57 -15.55 11.57
C HIS C 628 33.90 -17.02 11.81
N ASN C 629 35.01 -17.28 12.49
CA ASN C 629 35.41 -18.66 12.79
C ASN C 629 34.38 -19.32 13.69
N CYS C 630 33.85 -20.46 13.24
CA CYS C 630 32.77 -21.14 13.95
C CYS C 630 33.00 -22.64 13.90
N THR C 631 32.40 -23.34 14.85
CA THR C 631 32.52 -24.79 14.96
C THR C 631 31.17 -25.43 14.68
N SER C 632 31.13 -26.34 13.72
CA SER C 632 29.91 -27.04 13.35
C SER C 632 30.21 -28.26 12.48
N LEU C 635 24.60 -31.01 8.66
CA LEU C 635 23.36 -31.73 8.40
C LEU C 635 23.57 -32.85 7.39
N ARG C 636 24.17 -32.50 6.25
CA ARG C 636 24.40 -33.47 5.18
C ARG C 636 25.67 -33.07 4.44
N ASN C 637 25.89 -33.70 3.28
CA ASN C 637 27.06 -33.40 2.45
C ASN C 637 26.79 -32.13 1.65
N GLN C 638 26.69 -31.02 2.39
CA GLN C 638 26.44 -29.71 1.81
C GLN C 638 27.38 -28.71 2.45
N ARG C 639 27.93 -27.82 1.64
CA ARG C 639 28.86 -26.80 2.10
C ARG C 639 28.18 -25.51 2.56
N PHE C 640 26.88 -25.37 2.35
CA PHE C 640 26.16 -24.15 2.67
C PHE C 640 25.07 -24.44 3.70
N VAL C 641 24.95 -23.55 4.68
CA VAL C 641 23.93 -23.63 5.73
C VAL C 641 22.99 -22.44 5.58
N TYR C 642 21.70 -22.70 5.57
CA TYR C 642 20.69 -21.66 5.42
C TYR C 642 19.72 -21.70 6.59
N ASP C 643 19.26 -20.52 7.02
CA ASP C 643 18.22 -20.44 8.03
C ASP C 643 16.85 -20.65 7.40
N THR C 644 15.81 -20.65 8.26
CA THR C 644 14.45 -20.84 7.79
C THR C 644 14.05 -19.84 6.72
N PHE C 645 14.58 -18.62 6.78
CA PHE C 645 14.25 -17.55 5.84
C PHE C 645 15.21 -17.50 4.65
N ASP C 646 15.92 -18.60 4.38
CA ASP C 646 16.81 -18.74 3.22
C ASP C 646 17.97 -17.74 3.22
N ASN C 647 18.45 -17.37 4.40
CA ASN C 647 19.65 -16.56 4.54
C ASN C 647 20.85 -17.47 4.74
N LEU C 648 21.92 -17.22 3.98
CA LEU C 648 23.15 -17.99 4.10
C LEU C 648 23.84 -17.62 5.41
N VAL C 649 23.93 -18.57 6.33
CA VAL C 649 24.49 -18.32 7.65
C VAL C 649 25.78 -19.10 7.92
N GLY C 650 26.03 -20.18 7.20
CA GLY C 650 27.22 -20.98 7.46
C GLY C 650 27.82 -21.57 6.20
N TYR C 651 29.14 -21.68 6.16
CA TYR C 651 29.83 -22.21 5.00
C TYR C 651 30.94 -23.17 5.43
N HIS C 652 31.11 -24.24 4.67
CA HIS C 652 32.22 -25.16 4.83
C HIS C 652 33.20 -24.93 3.69
N SER C 653 34.45 -24.64 4.04
CA SER C 653 35.46 -24.24 3.07
C SER C 653 36.40 -25.38 2.74
N TYR C 654 37.26 -25.13 1.74
CA TYR C 654 38.23 -26.13 1.32
C TYR C 654 39.31 -26.36 2.38
N ASN C 655 39.65 -25.32 3.14
CA ASN C 655 40.71 -25.47 4.13
C ASN C 655 40.33 -26.46 5.22
N GLY C 656 39.03 -26.58 5.50
CA GLY C 656 38.53 -27.46 6.55
C GLY C 656 37.87 -26.74 7.70
N ASN C 657 37.90 -25.41 7.73
CA ASN C 657 37.26 -24.65 8.78
C ASN C 657 35.78 -24.45 8.45
N TYR C 658 35.01 -24.11 9.48
CA TYR C 658 33.61 -23.72 9.33
C TYR C 658 33.49 -22.25 9.71
N TYR C 659 32.76 -21.49 8.90
CA TYR C 659 32.66 -20.06 9.11
C TYR C 659 31.21 -19.64 9.23
N CYS C 660 30.95 -18.76 10.20
CA CYS C 660 29.65 -18.10 10.29
C CYS C 660 29.61 -16.93 9.32
N VAL C 661 28.48 -16.78 8.64
CA VAL C 661 28.31 -15.77 7.61
C VAL C 661 27.28 -14.76 8.12
N ARG C 662 27.69 -13.50 8.20
CA ARG C 662 26.83 -12.40 8.62
C ARG C 662 26.97 -11.25 7.65
N PRO C 663 25.95 -10.41 7.51
CA PRO C 663 26.06 -9.25 6.64
C PRO C 663 27.08 -8.25 7.19
N CYS C 664 27.56 -7.38 6.29
CA CYS C 664 28.62 -6.45 6.65
C CYS C 664 28.18 -5.42 7.69
N VAL C 665 26.88 -5.24 7.89
CA VAL C 665 26.35 -4.44 8.99
C VAL C 665 25.41 -5.34 9.77
N SER C 666 25.89 -5.87 10.90
CA SER C 666 25.10 -6.82 11.67
C SER C 666 24.99 -6.41 13.14
N VAL C 667 26.04 -5.81 13.69
CA VAL C 667 26.06 -5.48 15.11
C VAL C 667 25.14 -4.28 15.35
N PRO C 668 24.15 -4.40 16.25
CA PRO C 668 23.30 -3.25 16.56
C PRO C 668 24.09 -2.16 17.27
N VAL C 669 23.75 -0.91 16.97
CA VAL C 669 24.41 0.25 17.54
C VAL C 669 23.35 1.25 17.99
N SER C 670 23.46 1.73 19.23
CA SER C 670 22.58 2.75 19.76
C SER C 670 23.40 3.85 20.41
N VAL C 671 22.90 5.08 20.31
CA VAL C 671 23.62 6.25 20.80
C VAL C 671 22.78 6.92 21.88
N ILE C 672 23.42 7.19 23.03
CA ILE C 672 22.81 7.94 24.12
C ILE C 672 23.34 9.37 24.03
N TYR C 673 22.44 10.33 23.80
CA TYR C 673 22.82 11.72 23.60
C TYR C 673 22.16 12.59 24.65
N ASP C 674 22.93 13.53 25.20
CA ASP C 674 22.43 14.54 26.14
C ASP C 674 22.55 15.91 25.50
N LYS C 675 21.44 16.63 25.42
CA LYS C 675 21.41 17.93 24.74
C LYS C 675 22.07 19.03 25.58
N VAL C 676 21.94 18.98 26.90
CA VAL C 676 22.43 20.06 27.74
C VAL C 676 23.95 20.15 27.67
N SER C 677 24.64 19.02 27.83
CA SER C 677 26.09 18.99 27.81
C SER C 677 26.68 18.69 26.43
N ASN C 678 25.83 18.38 25.45
CA ASN C 678 26.27 18.04 24.09
C ASN C 678 27.27 16.88 24.10
N SER C 679 27.00 15.89 24.94
CA SER C 679 27.84 14.70 25.03
C SER C 679 27.04 13.48 24.57
N HIS C 680 27.78 12.45 24.16
CA HIS C 680 27.15 11.24 23.64
C HIS C 680 27.98 10.02 24.05
N ALA C 681 27.31 8.87 24.06
CA ALA C 681 27.95 7.60 24.37
C ALA C 681 27.37 6.53 23.44
N THR C 682 28.01 5.37 23.42
CA THR C 682 27.66 4.30 22.52
C THR C 682 27.38 3.02 23.31
N LEU C 683 26.32 2.32 22.93
CA LEU C 683 25.96 1.03 23.51
C LEU C 683 25.79 0.01 22.39
N PHE C 684 26.48 -1.11 22.51
CA PHE C 684 26.36 -2.22 21.56
C PHE C 684 25.46 -3.26 22.19
N GLY C 685 24.20 -3.27 21.76
CA GLY C 685 23.21 -4.15 22.40
C GLY C 685 23.47 -5.61 22.08
N SER C 686 23.46 -6.44 23.12
CA SER C 686 23.52 -7.91 23.01
C SER C 686 24.84 -8.42 22.44
N VAL C 687 25.93 -7.65 22.53
CA VAL C 687 27.22 -8.07 22.02
C VAL C 687 28.22 -8.10 23.17
N ALA C 688 28.97 -9.20 23.28
CA ALA C 688 30.05 -9.27 24.25
C ALA C 688 31.15 -8.28 23.89
N CYS C 689 31.76 -7.68 24.93
CA CYS C 689 32.78 -6.68 24.70
C CYS C 689 33.96 -7.25 23.91
N SER C 690 34.31 -8.51 24.18
CA SER C 690 35.46 -9.12 23.53
C SER C 690 35.27 -9.23 22.01
N HIS C 691 34.05 -9.55 21.57
CA HIS C 691 33.81 -9.64 20.12
C HIS C 691 33.85 -8.27 19.45
N VAL C 692 33.39 -7.23 20.14
CA VAL C 692 33.39 -5.87 19.58
C VAL C 692 34.81 -5.45 19.19
N THR C 693 35.81 -5.87 19.98
CA THR C 693 37.19 -5.52 19.63
C THR C 693 37.60 -6.11 18.29
N THR C 694 37.20 -7.35 18.01
CA THR C 694 37.58 -7.98 16.75
C THR C 694 36.83 -7.37 15.57
N MET C 695 35.52 -7.16 15.71
CA MET C 695 34.70 -6.63 14.63
C MET C 695 34.65 -5.11 14.75
N MET C 696 35.49 -4.43 13.98
CA MET C 696 35.54 -2.97 13.97
C MET C 696 35.18 -2.36 12.62
N SER C 697 35.18 -3.13 11.53
CA SER C 697 35.00 -2.56 10.20
C SER C 697 33.64 -1.93 10.03
N GLN C 698 32.63 -2.40 10.78
CA GLN C 698 31.29 -1.83 10.68
C GLN C 698 31.22 -0.45 11.31
N PHE C 699 32.02 -0.20 12.34
CA PHE C 699 31.87 1.00 13.15
C PHE C 699 32.49 2.21 12.44
N SER C 700 32.25 3.38 13.02
CA SER C 700 32.74 4.63 12.47
C SER C 700 34.24 4.77 12.72
N ARG C 701 34.83 5.85 12.18
CA ARG C 701 36.26 6.05 12.29
C ARG C 701 36.68 6.29 13.74
N MET C 702 35.98 7.18 14.44
CA MET C 702 36.34 7.49 15.82
C MET C 702 36.13 6.28 16.73
N THR C 703 35.08 5.49 16.48
CA THR C 703 34.89 4.26 17.24
C THR C 703 36.04 3.28 17.00
N LYS C 704 36.48 3.17 15.75
CA LYS C 704 37.62 2.32 15.43
C LYS C 704 38.87 2.79 16.16
N THR C 705 39.12 4.11 16.14
CA THR C 705 40.31 4.65 16.80
C THR C 705 40.27 4.42 18.30
N ASN C 706 39.10 4.63 18.92
CA ASN C 706 38.98 4.44 20.36
C ASN C 706 39.13 2.97 20.74
N LEU C 707 38.58 2.06 19.94
CA LEU C 707 38.73 0.64 20.21
C LEU C 707 40.20 0.22 20.08
N LEU C 708 40.91 0.74 19.08
CA LEU C 708 42.31 0.40 18.91
C LEU C 708 43.21 1.05 19.96
N ALA C 709 42.81 2.21 20.50
CA ALA C 709 43.65 2.95 21.41
C ALA C 709 43.72 2.34 22.81
N ARG C 710 42.81 1.42 23.14
CA ARG C 710 42.76 0.78 24.45
C ARG C 710 42.74 1.81 25.57
N THR C 711 41.74 2.69 25.50
CA THR C 711 41.63 3.80 26.43
C THR C 711 41.13 3.31 27.80
N THR C 712 41.39 4.14 28.82
CA THR C 712 40.89 3.86 30.15
C THR C 712 39.36 3.78 30.23
N PRO C 713 38.57 4.67 29.58
CA PRO C 713 37.11 4.55 29.70
C PRO C 713 36.53 3.48 28.79
N GLY C 714 37.37 2.54 28.35
CA GLY C 714 37.02 1.56 27.35
C GLY C 714 35.86 0.65 27.72
N PRO C 715 35.61 -0.36 26.88
CA PRO C 715 34.33 -1.07 26.92
C PRO C 715 34.01 -1.68 28.28
N LEU C 716 32.74 -1.60 28.65
CA LEU C 716 32.23 -2.14 29.90
C LEU C 716 31.04 -3.04 29.62
N GLN C 717 31.08 -4.27 30.12
CA GLN C 717 30.01 -5.23 29.90
C GLN C 717 28.87 -4.99 30.87
N THR C 718 27.67 -4.78 30.32
CA THR C 718 26.45 -4.61 31.10
C THR C 718 25.48 -5.75 30.77
N VAL C 719 24.31 -5.71 31.41
CA VAL C 719 23.29 -6.73 31.16
C VAL C 719 22.50 -6.48 29.88
N VAL C 720 22.71 -5.33 29.23
CA VAL C 720 22.04 -5.00 27.97
C VAL C 720 23.02 -4.94 26.80
N GLY C 721 24.27 -5.35 27.01
CA GLY C 721 25.28 -5.37 25.98
C GLY C 721 26.52 -4.63 26.42
N CYS C 722 27.47 -4.50 25.50
CA CYS C 722 28.71 -3.79 25.78
C CYS C 722 28.54 -2.30 25.52
N ALA C 723 29.05 -1.49 26.43
CA ALA C 723 28.89 -0.04 26.39
C ALA C 723 30.25 0.64 26.40
N MET C 724 30.33 1.76 25.69
CA MET C 724 31.54 2.59 25.63
C MET C 724 31.20 3.99 26.11
N GLY C 725 32.13 4.59 26.86
CA GLY C 725 31.92 5.91 27.41
C GLY C 725 31.20 5.95 28.74
N PHE C 726 31.15 4.83 29.46
CA PHE C 726 30.48 4.75 30.74
C PHE C 726 31.46 4.33 31.83
N ILE C 727 31.14 4.72 33.06
CA ILE C 727 31.87 4.29 34.24
C ILE C 727 30.86 3.63 35.19
N ASN C 728 31.25 2.49 35.75
CA ASN C 728 30.35 1.73 36.62
C ASN C 728 30.30 2.40 37.99
N THR C 729 29.08 2.77 38.41
CA THR C 729 28.86 3.39 39.71
C THR C 729 27.76 2.63 40.44
N SER C 730 27.78 2.75 41.77
CA SER C 730 26.78 2.11 42.62
C SER C 730 25.63 3.06 42.97
N MET C 731 25.43 4.10 42.18
CA MET C 731 24.39 5.07 42.46
C MET C 731 23.00 4.48 42.24
N VAL C 732 22.05 4.96 43.04
CA VAL C 732 20.65 4.53 42.94
C VAL C 732 19.78 5.77 42.78
N VAL C 733 18.92 5.76 41.76
CA VAL C 733 18.05 6.89 41.46
C VAL C 733 16.61 6.38 41.36
N ASP C 734 15.67 7.30 41.53
CA ASP C 734 14.25 6.99 41.41
C ASP C 734 13.61 7.57 40.16
N GLU C 735 14.30 8.46 39.45
CA GLU C 735 13.80 9.04 38.21
C GLU C 735 14.93 9.04 37.19
N CYS C 736 14.60 8.67 35.95
CA CYS C 736 15.59 8.54 34.89
C CYS C 736 15.11 9.28 33.65
N GLN C 737 16.05 9.93 32.96
CA GLN C 737 15.76 10.57 31.68
C GLN C 737 16.42 9.88 30.49
N LEU C 738 17.39 9.00 30.73
CA LEU C 738 18.05 8.23 29.67
C LEU C 738 18.03 6.76 30.05
N PRO C 739 16.87 6.11 29.96
CA PRO C 739 16.80 4.69 30.32
C PRO C 739 17.51 3.81 29.31
N LEU C 740 18.07 2.71 29.80
CA LEU C 740 18.77 1.75 28.97
C LEU C 740 18.14 0.37 28.98
N GLY C 741 17.04 0.18 29.72
CA GLY C 741 16.42 -1.12 29.83
C GLY C 741 16.95 -1.92 31.00
N GLN C 742 16.14 -2.88 31.45
CA GLN C 742 16.47 -3.74 32.59
C GLN C 742 16.81 -2.93 33.82
N SER C 743 16.02 -1.88 34.08
CA SER C 743 16.19 -1.01 35.24
C SER C 743 17.59 -0.39 35.30
N LEU C 744 18.10 0.00 34.14
CA LEU C 744 19.37 0.71 34.04
C LEU C 744 19.13 2.14 33.59
N CYS C 745 19.97 3.05 34.09
CA CYS C 745 19.86 4.47 33.78
C CYS C 745 21.24 5.04 33.49
N ALA C 746 21.26 6.10 32.69
CA ALA C 746 22.48 6.80 32.32
C ALA C 746 22.44 8.22 32.87
N ILE C 747 23.49 8.60 33.60
CA ILE C 747 23.58 9.92 34.21
C ILE C 747 24.48 10.78 33.32
N PRO C 748 23.97 11.85 32.71
CA PRO C 748 24.82 12.69 31.86
C PRO C 748 25.85 13.42 32.70
N PRO C 749 27.02 13.71 32.15
CA PRO C 749 28.02 14.48 32.89
C PRO C 749 27.57 15.92 33.09
N ASN C 750 28.10 16.54 34.14
CA ASN C 750 27.77 17.93 34.40
C ASN C 750 28.43 18.82 33.36
N PRO C 751 27.69 19.76 32.76
CA PRO C 751 28.18 20.70 31.75
C PRO C 751 29.29 21.60 32.29
N VAL C 765 32.23 11.93 30.87
CA VAL C 765 31.72 10.59 30.65
C VAL C 765 30.37 10.40 31.31
N PHE C 766 29.68 9.32 30.97
CA PHE C 766 28.38 9.01 31.53
C PHE C 766 28.52 8.01 32.67
N GLN C 767 27.55 8.04 33.58
CA GLN C 767 27.52 7.15 34.74
C GLN C 767 26.32 6.22 34.66
N ILE C 768 26.54 4.94 34.94
CA ILE C 768 25.49 3.94 34.90
C ILE C 768 24.86 3.87 36.30
N ALA C 769 23.58 4.23 36.37
CA ALA C 769 22.82 4.19 37.61
C ALA C 769 21.75 3.11 37.52
N THR C 770 21.01 2.94 38.61
CA THR C 770 19.99 1.90 38.71
C THR C 770 18.72 2.48 39.30
N LEU C 771 17.57 2.04 38.79
CA LEU C 771 16.27 2.51 39.25
C LEU C 771 15.76 1.59 40.34
N ASN C 772 15.66 2.11 41.56
CA ASN C 772 15.10 1.38 42.69
C ASN C 772 14.10 2.27 43.41
N PHE C 773 12.91 1.75 43.64
CA PHE C 773 11.84 2.51 44.27
C PHE C 773 11.69 2.11 45.73
N THR C 774 11.25 3.07 46.55
CA THR C 774 11.09 2.87 47.99
C THR C 774 9.66 3.21 48.38
N SER C 775 9.05 2.34 49.18
CA SER C 775 7.72 2.62 49.71
C SER C 775 7.78 3.80 50.68
N PRO C 776 6.69 4.56 50.80
CA PRO C 776 6.71 5.72 51.72
C PRO C 776 6.93 5.33 53.17
N LEU C 777 6.13 4.41 53.70
CA LEU C 777 6.30 3.96 55.08
C LEU C 777 5.62 2.60 55.24
N THR C 778 6.04 1.88 56.28
CA THR C 778 5.46 0.60 56.62
C THR C 778 4.90 0.68 58.04
N LEU C 779 3.63 0.33 58.20
CA LEU C 779 2.94 0.39 59.48
C LEU C 779 2.59 -1.03 59.91
N ALA C 780 3.06 -1.42 61.08
CA ALA C 780 2.79 -2.78 61.54
C ALA C 780 1.63 -2.82 62.51
N PRO C 781 0.79 -3.85 62.45
CA PRO C 781 -0.32 -3.98 63.40
C PRO C 781 0.19 -4.10 64.83
N ILE C 782 -0.57 -3.53 65.76
CA ILE C 782 -0.19 -3.55 67.17
C ILE C 782 -0.68 -4.85 67.80
N ASN C 783 -0.09 -5.19 68.95
CA ASN C 783 -0.42 -6.42 69.64
C ASN C 783 -1.53 -6.26 70.67
N SER C 784 -1.93 -5.02 70.98
CA SER C 784 -3.05 -4.79 71.90
C SER C 784 -4.39 -4.89 71.17
N THR C 785 -5.45 -4.50 71.85
CA THR C 785 -6.79 -4.49 71.27
C THR C 785 -7.01 -3.20 70.51
N GLY C 786 -7.85 -3.28 69.48
CA GLY C 786 -7.96 -2.17 68.57
C GLY C 786 -6.89 -2.25 67.48
N PHE C 787 -6.65 -1.11 66.85
CA PHE C 787 -5.74 -1.03 65.72
C PHE C 787 -5.07 0.33 65.71
N VAL C 788 -3.92 0.40 65.03
CA VAL C 788 -3.20 1.66 64.86
C VAL C 788 -3.56 2.25 63.50
N VAL C 789 -3.81 3.55 63.46
CA VAL C 789 -4.17 4.25 62.23
C VAL C 789 -3.39 5.55 62.15
N ALA C 790 -2.86 5.85 60.97
CA ALA C 790 -2.13 7.09 60.71
C ALA C 790 -3.10 8.16 60.26
N VAL C 791 -3.26 9.20 61.08
CA VAL C 791 -4.17 10.31 60.81
C VAL C 791 -3.34 11.55 60.53
N PRO C 792 -3.57 12.25 59.41
CA PRO C 792 -2.75 13.42 59.10
C PRO C 792 -2.93 14.54 60.10
N THR C 793 -1.85 15.30 60.32
CA THR C 793 -1.88 16.48 61.17
C THR C 793 -1.61 17.77 60.43
N ASN C 794 -1.04 17.69 59.23
CA ASN C 794 -0.80 18.85 58.38
C ASN C 794 -1.13 18.47 56.95
N PHE C 795 -1.47 19.47 56.14
CA PHE C 795 -1.93 19.19 54.79
C PHE C 795 -1.59 20.36 53.86
N THR C 796 -1.67 20.09 52.57
CA THR C 796 -1.51 21.10 51.53
C THR C 796 -2.37 20.70 50.34
N PHE C 797 -2.59 21.64 49.44
CA PHE C 797 -3.40 21.42 48.25
C PHE C 797 -2.48 21.14 47.07
N GLY C 798 -2.63 19.97 46.47
CA GLY C 798 -1.88 19.60 45.29
C GLY C 798 -2.71 19.75 44.04
N VAL C 799 -2.03 20.09 42.93
CA VAL C 799 -2.69 20.35 41.65
C VAL C 799 -2.15 19.34 40.64
N THR C 800 -3.06 18.64 39.97
CA THR C 800 -2.72 17.69 38.92
C THR C 800 -3.26 18.22 37.59
N GLN C 801 -2.38 18.32 36.60
CA GLN C 801 -2.73 18.86 35.30
C GLN C 801 -2.90 17.75 34.29
N GLU C 802 -3.95 17.85 33.48
CA GLU C 802 -4.25 16.85 32.47
C GLU C 802 -4.79 17.54 31.22
N TYR C 803 -4.34 17.10 30.05
CA TYR C 803 -4.80 17.61 28.78
C TYR C 803 -5.55 16.52 28.03
N ILE C 804 -6.75 16.87 27.54
CA ILE C 804 -7.59 15.96 26.79
C ILE C 804 -7.91 16.59 25.45
N GLU C 805 -7.55 15.91 24.36
CA GLU C 805 -7.84 16.40 23.02
C GLU C 805 -9.31 16.18 22.69
N THR C 806 -9.87 17.09 21.89
CA THR C 806 -11.26 16.99 21.48
C THR C 806 -11.47 16.97 19.97
N THR C 807 -10.66 17.70 19.20
CA THR C 807 -10.82 17.78 17.76
C THR C 807 -9.46 17.76 17.08
N ILE C 808 -9.46 17.40 15.80
CA ILE C 808 -8.27 17.46 14.97
C ILE C 808 -8.55 18.46 13.84
N GLN C 809 -7.50 18.74 13.06
CA GLN C 809 -7.61 19.69 11.96
C GLN C 809 -8.29 19.01 10.77
N LYS C 810 -9.36 19.64 10.27
CA LYS C 810 -10.13 19.08 9.17
C LYS C 810 -9.48 19.44 7.84
N ILE C 811 -9.24 18.43 7.01
CA ILE C 811 -8.54 18.58 5.74
C ILE C 811 -9.39 18.02 4.61
N THR C 812 -9.48 18.76 3.51
CA THR C 812 -10.11 18.30 2.29
C THR C 812 -9.09 18.36 1.16
N VAL C 813 -9.11 17.34 0.30
CA VAL C 813 -8.10 17.17 -0.75
C VAL C 813 -8.81 17.15 -2.10
N ASP C 814 -8.31 17.97 -3.03
CA ASP C 814 -8.76 17.94 -4.42
C ASP C 814 -8.00 16.83 -5.12
N CYS C 815 -8.61 15.65 -5.20
CA CYS C 815 -7.92 14.46 -5.68
C CYS C 815 -7.50 14.60 -7.13
N LYS C 816 -8.38 15.14 -7.98
CA LYS C 816 -8.06 15.26 -9.40
C LYS C 816 -6.86 16.17 -9.62
N GLN C 817 -6.86 17.35 -8.99
CA GLN C 817 -5.74 18.27 -9.12
C GLN C 817 -4.48 17.69 -8.49
N TYR C 818 -4.61 17.03 -7.34
CA TYR C 818 -3.45 16.48 -6.66
C TYR C 818 -2.77 15.40 -7.49
N VAL C 819 -3.55 14.58 -8.19
CA VAL C 819 -2.98 13.45 -8.92
C VAL C 819 -2.50 13.87 -10.30
N CYS C 820 -3.34 14.55 -11.08
CA CYS C 820 -3.03 14.79 -12.48
C CYS C 820 -2.62 16.22 -12.81
N ASN C 821 -2.91 17.19 -11.94
CA ASN C 821 -2.48 18.58 -12.13
C ASN C 821 -3.02 19.17 -13.43
N GLY C 822 -4.22 18.75 -13.83
CA GLY C 822 -4.89 19.35 -14.98
C GLY C 822 -4.52 18.80 -16.34
N PHE C 823 -3.62 17.82 -16.42
CA PHE C 823 -3.23 17.25 -17.71
C PHE C 823 -4.23 16.16 -18.11
N LYS C 824 -4.78 16.29 -19.32
CA LYS C 824 -5.81 15.37 -19.78
C LYS C 824 -5.29 13.96 -19.98
N LYS C 825 -4.02 13.82 -20.38
CA LYS C 825 -3.44 12.50 -20.60
C LYS C 825 -3.40 11.70 -19.30
N CYS C 826 -3.01 12.34 -18.20
CA CYS C 826 -3.03 11.66 -16.90
C CYS C 826 -4.45 11.26 -16.51
N GLU C 827 -5.40 12.17 -16.69
CA GLU C 827 -6.78 11.89 -16.31
C GLU C 827 -7.35 10.72 -17.10
N GLU C 828 -6.98 10.60 -18.38
CA GLU C 828 -7.41 9.44 -19.16
C GLU C 828 -6.84 8.15 -18.57
N LEU C 829 -5.58 8.17 -18.14
CA LEU C 829 -4.97 6.99 -17.56
C LEU C 829 -5.49 6.68 -16.16
N LEU C 830 -5.98 7.69 -15.44
CA LEU C 830 -6.45 7.48 -14.07
C LEU C 830 -7.74 6.67 -14.03
N THR C 831 -8.52 6.66 -15.11
CA THR C 831 -9.80 5.94 -15.12
C THR C 831 -9.62 4.44 -14.93
N GLU C 832 -8.43 3.91 -15.26
CA GLU C 832 -8.19 2.47 -15.16
C GLU C 832 -8.06 1.99 -13.72
N TYR C 833 -7.98 2.91 -12.75
CA TYR C 833 -7.92 2.55 -11.33
C TYR C 833 -9.26 2.74 -10.64
N GLY C 834 -10.34 2.91 -11.40
CA GLY C 834 -11.66 3.05 -10.82
C GLY C 834 -11.98 4.47 -10.42
N GLN C 835 -13.08 4.60 -9.67
CA GLN C 835 -13.54 5.90 -9.18
C GLN C 835 -12.81 6.23 -7.88
N PHE C 836 -11.52 6.51 -8.03
CA PHE C 836 -10.67 6.75 -6.87
C PHE C 836 -11.00 8.10 -6.21
N CYS C 837 -11.10 9.16 -7.00
CA CYS C 837 -11.27 10.50 -6.44
C CYS C 837 -12.59 10.66 -5.73
N SER C 838 -13.67 10.10 -6.29
CA SER C 838 -14.97 10.20 -5.64
C SER C 838 -14.97 9.52 -4.27
N LYS C 839 -14.35 8.34 -4.19
CA LYS C 839 -14.27 7.64 -2.91
C LYS C 839 -13.44 8.43 -1.90
N ILE C 840 -12.34 9.03 -2.35
CA ILE C 840 -11.52 9.83 -1.44
C ILE C 840 -12.32 11.01 -0.90
N ASN C 841 -13.05 11.70 -1.78
CA ASN C 841 -13.82 12.86 -1.34
C ASN C 841 -14.92 12.45 -0.37
N GLN C 842 -15.63 11.36 -0.65
CA GLN C 842 -16.70 10.90 0.23
C GLN C 842 -16.15 10.52 1.61
N ALA C 843 -15.01 9.82 1.64
CA ALA C 843 -14.44 9.42 2.92
C ALA C 843 -14.04 10.63 3.76
N LEU C 844 -13.37 11.60 3.13
CA LEU C 844 -12.97 12.80 3.88
C LEU C 844 -14.18 13.60 4.34
N HIS C 845 -15.21 13.71 3.50
CA HIS C 845 -16.41 14.44 3.89
C HIS C 845 -17.11 13.77 5.06
N GLY C 846 -17.20 12.44 5.05
CA GLY C 846 -17.81 11.73 6.16
C GLY C 846 -17.04 11.93 7.46
N ALA C 847 -15.71 11.89 7.38
CA ALA C 847 -14.90 12.10 8.57
C ALA C 847 -15.12 13.49 9.14
N ASN C 848 -15.13 14.51 8.29
CA ASN C 848 -15.36 15.88 8.77
C ASN C 848 -16.75 16.02 9.37
N LEU C 849 -17.75 15.39 8.76
CA LEU C 849 -19.11 15.46 9.30
C LEU C 849 -19.19 14.82 10.67
N ARG C 850 -18.53 13.67 10.85
CA ARG C 850 -18.54 13.02 12.16
C ARG C 850 -17.86 13.89 13.21
N GLN C 851 -16.74 14.53 12.86
CA GLN C 851 -16.07 15.41 13.82
C GLN C 851 -16.95 16.60 14.19
N ASP C 852 -17.66 17.16 13.21
CA ASP C 852 -18.57 18.27 13.50
C ASP C 852 -19.67 17.84 14.45
N GLU C 853 -20.24 16.65 14.23
CA GLU C 853 -21.26 16.14 15.14
C GLU C 853 -20.70 15.93 16.54
N SER C 854 -19.49 15.38 16.63
CA SER C 854 -18.89 15.12 17.94
C SER C 854 -18.64 16.41 18.71
N ILE C 855 -18.11 17.44 18.05
CA ILE C 855 -17.85 18.69 18.75
C ILE C 855 -19.14 19.41 19.07
N ALA C 856 -20.18 19.26 18.24
CA ALA C 856 -21.47 19.88 18.53
C ALA C 856 -22.10 19.26 19.77
N ASN C 857 -21.95 17.94 19.95
CA ASN C 857 -22.54 17.29 21.11
C ASN C 857 -21.92 17.77 22.42
N LEU C 858 -20.61 17.99 22.43
CA LEU C 858 -19.93 18.39 23.65
C LEU C 858 -20.40 19.77 24.12
N PHE C 859 -20.58 20.70 23.18
CA PHE C 859 -20.93 22.08 23.52
C PHE C 859 -22.40 22.30 23.77
N SER C 860 -23.25 21.27 23.60
CA SER C 860 -24.68 21.44 23.80
C SER C 860 -25.06 21.64 25.27
N SER C 861 -24.15 21.38 26.21
CA SER C 861 -24.47 21.52 27.62
C SER C 861 -24.75 22.96 28.01
N ILE C 862 -24.25 23.92 27.23
CA ILE C 862 -24.45 25.34 27.55
C ILE C 862 -25.94 25.67 27.62
N LYS C 863 -26.74 25.08 26.74
CA LYS C 863 -28.16 25.42 26.65
C LYS C 863 -28.93 25.07 27.91
N THR C 864 -28.56 23.99 28.59
CA THR C 864 -29.31 23.50 29.74
C THR C 864 -28.42 23.30 30.96
N GLN C 865 -27.54 24.26 31.23
CA GLN C 865 -26.70 24.23 32.42
C GLN C 865 -27.08 25.47 33.23
N ASN C 866 -27.58 25.25 34.44
CA ASN C 866 -27.90 26.36 35.34
C ASN C 866 -26.59 26.91 35.90
N THR C 867 -26.48 28.23 35.98
CA THR C 867 -25.26 28.89 36.41
C THR C 867 -25.63 30.01 37.36
N GLN C 868 -24.63 30.47 38.12
CA GLN C 868 -24.78 31.62 39.00
C GLN C 868 -23.62 32.59 38.77
N PRO C 869 -23.85 33.89 38.92
CA PRO C 869 -22.75 34.86 38.72
C PRO C 869 -21.75 34.79 39.87
N LEU C 870 -20.47 34.75 39.52
CA LEU C 870 -19.40 34.79 40.50
C LEU C 870 -18.93 36.23 40.71
N GLN C 871 -18.25 36.45 41.84
CA GLN C 871 -17.71 37.76 42.13
C GLN C 871 -16.38 37.96 41.40
N ALA C 872 -16.00 39.22 41.25
CA ALA C 872 -14.79 39.60 40.52
C ALA C 872 -13.60 39.57 41.48
N GLY C 873 -12.60 38.75 41.15
CA GLY C 873 -11.38 38.68 41.95
C GLY C 873 -11.49 37.77 43.16
N LEU C 874 -12.14 38.25 44.20
CA LEU C 874 -12.26 37.53 45.46
C LEU C 874 -13.69 37.06 45.67
N ASN C 875 -13.86 35.78 45.98
CA ASN C 875 -15.13 35.19 46.37
C ASN C 875 -14.96 34.71 47.80
N GLY C 876 -15.19 35.61 48.75
CA GLY C 876 -14.89 35.32 50.14
C GLY C 876 -13.44 35.58 50.45
N ASP C 877 -12.63 34.52 50.52
CA ASP C 877 -11.19 34.64 50.67
C ASP C 877 -10.41 33.94 49.57
N PHE C 878 -11.07 33.19 48.70
CA PHE C 878 -10.39 32.52 47.60
C PHE C 878 -10.23 33.46 46.41
N ASN C 879 -9.06 33.42 45.78
CA ASN C 879 -8.72 34.32 44.67
C ASN C 879 -8.87 33.53 43.37
N LEU C 880 -9.87 33.92 42.56
CA LEU C 880 -10.14 33.29 41.27
C LEU C 880 -9.93 34.26 40.11
N THR C 881 -8.98 35.18 40.26
CA THR C 881 -8.79 36.23 39.25
C THR C 881 -8.30 35.66 37.93
N MET C 882 -7.32 34.76 37.97
CA MET C 882 -6.72 34.26 36.74
C MET C 882 -7.65 33.36 35.94
N LEU C 883 -8.63 32.73 36.59
CA LEU C 883 -9.56 31.85 35.90
C LEU C 883 -10.71 32.58 35.24
N GLN C 884 -10.86 33.88 35.49
CA GLN C 884 -11.95 34.68 34.93
C GLN C 884 -11.46 35.50 33.75
N ILE C 885 -12.39 35.82 32.86
CA ILE C 885 -12.12 36.65 31.69
C ILE C 885 -12.19 38.10 32.12
N PRO C 886 -11.11 38.88 31.99
CA PRO C 886 -11.13 40.28 32.41
C PRO C 886 -12.18 41.12 31.69
N GLN C 887 -13.02 41.81 32.47
CA GLN C 887 -14.03 42.70 31.90
C GLN C 887 -13.39 44.01 31.46
N VAL C 888 -13.86 44.53 30.33
CA VAL C 888 -13.35 45.78 29.76
C VAL C 888 -14.49 46.77 29.68
N THR C 889 -14.22 48.00 30.12
CA THR C 889 -15.26 49.04 30.12
C THR C 889 -15.63 49.44 28.69
N THR C 890 -14.64 49.69 27.85
CA THR C 890 -14.88 50.11 26.47
C THR C 890 -13.96 49.35 25.54
N GLY C 891 -14.49 48.98 24.36
CA GLY C 891 -13.72 48.28 23.36
C GLY C 891 -14.34 46.94 23.02
N GLU C 892 -13.49 46.00 22.64
CA GLU C 892 -13.91 44.65 22.27
C GLU C 892 -13.72 43.71 23.46
N ARG C 893 -14.74 42.88 23.70
CA ARG C 893 -14.67 41.92 24.80
C ARG C 893 -13.59 40.89 24.54
N LYS C 894 -12.91 40.47 25.61
CA LYS C 894 -11.86 39.47 25.52
C LYS C 894 -12.46 38.08 25.63
N TYR C 895 -11.76 37.11 25.02
CA TYR C 895 -12.22 35.72 25.01
C TYR C 895 -11.21 34.77 25.65
N ARG C 896 -10.19 35.29 26.33
CA ARG C 896 -9.17 34.47 26.95
C ARG C 896 -8.93 34.96 28.37
N SER C 897 -8.77 34.01 29.30
CA SER C 897 -8.41 34.34 30.67
C SER C 897 -6.90 34.52 30.78
N ALA C 898 -6.46 34.93 31.97
CA ALA C 898 -5.03 35.14 32.20
C ALA C 898 -4.26 33.83 32.05
N ILE C 899 -4.79 32.76 32.65
CA ILE C 899 -4.11 31.46 32.57
C ILE C 899 -4.16 30.91 31.15
N GLU C 900 -5.28 31.12 30.45
CA GLU C 900 -5.36 30.70 29.05
C GLU C 900 -4.39 31.50 28.18
N ASP C 901 -4.25 32.79 28.45
CA ASP C 901 -3.27 33.60 27.71
C ASP C 901 -1.85 33.09 27.95
N LEU C 902 -1.54 32.72 29.20
CA LEU C 902 -0.23 32.16 29.48
C LEU C 902 -0.02 30.83 28.76
N LEU C 903 -1.06 30.00 28.70
CA LEU C 903 -0.93 28.70 28.05
C LEU C 903 -0.77 28.85 26.54
N PHE C 904 -1.55 29.72 25.91
CA PHE C 904 -1.50 29.85 24.46
C PHE C 904 -0.22 30.50 23.98
N ASN C 905 0.36 31.40 24.78
CA ASN C 905 1.59 32.08 24.36
C ASN C 905 2.80 31.15 24.37
N LYS C 906 2.70 30.00 25.05
CA LYS C 906 3.81 29.05 25.12
C LYS C 906 3.78 28.04 23.99
N VAL C 907 2.77 28.09 23.11
CA VAL C 907 2.62 27.14 22.01
C VAL C 907 2.64 27.90 20.70
N THR C 908 3.48 27.45 19.77
CA THR C 908 3.63 28.09 18.47
C THR C 908 2.74 27.38 17.46
N ILE C 909 1.72 28.08 16.97
CA ILE C 909 0.79 27.57 15.98
C ILE C 909 0.71 28.55 14.82
N ALA C 910 0.84 28.02 13.61
CA ALA C 910 0.74 28.86 12.42
C ALA C 910 -0.70 29.29 12.17
N ASP C 911 -0.87 30.49 11.64
CA ASP C 911 -2.19 31.01 11.32
C ASP C 911 -2.65 30.45 9.98
N PRO C 912 -3.71 29.63 9.93
CA PRO C 912 -4.09 29.00 8.67
C PRO C 912 -4.98 29.87 7.79
N GLY C 913 -4.65 31.15 7.67
CA GLY C 913 -5.25 32.06 6.71
C GLY C 913 -6.73 31.87 6.42
N TYR C 914 -7.58 31.92 7.44
CA TYR C 914 -8.99 31.60 7.23
C TYR C 914 -9.68 32.62 6.35
N MET C 915 -9.34 33.91 6.50
CA MET C 915 -10.04 34.97 5.79
C MET C 915 -9.34 35.36 4.49
N GLN C 916 -8.04 35.63 4.55
CA GLN C 916 -7.29 36.12 3.39
C GLN C 916 -5.95 35.41 3.24
N GLY C 917 -5.91 34.10 3.52
CA GLY C 917 -4.66 33.37 3.41
C GLY C 917 -4.11 33.33 1.99
N TYR C 918 -5.01 33.23 1.00
CA TYR C 918 -4.57 33.14 -0.39
C TYR C 918 -3.81 34.39 -0.82
N ASP C 919 -4.30 35.57 -0.44
CA ASP C 919 -3.61 36.80 -0.78
C ASP C 919 -2.35 36.99 0.05
N GLU C 920 -2.40 36.63 1.34
CA GLU C 920 -1.26 36.83 2.22
C GLU C 920 -0.06 36.00 1.79
N CYS C 921 -0.30 34.77 1.33
CA CYS C 921 0.78 33.92 0.86
C CYS C 921 1.49 34.51 -0.35
N MET C 922 0.83 35.38 -1.11
CA MET C 922 1.48 36.07 -2.22
C MET C 922 2.17 37.36 -1.79
N GLN C 923 1.54 38.12 -0.89
CA GLN C 923 2.13 39.38 -0.45
C GLN C 923 3.35 39.17 0.44
N GLN C 924 3.41 38.04 1.15
CA GLN C 924 4.48 37.83 2.13
C GLN C 924 5.70 37.14 1.54
N GLY C 925 5.53 36.32 0.50
CA GLY C 925 6.62 35.61 -0.10
C GLY C 925 6.91 34.28 0.58
N PRO C 926 7.89 33.54 0.07
CA PRO C 926 8.18 32.22 0.62
C PRO C 926 8.81 32.32 2.00
N GLN C 927 8.20 31.66 2.98
CA GLN C 927 8.72 31.59 4.33
C GLN C 927 8.68 30.14 4.80
N SER C 928 9.77 29.72 5.46
CA SER C 928 9.88 28.32 5.87
C SER C 928 8.80 27.94 6.88
N ALA C 929 8.54 28.83 7.84
CA ALA C 929 7.54 28.53 8.86
C ALA C 929 6.12 28.61 8.32
N ARG C 930 5.91 29.20 7.15
CA ARG C 930 4.58 29.37 6.58
C ARG C 930 4.38 28.58 5.28
N ASP C 931 5.38 27.81 4.87
CA ASP C 931 5.25 27.05 3.61
C ASP C 931 4.18 25.97 3.70
N LEU C 932 3.95 25.43 4.90
CA LEU C 932 2.92 24.41 5.06
C LEU C 932 1.53 24.97 4.78
N ILE C 933 1.26 26.19 5.25
CA ILE C 933 -0.02 26.82 4.99
C ILE C 933 -0.15 27.21 3.53
N CYS C 934 0.90 27.79 2.96
CA CYS C 934 0.85 28.26 1.58
C CYS C 934 0.92 27.11 0.58
N ALA C 935 1.25 25.90 1.03
CA ALA C 935 1.20 24.74 0.15
C ALA C 935 -0.24 24.31 -0.17
N GLN C 936 -1.23 24.91 0.49
CA GLN C 936 -2.62 24.58 0.19
C GLN C 936 -2.98 24.92 -1.26
N TYR C 937 -2.50 26.06 -1.75
CA TYR C 937 -2.88 26.56 -3.06
C TYR C 937 -1.94 26.07 -4.17
N VAL C 938 -0.99 25.20 -3.84
CA VAL C 938 -0.11 24.58 -4.83
C VAL C 938 -0.32 23.07 -4.89
N ALA C 939 -0.33 22.40 -3.74
CA ALA C 939 -0.53 20.96 -3.72
C ALA C 939 -1.98 20.59 -4.00
N GLY C 940 -2.93 21.41 -3.56
CA GLY C 940 -4.33 21.16 -3.81
C GLY C 940 -5.09 20.54 -2.65
N TYR C 941 -4.88 21.09 -1.45
CA TYR C 941 -5.64 20.68 -0.28
C TYR C 941 -6.06 21.93 0.49
N LYS C 942 -7.11 21.79 1.30
CA LYS C 942 -7.70 22.91 2.02
C LYS C 942 -7.83 22.55 3.50
N VAL C 943 -7.54 23.53 4.36
CA VAL C 943 -7.70 23.39 5.80
C VAL C 943 -9.01 24.07 6.17
N LEU C 944 -9.98 23.29 6.64
CA LEU C 944 -11.28 23.84 6.97
C LEU C 944 -11.23 24.55 8.33
N PRO C 945 -11.96 25.65 8.49
CA PRO C 945 -12.03 26.33 9.78
C PRO C 945 -12.81 25.51 10.79
N PRO C 946 -12.58 25.71 12.08
CA PRO C 946 -13.34 24.97 13.09
C PRO C 946 -14.80 25.40 13.13
N LEU C 947 -15.62 24.54 13.72
CA LEU C 947 -17.06 24.79 13.76
C LEU C 947 -17.39 26.05 14.54
N TYR C 948 -16.75 26.26 15.69
CA TYR C 948 -17.04 27.38 16.56
C TYR C 948 -15.85 28.31 16.67
N ASP C 949 -16.13 29.61 16.71
CA ASP C 949 -15.10 30.60 16.94
C ASP C 949 -14.69 30.58 18.41
N PRO C 950 -13.52 31.15 18.74
CA PRO C 950 -13.06 31.11 20.14
C PRO C 950 -14.00 31.75 21.14
N TYR C 951 -14.88 32.66 20.71
CA TYR C 951 -15.84 33.26 21.64
C TYR C 951 -16.81 32.22 22.19
N MET C 952 -17.23 31.27 21.34
CA MET C 952 -18.09 30.18 21.82
C MET C 952 -17.37 29.33 22.85
N GLU C 953 -16.09 29.03 22.60
CA GLU C 953 -15.31 28.26 23.56
C GLU C 953 -15.15 29.00 24.88
N ALA C 954 -14.95 30.31 24.82
CA ALA C 954 -14.88 31.11 26.03
C ALA C 954 -16.20 31.07 26.80
N ALA C 955 -17.32 31.12 26.08
CA ALA C 955 -18.62 31.00 26.74
C ALA C 955 -18.77 29.64 27.41
N TYR C 956 -18.28 28.58 26.77
CA TYR C 956 -18.36 27.24 27.36
C TYR C 956 -17.54 27.16 28.64
N THR C 957 -16.31 27.67 28.61
CA THR C 957 -15.46 27.62 29.81
C THR C 957 -16.02 28.48 30.92
N SER C 958 -16.58 29.65 30.59
CA SER C 958 -17.24 30.47 31.60
C SER C 958 -18.47 29.78 32.16
N SER C 959 -19.19 29.01 31.33
CA SER C 959 -20.33 28.25 31.81
C SER C 959 -19.90 27.19 32.82
N LEU C 960 -18.77 26.52 32.56
CA LEU C 960 -18.28 25.52 33.50
C LEU C 960 -17.91 26.15 34.84
N LEU C 961 -17.29 27.34 34.82
CA LEU C 961 -16.85 27.97 36.05
C LEU C 961 -18.03 28.38 36.93
N GLY C 962 -19.14 28.77 36.31
CA GLY C 962 -20.30 29.22 37.06
C GLY C 962 -21.22 28.13 37.58
N SER C 963 -20.92 26.85 37.32
CA SER C 963 -21.74 25.75 37.77
C SER C 963 -21.06 24.88 38.82
N ILE C 964 -19.87 25.25 39.28
CA ILE C 964 -19.16 24.44 40.26
C ILE C 964 -19.89 24.46 41.60
N ALA C 965 -20.31 25.64 42.05
CA ALA C 965 -20.97 25.76 43.33
C ALA C 965 -22.37 25.16 43.28
N GLY C 966 -22.77 24.52 44.39
CA GLY C 966 -24.08 23.92 44.46
C GLY C 966 -24.22 23.11 45.73
N ALA C 967 -25.38 22.46 45.84
CA ALA C 967 -25.66 21.62 46.99
C ALA C 967 -24.86 20.32 46.93
N SER C 968 -24.74 19.67 48.08
CA SER C 968 -23.98 18.43 48.19
C SER C 968 -24.72 17.30 48.89
N TRP C 969 -25.73 17.58 49.73
CA TRP C 969 -26.43 16.55 50.48
C TRP C 969 -27.69 16.06 49.77
N THR C 970 -28.00 16.59 48.59
CA THR C 970 -29.18 16.16 47.86
C THR C 970 -28.89 14.90 47.05
N ALA C 971 -29.96 14.17 46.73
CA ALA C 971 -29.89 12.93 45.98
C ALA C 971 -30.57 13.04 44.62
N GLY C 972 -30.41 14.18 43.95
CA GLY C 972 -31.00 14.39 42.65
C GLY C 972 -30.21 15.41 41.86
N LEU C 973 -30.68 15.68 40.64
CA LEU C 973 -30.05 16.63 39.75
C LEU C 973 -31.05 17.62 39.17
N SER C 974 -32.20 17.78 39.80
CA SER C 974 -33.28 18.61 39.28
C SER C 974 -33.39 19.96 40.00
N SER C 975 -32.60 20.20 41.04
CA SER C 975 -32.65 21.44 41.79
C SER C 975 -31.30 22.12 41.74
N PHE C 976 -31.33 23.46 41.70
CA PHE C 976 -30.13 24.28 41.67
C PHE C 976 -30.16 25.26 42.83
N ALA C 977 -29.11 25.24 43.64
CA ALA C 977 -29.00 26.11 44.82
C ALA C 977 -27.88 27.12 44.61
N ALA C 978 -28.18 28.40 44.84
CA ALA C 978 -27.21 29.47 44.66
C ALA C 978 -26.38 29.63 45.92
N ILE C 979 -25.51 28.65 46.15
CA ILE C 979 -24.59 28.66 47.29
C ILE C 979 -23.28 29.31 46.87
N PRO C 980 -22.72 30.21 47.67
CA PRO C 980 -21.46 30.85 47.30
C PRO C 980 -20.32 29.85 47.17
N PHE C 981 -19.27 30.27 46.47
CA PHE C 981 -18.14 29.39 46.19
C PHE C 981 -17.44 28.96 47.47
N ALA C 982 -17.25 29.89 48.41
CA ALA C 982 -16.55 29.55 49.64
C ALA C 982 -17.32 28.51 50.45
N GLN C 983 -18.63 28.67 50.57
CA GLN C 983 -19.42 27.69 51.31
C GLN C 983 -19.41 26.33 50.63
N SER C 984 -19.43 26.32 49.29
CA SER C 984 -19.35 25.05 48.56
C SER C 984 -18.01 24.35 48.82
N ILE C 985 -16.92 25.11 48.82
CA ILE C 985 -15.60 24.53 49.09
C ILE C 985 -15.57 23.96 50.51
N PHE C 986 -16.11 24.69 51.48
CA PHE C 986 -16.11 24.21 52.85
C PHE C 986 -17.01 22.98 53.03
N TYR C 987 -18.12 22.92 52.30
CA TYR C 987 -18.95 21.71 52.33
C TYR C 987 -18.22 20.52 51.72
N ARG C 988 -17.47 20.75 50.63
CA ARG C 988 -16.70 19.68 50.03
C ARG C 988 -15.61 19.18 50.98
N LEU C 989 -14.97 20.10 51.71
CA LEU C 989 -13.95 19.69 52.68
C LEU C 989 -14.56 18.93 53.86
N ASN C 990 -15.78 19.29 54.27
CA ASN C 990 -16.39 18.62 55.42
C ASN C 990 -16.80 17.19 55.09
N GLY C 991 -17.03 16.89 53.80
CA GLY C 991 -17.47 15.57 53.40
C GLY C 991 -16.37 14.55 53.23
N VAL C 992 -15.10 14.94 53.33
CA VAL C 992 -13.99 14.02 53.15
C VAL C 992 -13.34 13.61 54.46
N GLY C 993 -13.87 14.06 55.60
CA GLY C 993 -13.35 13.64 56.88
C GLY C 993 -12.76 14.75 57.72
N ILE C 994 -13.22 15.98 57.51
CA ILE C 994 -12.76 17.15 58.26
C ILE C 994 -13.96 17.71 59.02
N THR C 995 -13.83 17.80 60.35
CA THR C 995 -14.94 18.24 61.17
C THR C 995 -15.17 19.75 61.04
N GLN C 996 -16.34 20.19 61.48
CA GLN C 996 -16.69 21.60 61.39
C GLN C 996 -15.82 22.47 62.29
N GLN C 997 -15.42 21.96 63.45
CA GLN C 997 -14.59 22.73 64.36
C GLN C 997 -13.23 23.03 63.75
N VAL C 998 -12.62 22.04 63.08
CA VAL C 998 -11.34 22.27 62.42
C VAL C 998 -11.47 23.30 61.31
N LEU C 999 -12.55 23.21 60.53
CA LEU C 999 -12.76 24.17 59.45
C LEU C 999 -12.95 25.58 59.99
N SER C 1000 -13.69 25.72 61.11
CA SER C 1000 -13.88 27.03 61.70
C SER C 1000 -12.57 27.61 62.23
N GLU C 1001 -11.73 26.77 62.84
CA GLU C 1001 -10.49 27.27 63.41
C GLU C 1001 -9.47 27.63 62.32
N ASN C 1002 -9.40 26.83 61.27
CA ASN C 1002 -8.37 26.96 60.24
C ASN C 1002 -8.92 27.56 58.94
N GLN C 1003 -9.87 28.48 59.04
CA GLN C 1003 -10.49 29.03 57.84
C GLN C 1003 -9.47 29.83 57.01
N LYS C 1004 -8.77 30.76 57.65
CA LYS C 1004 -7.83 31.61 56.92
C LYS C 1004 -6.66 30.81 56.38
N ILE C 1005 -6.17 29.83 57.15
CA ILE C 1005 -5.06 29.01 56.68
C ILE C 1005 -5.46 28.21 55.45
N ILE C 1006 -6.67 27.64 55.47
CA ILE C 1006 -7.15 26.88 54.31
C ILE C 1006 -7.26 27.79 53.09
N ALA C 1007 -7.79 29.00 53.28
CA ALA C 1007 -7.91 29.93 52.16
C ALA C 1007 -6.54 30.30 51.59
N ASN C 1008 -5.57 30.57 52.47
CA ASN C 1008 -4.24 30.93 52.00
C ASN C 1008 -3.58 29.78 51.27
N LYS C 1009 -3.73 28.56 51.77
CA LYS C 1009 -3.16 27.40 51.08
C LYS C 1009 -3.79 27.20 49.71
N PHE C 1010 -5.10 27.39 49.60
CA PHE C 1010 -5.76 27.28 48.30
C PHE C 1010 -5.26 28.33 47.33
N ASN C 1011 -5.08 29.58 47.81
CA ASN C 1011 -4.58 30.63 46.94
C ASN C 1011 -3.15 30.35 46.50
N GLN C 1012 -2.31 29.85 47.40
CA GLN C 1012 -0.94 29.49 47.03
C GLN C 1012 -0.93 28.38 46.00
N ALA C 1013 -1.81 27.38 46.16
CA ALA C 1013 -1.88 26.28 45.20
C ALA C 1013 -2.31 26.77 43.83
N LEU C 1014 -3.30 27.65 43.77
CA LEU C 1014 -3.78 28.14 42.48
C LEU C 1014 -2.75 29.03 41.80
N GLY C 1015 -2.04 29.86 42.56
CA GLY C 1015 -1.07 30.77 41.98
C GLY C 1015 0.22 30.09 41.54
N ALA C 1016 0.51 28.91 42.06
CA ALA C 1016 1.76 28.23 41.72
C ALA C 1016 1.73 27.63 40.33
N MET C 1017 0.55 27.40 39.77
CA MET C 1017 0.42 26.74 38.47
C MET C 1017 0.48 27.72 37.30
N GLN C 1018 0.62 29.02 37.57
CA GLN C 1018 0.80 29.98 36.48
C GLN C 1018 2.14 29.79 35.78
N THR C 1019 3.17 29.41 36.53
CA THR C 1019 4.50 29.20 35.98
C THR C 1019 4.83 27.72 35.79
N GLY C 1020 3.81 26.88 35.69
CA GLY C 1020 3.98 25.46 35.48
C GLY C 1020 3.95 25.01 34.04
N PHE C 1021 4.01 25.94 33.08
CA PHE C 1021 4.00 25.60 31.65
C PHE C 1021 5.44 25.57 31.16
N THR C 1022 6.13 24.49 31.49
CA THR C 1022 7.52 24.29 31.10
C THR C 1022 7.65 22.97 30.34
N THR C 1023 8.85 22.73 29.79
CA THR C 1023 9.10 21.50 29.06
C THR C 1023 9.09 20.27 29.96
N THR C 1024 9.34 20.45 31.26
CA THR C 1024 9.31 19.32 32.18
C THR C 1024 7.90 18.82 32.46
N ASN C 1025 6.88 19.64 32.18
CA ASN C 1025 5.50 19.24 32.43
C ASN C 1025 5.03 18.33 31.30
N LEU C 1026 4.74 17.07 31.62
CA LEU C 1026 4.33 16.11 30.59
C LEU C 1026 2.98 16.50 29.98
N ALA C 1027 2.03 16.93 30.82
CA ALA C 1027 0.72 17.32 30.30
C ALA C 1027 0.83 18.49 29.34
N PHE C 1028 1.69 19.46 29.66
CA PHE C 1028 1.93 20.57 28.73
C PHE C 1028 2.63 20.09 27.46
N ASN C 1029 3.48 19.06 27.58
CA ASN C 1029 4.18 18.54 26.40
C ASN C 1029 3.22 17.88 25.43
N LYS C 1030 2.16 17.24 25.92
CA LYS C 1030 1.22 16.56 25.03
C LYS C 1030 0.47 17.53 24.13
N VAL C 1031 0.29 18.78 24.56
CA VAL C 1031 -0.36 19.78 23.70
C VAL C 1031 0.51 20.07 22.49
N GLN C 1032 1.81 20.28 22.72
CA GLN C 1032 2.75 20.47 21.61
C GLN C 1032 2.84 19.22 20.74
N ASP C 1033 2.73 18.04 21.35
CA ASP C 1033 2.72 16.81 20.54
C ASP C 1033 1.52 16.77 19.60
N ALA C 1034 0.34 17.17 20.09
CA ALA C 1034 -0.84 17.21 19.23
C ALA C 1034 -0.66 18.20 18.09
N VAL C 1035 -0.11 19.39 18.41
CA VAL C 1035 0.13 20.39 17.37
C VAL C 1035 1.12 19.85 16.34
N ASN C 1036 2.19 19.19 16.79
CA ASN C 1036 3.18 18.65 15.87
C ASN C 1036 2.59 17.56 14.99
N ALA C 1037 1.69 16.75 15.53
CA ALA C 1037 1.03 15.73 14.73
C ALA C 1037 0.18 16.36 13.62
N ASN C 1038 -0.57 17.42 13.97
CA ASN C 1038 -1.35 18.12 12.96
C ASN C 1038 -0.47 18.69 11.87
N ALA C 1039 0.68 19.26 12.24
CA ALA C 1039 1.61 19.76 11.24
C ALA C 1039 2.20 18.64 10.40
N MET C 1040 2.51 17.50 11.03
CA MET C 1040 3.18 16.41 10.32
C MET C 1040 2.30 15.82 9.23
N ALA C 1041 0.99 15.74 9.44
CA ALA C 1041 0.13 15.17 8.41
C ALA C 1041 0.19 15.99 7.12
N LEU C 1042 0.13 17.33 7.24
CA LEU C 1042 0.21 18.18 6.06
C LEU C 1042 1.61 18.18 5.46
N SER C 1043 2.64 18.05 6.31
CA SER C 1043 4.01 17.93 5.78
C SER C 1043 4.18 16.67 4.96
N LYS C 1044 3.62 15.55 5.42
CA LYS C 1044 3.67 14.33 4.64
C LYS C 1044 2.90 14.45 3.34
N LEU C 1045 1.72 15.09 3.38
CA LEU C 1045 0.91 15.22 2.18
C LEU C 1045 1.59 16.12 1.15
N ALA C 1046 2.24 17.20 1.59
CA ALA C 1046 2.85 18.14 0.66
C ALA C 1046 4.13 17.60 0.04
N ALA C 1047 4.92 16.85 0.82
CA ALA C 1047 6.24 16.42 0.35
C ALA C 1047 6.19 15.32 -0.69
N GLU C 1048 5.07 14.58 -0.77
CA GLU C 1048 5.00 13.44 -1.68
C GLU C 1048 4.92 13.85 -3.15
N LEU C 1049 4.57 15.11 -3.44
CA LEU C 1049 4.44 15.55 -4.82
C LEU C 1049 5.79 15.81 -5.49
N SER C 1050 6.88 15.89 -4.72
CA SER C 1050 8.19 16.15 -5.28
C SER C 1050 8.98 14.88 -5.58
N ASN C 1051 8.40 13.70 -5.34
CA ASN C 1051 9.08 12.45 -5.59
C ASN C 1051 8.84 11.98 -7.01
N THR C 1052 9.87 11.40 -7.62
CA THR C 1052 9.77 10.87 -8.97
C THR C 1052 9.24 9.43 -8.99
N PHE C 1053 9.39 8.69 -7.89
CA PHE C 1053 8.94 7.30 -7.79
C PHE C 1053 9.55 6.44 -8.90
N GLY C 1054 10.82 6.70 -9.22
CA GLY C 1054 11.52 5.95 -10.24
C GLY C 1054 11.37 6.48 -11.65
N ALA C 1055 10.52 7.47 -11.87
CA ALA C 1055 10.35 8.05 -13.19
C ALA C 1055 11.49 9.01 -13.51
N ILE C 1056 11.57 9.41 -14.78
CA ILE C 1056 12.62 10.33 -15.20
C ILE C 1056 12.45 11.71 -14.57
N SER C 1057 11.25 12.06 -14.15
CA SER C 1057 11.00 13.36 -13.56
C SER C 1057 9.75 13.29 -12.70
N SER C 1058 9.63 14.25 -11.78
CA SER C 1058 8.45 14.39 -10.95
C SER C 1058 7.39 15.31 -11.55
N SER C 1059 7.64 15.84 -12.74
CA SER C 1059 6.72 16.74 -13.42
C SER C 1059 6.15 16.05 -14.65
N ILE C 1060 4.83 16.14 -14.82
CA ILE C 1060 4.19 15.57 -16.00
C ILE C 1060 4.61 16.33 -17.26
N SER C 1061 4.79 17.65 -17.13
CA SER C 1061 5.19 18.46 -18.28
C SER C 1061 6.56 18.06 -18.80
N ASP C 1062 7.50 17.77 -17.89
CA ASP C 1062 8.82 17.32 -18.31
C ASP C 1062 8.74 15.98 -19.03
N ILE C 1063 7.89 15.06 -18.53
CA ILE C 1063 7.74 13.76 -19.18
C ILE C 1063 7.19 13.94 -20.58
N LEU C 1064 6.18 14.81 -20.74
CA LEU C 1064 5.60 15.04 -22.06
C LEU C 1064 6.59 15.72 -22.99
N ALA C 1065 7.45 16.60 -22.46
CA ALA C 1065 8.40 17.31 -23.30
C ALA C 1065 9.58 16.43 -23.72
N ARG C 1066 9.99 15.50 -22.88
CA ARG C 1066 11.20 14.71 -23.15
C ARG C 1066 10.92 13.36 -23.81
N LEU C 1067 9.68 12.89 -23.79
CA LEU C 1067 9.35 11.57 -24.30
C LEU C 1067 8.19 11.65 -25.28
N ASP C 1068 8.02 10.58 -26.03
CA ASP C 1068 7.00 10.42 -27.06
C ASP C 1068 5.87 9.52 -26.55
N PRO C 1069 4.69 9.60 -27.16
CA PRO C 1069 3.49 8.95 -26.60
C PRO C 1069 3.68 7.46 -26.32
N PRO C 1070 4.39 6.70 -27.17
CA PRO C 1070 4.58 5.27 -26.83
C PRO C 1070 5.28 5.05 -25.50
N GLU C 1071 6.17 5.95 -25.08
CA GLU C 1071 6.90 5.77 -23.84
C GLU C 1071 6.43 6.69 -22.71
N GLN C 1072 5.55 7.65 -22.99
CA GLN C 1072 5.08 8.55 -21.93
C GLN C 1072 4.17 7.84 -20.94
N GLU C 1073 3.40 6.86 -21.40
CA GLU C 1073 2.38 6.25 -20.56
C GLU C 1073 2.98 5.56 -19.34
N ALA C 1074 4.10 4.87 -19.50
CA ALA C 1074 4.71 4.15 -18.40
C ALA C 1074 5.16 5.11 -17.29
N GLN C 1075 5.83 6.21 -17.67
CA GLN C 1075 6.31 7.17 -16.68
C GLN C 1075 5.13 7.86 -15.97
N ILE C 1076 4.11 8.25 -16.73
CA ILE C 1076 2.93 8.87 -16.14
C ILE C 1076 2.26 7.88 -15.18
N ASP C 1077 2.23 6.61 -15.55
CA ASP C 1077 1.63 5.59 -14.68
C ASP C 1077 2.40 5.44 -13.37
N ARG C 1078 3.73 5.49 -13.43
CA ARG C 1078 4.53 5.41 -12.21
C ARG C 1078 4.21 6.57 -11.27
N LEU C 1079 4.11 7.79 -11.81
CA LEU C 1079 3.74 8.93 -10.98
C LEU C 1079 2.34 8.76 -10.40
N ILE C 1080 1.40 8.26 -11.22
CA ILE C 1080 0.03 8.07 -10.76
C ILE C 1080 -0.01 7.08 -9.60
N ASN C 1081 0.71 5.96 -9.72
CA ASN C 1081 0.72 4.96 -8.66
C ASN C 1081 1.29 5.52 -7.37
N GLY C 1082 2.39 6.27 -7.45
CA GLY C 1082 2.97 6.84 -6.25
C GLY C 1082 2.02 7.79 -5.55
N ARG C 1083 1.36 8.66 -6.31
CA ARG C 1083 0.46 9.64 -5.70
C ARG C 1083 -0.80 8.98 -5.15
N LEU C 1084 -1.30 7.91 -5.80
CA LEU C 1084 -2.44 7.19 -5.25
C LEU C 1084 -2.08 6.54 -3.92
N THR C 1085 -0.89 5.96 -3.82
CA THR C 1085 -0.45 5.38 -2.55
C THR C 1085 -0.38 6.44 -1.46
N SER C 1086 0.15 7.62 -1.79
CA SER C 1086 0.22 8.70 -0.81
C SER C 1086 -1.16 9.11 -0.32
N LEU C 1087 -2.11 9.26 -1.25
CA LEU C 1087 -3.46 9.68 -0.86
C LEU C 1087 -4.14 8.64 0.02
N ASN C 1088 -3.97 7.35 -0.30
CA ASN C 1088 -4.59 6.30 0.50
C ASN C 1088 -4.03 6.30 1.93
N ALA C 1089 -2.72 6.47 2.07
CA ALA C 1089 -2.12 6.51 3.41
C ALA C 1089 -2.65 7.70 4.20
N PHE C 1090 -2.75 8.87 3.56
CA PHE C 1090 -3.26 10.06 4.24
C PHE C 1090 -4.69 9.86 4.70
N VAL C 1091 -5.53 9.27 3.86
CA VAL C 1091 -6.94 9.08 4.22
C VAL C 1091 -7.05 8.12 5.40
N ALA C 1092 -6.28 7.03 5.39
CA ALA C 1092 -6.37 6.05 6.47
C ALA C 1092 -5.98 6.67 7.81
N GLN C 1093 -4.86 7.40 7.84
CA GLN C 1093 -4.43 8.00 9.11
C GLN C 1093 -5.38 9.10 9.55
N GLN C 1094 -5.97 9.84 8.61
CA GLN C 1094 -6.94 10.87 8.97
C GLN C 1094 -8.16 10.25 9.66
N LEU C 1095 -8.65 9.13 9.14
CA LEU C 1095 -9.79 8.46 9.79
C LEU C 1095 -9.40 7.94 11.18
N VAL C 1096 -8.20 7.41 11.33
CA VAL C 1096 -7.73 6.93 12.64
C VAL C 1096 -7.78 8.07 13.66
N ARG C 1097 -7.20 9.22 13.31
CA ARG C 1097 -7.16 10.34 14.24
C ARG C 1097 -8.55 10.90 14.52
N THR C 1098 -9.46 10.85 13.54
CA THR C 1098 -10.83 11.30 13.80
C THR C 1098 -11.49 10.42 14.86
N GLU C 1099 -11.34 9.09 14.75
CA GLU C 1099 -11.97 8.20 15.72
C GLU C 1099 -11.37 8.39 17.11
N ALA C 1100 -10.05 8.53 17.19
CA ALA C 1100 -9.40 8.76 18.48
C ALA C 1100 -9.87 10.08 19.09
N ALA C 1101 -10.04 11.11 18.26
CA ALA C 1101 -10.53 12.39 18.78
C ALA C 1101 -11.96 12.27 19.29
N ALA C 1102 -12.80 11.48 18.62
CA ALA C 1102 -14.17 11.30 19.10
C ALA C 1102 -14.21 10.61 20.45
N ARG C 1103 -13.42 9.55 20.63
CA ARG C 1103 -13.39 8.86 21.92
C ARG C 1103 -12.83 9.78 23.01
N SER C 1104 -11.78 10.53 22.70
CA SER C 1104 -11.22 11.46 23.68
C SER C 1104 -12.22 12.55 24.05
N ALA C 1105 -13.04 12.98 23.09
CA ALA C 1105 -14.07 13.97 23.39
C ALA C 1105 -15.11 13.41 24.35
N GLN C 1106 -15.50 12.15 24.17
CA GLN C 1106 -16.42 11.52 25.12
C GLN C 1106 -15.78 11.44 26.50
N LEU C 1107 -14.49 11.11 26.57
CA LEU C 1107 -13.80 11.10 27.84
C LEU C 1107 -13.82 12.48 28.50
N ALA C 1108 -13.63 13.54 27.71
CA ALA C 1108 -13.68 14.89 28.25
C ALA C 1108 -15.04 15.19 28.85
N GLN C 1109 -16.12 14.78 28.17
CA GLN C 1109 -17.46 15.01 28.72
C GLN C 1109 -17.63 14.30 30.06
N ASP C 1110 -17.15 13.05 30.15
CA ASP C 1110 -17.23 12.32 31.41
C ASP C 1110 -16.42 12.99 32.50
N LYS C 1111 -15.21 13.46 32.17
CA LYS C 1111 -14.37 14.15 33.13
C LYS C 1111 -15.04 15.42 33.64
N VAL C 1112 -15.66 16.18 32.74
CA VAL C 1112 -16.34 17.41 33.15
C VAL C 1112 -17.49 17.08 34.10
N ASN C 1113 -18.32 16.11 33.73
CA ASN C 1113 -19.49 15.78 34.56
C ASN C 1113 -19.08 15.23 35.92
N GLU C 1114 -17.98 14.47 35.99
CA GLU C 1114 -17.59 13.88 37.27
C GLU C 1114 -16.74 14.80 38.12
N CYS C 1115 -15.71 15.43 37.54
CA CYS C 1115 -14.76 16.21 38.33
C CYS C 1115 -15.10 17.68 38.42
N VAL C 1116 -15.70 18.27 37.39
CA VAL C 1116 -15.88 19.72 37.36
C VAL C 1116 -17.20 20.13 38.01
N LYS C 1117 -18.30 19.51 37.61
CA LYS C 1117 -19.62 19.88 38.10
C LYS C 1117 -20.03 19.15 39.37
N SER C 1118 -19.16 18.29 39.91
CA SER C 1118 -19.45 17.56 41.14
C SER C 1118 -18.12 17.13 41.76
N GLN C 1119 -18.22 16.46 42.91
CA GLN C 1119 -17.06 15.94 43.61
C GLN C 1119 -17.02 14.42 43.43
N SER C 1120 -15.82 13.91 43.13
CA SER C 1120 -15.64 12.51 42.79
C SER C 1120 -15.20 11.71 44.01
N LYS C 1121 -15.86 10.59 44.25
CA LYS C 1121 -15.47 9.66 45.29
C LYS C 1121 -14.48 8.61 44.81
N ARG C 1122 -14.17 8.57 43.52
CA ARG C 1122 -13.25 7.58 42.99
C ARG C 1122 -11.81 7.97 43.28
N ASN C 1123 -10.90 7.01 43.08
CA ASN C 1123 -9.48 7.20 43.31
C ASN C 1123 -8.75 7.13 41.98
N GLY C 1124 -7.99 8.18 41.68
CA GLY C 1124 -7.19 8.24 40.47
C GLY C 1124 -7.88 8.78 39.25
N PHE C 1125 -9.19 9.02 39.31
CA PHE C 1125 -9.93 9.47 38.10
C PHE C 1125 -9.81 11.00 37.94
N CYS C 1126 -9.92 11.74 39.05
CA CYS C 1126 -9.80 13.22 38.99
C CYS C 1126 -8.52 13.64 39.73
N GLY C 1127 -7.35 13.19 39.27
CA GLY C 1127 -6.06 13.53 39.92
C GLY C 1127 -5.71 12.57 41.04
N THR C 1128 -4.73 12.91 41.86
CA THR C 1128 -4.28 12.04 42.97
C THR C 1128 -4.77 12.59 44.30
N GLY C 1129 -4.80 11.75 45.34
CA GLY C 1129 -5.25 12.18 46.68
C GLY C 1129 -6.77 12.19 46.76
N THR C 1130 -7.31 12.85 47.78
CA THR C 1130 -8.78 12.97 47.90
C THR C 1130 -9.20 14.18 47.07
N HIS C 1131 -10.06 13.98 46.08
CA HIS C 1131 -10.46 15.08 45.15
C HIS C 1131 -11.34 16.11 45.87
N ILE C 1132 -11.12 17.39 45.56
CA ILE C 1132 -11.96 18.48 46.15
C ILE C 1132 -12.69 19.22 45.01
N VAL C 1133 -11.95 19.83 44.06
CA VAL C 1133 -12.56 20.62 43.01
C VAL C 1133 -11.63 20.61 41.81
N SER C 1134 -12.20 20.75 40.62
CA SER C 1134 -11.43 20.76 39.38
C SER C 1134 -11.89 21.94 38.51
N PHE C 1135 -10.96 22.44 37.70
CA PHE C 1135 -11.23 23.52 36.77
C PHE C 1135 -10.82 23.11 35.37
N ALA C 1136 -11.51 23.65 34.37
CA ALA C 1136 -11.26 23.35 32.97
C ALA C 1136 -11.12 24.65 32.19
N ILE C 1137 -10.08 24.72 31.36
CA ILE C 1137 -9.83 25.88 30.51
C ILE C 1137 -9.62 25.42 29.08
N ASN C 1138 -9.74 26.36 28.15
CA ASN C 1138 -9.54 26.06 26.74
C ASN C 1138 -8.07 25.80 26.44
N ALA C 1139 -7.82 24.84 25.58
CA ALA C 1139 -6.48 24.47 25.14
C ALA C 1139 -6.52 24.26 23.64
N PRO C 1140 -5.36 24.37 22.96
CA PRO C 1140 -5.32 24.07 21.52
C PRO C 1140 -5.79 22.65 21.25
N ASN C 1141 -6.87 22.54 20.47
CA ASN C 1141 -7.41 21.26 20.03
C ASN C 1141 -7.87 20.39 21.19
N GLY C 1142 -8.29 21.01 22.29
CA GLY C 1142 -8.78 20.23 23.41
C GLY C 1142 -9.05 21.10 24.63
N LEU C 1143 -9.07 20.44 25.79
CA LEU C 1143 -9.32 21.09 27.07
C LEU C 1143 -8.19 20.77 28.03
N TYR C 1144 -7.94 21.69 28.96
CA TYR C 1144 -6.91 21.54 29.97
C TYR C 1144 -7.57 21.52 31.34
N PHE C 1145 -7.22 20.54 32.17
CA PHE C 1145 -7.85 20.33 33.46
C PHE C 1145 -6.86 20.58 34.59
N PHE C 1146 -7.35 21.20 35.66
CA PHE C 1146 -6.57 21.41 36.88
C PHE C 1146 -7.31 20.75 38.03
N HIS C 1147 -6.79 19.62 38.51
CA HIS C 1147 -7.43 18.87 39.59
C HIS C 1147 -6.79 19.26 40.92
N VAL C 1148 -7.60 19.79 41.83
CA VAL C 1148 -7.14 20.19 43.16
C VAL C 1148 -7.51 19.08 44.14
N GLY C 1149 -6.51 18.57 44.87
CA GLY C 1149 -6.73 17.48 45.79
C GLY C 1149 -6.19 17.80 47.17
N TYR C 1150 -6.68 17.06 48.15
CA TYR C 1150 -6.25 17.19 49.55
C TYR C 1150 -5.04 16.28 49.75
N GLN C 1151 -3.89 16.89 49.99
CA GLN C 1151 -2.64 16.14 50.11
C GLN C 1151 -2.05 16.30 51.51
N PRO C 1152 -2.14 15.28 52.37
CA PRO C 1152 -1.51 15.36 53.68
C PRO C 1152 0.01 15.40 53.58
N THR C 1153 0.64 16.03 54.58
CA THR C 1153 2.09 16.15 54.62
C THR C 1153 2.72 15.49 55.84
N SER C 1154 2.03 15.43 56.98
CA SER C 1154 2.55 14.78 58.17
C SER C 1154 1.46 13.91 58.78
N HIS C 1155 1.88 12.86 59.48
CA HIS C 1155 0.96 11.91 60.09
C HIS C 1155 1.34 11.66 61.54
N VAL C 1156 0.40 11.10 62.29
CA VAL C 1156 0.61 10.70 63.67
C VAL C 1156 0.05 9.30 63.87
N ASN C 1157 0.77 8.48 64.62
CA ASN C 1157 0.31 7.13 64.94
C ASN C 1157 -0.66 7.21 66.11
N ALA C 1158 -1.93 6.91 65.85
CA ALA C 1158 -2.97 7.00 66.86
C ALA C 1158 -3.52 5.61 67.18
N THR C 1159 -3.76 5.35 68.46
CA THR C 1159 -4.40 4.11 68.89
C THR C 1159 -5.91 4.26 68.74
N ALA C 1160 -6.53 3.28 68.08
CA ALA C 1160 -7.96 3.33 67.77
C ALA C 1160 -8.63 2.06 68.25
N ALA C 1161 -9.96 2.13 68.34
CA ALA C 1161 -10.79 1.02 68.77
C ALA C 1161 -11.87 0.74 67.73
N TYR C 1162 -12.29 -0.53 67.66
CA TYR C 1162 -13.35 -0.90 66.73
C TYR C 1162 -14.72 -0.42 67.19
N GLY C 1163 -14.96 -0.43 68.50
CA GLY C 1163 -16.23 0.01 69.05
C GLY C 1163 -16.13 0.04 70.57
N LEU C 1164 -17.17 0.60 71.17
CA LEU C 1164 -17.22 0.77 72.62
C LEU C 1164 -18.60 0.41 73.13
N CYS C 1165 -18.64 -0.18 74.32
CA CYS C 1165 -19.89 -0.54 74.98
C CYS C 1165 -19.61 -0.68 76.47
N ASN C 1166 -20.70 -0.62 77.26
CA ASN C 1166 -20.62 -0.78 78.70
C ASN C 1166 -20.79 -2.26 79.07
N THR C 1167 -20.96 -2.53 80.36
CA THR C 1167 -21.12 -3.90 80.86
C THR C 1167 -22.51 -4.02 81.51
N GLU C 1168 -23.48 -4.46 80.72
CA GLU C 1168 -24.84 -4.71 81.20
C GLU C 1168 -25.30 -6.06 80.67
N ASN C 1169 -26.41 -6.55 81.21
CA ASN C 1169 -26.97 -7.81 80.71
C ASN C 1169 -27.35 -7.69 79.24
N PRO C 1170 -28.11 -6.68 78.79
CA PRO C 1170 -28.12 -6.37 77.37
C PRO C 1170 -27.10 -5.30 77.05
N PRO C 1171 -26.21 -5.55 76.10
CA PRO C 1171 -25.22 -4.53 75.72
C PRO C 1171 -25.72 -3.62 74.60
N LYS C 1172 -25.19 -2.40 74.60
CA LYS C 1172 -25.46 -1.42 73.56
C LYS C 1172 -24.11 -0.91 73.06
N CYS C 1173 -23.69 -1.36 71.89
CA CYS C 1173 -22.40 -1.00 71.32
C CYS C 1173 -22.56 0.07 70.26
N ILE C 1174 -21.58 0.97 70.19
CA ILE C 1174 -21.60 2.09 69.26
C ILE C 1174 -20.37 2.02 68.37
N ALA C 1175 -20.49 2.63 67.20
CA ALA C 1175 -19.43 2.70 66.21
C ALA C 1175 -19.31 4.13 65.68
N PRO C 1176 -18.11 4.55 65.30
CA PRO C 1176 -17.95 5.92 64.79
C PRO C 1176 -18.57 6.08 63.41
N ILE C 1177 -18.90 7.32 63.09
CA ILE C 1177 -19.46 7.68 61.80
C ILE C 1177 -18.47 8.59 61.10
N GLY C 1178 -17.87 8.09 60.02
CA GLY C 1178 -16.93 8.89 59.25
C GLY C 1178 -15.69 9.31 60.02
N GLY C 1179 -15.25 8.49 60.97
CA GLY C 1179 -14.09 8.82 61.76
C GLY C 1179 -13.58 7.63 62.54
N TYR C 1180 -12.86 7.92 63.61
CA TYR C 1180 -12.28 6.88 64.45
C TYR C 1180 -12.49 7.22 65.91
N PHE C 1181 -12.52 6.20 66.75
CA PHE C 1181 -12.48 6.36 68.20
C PHE C 1181 -11.04 6.20 68.66
N VAL C 1182 -10.41 7.30 69.05
CA VAL C 1182 -8.97 7.31 69.32
C VAL C 1182 -8.72 7.88 70.71
N LEU C 1183 -7.54 7.55 71.25
CA LEU C 1183 -7.05 8.14 72.48
C LEU C 1183 -6.30 9.43 72.17
N ASN C 1184 -6.37 10.39 73.09
CA ASN C 1184 -5.74 11.69 72.90
C ASN C 1184 -4.29 11.61 73.34
N GLN C 1185 -3.47 11.06 72.45
CA GLN C 1185 -2.03 10.95 72.69
C GLN C 1185 -1.33 10.70 71.36
N THR C 1186 -0.13 11.26 71.22
CA THR C 1186 0.66 11.11 70.01
C THR C 1186 1.63 9.94 70.07
N THR C 1187 1.65 9.19 71.17
CA THR C 1187 2.55 8.06 71.31
C THR C 1187 1.89 6.91 72.06
N SER C 1193 -8.03 0.67 81.54
CA SER C 1193 -9.09 0.80 82.53
C SER C 1193 -9.46 2.26 82.76
N GLU C 1194 -8.46 3.14 82.71
CA GLU C 1194 -8.65 4.58 82.90
C GLU C 1194 -8.53 5.35 81.59
N GLN C 1195 -8.54 4.67 80.45
CA GLN C 1195 -8.39 5.34 79.17
C GLN C 1195 -9.65 6.12 78.81
N GLN C 1196 -9.46 7.33 78.30
CA GLN C 1196 -10.54 8.17 77.83
C GLN C 1196 -10.55 8.18 76.31
N TRP C 1197 -11.69 7.85 75.72
CA TRP C 1197 -11.83 7.74 74.28
C TRP C 1197 -12.48 9.00 73.71
N TYR C 1198 -12.01 9.42 72.54
CA TYR C 1198 -12.52 10.60 71.85
C TYR C 1198 -12.88 10.23 70.41
N TYR C 1199 -13.35 11.23 69.67
CA TYR C 1199 -13.65 11.10 68.26
C TYR C 1199 -12.81 12.07 67.47
N THR C 1200 -12.40 11.65 66.27
CA THR C 1200 -11.63 12.51 65.38
C THR C 1200 -12.06 12.25 63.94
N GLY C 1201 -11.88 13.25 63.09
CA GLY C 1201 -12.14 13.07 61.68
C GLY C 1201 -11.10 12.20 61.02
N SER C 1202 -11.51 11.54 59.93
CA SER C 1202 -10.61 10.64 59.22
C SER C 1202 -9.51 11.36 58.46
N SER C 1203 -9.72 12.64 58.12
CA SER C 1203 -8.77 13.40 57.33
C SER C 1203 -8.00 14.44 58.13
N PHE C 1204 -8.22 14.52 59.44
CA PHE C 1204 -7.49 15.46 60.28
C PHE C 1204 -7.61 15.00 61.73
N PHE C 1205 -6.49 15.02 62.45
CA PHE C 1205 -6.45 14.56 63.83
C PHE C 1205 -6.81 15.72 64.76
N HIS C 1206 -7.98 15.64 65.38
CA HIS C 1206 -8.45 16.63 66.34
C HIS C 1206 -9.46 15.98 67.27
N PRO C 1207 -9.01 15.43 68.40
CA PRO C 1207 -9.95 14.72 69.29
C PRO C 1207 -11.03 15.65 69.81
N GLU C 1208 -12.25 15.13 69.90
CA GLU C 1208 -13.40 15.85 70.42
C GLU C 1208 -14.33 14.86 71.09
N PRO C 1209 -15.13 15.28 72.06
CA PRO C 1209 -15.94 14.33 72.84
C PRO C 1209 -16.94 13.57 71.97
N ILE C 1210 -17.20 12.34 72.37
CA ILE C 1210 -18.10 11.45 71.62
C ILE C 1210 -19.54 11.77 72.01
N THR C 1211 -20.37 12.06 71.02
CA THR C 1211 -21.79 12.34 71.20
C THR C 1211 -22.58 11.46 70.24
N GLU C 1212 -23.90 11.65 70.23
CA GLU C 1212 -24.74 10.92 69.29
C GLU C 1212 -24.63 11.44 67.87
N VAL C 1213 -24.06 12.64 67.68
CA VAL C 1213 -23.87 13.18 66.34
C VAL C 1213 -22.87 12.33 65.55
N ASN C 1214 -21.77 11.94 66.18
CA ASN C 1214 -20.68 11.24 65.51
C ASN C 1214 -20.61 9.76 65.88
N SER C 1215 -21.73 9.17 66.30
CA SER C 1215 -21.75 7.75 66.65
C SER C 1215 -23.12 7.16 66.32
N LYS C 1216 -23.14 5.86 66.14
CA LYS C 1216 -24.38 5.13 65.88
C LYS C 1216 -24.33 3.79 66.59
N TYR C 1217 -25.51 3.27 66.93
CA TYR C 1217 -25.60 1.99 67.61
C TYR C 1217 -25.43 0.85 66.63
N VAL C 1218 -24.65 -0.16 67.05
CA VAL C 1218 -24.39 -1.34 66.24
C VAL C 1218 -24.57 -2.58 67.10
N SER C 1219 -24.46 -3.73 66.45
CA SER C 1219 -24.57 -5.00 67.16
C SER C 1219 -23.33 -5.27 68.00
N MET C 1220 -23.46 -6.24 68.90
CA MET C 1220 -22.34 -6.60 69.77
C MET C 1220 -21.26 -7.33 68.98
N ASP C 1221 -20.01 -6.90 69.18
CA ASP C 1221 -18.85 -7.51 68.53
C ASP C 1221 -17.83 -7.90 69.58
N VAL C 1222 -17.11 -8.99 69.33
CA VAL C 1222 -16.16 -9.52 70.31
C VAL C 1222 -14.95 -8.61 70.46
N LYS C 1223 -14.58 -7.87 69.41
CA LYS C 1223 -13.38 -7.06 69.43
C LYS C 1223 -13.62 -5.65 69.95
N PHE C 1224 -14.83 -5.35 70.41
CA PHE C 1224 -15.13 -4.03 70.95
C PHE C 1224 -14.59 -3.89 72.37
N GLU C 1225 -14.14 -2.68 72.69
CA GLU C 1225 -13.64 -2.41 74.04
C GLU C 1225 -14.78 -2.39 75.04
N ASN C 1226 -14.51 -2.92 76.23
CA ASN C 1226 -15.46 -2.88 77.34
C ASN C 1226 -15.07 -1.72 78.26
N LEU C 1227 -15.92 -0.70 78.30
CA LEU C 1227 -15.68 0.48 79.15
C LEU C 1227 -16.28 0.21 80.52
N THR C 1228 -15.42 0.11 81.53
CA THR C 1228 -15.88 -0.21 82.88
C THR C 1228 -16.40 1.02 83.62
N ASN C 1229 -15.62 2.10 83.61
CA ASN C 1229 -15.94 3.29 84.40
C ASN C 1229 -16.30 4.50 83.53
N LYS C 1230 -15.43 4.88 82.60
CA LYS C 1230 -15.66 6.07 81.78
C LYS C 1230 -16.59 5.72 80.62
N LEU C 1231 -17.74 6.41 80.57
CA LEU C 1231 -18.76 6.14 79.56
C LEU C 1231 -19.15 7.43 78.86
N PRO C 1232 -19.17 7.46 77.53
CA PRO C 1232 -19.73 8.61 76.82
C PRO C 1232 -21.23 8.67 77.00
N PRO C 1233 -21.84 9.82 76.75
CA PRO C 1233 -23.30 9.97 76.96
C PRO C 1233 -24.12 8.94 76.19
N PRO C 1234 -23.74 8.57 74.96
CA PRO C 1234 -24.51 7.51 74.29
C PRO C 1234 -24.51 6.17 75.03
N LEU C 1235 -23.49 5.89 75.82
CA LEU C 1235 -23.38 4.62 76.53
C LEU C 1235 -23.93 4.68 77.95
N LEU C 1236 -24.45 5.82 78.38
CA LEU C 1236 -24.98 5.97 79.73
C LEU C 1236 -26.44 5.53 79.78
N SER C 1237 -26.75 4.64 80.72
CA SER C 1237 -28.12 4.17 80.91
C SER C 1237 -28.84 5.07 81.92
N ASN C 1238 -29.09 6.30 81.47
CA ASN C 1238 -29.76 7.29 82.31
C ASN C 1238 -31.24 6.98 82.45
C1 NAG D . -34.29 -23.76 20.17
C2 NAG D . -35.81 -23.76 20.06
C3 NAG D . -36.21 -24.03 18.62
C4 NAG D . -35.52 -23.09 17.63
C5 NAG D . -34.01 -23.04 17.95
C6 NAG D . -33.23 -22.02 17.14
C7 NAG D . -37.12 -24.48 22.03
C8 NAG D . -37.64 -25.70 22.76
N2 NAG D . -36.39 -24.76 20.93
O3 NAG D . -37.61 -23.94 18.54
O4 NAG D . -35.76 -23.61 16.34
O5 NAG D . -33.80 -22.75 19.31
O6 NAG D . -33.45 -20.74 17.68
O7 NAG D . -37.38 -23.35 22.42
C1 NAG D . -36.31 -22.57 15.49
C2 NAG D . -35.96 -22.89 14.03
C3 NAG D . -36.55 -21.82 13.12
C4 NAG D . -38.04 -21.62 13.41
C5 NAG D . -38.25 -21.40 14.90
C6 NAG D . -39.69 -21.17 15.31
C7 NAG D . -33.82 -24.10 13.65
C8 NAG D . -34.63 -25.38 13.65
N2 NAG D . -34.53 -22.97 13.83
O3 NAG D . -36.30 -22.18 11.79
O4 NAG D . -38.45 -20.48 12.70
O5 NAG D . -37.70 -22.49 15.62
O6 NAG D . -40.40 -22.39 15.27
O7 NAG D . -32.62 -24.11 13.49
C1 BMA D . -39.14 -20.73 11.51
C2 BMA D . -40.03 -19.59 11.14
C3 BMA D . -40.81 -19.98 9.92
C4 BMA D . -39.86 -20.34 8.79
C5 BMA D . -38.96 -21.47 9.24
C6 BMA D . -37.90 -21.79 8.22
O2 BMA D . -39.25 -18.43 10.91
O3 BMA D . -41.63 -18.89 9.50
O4 BMA D . -40.58 -20.75 7.63
O5 BMA D . -38.27 -21.05 10.42
O6 BMA D . -37.05 -20.68 8.02
C1 MAN D . -36.07 -20.87 7.06
C2 MAN D . -35.11 -19.72 7.13
C3 MAN D . -35.77 -18.42 6.74
C4 MAN D . -36.40 -18.56 5.37
C5 MAN D . -37.34 -19.76 5.33
C6 MAN D . -37.84 -20.03 3.94
O2 MAN D . -34.00 -19.96 6.26
O3 MAN D . -34.75 -17.42 6.73
O4 MAN D . -37.16 -17.42 5.03
O5 MAN D . -36.65 -20.95 5.76
O6 MAN D . -38.81 -21.07 3.92
C1 MAN D . -35.13 -16.09 6.89
C2 MAN D . -33.96 -15.21 6.60
C3 MAN D . -32.88 -15.39 7.63
C4 MAN D . -33.45 -15.13 9.01
C5 MAN D . -34.66 -16.03 9.25
C6 MAN D . -35.35 -15.74 10.56
O2 MAN D . -34.33 -13.84 6.61
O3 MAN D . -31.84 -14.47 7.36
O4 MAN D . -32.47 -15.40 10.00
O5 MAN D . -35.64 -15.84 8.21
O6 MAN D . -36.47 -16.59 10.76
C1 MAN D . -35.03 -13.25 5.56
C2 MAN D . -34.89 -11.72 5.63
C3 MAN D . -35.85 -11.16 6.68
C4 MAN D . -37.28 -11.63 6.43
C5 MAN D . -37.32 -13.15 6.27
C6 MAN D . -38.68 -13.64 5.82
O2 MAN D . -35.20 -11.22 4.34
O3 MAN D . -35.74 -9.75 6.64
O4 MAN D . -38.04 -11.21 7.54
O5 MAN D . -36.37 -13.58 5.30
O6 MAN D . -39.00 -13.07 4.58
C1 MAN D . -38.45 -22.16 3.12
C2 MAN D . -39.71 -22.72 2.53
C3 MAN D . -40.61 -23.26 3.61
C4 MAN D . -39.85 -24.29 4.43
C5 MAN D . -38.57 -23.68 4.98
C6 MAN D . -37.72 -24.70 5.70
O2 MAN D . -39.40 -23.73 1.57
O3 MAN D . -41.76 -23.87 3.03
O4 MAN D . -40.66 -24.73 5.53
O5 MAN D . -37.78 -23.15 3.90
O6 MAN D . -36.52 -24.12 6.19
C1 MAN D . -42.74 -18.53 10.27
C2 MAN D . -43.69 -17.70 9.41
C3 MAN D . -43.04 -16.34 9.22
C4 MAN D . -42.83 -15.69 10.59
C5 MAN D . -42.07 -16.64 11.53
C6 MAN D . -42.07 -16.14 12.95
O2 MAN D . -44.88 -17.56 10.15
O3 MAN D . -43.85 -15.55 8.40
O4 MAN D . -42.13 -14.48 10.36
O5 MAN D . -42.66 -17.93 11.52
O6 MAN D . -43.39 -16.25 13.47
C1 NAG D . -45.89 -18.57 9.85
C2 NAG D . -46.22 -18.56 8.35
C3 NAG D . -47.30 -19.61 8.08
C4 NAG D . -46.89 -20.98 8.61
C5 NAG D . -46.46 -20.87 10.07
C6 NAG D . -45.93 -22.17 10.64
C7 NAG D . -46.16 -16.56 6.92
C8 NAG D . -46.84 -15.23 6.67
N2 NAG D . -46.69 -17.28 7.93
O3 NAG D . -47.56 -19.62 6.70
O4 NAG D . -48.00 -21.83 8.46
O5 NAG D . -45.45 -19.88 10.20
O6 NAG D . -44.66 -22.45 10.10
O7 NAG D . -45.19 -16.91 6.26
C1 NAG E . -2.30 -60.12 -21.55
C2 NAG E . -3.28 -59.57 -22.59
C3 NAG E . -4.57 -59.10 -21.92
C4 NAG E . -5.14 -60.16 -20.99
C5 NAG E . -4.04 -60.62 -20.03
C6 NAG E . -4.48 -61.68 -19.04
C7 NAG E . -2.43 -58.51 -24.66
C8 NAG E . -2.85 -59.75 -25.40
N2 NAG E . -2.67 -58.50 -23.34
O3 NAG E . -5.48 -58.75 -22.94
O4 NAG E . -6.24 -59.58 -20.32
O5 NAG E . -2.95 -61.11 -20.78
O6 NAG E . -5.04 -62.76 -19.74
O7 NAG E . -1.91 -57.57 -25.25
C1 NAG E . -7.43 -60.30 -20.66
C2 NAG E . -8.58 -59.77 -19.79
C3 NAG E . -9.89 -60.45 -20.16
C4 NAG E . -10.13 -60.34 -21.66
C5 NAG E . -8.91 -60.87 -22.42
C6 NAG E . -9.03 -60.81 -23.92
C7 NAG E . -7.86 -59.01 -17.55
C8 NAG E . -7.62 -59.45 -16.13
N2 NAG E . -8.29 -59.96 -18.39
O3 NAG E . -10.92 -59.83 -19.42
O4 NAG E . -11.28 -61.10 -21.95
O5 NAG E . -7.78 -60.13 -22.02
O6 NAG E . -9.36 -59.50 -24.32
O7 NAG E . -7.68 -57.85 -17.90
C1 NAG F . -0.76 -55.27 -35.93
C2 NAG F . -1.37 -54.39 -37.02
C3 NAG F . -2.89 -54.29 -36.83
C4 NAG F . -3.48 -55.68 -36.75
C5 NAG F . -2.81 -56.43 -35.60
C6 NAG F . -3.34 -57.83 -35.36
C7 NAG F . 0.14 -52.65 -37.90
C8 NAG F . 0.64 -51.25 -37.69
N2 NAG F . -0.76 -53.08 -37.00
O3 NAG F . -3.40 -53.55 -37.91
O4 NAG F . -4.87 -55.54 -36.56
O5 NAG F . -1.43 -56.51 -35.86
O6 NAG F . -2.47 -58.52 -34.50
O7 NAG F . 0.54 -53.34 -38.83
C1 NAG F . -5.56 -56.12 -37.70
C2 NAG F . -6.89 -56.69 -37.21
C3 NAG F . -7.66 -57.27 -38.40
C4 NAG F . -7.77 -56.25 -39.52
C5 NAG F . -6.38 -55.71 -39.86
C6 NAG F . -6.37 -54.65 -40.95
C7 NAG F . -7.07 -57.56 -34.92
C8 NAG F . -6.76 -58.73 -34.03
N2 NAG F . -6.69 -57.68 -36.20
O3 NAG F . -8.92 -57.68 -37.93
O4 NAG F . -8.37 -56.89 -40.63
O5 NAG F . -5.80 -55.17 -38.70
O6 NAG F . -7.28 -53.62 -40.62
O7 NAG F . -7.63 -56.56 -34.48
C1 NAG G . 11.87 -45.02 -38.06
C2 NAG G . 12.65 -44.39 -39.22
C3 NAG G . 11.80 -44.38 -40.50
C4 NAG G . 11.06 -45.69 -40.75
C5 NAG G . 10.47 -46.28 -39.47
C6 NAG G . 9.94 -47.69 -39.67
C7 NAG G . 14.23 -42.52 -39.25
C8 NAG G . 14.45 -41.10 -38.81
N2 NAG G . 13.06 -43.05 -38.89
O3 NAG G . 12.67 -44.06 -41.56
O4 NAG G . 10.03 -45.42 -41.67
O5 NAG G . 11.44 -46.30 -38.45
O6 NAG G . 11.01 -48.61 -39.67
O7 NAG G . 15.08 -43.13 -39.90
C1 NAG G . 10.38 -45.93 -42.97
C2 NAG G . 9.09 -46.25 -43.75
C3 NAG G . 9.40 -46.50 -45.23
C4 NAG G . 10.26 -45.37 -45.79
C5 NAG G . 11.54 -45.33 -44.95
C6 NAG G . 12.57 -44.34 -45.46
C7 NAG G . 7.35 -47.32 -42.36
C8 NAG G . 6.83 -48.67 -41.92
N2 NAG G . 8.41 -47.38 -43.18
O3 NAG G . 8.18 -46.64 -45.93
O4 NAG G . 10.50 -45.63 -47.16
O5 NAG G . 11.16 -44.97 -43.64
O6 NAG G . 12.03 -43.05 -45.47
O7 NAG G . 6.82 -46.28 -41.98
C1 NAG H . 23.62 -45.85 -38.90
C2 NAG H . 22.49 -45.94 -39.94
C3 NAG H . 23.04 -45.97 -41.37
C4 NAG H . 24.19 -45.00 -41.61
C5 NAG H . 25.17 -45.00 -40.44
C6 NAG H . 26.28 -43.97 -40.57
C7 NAG H . 20.35 -47.13 -39.48
C8 NAG H . 19.69 -45.77 -39.44
N2 NAG H . 21.68 -47.12 -39.71
O3 NAG H . 21.95 -45.72 -42.22
O4 NAG H . 24.85 -45.43 -42.77
O5 NAG H . 24.47 -44.78 -39.24
O6 NAG H . 25.74 -42.69 -40.40
O7 NAG H . 19.71 -48.15 -39.29
C1 NAG H . 24.54 -44.55 -43.86
C2 NAG H . 25.63 -44.72 -44.93
C3 NAG H . 25.26 -43.95 -46.19
C4 NAG H . 23.85 -44.32 -46.65
C5 NAG H . 22.89 -44.05 -45.48
C6 NAG H . 21.44 -44.29 -45.79
C7 NAG H . 27.90 -45.07 -43.97
C8 NAG H . 29.12 -44.33 -43.51
N2 NAG H . 26.91 -44.27 -44.43
O3 NAG H . 26.23 -44.20 -47.18
O4 NAG H . 23.53 -43.57 -47.78
O5 NAG H . 23.28 -44.88 -44.41
O6 NAG H . 21.24 -45.64 -46.15
O7 NAG H . 27.83 -46.29 -43.93
C1 NAG I . 30.12 -49.25 -18.77
C2 NAG I . 30.71 -50.56 -19.33
C3 NAG I . 32.05 -50.30 -19.98
C4 NAG I . 31.99 -49.14 -20.97
C5 NAG I . 31.34 -47.93 -20.29
C6 NAG I . 31.20 -46.72 -21.20
C7 NAG I . 30.19 -52.69 -18.19
C8 NAG I . 29.18 -52.92 -19.29
N2 NAG I . 30.87 -51.54 -18.28
O3 NAG I . 32.47 -51.49 -20.60
O4 NAG I . 33.32 -48.86 -21.35
O5 NAG I . 30.06 -48.29 -19.79
O6 NAG I . 30.22 -46.97 -22.18
O7 NAG I . 30.35 -53.51 -17.30
C1 NAG I . 33.49 -49.20 -22.74
C2 NAG I . 34.75 -48.47 -23.26
C3 NAG I . 34.98 -48.85 -24.72
C4 NAG I . 35.08 -50.37 -24.85
C5 NAG I . 33.79 -50.97 -24.27
C6 NAG I . 33.72 -52.48 -24.37
C7 NAG I . 35.13 -46.32 -22.11
C8 NAG I . 34.85 -44.84 -22.19
N2 NAG I . 34.61 -47.05 -23.12
O3 NAG I . 36.14 -48.20 -25.16
O4 NAG I . 35.18 -50.63 -26.23
O5 NAG I . 33.67 -50.58 -22.91
O6 NAG I . 32.41 -52.90 -24.04
O7 NAG I . 35.77 -46.79 -21.19
C1 BMA I . 36.47 -51.17 -26.54
C2 BMA I . 36.34 -51.82 -27.91
C3 BMA I . 37.72 -52.33 -28.37
C4 BMA I . 38.82 -51.27 -28.28
C5 BMA I . 38.79 -50.51 -26.95
C6 BMA I . 39.67 -49.27 -26.92
O2 BMA I . 35.78 -50.87 -28.77
O3 BMA I . 37.53 -52.85 -29.67
O4 BMA I . 40.04 -51.96 -28.43
O5 BMA I . 37.47 -50.16 -26.56
O6 BMA I . 38.87 -48.15 -27.20
C1 MAN I . 37.74 -54.28 -29.60
C2 MAN I . 37.94 -54.79 -31.03
C3 MAN I . 36.66 -54.60 -31.83
C4 MAN I . 35.50 -55.29 -31.14
C5 MAN I . 35.39 -54.78 -29.70
C6 MAN I . 34.36 -55.56 -28.89
O2 MAN I . 38.29 -56.16 -30.93
O3 MAN I . 36.89 -55.12 -33.12
O4 MAN I . 34.35 -55.01 -31.89
O5 MAN I . 36.63 -54.91 -29.02
O6 MAN I . 33.08 -55.21 -29.36
C1 MAN I . 39.70 -46.97 -27.27
C2 MAN I . 40.12 -46.60 -25.84
C3 MAN I . 38.89 -46.19 -25.04
C4 MAN I . 38.11 -45.09 -25.74
C5 MAN I . 37.80 -45.51 -27.19
C6 MAN I . 37.18 -44.39 -27.99
O2 MAN I . 41.05 -45.54 -25.95
O3 MAN I . 39.33 -45.78 -23.76
O4 MAN I . 36.92 -44.89 -25.00
O5 MAN I . 39.00 -45.91 -27.85
O6 MAN I . 37.99 -43.24 -27.89
C1 NAG J . -6.09 -19.56 -47.39
C2 NAG J . -7.02 -20.78 -47.35
C3 NAG J . -6.28 -22.06 -47.73
C4 NAG J . -5.51 -21.91 -49.05
C5 NAG J . -4.65 -20.64 -48.98
C6 NAG J . -3.93 -20.33 -50.26
C7 NAG J . -8.93 -20.89 -45.78
C8 NAG J . -9.28 -21.08 -44.33
N2 NAG J . -7.61 -20.93 -46.04
O3 NAG J . -7.22 -23.11 -47.80
O4 NAG J . -4.74 -23.08 -49.16
O5 NAG J . -5.45 -19.51 -48.65
O6 NAG J . -4.84 -19.92 -51.25
O7 NAG J . -9.79 -20.71 -46.64
C1 NAG J . -4.97 -23.73 -50.42
C2 NAG J . -3.78 -24.67 -50.70
C3 NAG J . -3.99 -25.38 -52.03
C4 NAG J . -5.34 -26.10 -52.06
C5 NAG J . -6.45 -25.09 -51.67
C6 NAG J . -7.84 -25.70 -51.63
C7 NAG J . -1.65 -23.94 -49.69
C8 NAG J . -0.41 -23.11 -49.94
N2 NAG J . -2.52 -23.96 -50.71
O3 NAG J . -2.90 -26.24 -52.22
O4 NAG J . -5.56 -26.58 -53.36
O5 NAG J . -6.15 -24.51 -50.42
O6 NAG J . -7.95 -26.59 -50.55
O7 NAG J . -1.82 -24.52 -48.63
C1 BMA J . -5.36 -28.00 -53.44
C2 BMA J . -6.04 -28.51 -54.71
C3 BMA J . -5.68 -29.99 -54.98
C4 BMA J . -4.17 -30.26 -54.89
C5 BMA J . -3.56 -29.63 -53.64
C6 BMA J . -2.03 -29.69 -53.59
O2 BMA J . -5.67 -27.67 -55.77
O3 BMA J . -6.25 -30.32 -56.23
O4 BMA J . -4.04 -31.67 -54.86
O5 BMA J . -3.98 -28.29 -53.47
O6 BMA J . -1.65 -31.01 -53.85
C1 NAG K . -23.22 -21.26 -36.70
C2 NAG K . -23.02 -20.47 -38.00
C3 NAG K . -24.03 -19.34 -38.12
C4 NAG K . -25.44 -19.85 -37.88
C5 NAG K . -25.48 -20.58 -36.54
C6 NAG K . -26.83 -21.11 -36.14
C7 NAG K . -20.68 -20.48 -38.83
C8 NAG K . -21.04 -21.68 -39.67
N2 NAG K . -21.67 -19.97 -38.08
O3 NAG K . -23.89 -18.75 -39.38
O4 NAG K . -26.31 -18.75 -37.91
O5 NAG K . -24.56 -21.66 -36.59
O6 NAG K . -27.32 -21.98 -37.14
O7 NAG K . -19.55 -20.01 -38.85
C1 NAG K . -27.18 -18.86 -39.06
C2 NAG K . -28.41 -17.97 -38.83
C3 NAG K . -29.32 -18.02 -40.05
C4 NAG K . -28.54 -17.70 -41.32
C5 NAG K . -27.31 -18.60 -41.41
C6 NAG K . -26.43 -18.34 -42.61
C7 NAG K . -29.21 -17.66 -36.52
C8 NAG K . -30.01 -18.29 -35.41
N2 NAG K . -29.12 -18.38 -37.65
O3 NAG K . -30.38 -17.12 -39.85
O4 NAG K . -29.40 -17.87 -42.41
O5 NAG K . -26.53 -18.44 -40.24
O6 NAG K . -25.32 -19.20 -42.59
O7 NAG K . -28.69 -16.56 -36.38
C1 NAG L . -34.72 -32.79 11.73
C2 NAG L . -35.37 -33.37 12.98
C3 NAG L . -36.55 -32.49 13.40
C4 NAG L . -36.06 -31.06 13.61
C5 NAG L . -35.35 -30.57 12.33
C6 NAG L . -34.77 -29.18 12.47
C7 NAG L . -35.28 -35.78 13.45
C8 NAG L . -34.19 -35.45 14.45
N2 NAG L . -35.79 -34.73 12.79
O3 NAG L . -37.10 -33.03 14.56
O4 NAG L . -37.14 -30.23 14.00
O5 NAG L . -34.32 -31.46 11.96
O6 NAG L . -34.33 -28.73 11.22
O7 NAG L . -35.65 -36.94 13.27
C1 NAG L . -38.33 -30.42 13.21
C2 NAG L . -39.54 -29.98 14.05
C3 NAG L . -40.82 -30.14 13.23
C4 NAG L . -40.69 -29.38 11.91
C5 NAG L . -39.42 -29.86 11.19
C6 NAG L . -39.17 -29.17 9.86
C7 NAG L . -39.32 -30.19 16.50
C8 NAG L . -39.53 -31.14 17.66
N2 NAG L . -39.65 -30.70 15.29
O3 NAG L . -41.89 -29.68 14.01
O4 NAG L . -41.87 -29.64 11.17
O5 NAG L . -38.31 -29.65 12.03
O6 NAG L . -38.98 -27.79 10.07
O7 NAG L . -38.91 -29.06 16.66
C1 NAG M . -23.73 -26.02 51.89
C2 NAG M . -24.17 -26.79 53.15
C3 NAG M . -23.08 -27.73 53.61
C4 NAG M . -22.64 -28.65 52.46
C5 NAG M . -22.26 -27.77 51.26
C6 NAG M . -21.81 -28.55 50.04
C7 NAG M . -25.76 -25.73 54.73
C8 NAG M . -26.82 -26.63 54.15
N2 NAG M . -24.53 -25.86 54.20
O3 NAG M . -23.57 -28.45 54.71
O4 NAG M . -21.54 -29.41 52.90
O5 NAG M . -23.36 -26.96 50.90
O6 NAG M . -22.87 -29.38 49.60
O7 NAG M . -26.02 -24.93 55.62
C1 NAG M . -21.99 -30.74 53.26
C2 NAG M . -21.03 -31.76 52.63
C3 NAG M . -21.36 -33.17 53.11
C4 NAG M . -21.45 -33.22 54.63
C5 NAG M . -22.46 -32.16 55.09
C6 NAG M . -22.66 -32.12 56.60
C7 NAG M . -20.04 -31.50 50.37
C8 NAG M . -18.71 -31.33 51.04
N2 NAG M . -21.10 -31.70 51.19
O3 NAG M . -20.36 -34.04 52.63
O4 NAG M . -21.87 -34.52 55.00
O5 NAG M . -22.00 -30.90 54.66
O6 NAG M . -23.56 -31.07 56.92
O7 NAG M . -20.16 -31.47 49.15
C1 NAG N . -1.26 -23.24 52.42
C2 NAG N . -1.08 -24.50 53.29
C3 NAG N . 0.25 -25.18 52.97
C4 NAG N . 0.41 -25.40 51.47
C5 NAG N . 0.14 -24.08 50.72
C6 NAG N . 0.22 -24.21 49.21
C7 NAG N . -2.00 -24.73 55.57
C8 NAG N . -1.89 -24.21 56.99
N2 NAG N . -1.16 -24.16 54.69
O3 NAG N . 0.30 -26.38 53.69
O4 NAG N . 1.73 -25.83 51.27
O5 NAG N . -1.15 -23.62 51.06
O6 NAG N . -0.18 -23.00 48.63
O7 NAG N . -2.79 -25.61 55.27
C1 NAG N . 1.71 -27.18 50.75
C2 NAG N . 3.01 -27.40 49.96
C3 NAG N . 3.11 -28.85 49.50
C4 NAG N . 2.88 -29.81 50.65
C5 NAG N . 1.55 -29.47 51.33
C6 NAG N . 1.20 -30.36 52.50
C7 NAG N . 3.88 -25.41 48.76
C8 NAG N . 4.76 -25.15 49.97
N2 NAG N . 3.09 -26.50 48.84
O3 NAG N . 4.38 -29.03 48.91
O4 NAG N . 2.86 -31.12 50.12
O5 NAG N . 1.61 -28.13 51.79
O6 NAG N . 2.24 -30.34 53.44
O7 NAG N . 3.91 -24.68 47.79
C1 NAG O . -36.80 -19.60 63.50
C2 NAG O . -36.24 -19.45 64.92
C3 NAG O . -35.19 -20.54 65.17
C4 NAG O . -35.74 -21.92 64.82
C5 NAG O . -36.33 -21.91 63.41
C6 NAG O . -36.94 -23.22 62.96
C7 NAG O . -36.13 -17.19 65.91
C8 NAG O . -37.36 -17.55 66.69
N2 NAG O . -35.65 -18.15 65.09
O3 NAG O . -34.79 -20.46 66.52
O4 NAG O . -34.67 -22.83 64.94
O5 NAG O . -37.32 -20.90 63.34
O6 NAG O . -37.64 -23.03 61.76
O7 NAG O . -35.60 -16.09 66.03
C1 NAG O . -35.00 -23.83 65.93
C2 NAG O . -33.98 -24.97 65.84
C3 NAG O . -34.28 -26.02 66.90
C4 NAG O . -34.37 -25.36 68.29
C5 NAG O . -35.37 -24.19 68.24
C6 NAG O . -35.50 -23.45 69.54
C7 NAG O . -33.00 -25.48 63.64
C8 NAG O . -33.26 -26.18 62.32
N2 NAG O . -34.01 -25.56 64.52
O3 NAG O . -33.27 -26.99 66.85
O4 NAG O . -34.79 -26.36 69.19
O5 NAG O . -34.94 -23.28 67.24
O6 NAG O . -34.25 -22.94 69.94
O7 NAG O . -31.95 -24.90 63.85
C1 NAG P . -53.29 -0.33 57.46
C2 NAG P . -53.55 -0.89 56.06
C3 NAG P . -53.77 0.25 55.06
C4 NAG P . -54.82 1.23 55.57
C5 NAG P . -54.50 1.65 57.01
C6 NAG P . -55.55 2.57 57.61
C7 NAG P . -52.57 -2.98 55.19
C8 NAG P . -53.97 -3.54 55.15
N2 NAG P . -52.45 -1.72 55.64
O3 NAG P . -54.15 -0.34 53.84
O4 NAG P . -54.81 2.36 54.71
O5 NAG P . -54.38 0.51 57.82
O6 NAG P . -55.08 3.89 57.65
O7 NAG P . -51.61 -3.66 54.84
C1 NAG P . -55.94 2.28 53.83
C2 NAG P . -56.41 3.71 53.51
C3 NAG P . -57.45 3.71 52.40
C4 NAG P . -56.96 2.90 51.21
C5 NAG P . -56.60 1.49 51.69
C6 NAG P . -56.12 0.57 50.59
C7 NAG P . -56.52 5.50 55.22
C8 NAG P . -57.25 5.96 56.45
N2 NAG P . -56.96 4.35 54.69
O3 NAG P . -57.71 5.04 52.05
O4 NAG P . -57.99 2.88 50.26
O5 NAG P . -55.57 1.62 52.64
O6 NAG P . -55.54 -0.58 51.16
O7 NAG P . -55.59 6.15 54.75
C1 NAG Q . 15.40 -57.98 5.12
C2 NAG Q . 15.10 -56.50 5.33
C3 NAG Q . 16.37 -55.68 5.33
C4 NAG Q . 17.35 -56.24 6.35
C5 NAG Q . 17.61 -57.71 6.02
C6 NAG Q . 18.54 -58.38 7.00
C7 NAG Q . 12.92 -55.79 4.41
C8 NAG Q . 12.25 -55.27 3.17
N2 NAG Q . 14.24 -56.00 4.29
O3 NAG Q . 16.03 -54.34 5.59
O4 NAG Q . 18.51 -55.45 6.23
O5 NAG Q . 16.39 -58.42 6.04
O6 NAG Q . 18.22 -57.89 8.28
O7 NAG Q . 12.30 -56.01 5.44
C1 NAG Q . 18.74 -54.78 7.48
C2 NAG Q . 20.12 -54.11 7.42
C3 NAG Q . 20.39 -53.49 8.78
C4 NAG Q . 19.29 -52.47 9.06
C5 NAG Q . 17.96 -53.20 9.03
C6 NAG Q . 16.75 -52.36 9.38
C7 NAG Q . 21.76 -55.15 5.89
C8 NAG Q . 22.80 -56.25 5.79
N2 NAG Q . 21.14 -55.07 7.07
O3 NAG Q . 21.68 -52.95 8.74
O4 NAG Q . 19.54 -51.88 10.32
O5 NAG Q . 17.78 -53.78 7.75
O6 NAG Q . 17.10 -51.36 10.32
O7 NAG Q . 21.53 -54.41 4.94
C1 BMA Q . 20.23 -50.62 10.15
C2 BMA Q . 19.87 -49.72 11.32
C3 BMA Q . 20.72 -48.43 11.28
C4 BMA Q . 22.22 -48.70 11.12
C5 BMA Q . 22.52 -49.76 10.06
C6 BMA Q . 23.95 -50.29 10.09
O2 BMA Q . 20.03 -50.44 12.51
O3 BMA Q . 20.39 -47.72 12.44
O4 BMA Q . 22.80 -47.47 10.77
O5 BMA Q . 21.63 -50.86 10.12
O6 BMA Q . 24.82 -49.19 9.99
C1 FUC Q . 18.14 -58.98 9.23
C2 FUC Q . 18.03 -58.36 10.61
C3 FUC Q . 16.72 -57.60 10.73
C4 FUC Q . 15.55 -58.56 10.50
C5 FUC Q . 15.72 -59.25 9.14
C6 FUC Q . 14.74 -60.38 8.94
O2 FUC Q . 19.14 -57.53 10.80
O3 FUC Q . 16.68 -56.98 11.99
O4 FUC Q . 15.54 -59.48 11.55
O5 FUC Q . 17.02 -59.80 8.98
C1 NAG R . -22.70 35.94 18.44
C2 NAG R . -22.29 37.25 19.10
C3 NAG R . -21.42 38.05 18.13
C4 NAG R . -20.25 37.23 17.59
C5 NAG R . -20.76 35.86 17.11
C6 NAG R . -19.67 34.90 16.70
C7 NAG R . -23.83 38.28 20.75
C8 NAG R . -25.07 39.13 20.88
N2 NAG R . -23.44 38.03 19.48
O3 NAG R . -20.99 39.22 18.80
O4 NAG R . -19.69 37.98 16.53
O5 NAG R . -21.53 35.23 18.11
O6 NAG R . -19.09 34.34 17.85
O7 NAG R . -23.24 37.85 21.73
C1 NAG R . -18.27 38.13 16.73
C2 NAG R . -17.59 38.32 15.37
C3 NAG R . -16.08 38.51 15.58
C4 NAG R . -15.81 39.61 16.60
C5 NAG R . -16.61 39.35 17.86
C6 NAG R . -16.40 40.37 18.97
C7 NAG R . -18.65 37.18 13.44
C8 NAG R . -19.39 38.47 13.17
N2 NAG R . -17.82 37.19 14.50
O3 NAG R . -15.50 38.77 14.33
O4 NAG R . -14.44 39.56 16.88
O5 NAG R . -17.98 39.25 17.54
O6 NAG R . -17.07 41.56 18.66
O7 NAG R . -18.84 36.20 12.74
C1 BMA R . -13.66 40.53 16.26
C2 BMA R . -12.41 40.83 17.01
C3 BMA R . -11.68 41.95 16.33
C4 BMA R . -11.38 41.57 14.89
C5 BMA R . -12.69 41.25 14.18
C6 BMA R . -12.47 40.74 12.78
O2 BMA R . -11.60 39.65 17.08
O3 BMA R . -10.46 42.22 17.00
O4 BMA R . -10.74 42.64 14.21
O5 BMA R . -13.35 40.20 14.90
O6 BMA R . -11.74 39.52 12.82
C1 MAN R . -11.44 39.01 11.56
C2 MAN R . -10.89 37.63 11.75
C3 MAN R . -9.57 37.64 12.46
C4 MAN R . -8.61 38.56 11.72
C5 MAN R . -9.22 39.93 11.53
C6 MAN R . -8.35 40.82 10.66
O2 MAN R . -10.73 37.01 10.47
O3 MAN R . -9.09 36.30 12.48
O4 MAN R . -7.39 38.73 12.46
O5 MAN R . -10.49 39.84 10.89
O6 MAN R . -8.86 42.14 10.58
C1 MAN R . -8.17 35.96 13.47
C2 MAN R . -7.62 34.60 13.15
C3 MAN R . -8.67 33.54 13.27
C4 MAN R . -9.29 33.59 14.65
C5 MAN R . -9.82 34.98 14.94
C6 MAN R . -10.34 35.13 16.34
O2 MAN R . -6.57 34.26 14.06
O3 MAN R . -8.07 32.27 13.05
O4 MAN R . -10.37 32.66 14.74
O5 MAN R . -8.76 35.95 14.78
O6 MAN R . -10.83 36.45 16.59
C1 MAN R . -5.29 34.80 13.97
C2 MAN R . -4.29 33.94 14.74
C3 MAN R . -4.39 34.22 16.23
C4 MAN R . -4.24 35.72 16.50
C5 MAN R . -5.20 36.53 15.62
C6 MAN R . -4.94 38.01 15.71
O2 MAN R . -3.00 34.23 14.24
O3 MAN R . -3.40 33.47 16.88
O4 MAN R . -4.51 35.91 17.87
O5 MAN R . -5.04 36.15 14.25
O6 MAN R . -3.62 38.28 15.28
C1 MAN R . -9.17 42.54 9.26
C2 MAN R . -8.89 44.01 9.17
C3 MAN R . -9.80 44.79 10.08
C4 MAN R . -11.24 44.46 9.76
C5 MAN R . -11.48 42.95 9.84
C6 MAN R . -12.86 42.56 9.41
O2 MAN R . -9.03 44.45 7.81
O3 MAN R . -9.58 46.18 9.92
O4 MAN R . -12.11 45.10 10.69
O5 MAN R . -10.55 42.27 8.98
O6 MAN R . -13.05 41.15 9.48
C1 MAN R . -10.47 42.82 18.26
C2 MAN R . -9.09 43.41 18.54
C3 MAN R . -8.15 42.23 18.80
C4 MAN R . -8.66 41.45 20.01
C5 MAN R . -10.13 41.04 19.81
C6 MAN R . -10.74 40.49 21.07
O2 MAN R . -9.23 44.18 19.71
O3 MAN R . -6.86 42.74 19.03
O4 MAN R . -7.82 40.32 20.14
O5 MAN R . -10.90 42.17 19.42
O6 MAN R . -10.87 41.53 22.02
C1 NAG R . -9.52 45.58 19.47
C2 NAG R . -8.43 46.21 18.58
C3 NAG R . -8.74 47.68 18.37
C4 NAG R . -10.15 47.87 17.83
C5 NAG R . -11.16 47.12 18.71
C6 NAG R . -12.58 47.18 18.18
C7 NAG R . -6.07 45.50 18.58
C8 NAG R . -4.81 45.50 19.42
N2 NAG R . -7.13 46.08 19.17
O3 NAG R . -7.77 48.21 17.51
O4 NAG R . -10.40 49.26 17.81
O5 NAG R . -10.77 45.77 18.83
O6 NAG R . -12.69 46.36 17.04
O7 NAG R . -6.09 45.00 17.46
C1 NAG S . -27.41 35.79 -45.31
C2 NAG S . -26.09 36.59 -45.29
C3 NAG S . -25.92 37.30 -43.94
C4 NAG S . -27.17 38.08 -43.57
C5 NAG S . -28.39 37.15 -43.66
C6 NAG S . -29.70 37.81 -43.30
C7 NAG S . -24.14 35.82 -46.60
C8 NAG S . -24.43 36.94 -47.57
N2 NAG S . -24.98 35.72 -45.55
O3 NAG S . -24.79 38.12 -44.04
O4 NAG S . -26.98 38.58 -42.26
O5 NAG S . -28.48 36.64 -44.97
O6 NAG S . -29.88 38.97 -44.08
O7 NAG S . -23.20 35.06 -46.78
C1 NAG S . -26.98 40.02 -42.30
C2 NAG S . -26.93 40.53 -40.85
C3 NAG S . -26.87 42.05 -40.83
C4 NAG S . -25.74 42.55 -41.72
C5 NAG S . -25.89 41.93 -43.12
C6 NAG S . -24.79 42.35 -44.09
C7 NAG S . -28.07 39.05 -39.23
C8 NAG S . -29.39 38.74 -38.57
N2 NAG S . -28.09 40.06 -40.11
O3 NAG S . -26.71 42.46 -39.50
O4 NAG S . -25.82 43.96 -41.76
O5 NAG S . -25.87 40.52 -43.00
O6 NAG S . -23.53 42.09 -43.52
O7 NAG S . -27.06 38.42 -38.96
C1 NAG T . -14.65 35.38 -53.67
C2 NAG T . -13.16 35.71 -53.68
C3 NAG T . -12.87 36.90 -52.77
C4 NAG T . -13.78 38.08 -53.14
C5 NAG T . -15.23 37.60 -53.05
C6 NAG T . -16.26 38.67 -53.34
C7 NAG T . -11.68 33.80 -54.13
C8 NAG T . -10.93 32.65 -53.49
N2 NAG T . -12.38 34.57 -53.28
O3 NAG T . -11.52 37.23 -52.89
O4 NAG T . -13.50 39.13 -52.27
O5 NAG T . -15.42 36.53 -53.94
O6 NAG T . -17.52 38.08 -53.52
O7 NAG T . -11.62 34.00 -55.33
C1 NAG T . -12.99 40.25 -53.04
C2 NAG T . -13.41 41.55 -52.34
C3 NAG T . -12.85 42.74 -53.11
C4 NAG T . -11.35 42.60 -53.31
C5 NAG T . -11.06 41.24 -53.95
C6 NAG T . -9.58 40.97 -54.17
C7 NAG T . -15.53 41.60 -51.09
C8 NAG T . -17.03 41.70 -51.23
N2 NAG T . -14.84 41.63 -52.25
O3 NAG T . -13.18 43.91 -52.38
O4 NAG T . -10.93 43.66 -54.14
O5 NAG T . -11.59 40.22 -53.13
O6 NAG T . -8.88 41.17 -52.96
O7 NAG T . -15.00 41.50 -49.99
C1 NAG U . -8.79 20.23 -55.94
C2 NAG U . -7.74 19.53 -56.82
C3 NAG U . -6.68 20.52 -57.30
C4 NAG U . -7.27 21.84 -57.80
C5 NAG U . -8.42 22.34 -56.92
C6 NAG U . -9.16 23.50 -57.53
C7 NAG U . -6.75 17.28 -56.63
C8 NAG U . -6.09 16.31 -55.68
N2 NAG U . -7.11 18.46 -56.08
O3 NAG U . -5.94 19.86 -58.29
O4 NAG U . -6.24 22.79 -57.81
O5 NAG U . -9.34 21.30 -56.67
O6 NAG U . -10.05 23.04 -58.52
O7 NAG U . -6.94 17.01 -57.81
C1 NAG U . -5.80 23.03 -59.16
C2 NAG U . -5.21 24.45 -59.25
C3 NAG U . -4.46 24.65 -60.57
C4 NAG U . -3.48 23.50 -60.79
C5 NAG U . -4.29 22.21 -60.80
C6 NAG U . -3.49 20.98 -61.15
C7 NAG U . -6.52 26.13 -57.98
C8 NAG U . -7.65 27.12 -58.12
N2 NAG U . -6.23 25.45 -59.10
O3 NAG U . -3.82 25.89 -60.55
O4 NAG U . -2.80 23.73 -62.01
O5 NAG U . -4.84 22.06 -59.50
O6 NAG U . -2.45 20.82 -60.22
O7 NAG U . -5.92 25.99 -56.92
C1 NAG V . -11.43 10.87 -62.65
C2 NAG V . -10.54 12.10 -62.88
C3 NAG V . -9.72 11.97 -64.16
C4 NAG V . -9.13 10.58 -64.39
C5 NAG V . -10.14 9.49 -64.04
C6 NAG V . -9.57 8.09 -64.13
C7 NAG V . -11.22 14.38 -62.14
C8 NAG V . -10.14 14.29 -61.09
N2 NAG V . -11.35 13.30 -62.94
O3 NAG V . -8.73 12.96 -64.11
O4 NAG V . -8.81 10.50 -65.76
O5 NAG V . -10.63 9.70 -62.74
O6 NAG V . -8.65 7.89 -63.09
O7 NAG V . -11.92 15.37 -62.23
C1 NAG V . -7.38 10.58 -65.92
C2 NAG V . -7.03 9.98 -67.28
C3 NAG V . -5.54 10.20 -67.59
C4 NAG V . -5.20 11.68 -67.43
C5 NAG V . -5.57 12.09 -65.99
C6 NAG V . -5.21 13.52 -65.64
C7 NAG V . -8.42 8.01 -67.88
C8 NAG V . -8.48 6.51 -67.76
N2 NAG V . -7.33 8.57 -67.31
O3 NAG V . -5.28 9.73 -68.89
O4 NAG V . -3.83 11.84 -67.68
O5 NAG V . -6.96 11.93 -65.86
O6 NAG V . -5.87 14.41 -66.50
O7 NAG V . -9.29 8.65 -68.45
C1 NAG W . -28.82 2.47 -53.37
C2 NAG W . -29.50 2.72 -54.73
C3 NAG W . -29.17 1.60 -55.71
C4 NAG W . -27.67 1.33 -55.77
C5 NAG W . -27.13 1.14 -54.35
C6 NAG W . -25.64 0.88 -54.29
C7 NAG W . -31.66 3.94 -54.78
C8 NAG W . -30.86 5.15 -55.20
N2 NAG W . -30.93 2.82 -54.58
O3 NAG W . -29.69 1.96 -56.96
O4 NAG W . -27.52 0.16 -56.53
O5 NAG W . -27.44 2.28 -53.56
O6 NAG W . -24.93 2.05 -54.64
O7 NAG W . -32.86 3.99 -54.66
C1 NAG W . -26.86 0.48 -57.77
C2 NAG W . -26.28 -0.81 -58.36
C3 NAG W . -25.62 -0.50 -59.70
C4 NAG W . -26.62 0.18 -60.63
C5 NAG W . -27.15 1.43 -59.91
C6 NAG W . -28.13 2.24 -60.73
C7 NAG W . -25.62 -2.43 -56.62
C8 NAG W . -24.46 -2.90 -55.77
N2 NAG W . -25.34 -1.42 -57.46
O3 NAG W . -25.12 -1.70 -60.24
O4 NAG W . -25.90 0.53 -61.79
O5 NAG W . -27.76 1.04 -58.70
O6 NAG W . -28.36 3.47 -60.08
O7 NAG W . -26.71 -2.95 -56.52
C1 BMA W . -26.36 -0.25 -62.91
C2 BMA W . -25.87 0.49 -64.15
C3 BMA W . -26.22 -0.32 -65.41
C4 BMA W . -25.78 -1.79 -65.32
C5 BMA W . -26.13 -2.42 -63.98
C6 BMA W . -25.47 -3.78 -63.74
O2 BMA W . -24.49 0.70 -63.99
O3 BMA W . -25.68 0.38 -66.50
O4 BMA W . -26.44 -2.46 -66.38
O5 BMA W . -25.85 -1.56 -62.89
O6 BMA W . -24.32 -3.57 -62.97
C1 MAN W . -26.78 0.88 -67.30
C2 MAN W . -26.22 1.28 -68.67
C3 MAN W . -25.26 2.46 -68.52
C4 MAN W . -25.96 3.61 -67.82
C5 MAN W . -26.55 3.13 -66.49
C6 MAN W . -27.40 4.19 -65.83
O2 MAN W . -27.33 1.62 -69.48
O3 MAN W . -24.82 2.79 -69.81
O4 MAN W . -24.99 4.63 -67.65
O5 MAN W . -27.37 2.00 -66.68
O6 MAN W . -26.57 5.22 -65.36
C1 MAN W . -23.63 -4.83 -62.80
C2 MAN W . -24.41 -5.68 -61.80
C3 MAN W . -24.40 -5.02 -60.44
C4 MAN W . -22.97 -4.72 -59.98
C5 MAN W . -22.23 -3.94 -61.07
C6 MAN W . -20.76 -3.78 -60.75
O2 MAN W . -23.80 -6.96 -61.78
O3 MAN W . -25.07 -5.88 -59.54
O4 MAN W . -23.07 -4.00 -58.78
O5 MAN W . -22.32 -4.62 -62.32
O6 MAN W . -20.20 -5.04 -60.48
C1 NAG X . 19.44 25.27 -40.61
C2 NAG X . 18.77 26.63 -40.77
C3 NAG X . 17.95 26.71 -42.06
C4 NAG X . 18.77 26.28 -43.28
C5 NAG X . 19.44 24.93 -42.98
C6 NAG X . 20.35 24.45 -44.08
C7 NAG X . 18.05 27.94 -38.79
C8 NAG X . 17.03 28.01 -37.70
N2 NAG X . 17.91 26.91 -39.64
O3 NAG X . 17.46 28.02 -42.20
O4 NAG X . 17.85 26.21 -44.34
O5 NAG X . 20.18 24.98 -41.79
O6 NAG X . 21.52 25.25 -44.12
O7 NAG X . 18.95 28.77 -38.89
C1 NAG X . 18.29 27.00 -45.46
C2 NAG X . 17.56 26.51 -46.71
C3 NAG X . 18.00 27.34 -47.92
C4 NAG X . 17.81 28.84 -47.66
C5 NAG X . 18.50 29.19 -46.33
C6 NAG X . 18.36 30.65 -45.94
C7 NAG X . 16.91 24.13 -46.65
C8 NAG X . 17.38 22.74 -47.01
N2 NAG X . 17.78 25.11 -46.96
O3 NAG X . 17.27 26.88 -49.02
O4 NAG X . 18.39 29.54 -48.72
O5 NAG X . 18.01 28.38 -45.29
O6 NAG X . 17.03 30.94 -45.59
O7 NAG X . 15.83 24.32 -46.13
C1 BMA X . 17.39 30.08 -49.62
C2 BMA X . 18.05 31.18 -50.44
C3 BMA X . 17.10 31.65 -51.58
C4 BMA X . 16.50 30.48 -52.39
C5 BMA X . 15.98 29.39 -51.47
C6 BMA X . 15.58 28.11 -52.20
O2 BMA X . 19.27 30.70 -50.93
O3 BMA X . 17.83 32.57 -52.35
O4 BMA X . 15.47 31.05 -53.16
O5 BMA X . 16.90 29.05 -50.45
O6 BMA X . 14.72 28.49 -53.26
C1 NAG Y . 14.87 38.18 -25.68
C2 NAG Y . 16.25 37.92 -26.29
C3 NAG Y . 17.35 38.25 -25.29
C4 NAG Y . 17.15 39.65 -24.71
C5 NAG Y . 15.73 39.73 -24.13
C6 NAG Y . 15.40 41.05 -23.47
C7 NAG Y . 16.28 36.13 -28.01
C8 NAG Y . 16.08 37.21 -29.05
N2 NAG Y . 16.36 36.55 -26.73
O3 NAG Y . 18.59 38.13 -25.94
O4 NAG Y . 18.14 39.86 -23.74
O5 NAG Y . 14.81 39.48 -25.17
O6 NAG Y . 15.56 42.10 -24.39
O7 NAG Y . 16.37 34.96 -28.33
C1 NAG Y . 19.03 40.90 -24.19
C2 NAG Y . 19.77 41.46 -22.97
C3 NAG Y . 20.77 42.54 -23.42
C4 NAG Y . 21.67 41.99 -24.51
C5 NAG Y . 20.82 41.42 -25.64
C6 NAG Y . 21.62 40.82 -26.78
C7 NAG Y . 18.62 41.47 -20.79
C8 NAG Y . 17.61 42.21 -19.95
N2 NAG Y . 18.85 42.00 -22.01
O3 NAG Y . 21.50 42.95 -22.29
O4 NAG Y . 22.47 43.07 -24.97
O5 NAG Y . 19.97 40.41 -25.11
O6 NAG Y . 20.75 40.29 -27.75
O7 NAG Y . 19.18 40.47 -20.38
C1 NAG Z . -23.29 42.56 8.01
C2 NAG Z . -24.40 43.11 8.90
C3 NAG Z . -23.80 43.59 10.23
C4 NAG Z . -23.04 42.44 10.87
C5 NAG Z . -21.99 41.89 9.90
C6 NAG Z . -21.24 40.69 10.43
C7 NAG Z . -26.45 44.09 7.93
C8 NAG Z . -27.13 42.78 8.28
N2 NAG Z . -25.14 44.16 8.26
O3 NAG Z . -24.85 44.06 11.03
O4 NAG Z . -22.48 42.87 12.11
O5 NAG Z . -22.60 41.52 8.67
O6 NAG Z . -20.18 40.38 9.57
O7 NAG Z . -27.04 45.00 7.39
C1 NAG Z . -21.82 44.15 12.02
C2 NAG Z . -21.80 44.77 13.43
C3 NAG Z . -21.09 46.11 13.39
C4 NAG Z . -19.69 45.94 12.79
C5 NAG Z . -19.81 45.25 11.42
C6 NAG Z . -18.49 45.01 10.72
C7 NAG Z . -23.65 44.13 14.94
C8 NAG Z . -25.05 44.49 15.37
N2 NAG Z . -23.12 44.92 13.98
O3 NAG Z . -21.04 46.62 14.70
O4 NAG Z . -19.11 47.22 12.70
O5 NAG Z . -20.49 44.02 11.58
O6 NAG Z . -17.70 44.13 11.49
O7 NAG Z . -23.05 43.20 15.44
C1 NAG AA . -48.00 20.94 34.51
C2 NAG AA . -49.27 21.41 35.22
C3 NAG AA . -50.51 20.84 34.51
C4 NAG AA . -50.47 21.16 33.02
C5 NAG AA . -49.12 20.69 32.45
C6 NAG AA . -48.96 20.96 30.97
C7 NAG AA . -49.25 21.88 37.65
C8 NAG AA . -49.26 23.35 37.28
N2 NAG AA . -49.26 21.03 36.61
O3 NAG AA . -51.64 21.36 35.16
O4 NAG AA . -51.55 20.50 32.40
O5 NAG AA . -48.07 21.30 33.15
O6 NAG AA . -49.01 22.34 30.74
O7 NAG AA . -49.23 21.52 38.81
C1 NAG AA . -52.63 21.44 32.18
C2 NAG AA . -53.14 21.26 30.74
C3 NAG AA . -54.39 22.10 30.51
C4 NAG AA . -55.42 21.87 31.60
C5 NAG AA . -54.76 22.10 32.97
C6 NAG AA . -55.69 21.92 34.15
C7 NAG AA . -51.66 20.81 28.81
C8 NAG AA . -52.28 19.44 28.73
N2 NAG AA . -52.12 21.62 29.80
O3 NAG AA . -54.90 21.78 29.23
O4 NAG AA . -56.49 22.76 31.39
O5 NAG AA . -53.67 21.20 33.09
O6 NAG AA . -54.98 22.10 35.35
O7 NAG AA . -50.78 21.16 28.03
C1 NAG BA . -51.39 0.46 25.46
C2 NAG BA . -52.90 0.72 25.35
C3 NAG BA . -53.46 -0.01 24.12
C4 NAG BA . -52.64 0.30 22.88
C5 NAG BA . -51.15 0.07 23.16
C6 NAG BA . -50.24 0.40 22.00
C7 NAG BA . -54.39 1.10 27.27
C8 NAG BA . -55.01 0.44 28.49
N2 NAG BA . -53.58 0.31 26.54
O3 NAG BA . -54.80 0.38 23.98
O4 NAG BA . -53.11 -0.56 21.86
O5 NAG BA . -50.76 0.86 24.27
O6 NAG BA . -48.90 0.29 22.41
O7 NAG BA . -54.63 2.26 26.99
C1 NAG BA . -53.70 0.23 20.81
C2 NAG BA . -53.62 -0.59 19.51
C3 NAG BA . -54.36 0.13 18.38
C4 NAG BA . -55.76 0.53 18.81
C5 NAG BA . -55.67 1.33 20.11
C6 NAG BA . -57.02 1.79 20.64
C7 NAG BA . -51.60 -2.02 19.28
C8 NAG BA . -52.42 -3.15 19.84
N2 NAG BA . -52.25 -0.84 19.15
O3 NAG BA . -54.36 -0.73 17.26
O4 NAG BA . -56.31 1.29 17.77
O5 NAG BA . -55.05 0.52 21.10
O6 NAG BA . -57.86 0.69 20.81
O7 NAG BA . -50.44 -2.18 18.96
C1 NAG CA . -48.37 26.31 52.34
C2 NAG CA . -49.34 25.43 53.15
C3 NAG CA . -50.51 25.02 52.26
C4 NAG CA . -51.13 26.22 51.56
C5 NAG CA . -50.03 27.03 50.86
C6 NAG CA . -50.52 28.29 50.16
C7 NAG CA . -48.43 24.03 54.97
C8 NAG CA . -48.93 25.08 55.93
N2 NAG CA . -48.66 24.27 53.67
O3 NAG CA . -51.44 24.33 53.06
O4 NAG CA . -52.09 25.72 50.66
O5 NAG CA . -49.06 27.40 51.80
O6 NAG CA . -49.43 29.05 49.74
O7 NAG CA . -47.85 23.03 55.37
C1 NAG CA . -53.38 26.26 50.99
C2 NAG CA . -54.35 25.97 49.84
C3 NAG CA . -55.74 26.49 50.19
C4 NAG CA . -56.19 25.95 51.55
C5 NAG CA . -55.11 26.23 52.60
C6 NAG CA . -55.44 25.70 53.97
C7 NAG CA . -53.45 25.89 47.55
C8 NAG CA . -53.00 26.74 46.38
N2 NAG CA . -53.88 26.58 48.62
O3 NAG CA . -56.62 26.12 49.16
O4 NAG CA . -57.41 26.58 51.87
O5 NAG CA . -53.89 25.67 52.16
O6 NAG CA . -55.61 24.30 53.91
O7 NAG CA . -53.41 24.67 47.49
C1 NAG DA . -27.03 32.34 66.08
C2 NAG DA . -26.42 33.14 64.92
C3 NAG DA . -24.90 33.01 64.91
C4 NAG DA . -24.31 33.30 66.29
C5 NAG DA . -25.06 32.50 67.37
C6 NAG DA . -24.59 32.81 68.78
C7 NAG DA . -27.53 33.51 62.75
C8 NAG DA . -27.59 34.98 63.10
N2 NAG DA . -26.97 32.70 63.66
O3 NAG DA . -24.41 33.89 63.93
O4 NAG DA . -22.95 32.94 66.26
O5 NAG DA . -26.45 32.77 67.29
O6 NAG DA . -23.78 31.77 69.26
O7 NAG DA . -27.99 33.11 61.69
C1 NAG DA . -22.16 34.14 66.15
C2 NAG DA . -20.83 33.92 66.90
C3 NAG DA . -19.86 35.05 66.61
C4 NAG DA . -19.73 35.29 65.12
C5 NAG DA . -21.13 35.55 64.55
C6 NAG DA . -21.14 35.84 63.06
C7 NAG DA . -20.69 32.76 69.08
C8 NAG DA . -21.03 32.89 70.54
N2 NAG DA . -21.06 33.81 68.32
O3 NAG DA . -18.62 34.71 67.19
O4 NAG DA . -18.87 36.40 64.94
O5 NAG DA . -21.92 34.41 64.79
O6 NAG DA . -22.47 35.77 62.59
O7 NAG DA . -20.13 31.77 68.64
C1 NAG EA . -47.78 13.75 -33.96
C2 NAG EA . -46.80 13.26 -32.89
C3 NAG EA . -46.51 11.77 -33.08
C4 NAG EA . -47.81 10.99 -33.13
C5 NAG EA . -48.68 11.55 -34.26
C6 NAG EA . -50.03 10.87 -34.36
C7 NAG EA . -45.20 14.97 -32.12
C8 NAG EA . -43.85 15.56 -32.40
N2 NAG EA . -45.56 13.97 -32.96
O3 NAG EA . -45.67 11.36 -32.04
O4 NAG EA . -47.43 9.65 -33.37
O5 NAG EA . -48.92 12.92 -34.01
O6 NAG EA . -50.47 10.61 -33.05
O7 NAG EA . -45.91 15.36 -31.20
C1 NAG EA . -47.86 8.85 -32.25
C2 NAG EA . -47.64 7.38 -32.61
C3 NAG EA . -48.18 6.54 -31.46
C4 NAG EA . -47.40 6.92 -30.20
C5 NAG EA . -47.61 8.42 -29.96
C6 NAG EA . -46.97 8.95 -28.69
C7 NAG EA . -47.71 6.83 -35.02
C8 NAG EA . -48.65 6.50 -36.16
N2 NAG EA . -48.32 7.05 -33.85
O3 NAG EA . -48.06 5.19 -31.83
O4 NAG EA . -47.89 6.14 -29.12
O5 NAG EA . -47.11 9.12 -31.08
O6 NAG EA . -46.99 7.97 -27.68
O7 NAG EA . -46.51 6.88 -35.20
C1 BMA EA . -47.04 4.98 -28.93
C2 BMA EA . -47.11 4.60 -27.46
C3 BMA EA . -46.37 3.27 -27.23
C4 BMA EA . -46.79 2.16 -28.21
C5 BMA EA . -46.89 2.66 -29.65
C6 BMA EA . -47.60 1.69 -30.59
O2 BMA EA . -48.47 4.54 -27.08
O3 BMA EA . -46.58 2.93 -25.88
O4 BMA EA . -45.81 1.14 -28.09
O5 BMA EA . -47.50 3.92 -29.75
O6 BMA EA . -46.96 0.45 -30.51
C1 FUC EA . -51.85 10.99 -32.91
C2 FUC EA . -52.32 10.48 -31.55
C3 FUC EA . -51.57 11.20 -30.44
C4 FUC EA . -51.84 12.69 -30.54
C5 FUC EA . -51.44 13.19 -31.94
C6 FUC EA . -51.89 14.61 -32.20
O2 FUC EA . -52.11 9.09 -31.53
O3 FUC EA . -51.99 10.65 -29.22
O4 FUC EA . -53.20 12.92 -30.28
O5 FUC EA . -52.02 12.39 -32.97
C1 NAG FA . 18.00 -2.25 42.63
C2 NAG FA . 18.39 -3.39 43.59
C3 NAG FA . 19.41 -4.30 42.90
C4 NAG FA . 18.93 -4.76 41.53
C5 NAG FA . 18.40 -3.56 40.72
C6 NAG FA . 17.76 -3.93 39.40
C7 NAG FA . 18.35 -2.94 46.02
C8 NAG FA . 19.14 -2.34 47.15
N2 NAG FA . 18.94 -2.87 44.82
O3 NAG FA . 19.69 -5.36 43.77
O4 NAG FA . 20.05 -5.36 40.90
O5 NAG FA . 17.46 -2.83 41.48
O6 NAG FA . 16.47 -4.42 39.64
O7 NAG FA . 17.26 -3.46 46.21
C1 NAG FA . 19.71 -6.69 40.42
C2 NAG FA . 20.60 -7.04 39.24
C3 NAG FA . 20.26 -8.46 38.76
C4 NAG FA . 20.30 -9.44 39.92
C5 NAG FA . 19.43 -8.93 41.06
C6 NAG FA . 19.36 -9.84 42.26
C7 NAG FA . 21.34 -5.15 37.81
C8 NAG FA . 22.60 -5.10 38.64
N2 NAG FA . 20.45 -6.11 38.15
O3 NAG FA . 21.16 -8.79 37.73
O4 NAG FA . 19.77 -10.65 39.43
O5 NAG FA . 19.88 -7.65 41.44
O6 NAG FA . 20.56 -9.78 42.99
O7 NAG FA . 21.16 -4.37 36.89
C1 BMA FA . 20.70 -11.64 39.12
C2 BMA FA . 20.12 -13.00 39.20
C3 BMA FA . 21.21 -14.01 38.95
C4 BMA FA . 21.85 -13.75 37.60
C5 BMA FA . 22.38 -12.33 37.56
C6 BMA FA . 22.91 -11.95 36.20
O2 BMA FA . 19.07 -13.14 38.25
O3 BMA FA . 20.67 -15.32 38.96
O4 BMA FA . 22.91 -14.66 37.36
O5 BMA FA . 21.31 -11.44 37.84
O6 BMA FA . 21.87 -12.00 35.24
C1 MAN FA . 22.29 -11.71 33.94
C2 MAN FA . 21.06 -11.56 33.09
C3 MAN FA . 20.30 -12.85 32.96
C4 MAN FA . 21.23 -13.94 32.46
C5 MAN FA . 22.47 -14.05 33.33
C6 MAN FA . 23.48 -15.00 32.75
O2 MAN FA . 21.45 -11.11 31.79
O3 MAN FA . 19.23 -12.62 32.05
O4 MAN FA . 20.59 -15.22 32.47
O5 MAN FA . 23.12 -12.77 33.44
O6 MAN FA . 24.58 -15.19 33.63
C1 MAN FA . 18.12 -13.45 32.12
C2 MAN FA . 17.25 -13.20 30.93
C3 MAN FA . 16.66 -11.82 30.96
C4 MAN FA . 15.90 -11.63 32.26
C5 MAN FA . 16.82 -11.91 33.45
C6 MAN FA . 16.09 -11.86 34.77
O2 MAN FA . 16.17 -14.12 30.88
O3 MAN FA . 15.78 -11.66 29.87
O4 MAN FA . 15.43 -10.29 32.36
O5 MAN FA . 17.37 -13.23 33.33
O6 MAN FA . 16.96 -12.15 35.86
C1 MAN FA . 16.33 -15.44 30.48
C2 MAN FA . 14.97 -16.04 30.09
C3 MAN FA . 14.20 -16.44 31.34
C4 MAN FA . 15.04 -17.35 32.24
C5 MAN FA . 16.41 -16.72 32.49
C6 MAN FA . 17.35 -17.68 33.20
O2 MAN FA . 15.24 -17.17 29.27
O3 MAN FA . 13.01 -17.06 30.92
O4 MAN FA . 14.31 -17.52 33.43
O5 MAN FA . 17.03 -16.36 31.26
O6 MAN FA . 17.54 -18.83 32.41
C1 MAN FA . 25.82 -14.82 33.06
C2 MAN FA . 26.86 -15.75 33.63
C3 MAN FA . 27.00 -15.56 35.11
C4 MAN FA . 27.30 -14.10 35.41
C5 MAN FA . 26.24 -13.20 34.80
C6 MAN FA . 26.56 -11.74 34.96
O2 MAN FA . 28.10 -15.53 32.96
O3 MAN FA . 28.04 -16.39 35.61
O4 MAN FA . 27.31 -13.89 36.82
O5 MAN FA . 26.13 -13.46 33.39
O6 MAN FA . 25.56 -10.92 34.37
C1 MAN FA . 20.25 -15.89 40.17
C2 MAN FA . 20.17 -17.40 40.02
C3 MAN FA . 18.96 -17.69 39.13
C4 MAN FA . 17.70 -17.15 39.81
C5 MAN FA . 17.88 -15.67 40.18
C6 MAN FA . 16.78 -15.17 41.07
O2 MAN FA . 19.95 -17.92 41.30
O3 MAN FA . 18.88 -19.08 38.93
O4 MAN FA . 16.64 -17.35 38.91
O5 MAN FA . 19.11 -15.47 40.86
O6 MAN FA . 16.90 -15.78 42.34
C1 NAG FA . 21.18 -18.30 42.00
C2 NAG FA . 21.97 -19.32 41.17
C3 NAG FA . 23.22 -19.72 41.94
C4 NAG FA . 24.04 -18.50 42.34
C5 NAG FA . 23.14 -17.48 43.06
C6 NAG FA . 23.85 -16.19 43.39
C7 NAG FA . 20.95 -20.99 39.67
C8 NAG FA . 20.10 -22.23 39.65
N2 NAG FA . 21.19 -20.49 40.89
O3 NAG FA . 23.96 -20.62 41.14
O4 NAG FA . 25.08 -18.95 43.17
O5 NAG FA . 22.02 -17.19 42.25
O6 NAG FA . 24.07 -15.44 42.23
O7 NAG FA . 21.36 -20.48 38.63
C1 NAG GA . 61.84 16.17 -0.09
C2 NAG GA . 62.09 14.66 -0.29
C3 NAG GA . 61.65 13.87 0.94
C4 NAG GA . 62.22 14.47 2.22
C5 NAG GA . 61.90 15.96 2.26
C6 NAG GA . 62.42 16.68 3.49
C7 NAG GA . 61.99 13.67 -2.56
C8 NAG GA . 63.51 13.59 -2.52
N2 NAG GA . 61.41 14.19 -1.47
O3 NAG GA . 62.04 12.54 0.76
O4 NAG GA . 61.66 13.76 3.30
O5 NAG GA . 62.44 16.58 1.11
O6 NAG GA . 63.81 16.44 3.63
O7 NAG GA . 61.37 13.28 -3.54
C1 NAG GA . 62.70 13.09 4.03
C2 NAG GA . 62.08 12.48 5.29
C3 NAG GA . 63.12 11.68 6.07
C4 NAG GA . 63.82 10.68 5.15
C5 NAG GA . 64.35 11.41 3.91
C6 NAG GA . 65.06 10.52 2.92
C7 NAG GA . 60.19 13.77 6.21
C8 NAG GA . 59.83 14.90 7.15
N2 NAG GA . 61.50 13.51 6.13
O3 NAG GA . 62.48 11.05 7.14
O4 NAG GA . 64.86 10.08 5.89
O5 NAG GA . 63.28 12.06 3.26
O6 NAG GA . 64.22 9.44 2.57
O7 NAG GA . 59.34 13.17 5.59
C1 NAG HA . 64.33 7.45 -12.35
C2 NAG HA . 64.25 6.02 -12.91
C3 NAG HA . 64.40 5.00 -11.78
C4 NAG HA . 65.68 5.29 -11.01
C5 NAG HA . 65.61 6.72 -10.48
C6 NAG HA . 66.79 7.14 -9.64
C7 NAG HA . 62.87 5.78 -14.94
C8 NAG HA . 61.46 5.56 -15.44
N2 NAG HA . 63.00 5.82 -13.60
O3 NAG HA . 64.42 3.72 -12.36
O4 NAG HA . 65.78 4.33 -9.97
O5 NAG HA . 65.50 7.60 -11.58
O6 NAG HA . 66.77 8.54 -9.46
O7 NAG HA . 63.80 5.91 -15.71
C1 NAG HA . 66.97 3.55 -10.19
C2 NAG HA . 67.52 3.12 -8.81
C3 NAG HA . 68.75 2.24 -9.00
C4 NAG HA . 68.45 1.09 -9.94
C5 NAG HA . 67.85 1.65 -11.25
C6 NAG HA . 67.49 0.57 -12.25
C7 NAG HA . 67.17 4.61 -6.88
C8 NAG HA . 67.68 5.86 -6.20
N2 NAG HA . 67.83 4.27 -8.01
O3 NAG HA . 69.15 1.79 -7.73
O4 NAG HA . 69.67 0.42 -10.18
O5 NAG HA . 66.70 2.40 -10.94
O6 NAG HA . 66.65 -0.39 -11.64
O7 NAG HA . 66.25 3.96 -6.42
C1 NAG IA . 53.87 10.29 -24.66
C2 NAG IA . 53.73 9.94 -26.15
C3 NAG IA . 54.52 8.68 -26.48
C4 NAG IA . 55.92 8.65 -25.87
C5 NAG IA . 55.93 9.18 -24.43
C6 NAG IA . 57.34 9.38 -23.90
C7 NAG IA . 51.80 10.15 -27.66
C8 NAG IA . 50.34 9.85 -27.81
N2 NAG IA . 52.34 9.75 -26.49
O3 NAG IA . 54.56 8.59 -27.88
O4 NAG IA . 56.37 7.32 -25.88
O5 NAG IA . 55.24 10.41 -24.36
O6 NAG IA . 57.87 10.58 -24.41
O7 NAG IA . 52.44 10.70 -28.54
C1 NAG IA . 57.35 7.14 -26.91
C2 NAG IA . 58.27 5.96 -26.53
C3 NAG IA . 59.13 5.55 -27.71
C4 NAG IA . 58.26 5.32 -28.94
C5 NAG IA . 57.53 6.63 -29.23
C6 NAG IA . 56.72 6.62 -30.50
C7 NAG IA . 58.90 5.98 -24.13
C8 NAG IA . 59.95 6.50 -23.17
N2 NAG IA . 59.11 6.33 -25.41
O3 NAG IA . 59.86 4.40 -27.36
O4 NAG IA . 59.09 4.90 -30.01
O5 NAG IA . 56.68 6.87 -28.13
O6 NAG IA . 55.74 5.61 -30.43
O7 NAG IA . 57.96 5.31 -23.74
C1 NAG JA . 52.37 18.55 -32.98
C2 NAG JA . 53.19 17.26 -32.92
C3 NAG JA . 53.78 16.91 -34.29
C4 NAG JA . 52.82 17.13 -35.46
C5 NAG JA . 52.04 18.45 -35.29
C6 NAG JA . 50.99 18.65 -36.36
C7 NAG JA . 54.45 16.56 -30.90
C8 NAG JA . 53.43 15.46 -30.72
N2 NAG JA . 54.26 17.38 -31.96
O3 NAG JA . 54.23 15.58 -34.22
O4 NAG JA . 53.61 17.21 -36.62
O5 NAG JA . 51.43 18.46 -34.03
O6 NAG JA . 49.94 17.74 -36.17
O7 NAG JA . 55.37 16.71 -30.10
C1 NAG JA . 53.46 16.00 -37.38
C2 NAG JA . 53.87 16.30 -38.83
C3 NAG JA . 53.91 15.00 -39.65
C4 NAG JA . 54.76 13.96 -38.93
C5 NAG JA . 54.18 13.75 -37.52
C6 NAG JA . 54.86 12.69 -36.71
C7 NAG JA . 53.20 18.55 -39.60
C8 NAG JA . 52.08 19.31 -40.27
N2 NAG JA . 52.96 17.24 -39.44
O3 NAG JA . 54.39 15.29 -40.94
O4 NAG JA . 54.74 12.77 -39.69
O5 NAG JA . 54.28 14.99 -36.85
O6 NAG JA . 56.21 13.01 -36.53
O7 NAG JA . 54.22 19.13 -39.25
C1 NAG KA . 44.07 35.23 -22.39
C2 NAG KA . 45.31 35.99 -22.89
C3 NAG KA . 45.11 36.48 -24.32
C4 NAG KA . 44.62 35.36 -25.23
C5 NAG KA . 43.41 34.66 -24.59
C6 NAG KA . 42.87 33.52 -25.40
C7 NAG KA . 46.69 37.24 -21.26
C8 NAG KA . 47.64 36.08 -21.30
N2 NAG KA . 45.60 37.13 -22.04
O3 NAG KA . 46.32 37.02 -24.77
O4 NAG KA . 44.28 35.96 -26.45
O5 NAG KA . 43.75 34.21 -23.30
O6 NAG KA . 43.76 32.44 -25.39
O7 NAG KA . 46.91 38.22 -20.56
C1 NAG KA . 45.18 35.53 -27.48
C2 NAG KA . 44.54 35.79 -28.85
C3 NAG KA . 45.52 35.39 -29.95
C4 NAG KA . 46.85 36.11 -29.76
C5 NAG KA . 47.36 35.80 -28.36
C6 NAG KA . 48.70 36.42 -28.03
C7 NAG KA . 42.09 35.62 -28.78
C8 NAG KA . 40.92 34.67 -28.99
N2 NAG KA . 43.30 35.08 -28.98
O3 NAG KA . 44.93 35.65 -31.19
O4 NAG KA . 47.71 35.60 -30.75
O5 NAG KA . 46.41 36.23 -27.40
O6 NAG KA . 49.19 35.88 -26.83
O7 NAG KA . 41.90 36.78 -28.45
C1 BMA KA . 48.03 36.61 -31.72
C2 BMA KA . 49.27 36.12 -32.45
C3 BMA KA . 49.62 37.09 -33.58
C4 BMA KA . 48.43 37.41 -34.50
C5 BMA KA . 47.16 37.70 -33.71
C6 BMA KA . 45.89 37.75 -34.57
O2 BMA KA . 49.01 34.82 -32.89
O3 BMA KA . 50.73 36.54 -34.25
O4 BMA KA . 48.82 38.52 -35.27
O5 BMA KA . 46.97 36.81 -32.63
O6 BMA KA . 45.26 36.50 -34.47
C1 MAN KA . 51.86 37.41 -34.03
C2 MAN KA . 52.95 37.06 -35.05
C3 MAN KA . 53.45 35.65 -34.80
C4 MAN KA . 53.96 35.53 -33.37
C5 MAN KA . 52.85 35.94 -32.40
C6 MAN KA . 53.35 36.01 -30.97
O2 MAN KA . 53.97 38.01 -34.91
O3 MAN KA . 54.46 35.38 -35.74
O4 MAN KA . 54.35 34.17 -33.19
O5 MAN KA . 52.37 37.23 -32.72
O6 MAN KA . 53.57 34.70 -30.51
C1 MAN KA . 44.11 36.49 -35.35
C2 MAN KA . 43.01 37.33 -34.70
C3 MAN KA . 42.55 36.69 -33.41
C4 MAN KA . 42.14 35.24 -33.62
C5 MAN KA . 43.26 34.48 -34.34
C6 MAN KA . 42.84 33.08 -34.74
O2 MAN KA . 41.96 37.43 -35.64
O3 MAN KA . 41.49 37.47 -32.89
O4 MAN KA . 41.87 34.70 -32.34
O5 MAN KA . 43.64 35.17 -35.52
O6 MAN KA . 41.63 33.15 -35.47
C1 NAG LA . 40.82 -19.48 -24.89
C2 NAG LA . 42.04 -19.54 -23.96
C3 NAG LA . 43.15 -18.60 -24.44
C4 NAG LA . 43.48 -18.82 -25.91
C5 NAG LA . 42.18 -18.79 -26.73
C6 NAG LA . 42.37 -19.09 -28.20
C7 NAG LA . 41.80 -20.02 -21.54
C8 NAG LA . 41.33 -19.42 -20.24
N2 NAG LA . 41.67 -19.21 -22.60
O3 NAG LA . 44.27 -18.78 -23.62
O4 NAG LA . 44.35 -17.75 -26.25
O5 NAG LA . 41.24 -19.72 -26.22
O6 NAG LA . 42.71 -20.44 -28.37
O7 NAG LA . 42.25 -21.16 -21.61
C1 NAG LA . 45.58 -18.26 -26.84
C2 NAG LA . 46.23 -17.12 -27.62
C3 NAG LA . 47.52 -17.62 -28.26
C4 NAG LA . 48.44 -18.24 -27.21
C5 NAG LA . 47.65 -19.29 -26.42
C6 NAG LA . 48.45 -19.97 -25.32
C7 NAG LA . 44.65 -15.44 -28.51
C8 NAG LA . 43.80 -15.09 -29.71
N2 NAG LA . 45.36 -16.58 -28.63
O3 NAG LA . 48.10 -16.53 -28.93
O4 NAG LA . 49.53 -18.84 -27.87
O5 NAG LA . 46.48 -18.72 -25.87
O6 NAG LA . 48.71 -19.07 -24.28
O7 NAG LA . 44.67 -14.73 -27.51
C1 BMA LA . 50.73 -18.05 -27.74
C2 BMA LA . 51.92 -18.94 -28.06
C3 BMA LA . 53.22 -18.12 -28.16
C4 BMA LA . 53.08 -16.87 -29.05
C5 BMA LA . 51.81 -16.09 -28.72
C6 BMA LA . 51.49 -14.97 -29.70
O2 BMA LA . 51.65 -19.64 -29.25
O3 BMA LA . 54.24 -19.00 -28.59
O4 BMA LA . 54.23 -16.09 -28.80
O5 BMA LA . 50.68 -16.94 -28.62
O6 BMA LA . 52.65 -14.20 -29.84
C1 NAG MA . 40.90 -25.21 -5.45
C2 NAG MA . 40.82 -26.12 -6.68
C3 NAG MA . 40.14 -27.44 -6.33
C4 NAG MA . 40.79 -28.06 -5.10
C5 NAG MA . 40.76 -27.04 -3.97
C6 NAG MA . 41.32 -27.54 -2.65
C7 NAG MA . 40.71 -24.89 -8.84
C8 NAG MA . 42.21 -25.00 -8.92
N2 NAG MA . 40.13 -25.45 -7.75
O3 NAG MA . 40.22 -28.28 -7.45
O4 NAG MA . 40.06 -29.22 -4.78
O5 NAG MA . 41.49 -25.90 -4.38
O6 NAG MA . 42.64 -27.97 -2.84
O7 NAG MA . 40.07 -24.33 -9.71
C1 NAG MA . 40.89 -30.38 -4.99
C2 NAG MA . 40.31 -31.56 -4.20
C3 NAG MA . 41.14 -32.81 -4.44
C4 NAG MA . 41.30 -33.07 -5.92
C5 NAG MA . 41.85 -31.81 -6.61
C6 NAG MA . 42.01 -31.95 -8.11
C7 NAG MA . 39.10 -31.07 -2.10
C8 NAG MA . 39.28 -30.76 -0.64
N2 NAG MA . 40.25 -31.25 -2.79
O3 NAG MA . 40.51 -33.88 -3.78
O4 NAG MA . 42.18 -34.16 -6.07
O5 NAG MA . 40.97 -30.74 -6.35
O6 NAG MA . 42.47 -30.74 -8.65
O7 NAG MA . 37.99 -31.16 -2.60
C1 NAG NA . 29.82 -2.60 39.01
C2 NAG NA . 29.86 -2.13 40.47
C3 NAG NA . 29.18 -3.16 41.36
C4 NAG NA . 27.75 -3.40 40.85
C5 NAG NA . 27.79 -3.80 39.37
C6 NAG NA . 26.43 -3.98 38.75
C7 NAG NA . 31.65 -0.64 41.28
C8 NAG NA . 30.64 0.48 41.17
N2 NAG NA . 31.20 -1.86 40.92
O3 NAG NA . 29.19 -2.68 42.67
O4 NAG NA . 27.10 -4.36 41.67
O5 NAG NA . 28.49 -2.83 38.60
O6 NAG NA . 26.54 -4.54 37.47
O7 NAG NA . 32.79 -0.45 41.66
C1 NAG NA . 27.91 -5.52 41.95
C2 NAG NA . 27.40 -6.14 43.26
C3 NAG NA . 28.22 -7.39 43.58
C4 NAG NA . 28.18 -8.35 42.39
C5 NAG NA . 28.65 -7.61 41.13
C6 NAG NA . 28.66 -8.46 39.88
C7 NAG NA . 26.35 -4.62 44.89
C8 NAG NA . 26.62 -3.70 46.06
N2 NAG NA . 27.43 -5.22 44.37
O3 NAG NA . 27.69 -7.96 44.75
O4 NAG NA . 29.02 -9.44 42.72
O5 NAG NA . 27.82 -6.49 40.93
O6 NAG NA . 27.34 -8.88 39.58
O7 NAG NA . 25.22 -4.79 44.47
C1 NAG OA . 2.24 22.77 58.40
C2 NAG OA . 2.38 23.48 59.75
C3 NAG OA . 2.71 24.95 59.55
C4 NAG OA . 3.94 25.09 58.65
C5 NAG OA . 3.69 24.32 57.35
C6 NAG OA . 4.84 24.37 56.37
C7 NAG OA . 1.07 22.67 61.70
C8 NAG OA . 2.35 22.06 62.21
N2 NAG OA . 1.17 23.32 60.53
O3 NAG OA . 2.90 25.51 60.82
O4 NAG OA . 4.14 26.47 58.40
O5 NAG OA . 3.43 22.96 57.66
O6 NAG OA . 5.99 23.80 56.96
O7 NAG OA . 0.03 22.56 62.31
C1 NAG OA . 5.18 26.97 59.25
C2 NAG OA . 6.14 27.82 58.39
C3 NAG OA . 7.17 28.53 59.27
C4 NAG OA . 6.50 29.26 60.41
C5 NAG OA . 5.60 28.28 61.18
C6 NAG OA . 4.88 28.90 62.36
C7 NAG OA . 6.80 27.21 56.08
C8 NAG OA . 6.03 28.42 55.62
N2 NAG OA . 6.80 26.99 57.41
O3 NAG OA . 7.92 29.39 58.45
O4 NAG OA . 7.52 29.78 61.24
O5 NAG OA . 4.64 27.77 60.28
O6 NAG OA . 4.04 27.93 62.96
O7 NAG OA . 7.38 26.48 55.29
C1 NAG PA . -5.37 37.55 43.02
C2 NAG PA . -4.77 38.73 43.80
C3 NAG PA . -4.34 39.83 42.83
C4 NAG PA . -3.46 39.28 41.71
C5 NAG PA . -4.15 38.06 41.08
C6 NAG PA . -3.33 37.39 39.99
C7 NAG PA . -5.47 39.39 46.07
C8 NAG PA . -6.62 39.95 46.88
N2 NAG PA . -5.72 39.24 44.75
O3 NAG PA . -3.67 40.82 43.58
O4 NAG PA . -3.28 40.32 40.78
O5 NAG PA . -4.43 37.11 42.07
O6 NAG PA . -3.99 36.22 39.57
O7 NAG PA . -4.41 39.09 46.59
C1 NAG PA . -1.89 40.68 40.73
C2 NAG PA . -1.61 41.29 39.35
C3 NAG PA . -0.18 41.82 39.29
C4 NAG PA . 0.13 42.71 40.47
C5 NAG PA . -0.20 41.97 41.77
C6 NAG PA . 0.07 42.76 43.03
C7 NAG PA . -2.91 40.33 37.48
C8 NAG PA . -3.90 41.44 37.68
N2 NAG PA . -1.85 40.33 38.31
O3 NAG PA . -0.02 42.49 38.06
O4 NAG PA . 1.49 43.05 40.41
O5 NAG PA . -1.58 41.61 41.74
O6 NAG PA . -0.64 43.97 42.99
O7 NAG PA . -3.06 39.48 36.60
C1 NAG QA . -5.90 16.48 73.92
C2 NAG QA . -6.84 17.54 74.51
C3 NAG QA . -6.27 18.94 74.23
C4 NAG QA . -4.81 19.03 74.66
C5 NAG QA . -4.00 17.88 74.06
C6 NAG QA . -2.55 17.85 74.45
C7 NAG QA . -9.26 17.04 74.62
C8 NAG QA . -9.05 16.74 76.09
N2 NAG QA . -8.15 17.42 73.95
O3 NAG QA . -7.08 19.87 74.89
O4 NAG QA . -4.33 20.29 74.24
O5 NAG QA . -4.60 16.66 74.45
O6 NAG QA . -1.97 16.63 74.03
O7 NAG QA . -10.37 16.94 74.10
C1 NAG QA . -3.90 21.06 75.37
C2 NAG QA . -3.11 22.27 74.88
C3 NAG QA . -2.68 23.12 76.07
C4 NAG QA . -3.87 23.46 76.96
C5 NAG QA . -4.63 22.17 77.32
C6 NAG QA . -5.85 22.39 78.17
C7 NAG QA . -1.83 22.07 72.79
C8 NAG QA . -0.55 21.54 72.18
N2 NAG QA . -1.97 21.85 74.11
O3 NAG QA . -2.05 24.27 75.57
O4 NAG QA . -3.38 24.11 78.10
O5 NAG QA . -5.00 21.50 76.13
O6 NAG QA . -6.75 23.23 77.49
O7 NAG QA . -2.67 22.64 72.09
C1 NAG RA . -15.63 -7.59 76.42
C2 NAG RA . -14.43 -8.22 75.73
C3 NAG RA . -14.85 -9.44 74.92
C4 NAG RA . -15.70 -10.40 75.76
C5 NAG RA . -16.82 -9.62 76.47
C6 NAG RA . -17.65 -10.49 77.40
C7 NAG RA . -12.44 -6.97 74.93
C8 NAG RA . -11.64 -7.72 75.97
N2 NAG RA . -13.76 -7.27 74.89
O3 NAG RA . -13.68 -10.06 74.45
O4 NAG RA . -16.24 -11.37 74.90
O5 NAG RA . -16.27 -8.56 77.22
O6 NAG RA . -18.89 -10.78 76.80
O7 NAG RA . -11.92 -6.15 74.19
C1 NAG RA . -15.50 -12.60 75.06
C2 NAG RA . -16.45 -13.78 74.83
C3 NAG RA . -15.68 -15.10 74.74
C4 NAG RA . -14.53 -14.98 73.75
C5 NAG RA . -13.65 -13.79 74.16
C6 NAG RA . -12.44 -13.58 73.28
C7 NAG RA . -18.76 -13.83 75.70
C8 NAG RA . -19.58 -13.94 76.96
N2 NAG RA . -17.43 -13.86 75.88
O3 NAG RA . -16.58 -16.11 74.38
O4 NAG RA . -13.82 -16.19 73.78
O5 NAG RA . -14.44 -12.63 74.12
O6 NAG RA . -11.88 -12.32 73.55
O7 NAG RA . -19.28 -13.74 74.60
C1 NAG SA . 43.19 41.48 6.31
C2 NAG SA . 41.90 40.65 6.33
C3 NAG SA . 40.92 41.15 5.28
C4 NAG SA . 40.68 42.64 5.46
C5 NAG SA . 42.03 43.37 5.39
C6 NAG SA . 41.92 44.86 5.61
C7 NAG SA . 42.23 38.30 6.99
C8 NAG SA . 42.55 36.93 6.44
N2 NAG SA . 42.18 39.26 6.06
O3 NAG SA . 39.74 40.41 5.40
O4 NAG SA . 39.81 43.02 4.42
O5 NAG SA . 42.89 42.86 6.39
O6 NAG SA . 40.96 45.06 6.62
O7 NAG SA . 42.05 38.49 8.18
C1 NAG SA . 38.59 43.52 5.00
C2 NAG SA . 37.76 44.13 3.88
C3 NAG SA . 36.51 44.72 4.51
C4 NAG SA . 35.75 43.61 5.22
C5 NAG SA . 36.69 43.00 6.27
C6 NAG SA . 36.07 41.92 7.13
C7 NAG SA . 39.01 44.99 1.93
C8 NAG SA . 39.76 46.21 1.41
N2 NAG SA . 38.50 45.13 3.17
O3 NAG SA . 35.78 45.37 3.49
O4 NAG SA . 34.59 44.14 5.82
O5 NAG SA . 37.83 42.50 5.61
O6 NAG SA . 34.70 42.18 7.34
O7 NAG SA . 38.89 43.98 1.25
C1 BMA SA . 33.45 43.95 4.94
C2 BMA SA . 32.20 43.87 5.81
C3 BMA SA . 30.94 43.83 4.92
C4 BMA SA . 30.92 44.94 3.86
C5 BMA SA . 32.26 45.09 3.14
C6 BMA SA . 32.38 46.39 2.33
O2 BMA SA . 32.21 44.95 6.70
O3 BMA SA . 29.85 43.85 5.80
O4 BMA SA . 29.90 44.56 2.94
O5 BMA SA . 33.36 45.03 4.03
O6 BMA SA . 31.30 46.42 1.43
C1 FUC SA . 41.45 46.02 7.58
C2 FUC SA . 40.27 46.37 8.50
C3 FUC SA . 39.86 45.13 9.29
C4 FUC SA . 41.04 44.65 10.12
C5 FUC SA . 42.24 44.39 9.20
C6 FUC SA . 43.52 44.15 9.98
O2 FUC SA . 39.23 46.85 7.69
O3 FUC SA . 38.74 45.46 10.07
O4 FUC SA . 41.33 45.63 11.09
O5 FUC SA . 42.50 45.50 8.34
C1 NAG TA . 12.35 -29.15 14.80
C2 NAG TA . 13.23 -28.69 15.97
C3 NAG TA . 13.01 -29.60 17.18
C4 NAG TA . 11.53 -29.70 17.51
C5 NAG TA . 10.77 -30.15 16.25
C6 NAG TA . 9.28 -30.29 16.44
C7 NAG TA . 15.40 -27.58 15.58
C8 NAG TA . 16.82 -27.82 15.14
N2 NAG TA . 14.61 -28.67 15.58
O3 NAG TA . 13.75 -29.07 18.26
O4 NAG TA . 11.39 -30.64 18.55
O5 NAG TA . 11.00 -29.20 15.22
O6 NAG TA . 8.72 -29.04 16.78
O7 NAG TA . 15.01 -26.48 15.92
C1 NAG UA . 0.09 -61.37 -40.17
C2 NAG UA . -0.19 -62.84 -40.49
C3 NAG UA . -0.12 -63.07 -42.00
C4 NAG UA . -1.02 -62.08 -42.73
C5 NAG UA . -0.69 -60.66 -42.29
C6 NAG UA . -1.56 -59.60 -42.92
C7 NAG UA . 0.40 -64.49 -38.76
C8 NAG UA . 1.53 -65.31 -38.19
N2 NAG UA . 0.73 -63.70 -39.79
O3 NAG UA . -0.48 -64.40 -42.25
O4 NAG UA . -0.82 -62.27 -44.11
O5 NAG UA . -0.81 -60.55 -40.89
O6 NAG UA . -0.97 -58.33 -42.77
O7 NAG UA . -0.72 -64.56 -38.30
C1 NAG VA . -39.83 -20.78 45.18
C2 NAG VA . -39.40 -22.25 45.22
C3 NAG VA . -39.17 -22.78 43.81
C4 NAG VA . -40.38 -22.49 42.92
C5 NAG VA . -40.68 -20.98 42.98
C6 NAG VA . -41.85 -20.57 42.12
C7 NAG VA . -38.13 -23.06 47.18
C8 NAG VA . -36.77 -23.09 47.81
N2 NAG VA . -38.20 -22.40 46.00
O3 NAG VA . -38.91 -24.16 43.90
O4 NAG VA . -40.06 -22.91 41.61
O5 NAG VA . -40.94 -20.62 44.31
O6 NAG VA . -42.09 -19.18 42.29
O7 NAG VA . -39.09 -23.59 47.69
ZN ZN WA . -25.60 -25.67 -12.31
ZN ZN XA . 18.46 -35.07 -14.79
N1 FOL YA . 4.75 -64.18 -3.20
C2 FOL YA . 5.58 -63.79 -4.18
NA2 FOL YA . 6.11 -64.72 -5.02
N3 FOL YA . 5.93 -62.49 -4.38
C4 FOL YA . 5.47 -61.50 -3.60
O4 FOL YA . 5.80 -60.31 -3.79
C4A FOL YA . 4.55 -61.87 -2.49
N5 FOL YA . 4.01 -60.98 -1.64
C6 FOL YA . 3.18 -61.40 -0.66
C7 FOL YA . 2.87 -62.76 -0.53
N8 FOL YA . 3.39 -63.68 -1.35
C8A FOL YA . 4.21 -63.30 -2.34
C9 FOL YA . 2.58 -60.39 0.29
N10 FOL YA . 3.11 -59.08 -0.03
C11 FOL YA . 2.69 -55.98 2.66
C12 FOL YA . 3.70 -55.95 1.70
C13 FOL YA . 3.84 -56.99 0.80
C14 FOL YA . 2.97 -58.07 0.85
C15 FOL YA . 1.96 -58.11 1.80
C16 FOL YA . 1.82 -57.07 2.71
C FOL YA . 2.56 -54.84 3.62
O FOL YA . 1.64 -54.81 4.42
N FOL YA . 3.50 -53.89 3.59
C1 EIC ZA . 16.44 10.18 -36.20
C2 EIC ZA . 17.87 9.66 -36.03
C3 EIC ZA . 18.52 9.93 -34.69
C4 EIC ZA . 18.89 11.40 -34.52
C5 EIC ZA . 19.53 11.73 -33.17
C6 EIC ZA . 19.80 13.21 -33.00
C7 EIC ZA . 20.16 13.58 -31.55
C8 EIC ZA . 20.41 15.08 -31.35
C9 EIC ZA . 21.79 15.50 -31.74
C10 EIC ZA . 22.63 16.31 -31.09
C11 EIC ZA . 24.02 16.67 -31.53
C12 EIC ZA . 24.46 15.66 -32.53
C13 EIC ZA . 25.70 15.36 -32.94
C14 EIC ZA . 26.07 14.33 -33.95
C15 EIC ZA . 24.85 13.82 -34.71
C16 EIC ZA . 25.19 12.67 -35.66
C17 EIC ZA . 24.15 12.43 -36.74
C18 EIC ZA . 24.36 11.11 -37.47
O1 EIC ZA . 16.17 10.79 -37.26
O2 EIC ZA . 15.66 9.95 -35.27
C1 NAG AB . -33.27 0.26 -10.69
C2 NAG AB . -33.93 -0.97 -10.05
C3 NAG AB . -35.33 -0.62 -9.56
C4 NAG AB . -35.30 0.62 -8.67
C5 NAG AB . -34.59 1.75 -9.42
C6 NAG AB . -34.50 3.04 -8.63
C7 NAG AB . -33.38 -3.25 -10.80
C8 NAG AB . -33.56 -4.24 -11.92
N2 NAG AB . -33.97 -2.07 -10.98
O3 NAG AB . -35.85 -1.74 -8.88
O4 NAG AB . -36.63 0.95 -8.35
O5 NAG AB . -33.29 1.33 -9.77
O6 NAG AB . -33.72 2.83 -7.48
O7 NAG AB . -32.73 -3.54 -9.79
C1 NAG BB . -16.29 38.56 -60.23
C2 NAG BB . -17.05 39.57 -61.09
C3 NAG BB . -16.21 39.96 -62.30
C4 NAG BB . -14.82 40.42 -61.87
C5 NAG BB . -14.18 39.35 -60.98
C6 NAG BB . -12.82 39.72 -60.46
C7 NAG BB . -19.51 39.48 -61.02
C8 NAG BB . -20.73 38.79 -61.58
N2 NAG BB . -18.33 39.05 -61.49
O3 NAG BB . -16.90 40.96 -63.00
O4 NAG BB . -14.07 40.65 -63.03
O5 NAG BB . -15.03 39.08 -59.88
O6 NAG BB . -12.16 38.57 -59.98
O7 NAG BB . -19.61 40.37 -60.18
C1 NAG CB . -36.19 33.56 40.29
C2 NAG CB . -37.36 33.89 39.34
C3 NAG CB . -36.83 34.28 37.96
C4 NAG CB . -35.76 35.35 38.08
C5 NAG CB . -34.67 34.87 39.04
C6 NAG CB . -33.53 35.85 39.22
C7 NAG CB . -39.52 32.77 39.69
C8 NAG CB . -40.28 31.48 39.46
N2 NAG CB . -38.26 32.77 39.24
O3 NAG CB . -37.92 34.70 37.19
O4 NAG CB . -35.25 35.59 36.78
O5 NAG CB . -35.26 34.63 40.29
O6 NAG CB . -32.62 35.36 40.17
O7 NAG CB . -40.04 33.73 40.24
ZN ZN DB . -4.14 36.82 -9.64
ZN ZN EB . -18.90 4.61 -37.57
N1 FOL FB . -44.19 27.64 -37.90
C2 FOL FB . -43.44 26.97 -38.79
NA2 FOL FB . -43.64 27.16 -40.12
N3 FOL FB . -42.46 26.08 -38.42
C4 FOL FB . -42.18 25.82 -37.13
O4 FOL FB . -41.28 25.01 -36.80
C4A FOL FB . -42.98 26.54 -36.10
N5 FOL FB . -42.81 26.37 -34.78
C6 FOL FB . -43.58 27.05 -33.90
C7 FOL FB . -44.56 27.93 -34.37
N8 FOL FB . -44.77 28.14 -35.68
C8A FOL FB . -44.03 27.47 -36.58
C9 FOL FB . -43.38 26.87 -32.42
N10 FOL FB . -42.36 25.85 -32.22
C11 FOL FB . -41.88 24.11 -28.51
C12 FOL FB . -41.44 23.45 -29.66
C13 FOL FB . -41.60 24.03 -30.90
C14 FOL FB . -42.20 25.29 -31.01
C15 FOL FB . -42.64 25.94 -29.87
C16 FOL FB . -42.49 25.36 -28.62
C FOL FB . -41.70 23.46 -27.18
O FOL FB . -42.00 24.04 -26.15
N FOL FB . -41.21 22.21 -27.16
C1 EIC GB . 27.88 -10.67 -28.17
C2 EIC GB . 27.08 -11.67 -29.01
C3 EIC GB . 26.22 -12.65 -28.23
C4 EIC GB . 27.06 -13.71 -27.53
C5 EIC GB . 26.25 -14.71 -26.71
C6 EIC GB . 27.12 -15.70 -25.95
C7 EIC GB . 26.33 -16.51 -24.92
C8 EIC GB . 27.19 -17.48 -24.12
C9 EIC GB . 27.45 -18.77 -24.84
C10 EIC GB . 27.40 -20.01 -24.37
C11 EIC GB . 27.63 -21.28 -25.16
C12 EIC GB . 27.49 -20.92 -26.61
C13 EIC GB . 27.28 -21.74 -27.65
C14 EIC GB . 27.15 -21.34 -29.08
C15 EIC GB . 27.57 -19.88 -29.29
C16 EIC GB . 27.32 -19.40 -30.72
C17 EIC GB . 28.12 -18.16 -31.10
C18 EIC GB . 27.63 -17.54 -32.40
O1 EIC GB . 29.09 -10.50 -28.46
O2 EIC GB . 27.26 -10.11 -27.25
C1 EIC HB . 5.21 -12.12 -38.87
C2 EIC HB . 5.27 -10.77 -39.59
C3 EIC HB . 4.23 -9.74 -39.14
C4 EIC HB . 2.82 -10.10 -39.60
C5 EIC HB . 1.75 -9.11 -39.16
C6 EIC HB . 0.35 -9.55 -39.55
C7 EIC HB . -0.73 -8.72 -38.86
C8 EIC HB . -2.16 -9.17 -39.22
C9 EIC HB . -2.64 -8.60 -40.52
C10 EIC HB . -3.82 -8.06 -40.81
C11 EIC HB . -4.23 -7.47 -42.14
C12 EIC HB . -2.98 -7.19 -42.91
C13 EIC HB . -2.81 -6.39 -43.96
C14 EIC HB . -1.53 -6.15 -44.70
C15 EIC HB . -0.45 -7.16 -44.29
C16 EIC HB . 0.90 -6.86 -44.93
C17 EIC HB . 1.86 -8.04 -44.94
C18 EIC HB . 3.28 -7.64 -45.30
O1 EIC HB . 5.27 -13.16 -39.56
O2 EIC HB . 5.14 -12.07 -37.63
C1 NAG IB . 14.78 30.45 8.68
C2 NAG IB . 13.63 31.46 8.81
C3 NAG IB . 13.86 32.37 10.02
C4 NAG IB . 14.12 31.54 11.27
C5 NAG IB . 15.28 30.57 10.99
C6 NAG IB . 15.63 29.69 12.17
C7 NAG IB . 12.40 32.26 6.83
C8 NAG IB . 12.50 33.15 5.62
N2 NAG IB . 13.50 32.24 7.61
O3 NAG IB . 12.73 33.19 10.17
O4 NAG IB . 14.44 32.44 12.31
O5 NAG IB . 14.92 29.75 9.90
O6 NAG IB . 14.54 28.87 12.50
O7 NAG IB . 11.38 31.62 7.08
C1 NAG JB . 71.36 8.78 -14.53
C2 NAG JB . 72.82 9.13 -14.24
C3 NAG JB . 73.72 8.50 -15.31
C4 NAG JB . 73.45 7.01 -15.43
C5 NAG JB . 71.94 6.79 -15.67
C6 NAG JB . 71.55 5.33 -15.77
C7 NAG JB . 73.25 11.23 -13.05
C8 NAG JB . 73.41 12.72 -13.23
N2 NAG JB . 73.00 10.55 -14.18
O3 NAG JB . 75.05 8.76 -14.95
O4 NAG JB . 74.22 6.51 -16.50
O5 NAG JB . 71.21 7.37 -14.62
O6 NAG JB . 70.28 5.21 -16.35
O7 NAG JB . 73.34 10.70 -11.95
C1 NAG KB . 4.63 5.38 63.32
C2 NAG KB . 5.76 6.43 63.38
C3 NAG KB . 6.84 6.10 62.36
C4 NAG KB . 7.28 4.65 62.48
C5 NAG KB . 6.05 3.75 62.38
C6 NAG KB . 6.37 2.27 62.47
C7 NAG KB . 5.21 8.73 64.09
C8 NAG KB . 4.62 10.04 63.63
N2 NAG KB . 5.24 7.76 63.16
O3 NAG KB . 7.91 7.00 62.56
O4 NAG KB . 8.20 4.40 61.44
O5 NAG KB . 5.15 4.09 63.41
O6 NAG KB . 5.17 1.53 62.44
O7 NAG KB . 5.63 8.58 65.23
ZN ZN LB . 33.39 -12.07 14.34
ZN ZN MB . 32.74 22.25 -14.94
N1 FOL NB . 54.84 32.63 9.01
C2 FOL NB . 54.79 32.51 7.67
NA2 FOL NB . 55.87 32.90 6.93
N3 FOL NB . 53.72 32.04 7.00
C4 FOL NB . 52.59 31.63 7.64
O4 FOL NB . 51.61 31.19 7.02
C4A FOL NB . 52.58 31.74 9.12
N5 FOL NB . 51.53 31.37 9.88
C6 FOL NB . 51.60 31.50 11.23
C7 FOL NB . 52.75 32.00 11.83
N8 FOL NB . 53.82 32.38 11.12
C8A FOL NB . 53.80 32.27 9.78
C9 FOL NB . 50.42 31.08 12.08
N10 FOL NB . 49.35 30.67 11.20
C11 FOL NB . 45.51 30.26 12.68
C12 FOL NB . 45.72 30.46 11.31
C13 FOL NB . 47.01 30.60 10.82
C14 FOL NB . 48.09 30.53 11.68
C15 FOL NB . 47.90 30.33 13.04
C16 FOL NB . 46.60 30.20 13.54
C FOL NB . 44.12 30.12 13.18
O FOL NB . 43.91 29.87 14.36
N FOL NB . 43.12 30.31 12.32
#